data_6F9F
#
_entry.id   6F9F
#
loop_
_entity.id
_entity.type
_entity.pdbx_description
1 polymer Glycoprotein
2 polymer Glycoprotein
#
loop_
_entity_poly.entity_id
_entity_poly.type
_entity_poly.pdbx_seq_one_letter_code
_entity_poly.pdbx_strand_id
1 'polypeptide(L)'
;EDPHLRNRPGKGHNYIDGMTQEDATCKPVTYAGACSSFDVLLEKGKFPLFQSYAHHRTLLEAVHDTIIAKADPPSCDLQS
AHGNPCMKEKLVMKTHCPNDYQSAHYLNNDGKMASVKCPPKYELTEDCNFCRQMTGASLKKGSYPLQDLFCQSSEDDGSK
LKTKMKGVCEVGVQALKKCDGQLSTAHEVVPFAVFKNSKKVYLDKLDLKTEENLLPDSFVCFEHKGQYKGKLDSGQTKRE
LKSFDISQCPKIGGHGSKKCTGDAAFCSAYECTAQYANAYCSHANGSGIVQIQVSGVWKKPLCVGYERVVVKRELS
;
A,C,E,G,I
2 'polypeptide(L)'
;DPGCSELIQASSRITTCSTEGVNTKCRLSGTALIRAGSVGAEACLMLKGVKEDQTKFLKIKTVSSELSCREGQSYWTGSF
SPKCLSSRRCHLVGECHVNRCLSWRDNETSAEFSFVGESTTMRENKCFEQCGGWGCGCFNVNPSCLFVHTYLQSVRKEAL
RVFNCIDWVHKLTLEITDFDGSVSTIDLGASSSRFTNWGSVSLSLDAEGISGSNSFSFIESPGKGYAIVDEPFSEIPRQG
FLGEIRCNSESSVLSAHESCLRAPNLISYKPMIDQLECTTNLIDPFVVFERGSLPQTRNDKTFAASKGNRGVQAFSKGSV
QADLTLMFDNFEVDFVGAAVSCDAAFLNLTGCYSCNAGARVCLSITSTGTGSLSAHNKDGSLHIVLPSENGTKDQCQILH
FTVPEVEEEFMYSCDGDERPLLVKGTLIAID
;
B,D,F,H,J
#
# COMPACT_ATOMS: atom_id res chain seq x y z
N GLU A 1 26.03 7.93 -27.99
CA GLU A 1 26.59 9.16 -27.46
C GLU A 1 27.64 9.74 -28.38
N ASP A 2 27.20 10.49 -29.39
CA ASP A 2 28.10 11.11 -30.35
C ASP A 2 27.60 12.50 -30.71
N PRO A 3 28.26 13.56 -30.24
CA PRO A 3 27.80 14.92 -30.55
C PRO A 3 28.11 15.37 -31.97
N HIS A 4 28.81 14.56 -32.76
CA HIS A 4 29.16 14.93 -34.13
C HIS A 4 27.94 14.70 -35.03
N LEU A 5 27.22 15.79 -35.33
CA LEU A 5 26.04 15.73 -36.18
C LEU A 5 26.13 16.60 -37.41
N ARG A 6 26.82 17.74 -37.35
CA ARG A 6 26.94 18.64 -38.48
C ARG A 6 28.02 18.23 -39.46
N ASN A 7 28.87 17.27 -39.11
CA ASN A 7 29.91 16.81 -40.02
C ASN A 7 29.28 16.00 -41.15
N ARG A 8 29.49 16.46 -42.39
CA ARG A 8 28.90 15.82 -43.56
C ARG A 8 29.99 15.19 -44.41
N PRO A 9 30.12 13.87 -44.42
CA PRO A 9 31.12 13.22 -45.27
C PRO A 9 30.80 13.38 -46.74
N GLY A 10 31.81 13.20 -47.56
CA GLY A 10 31.66 13.32 -49.01
C GLY A 10 32.02 14.72 -49.50
N LYS A 11 31.04 15.42 -50.06
CA LYS A 11 31.26 16.77 -50.57
C LYS A 11 30.88 17.80 -49.53
N GLY A 12 29.57 18.04 -49.36
CA GLY A 12 29.09 18.99 -48.39
C GLY A 12 28.32 20.15 -48.99
N HIS A 13 27.44 19.84 -49.94
CA HIS A 13 26.62 20.85 -50.60
C HIS A 13 25.15 20.56 -50.33
N ASN A 14 24.41 21.60 -49.92
CA ASN A 14 22.98 21.49 -49.60
C ASN A 14 22.28 22.72 -50.18
N TYR A 15 22.03 22.70 -51.49
CA TYR A 15 21.33 23.79 -52.15
C TYR A 15 20.69 23.26 -53.42
N ILE A 16 19.54 23.85 -53.78
CA ILE A 16 18.80 23.46 -54.96
C ILE A 16 18.48 24.71 -55.77
N ASP A 17 18.20 24.50 -57.05
CA ASP A 17 17.89 25.61 -57.94
C ASP A 17 16.57 26.26 -57.55
N GLY A 18 16.42 27.53 -57.91
CA GLY A 18 15.23 28.28 -57.58
C GLY A 18 15.43 29.21 -56.41
N MET A 19 16.15 28.73 -55.38
CA MET A 19 16.45 29.50 -54.18
C MET A 19 17.94 29.44 -53.88
N THR A 20 18.75 29.76 -54.88
CA THR A 20 20.21 29.73 -54.74
C THR A 20 20.71 31.02 -54.09
N GLN A 21 20.40 31.16 -52.81
CA GLN A 21 20.80 32.33 -52.03
C GLN A 21 21.69 31.98 -50.83
N GLU A 22 21.57 30.77 -50.30
CA GLU A 22 22.39 30.35 -49.16
C GLU A 22 23.62 29.55 -49.60
N ASP A 23 23.97 29.60 -50.88
CA ASP A 23 25.13 28.87 -51.36
C ASP A 23 26.44 29.47 -50.89
N ALA A 24 26.45 30.76 -50.53
CA ALA A 24 27.68 31.37 -50.06
C ALA A 24 28.08 30.86 -48.67
N THR A 25 27.12 30.41 -47.87
CA THR A 25 27.38 29.88 -46.54
C THR A 25 27.10 28.39 -46.44
N CYS A 26 26.80 27.73 -47.56
CA CYS A 26 26.51 26.30 -47.58
C CYS A 26 27.50 25.50 -48.42
N LYS A 27 28.64 26.10 -48.80
CA LYS A 27 29.66 25.42 -49.60
C LYS A 27 31.01 25.68 -48.97
N PRO A 28 31.48 24.77 -48.09
CA PRO A 28 30.76 23.56 -47.68
C PRO A 28 29.81 23.83 -46.52
N VAL A 29 29.24 22.76 -45.97
CA VAL A 29 28.33 22.84 -44.83
C VAL A 29 29.12 22.49 -43.57
N THR A 30 29.38 23.49 -42.74
CA THR A 30 30.15 23.29 -41.52
C THR A 30 29.42 23.98 -40.37
N TYR A 31 30.12 24.19 -39.25
CA TYR A 31 29.51 24.84 -38.10
C TYR A 31 29.20 26.31 -38.37
N ALA A 32 29.95 26.94 -39.27
CA ALA A 32 29.73 28.34 -39.62
C ALA A 32 28.73 28.45 -40.76
N GLY A 33 27.95 29.52 -40.73
CA GLY A 33 26.95 29.77 -41.75
C GLY A 33 25.54 29.46 -41.26
N ALA A 34 24.56 30.00 -41.99
CA ALA A 34 23.15 29.82 -41.67
C ALA A 34 22.48 29.11 -42.85
N CYS A 35 22.23 27.82 -42.69
CA CYS A 35 21.59 27.00 -43.72
C CYS A 35 20.26 26.51 -43.17
N SER A 36 19.16 27.06 -43.71
CA SER A 36 17.83 26.67 -43.26
C SER A 36 17.44 25.27 -43.73
N SER A 37 18.12 24.74 -44.75
CA SER A 37 17.83 23.41 -45.26
C SER A 37 18.61 22.31 -44.54
N PHE A 38 19.21 22.61 -43.39
CA PHE A 38 19.97 21.61 -42.65
C PHE A 38 19.75 21.77 -41.15
N ASP A 39 19.45 22.98 -40.71
CA ASP A 39 19.22 23.22 -39.28
C ASP A 39 17.91 22.58 -38.82
N VAL A 40 16.85 22.70 -39.63
CA VAL A 40 15.57 22.11 -39.27
C VAL A 40 15.65 20.58 -39.20
N LEU A 41 16.63 19.98 -39.87
CA LEU A 41 16.84 18.54 -39.77
C LEU A 41 17.49 18.13 -38.46
N LEU A 42 18.02 19.07 -37.69
CA LEU A 42 18.67 18.77 -36.42
C LEU A 42 17.81 19.15 -35.22
N GLU A 43 16.59 19.64 -35.46
CA GLU A 43 15.70 20.04 -34.37
C GLU A 43 15.12 18.80 -33.69
N LYS A 44 15.13 18.81 -32.36
CA LYS A 44 14.62 17.68 -31.58
C LYS A 44 13.09 17.71 -31.61
N GLY A 45 12.50 16.79 -32.35
CA GLY A 45 11.05 16.71 -32.44
C GLY A 45 10.53 16.89 -33.85
N LYS A 46 11.36 16.60 -34.85
CA LYS A 46 10.96 16.75 -36.24
C LYS A 46 11.17 15.45 -37.01
N PHE A 47 12.41 15.22 -37.46
CA PHE A 47 12.77 14.02 -38.21
C PHE A 47 13.77 13.21 -37.38
N PRO A 48 13.29 12.30 -36.53
CA PRO A 48 14.23 11.51 -35.71
C PRO A 48 15.09 10.55 -36.51
N LEU A 49 14.68 10.20 -37.74
CA LEU A 49 15.48 9.29 -38.55
C LEU A 49 16.83 9.91 -38.90
N PHE A 50 16.83 11.17 -39.32
CA PHE A 50 18.10 11.86 -39.58
C PHE A 50 18.87 12.11 -38.29
N GLN A 51 18.17 12.24 -37.16
CA GLN A 51 18.85 12.41 -35.89
C GLN A 51 19.62 11.15 -35.50
N SER A 52 19.02 9.98 -35.73
CA SER A 52 19.72 8.72 -35.46
C SER A 52 20.72 8.37 -36.53
N TYR A 53 20.55 8.88 -37.75
CA TYR A 53 21.47 8.63 -38.86
C TYR A 53 22.19 9.93 -39.21
N ALA A 54 23.03 10.38 -38.27
CA ALA A 54 23.75 11.64 -38.47
C ALA A 54 24.88 11.49 -39.49
N HIS A 55 25.52 10.32 -39.52
CA HIS A 55 26.63 10.07 -40.44
C HIS A 55 26.15 9.42 -41.74
N HIS A 56 25.15 10.04 -42.36
CA HIS A 56 24.59 9.55 -43.62
C HIS A 56 24.20 10.72 -44.49
N ARG A 57 24.25 10.51 -45.80
CA ARG A 57 23.90 11.54 -46.76
C ARG A 57 22.39 11.69 -46.87
N THR A 58 21.96 12.81 -47.44
CA THR A 58 20.56 13.12 -47.66
C THR A 58 20.27 13.11 -49.16
N LEU A 59 19.11 13.66 -49.54
CA LEU A 59 18.75 13.71 -50.96
C LEU A 59 19.55 14.79 -51.68
N LEU A 60 19.78 15.93 -51.04
CA LEU A 60 20.54 17.00 -51.67
C LEU A 60 21.98 16.58 -51.92
N GLU A 61 22.62 16.00 -50.90
CA GLU A 61 23.98 15.51 -51.08
C GLU A 61 24.06 14.38 -52.09
N ALA A 62 22.98 13.60 -52.23
CA ALA A 62 22.93 12.59 -53.27
C ALA A 62 22.83 13.20 -54.66
N VAL A 63 22.12 14.33 -54.79
CA VAL A 63 22.05 15.01 -56.08
C VAL A 63 23.39 15.65 -56.42
N HIS A 64 24.05 16.25 -55.45
CA HIS A 64 25.33 16.89 -55.66
C HIS A 64 26.50 15.91 -55.77
N ASP A 65 26.23 14.60 -55.66
CA ASP A 65 27.27 13.58 -55.78
C ASP A 65 26.95 12.55 -56.85
N THR A 66 26.00 12.86 -57.74
CA THR A 66 25.59 11.97 -58.82
C THR A 66 25.12 10.62 -58.27
N ILE A 67 23.94 10.67 -57.65
CA ILE A 67 23.30 9.48 -57.10
C ILE A 67 21.83 9.49 -57.48
N ILE A 68 21.14 10.59 -57.21
CA ILE A 68 19.74 10.76 -57.55
C ILE A 68 19.62 11.90 -58.54
N ALA A 69 18.94 11.66 -59.65
CA ALA A 69 18.76 12.67 -60.69
C ALA A 69 17.71 13.69 -60.25
N LYS A 70 17.52 14.71 -61.09
CA LYS A 70 16.55 15.77 -60.84
C LYS A 70 15.42 15.69 -61.85
N ALA A 71 14.21 16.03 -61.41
CA ALA A 71 13.05 15.98 -62.28
C ALA A 71 13.07 17.15 -63.25
N ASP A 72 12.09 17.15 -64.16
CA ASP A 72 11.96 18.20 -65.17
C ASP A 72 10.58 18.81 -65.08
N PRO A 73 10.43 20.08 -64.64
CA PRO A 73 11.54 20.94 -64.22
C PRO A 73 11.98 20.66 -62.78
N PRO A 74 13.26 20.93 -62.47
CA PRO A 74 13.73 20.71 -61.10
C PRO A 74 13.03 21.59 -60.07
N SER A 75 12.71 22.83 -60.43
CA SER A 75 12.04 23.78 -59.54
C SER A 75 10.68 24.12 -60.14
N CYS A 76 9.62 23.60 -59.52
CA CYS A 76 8.27 23.86 -59.99
C CYS A 76 7.76 25.19 -59.44
N ASP A 77 6.75 25.74 -60.12
CA ASP A 77 6.15 27.01 -59.74
C ASP A 77 4.73 26.76 -59.26
N LEU A 78 4.39 27.31 -58.09
CA LEU A 78 3.07 27.17 -57.51
C LEU A 78 2.11 28.26 -57.96
N GLN A 79 2.49 29.07 -58.96
CA GLN A 79 1.63 30.13 -59.46
C GLN A 79 1.53 30.10 -60.99
N SER A 80 1.86 28.97 -61.61
CA SER A 80 1.80 28.86 -63.06
C SER A 80 0.43 28.35 -63.51
N ALA A 81 0.38 27.68 -64.66
CA ALA A 81 -0.86 27.16 -65.18
C ALA A 81 -1.24 25.85 -64.47
N HIS A 82 -2.42 25.33 -64.80
CA HIS A 82 -2.89 24.10 -64.20
C HIS A 82 -2.15 22.90 -64.78
N GLY A 83 -2.02 21.86 -63.96
CA GLY A 83 -1.35 20.64 -64.37
C GLY A 83 0.15 20.79 -64.43
N ASN A 84 0.76 21.15 -63.30
CA ASN A 84 2.20 21.32 -63.21
C ASN A 84 2.83 20.15 -62.45
N PRO A 85 4.07 19.78 -62.80
CA PRO A 85 4.75 18.68 -62.08
C PRO A 85 4.99 19.02 -60.62
N CYS A 86 3.99 18.78 -59.77
CA CYS A 86 4.12 19.06 -58.34
C CYS A 86 2.78 19.51 -57.76
N MET A 87 1.71 18.79 -58.08
CA MET A 87 0.39 19.11 -57.59
C MET A 87 -0.33 17.88 -57.03
N LYS A 88 -0.51 16.83 -57.84
CA LYS A 88 -1.17 15.64 -57.35
C LYS A 88 -0.32 14.93 -56.29
N GLU A 89 1.00 14.96 -56.45
CA GLU A 89 1.88 14.38 -55.45
C GLU A 89 1.97 15.22 -54.19
N LYS A 90 1.58 16.49 -54.25
CA LYS A 90 1.61 17.36 -53.08
C LYS A 90 0.30 17.38 -52.32
N LEU A 91 -0.84 17.27 -53.02
CA LEU A 91 -2.12 17.26 -52.34
C LEU A 91 -2.29 16.01 -51.48
N VAL A 92 -1.72 14.88 -51.89
CA VAL A 92 -1.81 13.65 -51.11
C VAL A 92 -0.79 13.59 -49.99
N MET A 93 0.11 14.57 -49.89
CA MET A 93 1.13 14.61 -48.86
C MET A 93 0.70 15.59 -47.77
N LYS A 94 0.69 15.13 -46.52
CA LYS A 94 0.29 15.94 -45.38
C LYS A 94 1.53 16.22 -44.55
N THR A 95 2.04 17.45 -44.65
CA THR A 95 3.22 17.86 -43.89
C THR A 95 2.88 19.00 -42.95
N HIS A 96 3.91 19.74 -42.50
CA HIS A 96 3.72 20.87 -41.59
C HIS A 96 4.91 21.82 -41.77
N CYS A 97 4.85 22.60 -42.85
CA CYS A 97 5.93 23.54 -43.14
C CYS A 97 5.73 24.81 -42.33
N PRO A 98 6.75 25.27 -41.60
CA PRO A 98 6.60 26.51 -40.81
C PRO A 98 6.44 27.73 -41.67
N ASN A 99 6.23 28.89 -41.05
CA ASN A 99 6.04 30.13 -41.78
C ASN A 99 7.39 30.64 -42.30
N ASP A 100 7.31 31.70 -43.12
CA ASP A 100 8.49 32.34 -43.71
C ASP A 100 9.29 31.39 -44.57
N TYR A 101 8.61 30.44 -45.22
CA TYR A 101 9.24 29.52 -46.16
C TYR A 101 8.61 29.66 -47.53
N GLN A 102 9.43 29.61 -48.57
CA GLN A 102 8.98 29.78 -49.94
C GLN A 102 9.06 28.50 -50.76
N SER A 103 10.21 27.82 -50.73
CA SER A 103 10.41 26.60 -51.49
C SER A 103 10.10 25.37 -50.64
N ALA A 104 9.86 24.24 -51.32
CA ALA A 104 9.58 22.98 -50.65
C ALA A 104 9.99 21.85 -51.58
N HIS A 105 11.03 21.11 -51.20
CA HIS A 105 11.55 20.02 -52.01
C HIS A 105 11.15 18.68 -51.42
N TYR A 106 10.93 17.71 -52.31
CA TYR A 106 10.58 16.36 -51.92
C TYR A 106 10.96 15.42 -53.06
N LEU A 107 10.59 14.15 -52.93
CA LEU A 107 10.91 13.13 -53.92
C LEU A 107 9.63 12.75 -54.67
N ASN A 108 9.72 12.67 -55.99
CA ASN A 108 8.57 12.37 -56.83
C ASN A 108 8.37 10.85 -56.91
N ASN A 109 7.43 10.43 -57.76
CA ASN A 109 7.16 9.01 -57.92
C ASN A 109 8.23 8.34 -58.77
N ASP A 110 8.78 9.07 -59.75
CA ASP A 110 9.79 8.50 -60.63
C ASP A 110 11.13 8.28 -59.92
N GLY A 111 11.36 8.96 -58.81
CA GLY A 111 12.59 8.84 -58.07
C GLY A 111 13.60 9.96 -58.27
N LYS A 112 13.14 11.17 -58.58
CA LYS A 112 14.03 12.31 -58.79
C LYS A 112 13.64 13.44 -57.84
N MET A 113 14.63 14.28 -57.52
CA MET A 113 14.39 15.38 -56.59
C MET A 113 13.56 16.47 -57.26
N ALA A 114 12.46 16.84 -56.63
CA ALA A 114 11.60 17.91 -57.09
C ALA A 114 11.49 18.99 -56.03
N SER A 115 11.03 20.17 -56.45
CA SER A 115 10.89 21.30 -55.54
C SER A 115 9.87 22.27 -56.12
N VAL A 116 9.09 22.88 -55.24
CA VAL A 116 8.08 23.86 -55.62
C VAL A 116 8.42 25.20 -54.97
N LYS A 117 8.00 26.28 -55.63
CA LYS A 117 8.26 27.63 -55.15
C LYS A 117 7.23 28.56 -55.76
N CYS A 118 7.35 29.84 -55.44
CA CYS A 118 6.46 30.88 -55.94
C CYS A 118 7.28 32.11 -56.25
N PRO A 119 6.74 33.04 -57.04
CA PRO A 119 7.49 34.25 -57.36
C PRO A 119 7.52 35.19 -56.17
N PRO A 120 8.56 36.01 -56.05
CA PRO A 120 8.62 36.97 -54.93
C PRO A 120 7.51 38.00 -55.03
N LYS A 121 6.94 38.34 -53.88
CA LYS A 121 7.33 37.77 -52.60
C LYS A 121 6.20 36.95 -51.98
N TYR A 122 6.26 35.63 -52.14
CA TYR A 122 5.26 34.73 -51.61
C TYR A 122 5.89 33.82 -50.56
N GLU A 123 5.04 33.23 -49.73
CA GLU A 123 5.48 32.32 -48.68
C GLU A 123 4.44 31.24 -48.49
N LEU A 124 4.90 30.05 -48.11
CA LEU A 124 4.03 28.89 -47.98
C LEU A 124 3.08 29.06 -46.80
N THR A 125 2.02 28.25 -46.79
CA THR A 125 1.02 28.28 -45.74
C THR A 125 1.48 27.48 -44.53
N GLU A 126 0.51 27.03 -43.71
CA GLU A 126 0.85 26.23 -42.54
C GLU A 126 1.27 24.81 -42.90
N ASP A 127 0.85 24.32 -44.07
CA ASP A 127 1.21 22.97 -44.50
C ASP A 127 2.26 22.95 -45.61
N CYS A 128 2.26 23.94 -46.50
CA CYS A 128 3.25 23.99 -47.57
C CYS A 128 2.62 23.68 -48.92
N ASN A 129 1.31 23.44 -48.94
CA ASN A 129 0.62 23.12 -50.19
C ASN A 129 0.47 24.36 -51.07
N PHE A 130 -0.10 25.42 -50.52
CA PHE A 130 -0.33 26.66 -51.25
C PHE A 130 0.60 27.75 -50.70
N CYS A 131 0.46 28.95 -51.26
CA CYS A 131 1.27 30.10 -50.86
C CYS A 131 0.39 31.34 -50.80
N ARG A 132 0.92 32.38 -50.16
CA ARG A 132 0.20 33.64 -50.00
C ARG A 132 1.22 34.74 -49.75
N GLN A 133 0.72 35.96 -49.58
CA GLN A 133 1.56 37.12 -49.32
C GLN A 133 1.82 37.27 -47.82
N MET A 134 2.80 38.10 -47.50
CA MET A 134 3.16 38.36 -46.10
C MET A 134 3.69 39.77 -45.93
N ALA A 137 7.49 38.88 -43.05
CA ALA A 137 8.82 39.19 -42.56
C ALA A 137 9.89 38.72 -43.55
N SER A 138 11.10 38.47 -43.04
CA SER A 138 12.20 38.01 -43.88
C SER A 138 12.05 36.53 -44.19
N LEU A 139 12.23 36.18 -45.45
CA LEU A 139 12.13 34.80 -45.90
C LEU A 139 13.48 34.11 -45.82
N LYS A 140 13.45 32.79 -45.63
CA LYS A 140 14.66 32.00 -45.56
C LYS A 140 15.29 31.84 -46.94
N LYS A 141 16.60 31.69 -46.96
CA LYS A 141 17.36 31.53 -48.20
C LYS A 141 17.46 30.09 -48.67
N GLY A 142 16.67 29.18 -48.08
CA GLY A 142 16.73 27.79 -48.47
C GLY A 142 15.35 27.18 -48.64
N SER A 143 15.27 25.86 -48.46
CA SER A 143 14.02 25.13 -48.61
C SER A 143 13.79 24.26 -47.38
N TYR A 144 12.52 23.88 -47.17
CA TYR A 144 12.15 23.06 -46.03
C TYR A 144 11.90 21.63 -46.50
N PRO A 145 12.60 20.64 -45.95
CA PRO A 145 12.35 19.25 -46.37
C PRO A 145 10.96 18.78 -45.99
N LEU A 146 10.33 18.05 -46.90
CA LEU A 146 8.99 17.53 -46.67
C LEU A 146 8.96 16.03 -46.37
N GLN A 147 10.06 15.32 -46.61
CA GLN A 147 10.14 13.89 -46.36
C GLN A 147 11.28 13.59 -45.40
N ASP A 148 11.19 12.42 -44.76
CA ASP A 148 12.23 11.94 -43.86
C ASP A 148 13.02 10.84 -44.55
N LEU A 149 13.84 11.25 -45.51
CA LEU A 149 14.60 10.34 -46.35
C LEU A 149 16.09 10.57 -46.19
N PHE A 150 16.88 9.59 -46.61
CA PHE A 150 18.33 9.68 -46.59
C PHE A 150 18.89 8.73 -47.64
N CYS A 151 20.07 9.07 -48.15
CA CYS A 151 20.72 8.30 -49.19
C CYS A 151 22.14 7.95 -48.75
N GLN A 152 22.80 7.12 -49.55
CA GLN A 152 24.16 6.70 -49.27
C GLN A 152 24.85 6.40 -50.60
N SER A 153 26.10 5.94 -50.52
CA SER A 153 26.88 5.59 -51.71
C SER A 153 26.55 4.16 -52.09
N SER A 154 25.91 4.00 -53.23
CA SER A 154 25.50 2.70 -53.76
C SER A 154 25.61 2.70 -55.27
N GLU A 155 25.67 1.49 -55.85
CA GLU A 155 25.78 1.33 -57.29
C GLU A 155 25.05 0.08 -57.74
N ASP A 156 24.59 -0.72 -56.78
CA ASP A 156 23.89 -1.96 -57.09
C ASP A 156 22.58 -1.67 -57.81
N ASP A 157 22.24 -2.55 -58.76
CA ASP A 157 21.02 -2.38 -59.54
C ASP A 157 19.82 -2.94 -58.79
N GLY A 158 18.65 -2.39 -59.08
CA GLY A 158 17.42 -2.82 -58.45
C GLY A 158 16.18 -2.29 -59.13
N SER A 159 16.13 -2.40 -60.47
CA SER A 159 15.00 -1.91 -61.24
C SER A 159 13.93 -2.96 -61.48
N LYS A 160 14.17 -4.21 -61.06
CA LYS A 160 13.22 -5.29 -61.25
C LYS A 160 12.30 -5.50 -60.04
N LEU A 161 12.14 -4.48 -59.21
CA LEU A 161 11.30 -4.56 -58.02
C LEU A 161 10.41 -3.32 -57.94
N LYS A 162 9.15 -3.53 -57.53
CA LYS A 162 8.20 -2.44 -57.41
C LYS A 162 7.52 -2.46 -56.04
N THR A 163 6.49 -1.64 -55.87
CA THR A 163 5.78 -1.58 -54.60
C THR A 163 4.94 -2.84 -54.41
N LYS A 164 5.19 -3.56 -53.32
CA LYS A 164 4.47 -4.80 -52.99
C LYS A 164 4.03 -4.70 -51.53
N MET A 165 2.94 -3.97 -51.30
CA MET A 165 2.39 -3.80 -49.97
C MET A 165 1.22 -4.77 -49.76
N LYS A 166 0.99 -5.11 -48.50
CA LYS A 166 -0.05 -6.07 -48.13
C LYS A 166 -1.26 -5.32 -47.56
N GLY A 167 -2.43 -5.57 -48.15
CA GLY A 167 -3.64 -4.94 -47.66
C GLY A 167 -3.75 -3.46 -47.95
N VAL A 168 -3.21 -2.99 -49.07
CA VAL A 168 -3.25 -1.59 -49.45
C VAL A 168 -3.84 -1.48 -50.85
N CYS A 169 -4.90 -0.70 -50.97
CA CYS A 169 -5.55 -0.53 -52.27
C CYS A 169 -4.83 0.53 -53.11
N GLU A 170 -4.59 1.70 -52.55
CA GLU A 170 -3.92 2.78 -53.27
C GLU A 170 -3.18 3.64 -52.25
N VAL A 171 -1.87 3.74 -52.41
CA VAL A 171 -1.01 4.54 -51.53
C VAL A 171 -0.29 5.58 -52.37
N GLY A 172 -0.24 6.81 -51.85
CA GLY A 172 0.41 7.90 -52.55
C GLY A 172 -0.25 8.25 -53.87
N VAL A 173 0.50 8.15 -54.97
CA VAL A 173 0.00 8.42 -56.31
C VAL A 173 0.11 7.19 -57.21
N GLN A 174 0.54 6.07 -56.68
CA GLN A 174 0.68 4.84 -57.46
C GLN A 174 -0.64 4.08 -57.51
N ALA A 175 -0.78 3.28 -58.56
CA ALA A 175 -1.98 2.46 -58.77
C ALA A 175 -1.56 0.99 -58.63
N LEU A 176 -1.79 0.42 -57.45
CA LEU A 176 -1.43 -0.97 -57.22
C LEU A 176 -2.38 -1.92 -57.94
N LYS A 177 -3.67 -1.87 -57.57
CA LYS A 177 -4.67 -2.73 -58.18
C LYS A 177 -5.99 -1.97 -58.25
N LYS A 178 -6.91 -2.49 -59.06
CA LYS A 178 -8.22 -1.88 -59.23
C LYS A 178 -9.11 -2.23 -58.04
N CYS A 179 -9.70 -1.21 -57.42
CA CYS A 179 -10.58 -1.37 -56.28
C CYS A 179 -12.01 -1.06 -56.70
N ASP A 180 -12.94 -1.95 -56.35
CA ASP A 180 -14.34 -1.79 -56.69
C ASP A 180 -15.23 -1.44 -55.51
N GLY A 181 -14.82 -1.78 -54.29
CA GLY A 181 -15.59 -1.49 -53.10
C GLY A 181 -15.31 -0.11 -52.55
N GLN A 182 -15.64 0.07 -51.27
CA GLN A 182 -15.43 1.35 -50.59
C GLN A 182 -13.96 1.47 -50.23
N LEU A 183 -13.28 2.42 -50.87
CA LEU A 183 -11.85 2.66 -50.63
C LEU A 183 -11.72 3.75 -49.57
N SER A 184 -11.45 3.34 -48.33
CA SER A 184 -11.30 4.30 -47.24
C SER A 184 -9.96 5.02 -47.35
N THR A 185 -9.98 6.33 -47.16
CA THR A 185 -8.79 7.16 -47.25
C THR A 185 -8.42 7.69 -45.86
N ALA A 186 -7.11 7.76 -45.60
CA ALA A 186 -6.61 8.24 -44.32
C ALA A 186 -5.14 8.59 -44.47
N HIS A 187 -4.75 9.76 -43.99
CA HIS A 187 -3.36 10.20 -44.06
C HIS A 187 -2.55 9.49 -42.97
N GLU A 188 -1.61 8.64 -43.38
CA GLU A 188 -0.79 7.88 -42.46
C GLU A 188 0.67 7.98 -42.87
N VAL A 189 1.55 7.66 -41.93
CA VAL A 189 2.98 7.69 -42.19
C VAL A 189 3.38 6.38 -42.88
N VAL A 190 4.11 6.50 -43.98
CA VAL A 190 4.55 5.35 -44.75
C VAL A 190 6.03 5.50 -45.11
N PRO A 191 6.87 4.51 -44.82
CA PRO A 191 8.25 4.52 -45.32
C PRO A 191 8.35 3.86 -46.69
N PHE A 192 9.35 4.32 -47.44
CA PHE A 192 9.61 3.80 -48.78
C PHE A 192 11.11 3.61 -48.95
N ALA A 193 11.50 3.15 -50.14
CA ALA A 193 12.91 2.92 -50.45
C ALA A 193 13.06 2.88 -51.96
N VAL A 194 13.71 3.89 -52.52
CA VAL A 194 13.94 3.97 -53.97
C VAL A 194 15.27 3.30 -54.28
N PHE A 195 15.24 2.31 -55.17
CA PHE A 195 16.44 1.60 -55.57
C PHE A 195 17.12 2.29 -56.74
N LYS A 196 17.64 1.51 -57.68
CA LYS A 196 18.32 2.05 -58.86
C LYS A 196 17.42 1.90 -60.08
N ASN A 197 17.13 3.02 -60.74
CA ASN A 197 16.29 3.04 -61.94
C ASN A 197 14.90 2.45 -61.66
N SER A 198 14.37 2.75 -60.48
CA SER A 198 13.06 2.25 -60.07
C SER A 198 12.19 3.41 -59.62
N LYS A 199 10.91 3.12 -59.44
CA LYS A 199 9.94 4.12 -59.00
C LYS A 199 9.95 4.20 -57.48
N LYS A 200 8.96 4.89 -56.91
CA LYS A 200 8.85 5.00 -55.46
C LYS A 200 8.38 3.69 -54.86
N VAL A 201 9.31 2.79 -54.55
CA VAL A 201 8.98 1.49 -53.99
C VAL A 201 8.73 1.66 -52.50
N TYR A 202 7.50 1.48 -52.07
CA TYR A 202 7.16 1.61 -50.66
C TYR A 202 7.62 0.38 -49.88
N LEU A 203 7.68 0.52 -48.57
CA LEU A 203 8.13 -0.53 -47.67
C LEU A 203 6.98 -0.99 -46.78
N ASP A 204 7.16 -2.18 -46.20
CA ASP A 204 6.18 -2.75 -45.30
C ASP A 204 6.86 -3.22 -44.01
N LYS A 205 7.99 -3.90 -44.15
CA LYS A 205 8.78 -4.39 -43.02
C LYS A 205 10.17 -3.77 -43.12
N LEU A 206 10.35 -2.63 -42.46
CA LEU A 206 11.61 -1.89 -42.52
C LEU A 206 12.68 -2.66 -41.73
N ASP A 207 13.61 -3.27 -42.44
CA ASP A 207 14.72 -4.01 -41.83
C ASP A 207 16.03 -3.49 -42.42
N LEU A 208 16.80 -2.76 -41.61
CA LEU A 208 18.06 -2.18 -42.04
C LEU A 208 19.18 -2.68 -41.16
N LYS A 209 20.32 -2.99 -41.78
CA LYS A 209 21.50 -3.44 -41.06
C LYS A 209 22.65 -2.46 -41.28
N THR A 210 23.58 -2.44 -40.33
CA THR A 210 24.72 -1.55 -40.36
C THR A 210 26.00 -2.36 -40.28
N GLU A 211 26.91 -2.13 -41.23
CA GLU A 211 28.21 -2.81 -41.29
C GLU A 211 29.29 -1.76 -41.44
N GLU A 212 29.99 -1.46 -40.35
CA GLU A 212 31.05 -0.45 -40.36
C GLU A 212 32.34 -1.12 -40.83
N ASN A 213 32.62 -0.98 -42.13
CA ASN A 213 33.83 -1.55 -42.72
C ASN A 213 34.95 -0.53 -42.75
N LEU A 214 35.77 -0.56 -43.80
CA LEU A 214 36.89 0.34 -43.98
C LEU A 214 36.68 1.13 -45.27
N LEU A 215 36.11 2.33 -45.14
CA LEU A 215 35.84 3.19 -46.28
C LEU A 215 36.31 4.61 -45.97
N PRO A 216 36.75 5.35 -46.99
CA PRO A 216 37.19 6.73 -46.76
C PRO A 216 36.08 7.65 -46.27
N ASP A 217 34.81 7.31 -46.53
CA ASP A 217 33.68 8.11 -46.08
C ASP A 217 33.19 7.72 -44.69
N SER A 218 34.06 7.19 -43.85
CA SER A 218 33.67 6.78 -42.51
C SER A 218 34.69 7.16 -41.43
N PHE A 219 35.81 7.78 -41.80
CA PHE A 219 36.83 8.17 -40.86
C PHE A 219 36.99 9.69 -40.87
N VAL A 220 37.12 10.28 -39.68
CA VAL A 220 37.26 11.72 -39.52
C VAL A 220 38.59 12.00 -38.81
N CYS A 221 39.40 12.86 -39.40
CA CYS A 221 40.69 13.22 -38.84
C CYS A 221 40.62 14.59 -38.19
N PHE A 222 41.29 14.74 -37.05
CA PHE A 222 41.32 15.99 -36.30
C PHE A 222 42.77 16.46 -36.22
N GLU A 223 43.10 17.50 -37.00
CA GLU A 223 44.44 18.06 -36.98
C GLU A 223 44.64 18.90 -35.72
N HIS A 224 45.81 18.74 -35.10
CA HIS A 224 46.12 19.50 -33.89
C HIS A 224 46.45 20.94 -34.24
N LYS A 225 46.02 21.86 -33.38
CA LYS A 225 46.25 23.29 -33.60
C LYS A 225 47.72 23.59 -33.36
N GLY A 226 48.48 23.73 -34.45
CA GLY A 226 49.90 24.02 -34.36
C GLY A 226 50.76 22.78 -34.30
N GLU A 240 43.70 23.16 -29.82
CA GLU A 240 42.83 22.04 -29.54
C GLU A 240 42.70 21.12 -30.76
N LEU A 241 41.54 21.15 -31.40
CA LEU A 241 41.26 20.34 -32.57
C LEU A 241 40.95 21.22 -33.76
N LYS A 242 41.05 20.63 -34.95
CA LYS A 242 40.79 21.35 -36.19
C LYS A 242 40.37 20.35 -37.27
N SER A 243 39.55 20.83 -38.19
CA SER A 243 39.08 19.97 -39.29
C SER A 243 40.24 19.60 -40.20
N PHE A 244 40.42 18.31 -40.44
CA PHE A 244 41.51 17.80 -41.26
C PHE A 244 40.92 16.94 -42.38
N ASP A 245 41.45 17.12 -43.59
CA ASP A 245 40.95 16.37 -44.74
C ASP A 245 41.57 14.97 -44.76
N ILE A 246 40.74 13.97 -45.06
CA ILE A 246 41.20 12.59 -45.01
C ILE A 246 42.05 12.19 -46.22
N SER A 247 41.96 12.92 -47.33
CA SER A 247 42.73 12.57 -48.53
C SER A 247 44.21 12.83 -48.38
N GLN A 248 44.63 13.56 -47.33
CA GLN A 248 46.04 13.85 -47.09
C GLN A 248 46.69 12.84 -46.15
N CYS A 249 46.12 11.63 -46.03
CA CYS A 249 46.66 10.61 -45.15
C CYS A 249 47.38 9.54 -45.97
N PRO A 250 48.35 8.84 -45.38
CA PRO A 250 49.06 7.79 -46.12
C PRO A 250 48.19 6.55 -46.32
N LYS A 251 48.69 5.65 -47.15
CA LYS A 251 48.01 4.41 -47.46
C LYS A 251 48.93 3.22 -47.14
N ILE A 252 48.35 2.03 -47.16
CA ILE A 252 49.09 0.80 -46.89
C ILE A 252 49.91 0.45 -48.12
N GLY A 253 51.23 0.56 -48.02
CA GLY A 253 52.12 0.28 -49.12
C GLY A 253 52.31 1.42 -50.09
N GLY A 254 51.60 2.53 -49.93
CA GLY A 254 51.72 3.69 -50.80
C GLY A 254 52.47 4.82 -50.15
N HIS A 255 52.03 6.05 -50.44
CA HIS A 255 52.66 7.25 -49.89
C HIS A 255 51.56 8.22 -49.46
N GLY A 256 51.98 9.39 -49.00
CA GLY A 256 51.03 10.40 -48.58
C GLY A 256 51.74 11.71 -48.30
N SER A 257 50.95 12.79 -48.33
CA SER A 257 51.50 14.12 -48.08
C SER A 257 51.77 14.32 -46.59
N LYS A 258 50.70 14.34 -45.78
CA LYS A 258 50.81 14.53 -44.35
C LYS A 258 50.72 13.18 -43.63
N LYS A 259 50.82 13.22 -42.30
CA LYS A 259 50.75 12.03 -41.48
C LYS A 259 49.60 12.15 -40.49
N CYS A 260 48.82 11.08 -40.38
CA CYS A 260 47.66 11.05 -39.49
C CYS A 260 47.64 9.71 -38.77
N THR A 261 47.44 9.75 -37.46
CA THR A 261 47.38 8.56 -36.64
C THR A 261 45.92 8.16 -36.40
N GLY A 262 45.72 7.10 -35.61
CA GLY A 262 44.39 6.64 -35.33
C GLY A 262 44.42 5.41 -34.44
N ASP A 263 43.24 4.82 -34.24
CA ASP A 263 43.11 3.63 -33.42
C ASP A 263 43.25 2.37 -34.26
N ALA A 264 42.59 1.29 -33.83
CA ALA A 264 42.66 0.04 -34.59
C ALA A 264 41.84 0.12 -35.87
N ALA A 265 40.71 0.82 -35.83
CA ALA A 265 39.87 0.94 -37.02
C ALA A 265 40.53 1.81 -38.08
N PHE A 266 41.15 2.93 -37.66
CA PHE A 266 41.81 3.81 -38.61
C PHE A 266 43.14 3.21 -39.09
N CYS A 267 43.87 2.53 -38.19
CA CYS A 267 45.13 1.92 -38.55
C CYS A 267 44.95 0.65 -39.37
N SER A 268 43.79 0.00 -39.29
CA SER A 268 43.55 -1.21 -40.06
C SER A 268 43.32 -0.93 -41.54
N ALA A 269 43.03 0.31 -41.91
CA ALA A 269 42.80 0.69 -43.30
C ALA A 269 43.90 1.56 -43.87
N TYR A 270 44.43 2.50 -43.10
CA TYR A 270 45.49 3.39 -43.54
C TYR A 270 46.80 3.01 -42.85
N GLU A 271 47.69 3.99 -42.70
CA GLU A 271 48.99 3.78 -42.07
C GLU A 271 49.15 4.78 -40.93
N CYS A 272 49.57 4.28 -39.77
CA CYS A 272 49.78 5.11 -38.59
C CYS A 272 51.27 5.26 -38.33
N THR A 273 51.68 6.47 -37.95
CA THR A 273 53.07 6.79 -37.68
C THR A 273 53.32 7.09 -36.20
N ALA A 274 52.42 6.65 -35.33
CA ALA A 274 52.54 6.85 -33.89
C ALA A 274 52.68 8.33 -33.53
N GLN A 275 53.88 8.72 -33.08
CA GLN A 275 54.11 10.10 -32.68
C GLN A 275 54.50 11.00 -33.85
N TYR A 276 54.77 10.44 -35.02
CA TYR A 276 55.16 11.21 -36.18
C TYR A 276 53.97 11.79 -36.94
N ALA A 277 52.78 11.76 -36.36
CA ALA A 277 51.58 12.29 -36.99
C ALA A 277 51.16 13.59 -36.32
N ASN A 278 50.23 14.30 -36.98
CA ASN A 278 49.74 15.57 -36.47
C ASN A 278 48.21 15.65 -36.55
N ALA A 279 47.53 14.51 -36.61
CA ALA A 279 46.08 14.48 -36.70
C ALA A 279 45.58 13.17 -36.11
N TYR A 280 44.71 13.26 -35.11
CA TYR A 280 44.15 12.07 -34.48
C TYR A 280 43.01 11.51 -35.32
N CYS A 281 42.96 10.18 -35.40
CA CYS A 281 41.97 9.48 -36.20
C CYS A 281 40.79 9.09 -35.32
N SER A 282 39.58 9.45 -35.76
CA SER A 282 38.36 9.14 -35.02
C SER A 282 37.32 8.65 -36.01
N HIS A 283 36.85 7.42 -35.82
CA HIS A 283 35.83 6.86 -36.69
C HIS A 283 34.48 7.53 -36.46
N ALA A 284 33.72 7.67 -37.54
CA ALA A 284 32.40 8.29 -37.48
C ALA A 284 31.46 7.36 -36.71
N ASN A 285 31.13 7.75 -35.49
CA ASN A 285 30.25 6.95 -34.64
C ASN A 285 28.82 6.99 -35.16
N GLY A 286 28.49 6.10 -36.08
CA GLY A 286 27.14 6.04 -36.64
C GLY A 286 27.13 6.01 -38.16
N SER A 287 28.21 5.53 -38.76
CA SER A 287 28.37 5.44 -40.20
C SER A 287 28.24 3.97 -40.63
N GLY A 288 28.94 3.59 -41.68
CA GLY A 288 28.90 2.23 -42.18
C GLY A 288 27.93 2.06 -43.34
N ILE A 289 27.80 0.81 -43.76
CA ILE A 289 26.92 0.45 -44.86
C ILE A 289 25.61 -0.08 -44.28
N VAL A 290 24.52 0.63 -44.55
CA VAL A 290 23.19 0.26 -44.07
C VAL A 290 22.46 -0.41 -45.22
N GLN A 291 22.33 -1.74 -45.15
CA GLN A 291 21.66 -2.52 -46.19
C GLN A 291 20.20 -2.74 -45.80
N ILE A 292 19.38 -3.01 -46.81
CA ILE A 292 17.96 -3.23 -46.63
C ILE A 292 17.65 -4.70 -46.82
N GLN A 293 16.51 -5.13 -46.29
CA GLN A 293 16.04 -6.51 -46.40
C GLN A 293 14.70 -6.48 -47.14
N VAL A 294 14.74 -6.69 -48.44
CA VAL A 294 13.54 -6.70 -49.28
C VAL A 294 13.39 -8.08 -49.89
N SER A 295 12.20 -8.66 -49.76
CA SER A 295 11.89 -9.99 -50.28
C SER A 295 12.86 -11.04 -49.73
N GLY A 296 13.25 -10.85 -48.47
CA GLY A 296 14.20 -11.77 -47.85
C GLY A 296 15.61 -11.69 -48.36
N VAL A 297 15.94 -10.65 -49.12
CA VAL A 297 17.27 -10.48 -49.70
C VAL A 297 17.82 -9.13 -49.24
N TRP A 298 19.06 -9.13 -48.77
CA TRP A 298 19.72 -7.91 -48.32
C TRP A 298 20.31 -7.18 -49.52
N LYS A 299 19.66 -6.11 -49.95
CA LYS A 299 20.10 -5.30 -51.08
C LYS A 299 20.67 -3.97 -50.59
N LYS A 300 21.29 -3.25 -51.52
CA LYS A 300 21.91 -1.96 -51.25
C LYS A 300 21.09 -0.87 -51.91
N PRO A 301 20.15 -0.25 -51.21
CA PRO A 301 19.28 0.74 -51.84
C PRO A 301 19.99 2.08 -52.02
N LEU A 302 19.41 2.92 -52.87
CA LEU A 302 19.92 4.27 -53.09
C LEU A 302 19.27 5.30 -52.17
N CYS A 303 18.00 5.13 -51.84
CA CYS A 303 17.29 6.07 -50.98
C CYS A 303 16.35 5.32 -50.06
N VAL A 304 16.29 5.76 -48.80
CA VAL A 304 15.37 5.21 -47.81
C VAL A 304 14.58 6.37 -47.22
N GLY A 305 13.27 6.37 -47.44
CA GLY A 305 12.41 7.47 -47.06
C GLY A 305 11.37 7.09 -46.03
N TYR A 306 10.76 8.11 -45.45
CA TYR A 306 9.70 7.94 -44.45
C TYR A 306 8.87 9.22 -44.45
N GLU A 307 7.63 9.12 -44.91
CA GLU A 307 6.79 10.29 -45.10
C GLU A 307 5.40 10.03 -44.51
N ARG A 308 4.42 10.82 -44.95
CA ARG A 308 3.03 10.68 -44.51
C ARG A 308 2.14 10.98 -45.71
N VAL A 309 1.62 9.92 -46.34
CA VAL A 309 0.80 10.07 -47.54
C VAL A 309 -0.59 9.50 -47.30
N VAL A 310 -1.36 9.37 -48.37
CA VAL A 310 -2.72 8.85 -48.30
C VAL A 310 -2.68 7.34 -48.40
N VAL A 311 -3.35 6.66 -47.48
CA VAL A 311 -3.44 5.20 -47.46
C VAL A 311 -4.90 4.82 -47.66
N LYS A 312 -5.23 4.37 -48.86
CA LYS A 312 -6.60 3.96 -49.19
C LYS A 312 -6.68 2.44 -49.08
N ARG A 313 -7.41 1.96 -48.08
CA ARG A 313 -7.57 0.54 -47.83
C ARG A 313 -9.01 0.10 -48.13
N GLU A 314 -9.16 -1.15 -48.55
CA GLU A 314 -10.47 -1.69 -48.88
C GLU A 314 -11.28 -1.88 -47.60
N LEU A 315 -12.31 -1.07 -47.41
CA LEU A 315 -13.16 -1.15 -46.23
C LEU A 315 -14.30 -2.15 -46.41
N SER A 316 -15.07 -2.00 -47.47
CA SER A 316 -16.19 -2.90 -47.74
C SER A 316 -15.70 -4.21 -48.36
N ASP B 1 -50.98 -15.83 -32.06
CA ASP B 1 -52.11 -15.88 -32.99
C ASP B 1 -53.45 -15.51 -32.34
N PRO B 2 -53.80 -16.10 -31.19
CA PRO B 2 -55.07 -15.73 -30.55
C PRO B 2 -54.98 -14.37 -29.89
N GLY B 3 -56.12 -13.96 -29.32
CA GLY B 3 -56.21 -12.66 -28.66
C GLY B 3 -55.91 -12.74 -27.17
N CYS B 4 -56.65 -11.97 -26.38
CA CYS B 4 -56.44 -11.93 -24.94
C CYS B 4 -57.16 -13.08 -24.26
N SER B 5 -56.60 -13.54 -23.14
CA SER B 5 -57.17 -14.63 -22.35
C SER B 5 -57.61 -14.16 -20.98
N GLU B 6 -56.71 -13.63 -20.17
CA GLU B 6 -57.04 -13.13 -18.83
C GLU B 6 -57.35 -11.65 -18.94
N LEU B 7 -58.60 -11.35 -19.27
CA LEU B 7 -59.07 -9.98 -19.47
C LEU B 7 -59.84 -9.54 -18.23
N ILE B 8 -59.30 -8.56 -17.51
CA ILE B 8 -59.95 -8.02 -16.33
C ILE B 8 -60.15 -6.51 -16.50
N GLN B 9 -60.55 -5.84 -15.43
CA GLN B 9 -60.78 -4.40 -15.45
C GLN B 9 -59.92 -3.73 -14.38
N ALA B 10 -59.67 -2.44 -14.58
CA ALA B 10 -58.88 -1.67 -13.64
C ALA B 10 -59.76 -1.12 -12.52
N SER B 11 -59.11 -0.70 -11.44
CA SER B 11 -59.82 -0.16 -10.29
C SER B 11 -60.23 1.29 -10.54
N SER B 12 -61.22 1.74 -9.77
CA SER B 12 -61.72 3.10 -9.89
C SER B 12 -60.98 4.10 -9.00
N ARG B 13 -60.30 3.63 -7.96
CA ARG B 13 -59.57 4.52 -7.07
C ARG B 13 -58.24 4.98 -7.66
N ILE B 14 -57.76 4.31 -8.71
CA ILE B 14 -56.50 4.66 -9.35
C ILE B 14 -56.72 5.16 -10.78
N THR B 15 -57.95 5.56 -11.10
CA THR B 15 -58.29 6.05 -12.42
C THR B 15 -59.08 7.34 -12.29
N THR B 16 -58.58 8.41 -12.92
CA THR B 16 -59.24 9.70 -12.90
C THR B 16 -59.61 10.11 -14.32
N CYS B 17 -60.47 11.12 -14.42
CA CYS B 17 -60.94 11.62 -15.71
C CYS B 17 -61.38 13.06 -15.57
N SER B 18 -61.25 13.81 -16.66
CA SER B 18 -61.64 15.21 -16.68
C SER B 18 -61.89 15.62 -18.12
N THR B 19 -62.57 16.76 -18.29
CA THR B 19 -62.90 17.30 -19.60
C THR B 19 -62.01 18.50 -19.91
N GLU B 20 -61.62 18.62 -21.17
CA GLU B 20 -60.75 19.73 -21.59
C GLU B 20 -60.98 19.95 -23.09
N GLY B 21 -61.92 20.84 -23.41
CA GLY B 21 -62.22 21.16 -24.79
C GLY B 21 -62.88 20.01 -25.53
N VAL B 22 -64.21 19.86 -25.34
CA VAL B 22 -65.06 18.83 -25.94
C VAL B 22 -64.35 17.50 -26.08
N ASN B 23 -63.51 17.15 -25.10
CA ASN B 23 -62.80 15.88 -25.09
C ASN B 23 -62.65 15.40 -23.66
N THR B 24 -62.90 14.12 -23.43
CA THR B 24 -62.81 13.51 -22.11
C THR B 24 -61.57 12.66 -22.03
N LYS B 25 -60.71 12.95 -21.04
CA LYS B 25 -59.48 12.22 -20.82
C LYS B 25 -59.52 11.57 -19.44
N CYS B 26 -58.55 10.67 -19.21
CA CYS B 26 -58.47 9.96 -17.94
C CYS B 26 -57.02 9.56 -17.70
N ARG B 27 -56.52 9.82 -16.51
CA ARG B 27 -55.14 9.50 -16.13
C ARG B 27 -55.14 8.32 -15.16
N LEU B 28 -54.06 7.54 -15.22
CA LEU B 28 -53.88 6.36 -14.39
C LEU B 28 -52.72 6.57 -13.44
N SER B 29 -52.89 6.12 -12.19
CA SER B 29 -51.84 6.25 -11.18
C SER B 29 -52.12 5.23 -10.09
N GLY B 30 -51.49 4.06 -10.19
CA GLY B 30 -51.69 3.01 -9.20
C GLY B 30 -51.14 1.66 -9.64
N THR B 31 -50.88 0.79 -8.67
CA THR B 31 -50.34 -0.53 -8.93
C THR B 31 -51.45 -1.57 -8.82
N ALA B 32 -51.58 -2.42 -9.85
CA ALA B 32 -52.58 -3.47 -9.89
C ALA B 32 -51.90 -4.80 -10.21
N LEU B 33 -52.68 -5.87 -10.09
CA LEU B 33 -52.20 -7.22 -10.35
C LEU B 33 -53.03 -7.85 -11.47
N ILE B 34 -52.36 -8.63 -12.32
CA ILE B 34 -53.01 -9.29 -13.44
C ILE B 34 -52.42 -10.69 -13.59
N ARG B 35 -53.24 -11.61 -14.09
CA ARG B 35 -52.82 -12.99 -14.32
C ARG B 35 -52.21 -13.14 -15.70
N ALA B 36 -51.04 -13.77 -15.76
CA ALA B 36 -50.36 -13.99 -17.03
C ALA B 36 -50.90 -15.25 -17.70
N GLY B 37 -51.11 -15.16 -19.00
CA GLY B 37 -51.63 -16.28 -19.77
C GLY B 37 -50.56 -17.31 -20.08
N SER B 38 -50.95 -18.29 -20.88
CA SER B 38 -50.04 -19.36 -21.28
C SER B 38 -49.20 -18.94 -22.47
N VAL B 39 -48.64 -19.91 -23.19
CA VAL B 39 -47.82 -19.61 -24.36
C VAL B 39 -48.72 -19.16 -25.50
N GLY B 40 -48.26 -18.16 -26.25
CA GLY B 40 -49.02 -17.62 -27.36
C GLY B 40 -50.27 -16.85 -27.00
N ALA B 41 -50.56 -16.68 -25.71
CA ALA B 41 -51.75 -15.97 -25.27
C ALA B 41 -51.41 -14.52 -24.96
N GLU B 42 -52.41 -13.76 -24.53
CA GLU B 42 -52.26 -12.35 -24.21
C GLU B 42 -52.96 -12.06 -22.89
N ALA B 43 -52.65 -10.88 -22.33
CA ALA B 43 -53.24 -10.42 -21.07
C ALA B 43 -53.72 -8.98 -21.29
N CYS B 44 -54.99 -8.83 -21.64
CA CYS B 44 -55.55 -7.52 -21.91
C CYS B 44 -55.97 -6.83 -20.61
N LEU B 45 -56.28 -5.54 -20.73
CA LEU B 45 -56.73 -4.75 -19.59
C LEU B 45 -57.78 -3.76 -20.07
N MET B 46 -58.99 -3.85 -19.52
CA MET B 46 -60.07 -2.98 -19.91
C MET B 46 -60.01 -1.66 -19.16
N LEU B 47 -60.24 -0.56 -19.87
CA LEU B 47 -60.23 0.77 -19.30
C LEU B 47 -61.50 1.50 -19.71
N LYS B 48 -62.19 2.07 -18.73
CA LYS B 48 -63.42 2.81 -18.95
C LYS B 48 -63.25 4.26 -18.51
N GLY B 49 -64.32 5.03 -18.67
CA GLY B 49 -64.30 6.44 -18.30
C GLY B 49 -65.63 6.93 -17.75
N VAL B 50 -66.28 7.81 -18.49
CA VAL B 50 -67.58 8.34 -18.09
C VAL B 50 -68.70 8.01 -19.06
N LYS B 51 -68.39 7.57 -20.28
CA LYS B 51 -69.42 7.22 -21.26
C LYS B 51 -69.59 5.72 -21.36
N GLU B 52 -69.86 5.22 -22.56
CA GLU B 52 -70.05 3.80 -22.81
C GLU B 52 -69.21 3.27 -23.96
N ASP B 53 -69.13 4.01 -25.07
CA ASP B 53 -68.33 3.55 -26.20
C ASP B 53 -66.83 3.71 -25.96
N GLN B 54 -66.43 4.62 -25.08
CA GLN B 54 -65.02 4.84 -24.77
C GLN B 54 -64.50 3.66 -23.96
N THR B 55 -63.72 2.79 -24.60
CA THR B 55 -63.16 1.62 -23.95
C THR B 55 -61.75 1.39 -24.47
N LYS B 56 -60.77 1.48 -23.58
CA LYS B 56 -59.37 1.26 -23.93
C LYS B 56 -58.93 -0.12 -23.48
N PHE B 57 -57.76 -0.53 -23.98
CA PHE B 57 -57.22 -1.85 -23.67
C PHE B 57 -55.71 -1.76 -23.53
N LEU B 58 -55.16 -2.60 -22.65
CA LEU B 58 -53.73 -2.68 -22.41
C LEU B 58 -53.35 -4.16 -22.38
N LYS B 59 -52.80 -4.66 -23.49
CA LYS B 59 -52.51 -6.07 -23.63
C LYS B 59 -51.03 -6.35 -23.38
N ILE B 60 -50.75 -7.60 -22.98
CA ILE B 60 -49.39 -8.06 -22.74
C ILE B 60 -49.29 -9.47 -23.32
N LYS B 61 -48.62 -9.60 -24.46
CA LYS B 61 -48.50 -10.90 -25.13
C LYS B 61 -47.38 -11.71 -24.51
N THR B 62 -47.63 -13.00 -24.29
CA THR B 62 -46.65 -13.93 -23.76
C THR B 62 -46.23 -14.86 -24.89
N VAL B 63 -44.96 -14.77 -25.31
CA VAL B 63 -44.47 -15.57 -26.43
C VAL B 63 -44.34 -17.02 -25.99
N SER B 64 -43.35 -17.31 -25.15
CA SER B 64 -43.11 -18.67 -24.69
C SER B 64 -42.26 -18.61 -23.42
N SER B 65 -41.99 -19.79 -22.86
CA SER B 65 -41.18 -19.91 -21.65
C SER B 65 -39.75 -20.24 -22.04
N GLU B 66 -38.83 -19.32 -21.73
CA GLU B 66 -37.42 -19.48 -22.06
C GLU B 66 -36.58 -19.20 -20.83
N LEU B 67 -35.27 -19.41 -20.96
CA LEU B 67 -34.32 -19.17 -19.89
C LEU B 67 -33.23 -18.22 -20.36
N SER B 68 -32.69 -17.45 -19.43
CA SER B 68 -31.64 -16.48 -19.71
C SER B 68 -30.44 -16.76 -18.80
N CYS B 69 -29.29 -16.23 -19.21
CA CYS B 69 -28.04 -16.40 -18.48
C CYS B 69 -27.65 -15.08 -17.84
N ARG B 70 -27.14 -15.13 -16.61
CA ARG B 70 -26.71 -13.94 -15.89
C ARG B 70 -25.28 -13.59 -16.32
N GLU B 71 -25.15 -12.54 -17.12
CA GLU B 71 -23.84 -12.12 -17.59
C GLU B 71 -23.11 -11.36 -16.49
N GLY B 72 -21.87 -11.76 -16.22
CA GLY B 72 -21.06 -11.12 -15.22
C GLY B 72 -19.76 -10.57 -15.76
N GLN B 73 -18.66 -11.28 -15.51
CA GLN B 73 -17.37 -10.85 -16.01
C GLN B 73 -17.27 -11.09 -17.51
N SER B 74 -16.74 -10.11 -18.23
CA SER B 74 -16.62 -10.21 -19.68
C SER B 74 -15.38 -9.44 -20.13
N TYR B 75 -14.92 -9.76 -21.34
CA TYR B 75 -13.76 -9.11 -21.92
C TYR B 75 -13.79 -9.30 -23.43
N TRP B 76 -13.28 -8.30 -24.14
CA TRP B 76 -13.21 -8.34 -25.60
C TRP B 76 -11.89 -8.96 -26.04
N THR B 77 -11.96 -9.80 -27.07
CA THR B 77 -10.78 -10.46 -27.61
C THR B 77 -11.00 -10.73 -29.09
N GLY B 78 -9.92 -11.13 -29.76
CA GLY B 78 -10.00 -11.42 -31.18
C GLY B 78 -8.70 -11.96 -31.69
N SER B 79 -8.55 -11.95 -33.01
CA SER B 79 -7.35 -12.43 -33.67
C SER B 79 -6.39 -11.27 -33.90
N PHE B 80 -5.16 -11.44 -33.45
CA PHE B 80 -4.11 -10.42 -33.59
C PHE B 80 -2.97 -10.99 -34.42
N SER B 81 -2.06 -10.10 -34.82
CA SER B 81 -0.91 -10.46 -35.61
C SER B 81 0.27 -9.60 -35.20
N PRO B 82 1.44 -10.18 -34.97
CA PRO B 82 2.61 -9.40 -34.57
C PRO B 82 3.23 -8.67 -35.75
N LYS B 83 4.15 -7.76 -35.44
CA LYS B 83 4.86 -6.99 -36.45
C LYS B 83 6.17 -6.51 -35.81
N CYS B 84 7.24 -7.27 -36.04
CA CYS B 84 8.54 -6.99 -35.45
C CYS B 84 9.46 -6.32 -36.47
N LEU B 85 10.38 -5.51 -35.97
CA LEU B 85 11.36 -4.81 -36.79
C LEU B 85 12.74 -4.98 -36.14
N SER B 86 13.68 -5.54 -36.88
CA SER B 86 15.02 -5.80 -36.39
C SER B 86 15.99 -4.75 -36.91
N SER B 87 17.03 -4.48 -36.10
CA SER B 87 18.05 -3.50 -36.47
C SER B 87 19.31 -3.83 -35.67
N ARG B 88 20.29 -4.43 -36.33
CA ARG B 88 21.55 -4.80 -35.69
C ARG B 88 22.52 -3.64 -35.77
N ARG B 89 23.17 -3.33 -34.64
CA ARG B 89 24.13 -2.23 -34.58
C ARG B 89 25.31 -2.66 -33.74
N CYS B 90 26.50 -2.20 -34.12
CA CYS B 90 27.72 -2.57 -33.42
C CYS B 90 27.76 -1.94 -32.03
N HIS B 91 28.73 -2.37 -31.23
CA HIS B 91 28.88 -1.90 -29.87
C HIS B 91 29.48 -0.49 -29.85
N LEU B 92 29.21 0.23 -28.76
CA LEU B 92 29.67 1.61 -28.58
C LEU B 92 29.16 2.53 -29.68
N VAL B 93 27.98 2.25 -30.21
CA VAL B 93 27.36 3.05 -31.26
C VAL B 93 25.93 3.38 -30.81
N GLY B 94 25.69 4.63 -30.42
CA GLY B 94 24.38 5.04 -29.99
C GLY B 94 23.96 4.43 -28.66
N GLU B 95 23.09 3.42 -28.73
CA GLU B 95 22.59 2.75 -27.53
C GLU B 95 22.99 1.29 -27.48
N CYS B 96 23.91 0.85 -28.34
CA CYS B 96 24.37 -0.54 -28.37
C CYS B 96 25.49 -0.69 -27.35
N HIS B 97 25.14 -1.10 -26.14
CA HIS B 97 26.10 -1.28 -25.06
C HIS B 97 25.75 -2.53 -24.27
N VAL B 98 26.72 -3.01 -23.49
CA VAL B 98 26.49 -4.19 -22.67
C VAL B 98 25.63 -3.90 -21.45
N ASN B 99 25.47 -2.62 -21.08
CA ASN B 99 24.65 -2.25 -19.94
C ASN B 99 23.22 -1.90 -20.34
N ARG B 100 22.96 -1.67 -21.62
CA ARG B 100 21.61 -1.35 -22.08
C ARG B 100 20.88 -2.52 -22.72
N CYS B 101 21.61 -3.55 -23.17
CA CYS B 101 20.97 -4.71 -23.78
C CYS B 101 20.39 -5.66 -22.74
N LEU B 102 21.08 -5.81 -21.61
CA LEU B 102 20.59 -6.70 -20.55
C LEU B 102 19.41 -6.07 -19.81
N SER B 103 19.55 -4.82 -19.41
CA SER B 103 18.49 -4.10 -18.69
C SER B 103 17.61 -3.30 -19.63
N TRP B 104 17.25 -3.87 -20.78
CA TRP B 104 16.41 -3.18 -21.74
C TRP B 104 14.94 -3.29 -21.35
N ARG B 105 14.26 -2.15 -21.27
CA ARG B 105 12.85 -2.13 -20.90
C ARG B 105 11.96 -2.15 -22.14
N ASP B 106 10.69 -2.47 -21.92
CA ASP B 106 9.72 -2.54 -23.02
C ASP B 106 8.96 -1.25 -23.21
N ASN B 107 8.77 -0.47 -22.15
CA ASN B 107 8.03 0.80 -22.26
C ASN B 107 8.87 1.90 -22.87
N GLU B 108 10.19 1.80 -22.82
CA GLU B 108 11.05 2.83 -23.40
C GLU B 108 11.11 2.70 -24.91
N THR B 109 11.47 3.80 -25.57
CA THR B 109 11.56 3.85 -27.02
C THR B 109 13.02 3.94 -27.43
N SER B 110 13.43 3.08 -28.35
CA SER B 110 14.81 3.06 -28.81
C SER B 110 15.10 4.29 -29.68
N ALA B 111 16.38 4.55 -29.89
CA ALA B 111 16.81 5.69 -30.69
C ALA B 111 16.85 5.36 -32.18
N GLU B 112 17.33 4.17 -32.55
CA GLU B 112 17.41 3.80 -33.95
C GLU B 112 16.04 3.79 -34.62
N PHE B 113 15.00 3.42 -33.87
CA PHE B 113 13.62 3.47 -34.35
C PHE B 113 12.87 4.67 -33.80
N SER B 114 13.59 5.69 -33.34
CA SER B 114 12.96 6.88 -32.78
C SER B 114 12.06 7.60 -33.79
N PHE B 115 12.16 7.29 -35.07
CA PHE B 115 11.28 7.87 -36.07
C PHE B 115 9.85 7.34 -35.97
N VAL B 116 9.61 6.29 -35.17
CA VAL B 116 8.26 5.78 -35.01
C VAL B 116 7.40 6.77 -34.26
N GLY B 117 7.89 7.28 -33.13
CA GLY B 117 7.16 8.28 -32.37
C GLY B 117 6.09 7.66 -31.48
N GLU B 118 5.21 8.54 -30.99
CA GLU B 118 4.14 8.11 -30.11
C GLU B 118 3.04 7.43 -30.90
N SER B 119 2.44 6.39 -30.30
CA SER B 119 1.37 5.64 -30.95
C SER B 119 0.56 4.94 -29.88
N THR B 120 -0.73 4.76 -30.16
CA THR B 120 -1.65 4.07 -29.26
C THR B 120 -1.81 2.60 -29.65
N THR B 121 -0.70 1.88 -29.73
CA THR B 121 -0.68 0.48 -30.10
C THR B 121 0.23 -0.29 -29.16
N MET B 122 -0.19 -1.49 -28.79
CA MET B 122 0.58 -2.34 -27.90
C MET B 122 1.94 -2.68 -28.52
N ARG B 123 2.91 -1.79 -28.35
CA ARG B 123 4.24 -1.95 -28.91
C ARG B 123 5.23 -2.34 -27.82
N GLU B 124 6.35 -2.92 -28.25
CA GLU B 124 7.41 -3.31 -27.33
C GLU B 124 8.74 -3.33 -28.08
N ASN B 125 9.81 -3.11 -27.33
CA ASN B 125 11.16 -3.07 -27.87
C ASN B 125 12.04 -4.07 -27.14
N LYS B 126 12.89 -4.77 -27.89
CA LYS B 126 13.81 -5.76 -27.34
C LYS B 126 15.22 -5.46 -27.82
N CYS B 127 16.20 -5.98 -27.07
CA CYS B 127 17.61 -5.79 -27.38
C CYS B 127 18.30 -7.14 -27.27
N PHE B 128 18.53 -7.80 -28.40
CA PHE B 128 19.19 -9.10 -28.45
C PHE B 128 20.62 -8.90 -28.93
N GLU B 129 21.58 -9.24 -28.08
CA GLU B 129 22.99 -9.11 -28.43
C GLU B 129 23.40 -10.20 -29.41
N GLN B 130 24.38 -9.88 -30.25
CA GLN B 130 24.91 -10.80 -31.25
C GLN B 130 26.43 -10.75 -31.22
N CYS B 131 27.05 -11.60 -32.05
CA CYS B 131 28.50 -11.64 -32.12
C CYS B 131 29.04 -10.43 -32.87
N GLY B 132 30.22 -9.98 -32.45
CA GLY B 132 30.86 -8.83 -33.08
C GLY B 132 32.05 -9.20 -33.94
N GLY B 133 33.08 -8.36 -33.92
CA GLY B 133 34.27 -8.62 -34.70
C GLY B 133 34.10 -8.23 -36.15
N TRP B 134 35.11 -8.61 -36.95
CA TRP B 134 35.10 -8.30 -38.37
C TRP B 134 34.18 -9.21 -39.16
N GLY B 135 33.89 -10.42 -38.65
CA GLY B 135 33.00 -11.33 -39.35
C GLY B 135 31.53 -11.03 -39.20
N CYS B 136 31.15 -10.28 -38.17
CA CYS B 136 29.76 -9.93 -37.95
C CYS B 136 29.36 -8.62 -38.61
N GLY B 137 30.25 -7.61 -38.55
CA GLY B 137 29.96 -6.33 -39.16
C GLY B 137 30.37 -5.16 -38.28
N CYS B 138 31.65 -5.09 -37.95
CA CYS B 138 32.17 -4.01 -37.11
C CYS B 138 33.67 -4.13 -36.94
N PHE B 139 34.27 -3.24 -36.13
CA PHE B 139 35.70 -3.24 -35.88
C PHE B 139 36.07 -3.60 -34.45
N ASN B 140 35.13 -3.51 -33.52
CA ASN B 140 35.38 -3.82 -32.12
C ASN B 140 35.02 -5.27 -31.82
N VAL B 141 35.70 -5.83 -30.82
CA VAL B 141 35.46 -7.23 -30.44
C VAL B 141 34.30 -7.39 -29.48
N ASN B 142 33.69 -6.30 -29.03
CA ASN B 142 32.58 -6.40 -28.11
C ASN B 142 31.32 -6.88 -28.85
N PRO B 143 30.44 -7.61 -28.16
CA PRO B 143 29.22 -8.08 -28.83
C PRO B 143 28.33 -6.93 -29.27
N SER B 144 27.62 -7.15 -30.37
CA SER B 144 26.74 -6.14 -30.93
C SER B 144 25.35 -6.22 -30.29
N CYS B 145 24.53 -5.22 -30.59
CA CYS B 145 23.18 -5.12 -30.06
C CYS B 145 22.17 -5.23 -31.19
N LEU B 146 20.96 -5.64 -30.82
CA LEU B 146 19.86 -5.82 -31.78
C LEU B 146 18.61 -5.15 -31.22
N PHE B 147 18.10 -4.16 -31.95
CA PHE B 147 16.90 -3.42 -31.55
C PHE B 147 15.70 -3.94 -32.32
N VAL B 148 14.67 -4.35 -31.60
CA VAL B 148 13.46 -4.92 -32.19
C VAL B 148 12.26 -4.12 -31.72
N HIS B 149 11.40 -3.74 -32.66
CA HIS B 149 10.16 -3.03 -32.36
C HIS B 149 9.00 -3.85 -32.90
N THR B 150 8.22 -4.45 -31.99
CA THR B 150 7.13 -5.33 -32.36
C THR B 150 5.82 -4.75 -31.84
N TYR B 151 4.82 -4.68 -32.71
CA TYR B 151 3.49 -4.21 -32.34
C TYR B 151 2.44 -5.10 -33.01
N LEU B 152 1.29 -5.21 -32.35
CA LEU B 152 0.21 -6.05 -32.82
C LEU B 152 -0.73 -5.27 -33.74
N GLN B 153 -1.48 -6.01 -34.55
CA GLN B 153 -2.45 -5.41 -35.45
C GLN B 153 -3.53 -6.44 -35.77
N SER B 154 -4.75 -5.95 -35.98
CA SER B 154 -5.88 -6.83 -36.21
C SER B 154 -5.82 -7.43 -37.61
N VAL B 155 -6.19 -8.71 -37.71
CA VAL B 155 -6.18 -9.41 -38.99
C VAL B 155 -7.48 -9.14 -39.73
N ARG B 156 -8.60 -9.59 -39.16
CA ARG B 156 -9.91 -9.40 -39.77
C ARG B 156 -10.52 -8.10 -39.25
N LYS B 157 -11.81 -7.91 -39.48
CA LYS B 157 -12.53 -6.70 -39.05
C LYS B 157 -13.71 -7.07 -38.15
N GLU B 158 -13.44 -7.88 -37.14
CA GLU B 158 -14.48 -8.29 -36.20
C GLU B 158 -13.83 -8.66 -34.87
N ALA B 159 -14.64 -8.68 -33.83
CA ALA B 159 -14.18 -8.99 -32.48
C ALA B 159 -15.21 -9.87 -31.78
N LEU B 160 -14.82 -10.42 -30.64
CA LEU B 160 -15.67 -11.28 -29.84
C LEU B 160 -15.68 -10.79 -28.40
N ARG B 161 -16.83 -10.97 -27.74
CA ARG B 161 -17.01 -10.56 -26.35
C ARG B 161 -17.23 -11.81 -25.51
N VAL B 162 -16.16 -12.30 -24.88
CA VAL B 162 -16.23 -13.51 -24.07
C VAL B 162 -16.75 -13.16 -22.69
N PHE B 163 -17.79 -13.87 -22.26
CA PHE B 163 -18.39 -13.66 -20.94
C PHE B 163 -18.67 -15.02 -20.33
N ASN B 164 -19.35 -15.03 -19.18
CA ASN B 164 -19.66 -16.25 -18.46
C ASN B 164 -21.06 -16.11 -17.85
N CYS B 165 -21.43 -17.09 -17.02
CA CYS B 165 -22.71 -17.09 -16.34
C CYS B 165 -22.56 -17.80 -15.00
N ILE B 166 -23.37 -17.37 -14.03
CA ILE B 166 -23.31 -17.94 -12.68
C ILE B 166 -24.70 -18.43 -12.28
N ASP B 167 -25.75 -17.83 -12.84
CA ASP B 167 -27.12 -18.18 -12.51
C ASP B 167 -27.92 -18.31 -13.80
N TRP B 168 -29.20 -18.65 -13.65
CA TRP B 168 -30.11 -18.80 -14.78
C TRP B 168 -31.43 -18.12 -14.42
N VAL B 169 -31.80 -17.10 -15.19
CA VAL B 169 -33.01 -16.34 -14.97
C VAL B 169 -34.04 -16.74 -16.01
N HIS B 170 -35.25 -17.07 -15.55
CA HIS B 170 -36.34 -17.47 -16.43
C HIS B 170 -36.87 -16.23 -17.15
N LYS B 171 -36.46 -16.06 -18.41
CA LYS B 171 -36.84 -14.90 -19.20
C LYS B 171 -38.13 -15.17 -19.95
N LEU B 172 -39.01 -14.17 -19.97
CA LEU B 172 -40.29 -14.24 -20.67
C LEU B 172 -40.38 -13.08 -21.65
N THR B 173 -40.66 -13.38 -22.90
CA THR B 173 -40.80 -12.37 -23.94
C THR B 173 -42.26 -11.92 -24.00
N LEU B 174 -42.48 -10.64 -23.71
CA LEU B 174 -43.83 -10.07 -23.64
C LEU B 174 -43.94 -8.94 -24.65
N GLU B 175 -44.85 -9.10 -25.60
CA GLU B 175 -45.15 -8.05 -26.58
C GLU B 175 -46.30 -7.21 -26.04
N ILE B 176 -45.98 -6.10 -25.41
CA ILE B 176 -46.97 -5.26 -24.74
C ILE B 176 -47.58 -4.31 -25.76
N THR B 177 -48.91 -4.33 -25.86
CA THR B 177 -49.67 -3.39 -26.69
C THR B 177 -50.32 -2.36 -25.77
N ASP B 178 -49.99 -1.10 -25.98
CA ASP B 178 -50.45 -0.02 -25.12
C ASP B 178 -51.88 0.37 -25.49
N PHE B 179 -52.34 1.51 -24.97
CA PHE B 179 -53.71 1.96 -25.22
C PHE B 179 -53.85 2.54 -26.62
N ASP B 180 -52.92 3.42 -27.00
CA ASP B 180 -52.99 4.05 -28.31
C ASP B 180 -52.65 3.07 -29.44
N GLY B 181 -51.72 2.15 -29.19
CA GLY B 181 -51.34 1.18 -30.20
C GLY B 181 -49.83 1.06 -30.35
N SER B 182 -49.08 1.72 -29.48
CA SER B 182 -47.63 1.67 -29.52
C SER B 182 -47.16 0.30 -29.06
N VAL B 183 -46.97 -0.61 -30.01
CA VAL B 183 -46.56 -1.97 -29.70
C VAL B 183 -45.08 -1.96 -29.31
N SER B 184 -44.78 -2.48 -28.13
CA SER B 184 -43.40 -2.54 -27.63
C SER B 184 -43.12 -3.97 -27.17
N THR B 185 -42.20 -4.64 -27.86
CA THR B 185 -41.83 -6.02 -27.54
C THR B 185 -40.65 -5.98 -26.57
N ILE B 186 -40.91 -6.36 -25.32
CA ILE B 186 -39.88 -6.36 -24.28
C ILE B 186 -39.78 -7.75 -23.67
N ASP B 187 -39.03 -7.87 -22.58
CA ASP B 187 -38.87 -9.14 -21.89
C ASP B 187 -38.63 -8.90 -20.42
N LEU B 188 -38.93 -9.91 -19.60
CA LEU B 188 -38.75 -9.84 -18.15
C LEU B 188 -38.08 -11.12 -17.66
N GLY B 189 -37.83 -11.16 -16.36
CA GLY B 189 -37.19 -12.32 -15.76
C GLY B 189 -37.02 -12.21 -14.26
N ALA B 190 -37.41 -13.26 -13.54
CA ALA B 190 -37.32 -13.32 -12.09
C ALA B 190 -38.02 -12.13 -11.44
N SER B 191 -37.28 -11.06 -11.16
CA SER B 191 -37.82 -9.85 -10.54
C SER B 191 -37.35 -8.61 -11.26
N SER B 192 -37.11 -8.70 -12.56
CA SER B 192 -36.66 -7.55 -13.34
C SER B 192 -37.81 -6.58 -13.56
N SER B 193 -37.48 -5.40 -14.07
CA SER B 193 -38.46 -4.35 -14.32
C SER B 193 -38.00 -3.49 -15.47
N ARG B 194 -38.86 -3.33 -16.47
CA ARG B 194 -38.59 -2.50 -17.63
C ARG B 194 -39.42 -1.23 -17.58
N PHE B 195 -38.81 -0.11 -17.95
CA PHE B 195 -39.48 1.19 -17.94
C PHE B 195 -40.18 1.43 -19.27
N THR B 196 -41.47 1.75 -19.22
CA THR B 196 -42.27 2.01 -20.39
C THR B 196 -42.83 3.43 -20.34
N ASN B 197 -43.31 3.91 -21.49
CA ASN B 197 -43.85 5.25 -21.57
C ASN B 197 -45.06 5.43 -20.66
N TRP B 198 -45.80 4.36 -20.40
CA TRP B 198 -46.94 4.41 -19.50
C TRP B 198 -46.57 4.11 -18.05
N GLY B 199 -45.31 3.76 -17.78
CA GLY B 199 -44.89 3.47 -16.43
C GLY B 199 -43.75 2.47 -16.34
N SER B 200 -44.03 1.28 -15.82
CA SER B 200 -43.01 0.25 -15.68
C SER B 200 -43.69 -1.09 -15.47
N VAL B 201 -43.14 -2.13 -16.09
CA VAL B 201 -43.64 -3.49 -15.94
C VAL B 201 -42.60 -4.32 -15.19
N SER B 202 -43.07 -5.31 -14.44
CA SER B 202 -42.18 -6.15 -13.66
C SER B 202 -42.80 -7.52 -13.49
N LEU B 203 -41.95 -8.55 -13.54
CA LEU B 203 -42.39 -9.92 -13.32
C LEU B 203 -42.41 -10.21 -11.82
N SER B 204 -43.60 -10.52 -11.29
CA SER B 204 -43.75 -10.76 -9.87
C SER B 204 -43.58 -12.24 -9.53
N LEU B 205 -44.61 -13.04 -9.80
CA LEU B 205 -44.57 -14.45 -9.45
C LEU B 205 -43.85 -15.26 -10.53
N ASP B 206 -43.09 -16.26 -10.10
CA ASP B 206 -42.38 -17.14 -11.00
C ASP B 206 -42.49 -18.57 -10.50
N ALA B 207 -42.02 -19.52 -11.31
CA ALA B 207 -42.09 -20.92 -10.92
C ALA B 207 -40.99 -21.78 -11.50
N GLU B 208 -39.95 -21.19 -12.12
CA GLU B 208 -38.86 -21.94 -12.71
C GLU B 208 -37.54 -21.32 -12.30
N GLY B 209 -36.46 -22.01 -12.64
CA GLY B 209 -35.12 -21.54 -12.32
C GLY B 209 -34.15 -22.65 -12.02
N ILE B 210 -33.13 -22.81 -12.86
CA ILE B 210 -32.12 -23.85 -12.68
C ILE B 210 -30.78 -23.21 -12.36
N SER B 211 -29.75 -24.04 -12.20
CA SER B 211 -28.42 -23.54 -11.89
C SER B 211 -27.39 -24.51 -12.46
N GLY B 212 -26.19 -24.00 -12.70
CA GLY B 212 -25.11 -24.81 -13.24
C GLY B 212 -24.53 -24.26 -14.51
N SER B 213 -23.64 -23.28 -14.39
CA SER B 213 -23.01 -22.66 -15.55
C SER B 213 -21.66 -22.06 -15.19
N ASN B 214 -21.14 -22.41 -14.01
CA ASN B 214 -19.86 -21.88 -13.57
C ASN B 214 -18.69 -22.52 -14.31
N SER B 215 -18.88 -23.70 -14.90
CA SER B 215 -17.85 -24.40 -15.65
C SER B 215 -18.05 -24.28 -17.15
N PHE B 216 -18.62 -23.17 -17.60
CA PHE B 216 -18.87 -22.94 -19.02
C PHE B 216 -18.55 -21.50 -19.36
N SER B 217 -17.77 -21.31 -20.43
CA SER B 217 -17.37 -19.98 -20.88
C SER B 217 -18.07 -19.68 -22.21
N PHE B 218 -18.79 -18.58 -22.26
CA PHE B 218 -19.54 -18.18 -23.44
C PHE B 218 -18.75 -17.17 -24.26
N ILE B 219 -18.96 -17.20 -25.58
CA ILE B 219 -18.30 -16.29 -26.51
C ILE B 219 -19.39 -15.60 -27.33
N GLU B 220 -19.37 -14.27 -27.32
CA GLU B 220 -20.36 -13.47 -28.04
C GLU B 220 -19.80 -13.02 -29.38
N SER B 221 -20.53 -13.31 -30.45
CA SER B 221 -20.17 -12.92 -31.81
C SER B 221 -21.29 -12.09 -32.39
N PRO B 222 -21.27 -10.77 -32.22
CA PRO B 222 -22.34 -9.93 -32.76
C PRO B 222 -22.38 -9.99 -34.28
N GLY B 223 -23.58 -10.15 -34.82
CA GLY B 223 -23.78 -10.24 -36.26
C GLY B 223 -23.68 -11.65 -36.81
N LYS B 224 -23.22 -12.62 -36.03
CA LYS B 224 -23.10 -14.00 -36.50
C LYS B 224 -23.79 -14.95 -35.54
N GLY B 225 -23.33 -15.00 -34.30
CA GLY B 225 -23.93 -15.89 -33.33
C GLY B 225 -23.06 -15.99 -32.09
N TYR B 226 -23.44 -16.94 -31.23
CA TYR B 226 -22.76 -17.17 -29.96
C TYR B 226 -21.95 -18.45 -30.03
N ALA B 227 -21.29 -18.78 -28.91
CA ALA B 227 -20.48 -19.98 -28.82
C ALA B 227 -20.36 -20.38 -27.36
N ILE B 228 -20.19 -21.68 -27.13
CA ILE B 228 -20.06 -22.24 -25.80
C ILE B 228 -18.79 -23.07 -25.74
N VAL B 229 -18.03 -22.93 -24.65
CA VAL B 229 -16.79 -23.67 -24.44
C VAL B 229 -16.86 -24.31 -23.06
N ASP B 230 -16.57 -25.61 -22.99
CA ASP B 230 -16.67 -26.37 -21.74
C ASP B 230 -15.38 -26.17 -20.95
N GLU B 231 -15.28 -25.01 -20.31
CA GLU B 231 -14.13 -24.69 -19.47
C GLU B 231 -14.52 -23.56 -18.54
N PRO B 232 -13.91 -23.47 -17.35
CA PRO B 232 -14.21 -22.36 -16.44
C PRO B 232 -13.75 -21.04 -17.01
N PHE B 233 -14.21 -19.97 -16.38
CA PHE B 233 -13.84 -18.62 -16.81
C PHE B 233 -12.39 -18.32 -16.46
N SER B 234 -11.70 -17.64 -17.37
CA SER B 234 -10.30 -17.28 -17.17
C SER B 234 -10.23 -15.93 -16.47
N GLU B 235 -9.80 -15.93 -15.21
CA GLU B 235 -9.69 -14.70 -14.45
C GLU B 235 -8.38 -13.98 -14.78
N ILE B 236 -7.25 -14.65 -14.57
CA ILE B 236 -5.94 -14.08 -14.87
C ILE B 236 -5.52 -14.49 -16.27
N PRO B 237 -5.12 -13.55 -17.12
CA PRO B 237 -4.70 -13.93 -18.48
C PRO B 237 -3.29 -14.51 -18.48
N ARG B 238 -3.11 -15.56 -19.28
CA ARG B 238 -1.81 -16.22 -19.41
C ARG B 238 -1.68 -16.75 -20.83
N GLN B 239 -0.43 -16.97 -21.23
CA GLN B 239 -0.14 -17.46 -22.57
C GLN B 239 -0.56 -18.91 -22.73
N GLY B 240 -0.86 -19.29 -23.97
CA GLY B 240 -1.26 -20.65 -24.29
C GLY B 240 -2.68 -21.01 -23.91
N PHE B 241 -3.54 -20.02 -23.63
CA PHE B 241 -4.92 -20.28 -23.25
C PHE B 241 -5.82 -19.28 -23.94
N LEU B 242 -7.08 -19.67 -24.14
CA LEU B 242 -8.05 -18.81 -24.80
C LEU B 242 -8.38 -17.61 -23.91
N GLY B 243 -8.04 -16.42 -24.39
CA GLY B 243 -8.26 -15.21 -23.64
C GLY B 243 -7.02 -14.56 -23.05
N GLU B 244 -5.88 -14.66 -23.73
CA GLU B 244 -4.64 -14.09 -23.22
C GLU B 244 -4.56 -12.58 -23.43
N ILE B 245 -5.30 -12.04 -24.38
CA ILE B 245 -5.31 -10.61 -24.67
C ILE B 245 -6.75 -10.12 -24.54
N ARG B 246 -7.02 -9.32 -23.52
CA ARG B 246 -8.35 -8.78 -23.27
C ARG B 246 -8.34 -7.27 -23.41
N CYS B 247 -9.53 -6.71 -23.62
CA CYS B 247 -9.68 -5.27 -23.79
C CYS B 247 -10.95 -4.78 -23.12
N ASN B 248 -11.55 -3.72 -23.65
CA ASN B 248 -12.78 -3.16 -23.11
C ASN B 248 -13.85 -2.86 -24.13
N SER B 249 -13.52 -2.77 -25.41
CA SER B 249 -14.51 -2.49 -26.45
C SER B 249 -14.02 -3.10 -27.76
N GLU B 250 -14.84 -2.96 -28.81
CA GLU B 250 -14.47 -3.49 -30.12
C GLU B 250 -13.34 -2.68 -30.75
N SER B 251 -13.32 -1.37 -30.53
CA SER B 251 -12.25 -0.54 -31.07
C SER B 251 -10.90 -0.85 -30.43
N SER B 252 -10.91 -1.33 -29.18
CA SER B 252 -9.67 -1.72 -28.53
C SER B 252 -9.10 -3.00 -29.10
N VAL B 253 -9.90 -3.78 -29.82
CA VAL B 253 -9.44 -5.02 -30.44
C VAL B 253 -9.12 -4.81 -31.92
N LEU B 254 -9.95 -4.04 -32.61
CA LEU B 254 -9.70 -3.79 -34.04
C LEU B 254 -8.48 -2.90 -34.25
N SER B 255 -8.12 -2.10 -33.25
CA SER B 255 -6.97 -1.22 -33.35
C SER B 255 -5.83 -1.61 -32.41
N ALA B 256 -6.06 -2.54 -31.49
CA ALA B 256 -5.05 -3.01 -30.54
C ALA B 256 -4.48 -1.85 -29.73
N HIS B 257 -5.35 -1.21 -28.95
CA HIS B 257 -4.95 -0.08 -28.13
C HIS B 257 -4.12 -0.56 -26.94
N GLU B 258 -3.28 0.35 -26.42
CA GLU B 258 -2.40 0.00 -25.31
C GLU B 258 -3.15 -0.15 -23.99
N SER B 259 -4.41 0.27 -23.94
CA SER B 259 -5.18 0.15 -22.70
C SER B 259 -5.62 -1.28 -22.43
N CYS B 260 -5.59 -2.15 -23.44
CA CYS B 260 -6.00 -3.53 -23.25
C CYS B 260 -4.89 -4.32 -22.58
N LEU B 261 -5.27 -5.17 -21.63
CA LEU B 261 -4.30 -5.99 -20.91
C LEU B 261 -3.92 -7.21 -21.73
N ARG B 262 -2.69 -7.69 -21.52
CA ARG B 262 -2.18 -8.84 -22.23
C ARG B 262 -1.17 -9.56 -21.34
N ALA B 263 -0.85 -10.79 -21.73
CA ALA B 263 0.11 -11.59 -20.98
C ALA B 263 1.54 -11.27 -21.39
N PRO B 264 2.49 -11.33 -20.45
CA PRO B 264 3.89 -11.04 -20.80
C PRO B 264 4.53 -12.15 -21.62
N ASN B 265 5.84 -12.03 -21.85
CA ASN B 265 6.68 -12.93 -22.64
C ASN B 265 5.92 -13.85 -23.58
N LEU B 266 5.07 -13.27 -24.43
CA LEU B 266 4.26 -14.01 -25.38
C LEU B 266 4.86 -14.04 -26.78
N ILE B 267 5.27 -12.90 -27.30
CA ILE B 267 5.82 -12.80 -28.65
C ILE B 267 7.21 -13.44 -28.65
N SER B 268 7.33 -14.60 -29.29
CA SER B 268 8.61 -15.31 -29.33
C SER B 268 9.50 -14.74 -30.42
N TYR B 269 10.79 -14.60 -30.10
CA TYR B 269 11.78 -14.04 -31.00
C TYR B 269 12.83 -15.11 -31.30
N LYS B 270 13.17 -15.26 -32.58
CA LYS B 270 14.19 -16.21 -33.04
C LYS B 270 15.23 -15.44 -33.85
N PRO B 271 16.21 -14.82 -33.19
CA PRO B 271 17.24 -14.09 -33.91
C PRO B 271 18.28 -15.03 -34.52
N MET B 272 18.78 -14.65 -35.70
CA MET B 272 19.79 -15.42 -36.42
C MET B 272 20.83 -14.45 -36.97
N ILE B 273 21.64 -13.88 -36.07
CA ILE B 273 22.69 -12.92 -36.40
C ILE B 273 22.08 -11.73 -37.13
N ASP B 274 21.81 -11.90 -38.43
CA ASP B 274 21.20 -10.85 -39.24
C ASP B 274 19.70 -11.06 -39.45
N GLN B 275 19.28 -12.30 -39.65
CA GLN B 275 17.87 -12.60 -39.83
C GLN B 275 17.15 -12.62 -38.49
N LEU B 276 15.82 -12.72 -38.54
CA LEU B 276 15.00 -12.76 -37.34
C LEU B 276 13.66 -13.38 -37.69
N GLU B 277 13.13 -14.19 -36.77
CA GLU B 277 11.84 -14.86 -36.95
C GLU B 277 11.06 -14.70 -35.65
N CYS B 278 10.20 -13.68 -35.59
CA CYS B 278 9.38 -13.41 -34.41
C CYS B 278 7.99 -13.98 -34.66
N THR B 279 7.69 -15.09 -34.00
CA THR B 279 6.40 -15.77 -34.13
C THR B 279 5.70 -15.81 -32.80
N THR B 280 4.37 -15.88 -32.85
CA THR B 280 3.53 -15.93 -31.65
C THR B 280 2.67 -17.20 -31.68
N ASN B 281 2.52 -17.81 -30.52
CA ASN B 281 1.70 -19.01 -30.37
C ASN B 281 0.36 -18.67 -29.73
N LEU B 282 -0.37 -17.76 -30.38
CA LEU B 282 -1.65 -17.30 -29.88
C LEU B 282 -2.74 -18.31 -30.20
N ILE B 283 -3.87 -18.16 -29.50
CA ILE B 283 -5.03 -19.03 -29.67
C ILE B 283 -6.07 -18.26 -30.47
N ASP B 284 -6.53 -18.86 -31.57
CA ASP B 284 -7.51 -18.22 -32.44
C ASP B 284 -8.91 -18.61 -31.97
N PRO B 285 -9.71 -17.67 -31.45
CA PRO B 285 -11.07 -18.02 -31.01
C PRO B 285 -12.04 -18.29 -32.15
N PHE B 286 -11.68 -17.94 -33.39
CA PHE B 286 -12.58 -18.19 -34.51
C PHE B 286 -12.72 -19.67 -34.82
N VAL B 287 -11.64 -20.44 -34.63
CA VAL B 287 -11.70 -21.88 -34.86
C VAL B 287 -12.62 -22.54 -33.83
N VAL B 288 -12.50 -22.15 -32.56
CA VAL B 288 -13.40 -22.67 -31.54
C VAL B 288 -14.84 -22.22 -31.80
N PHE B 289 -15.02 -20.99 -32.32
CA PHE B 289 -16.35 -20.54 -32.69
C PHE B 289 -16.94 -21.39 -33.80
N GLU B 290 -16.11 -21.84 -34.75
CA GLU B 290 -16.58 -22.72 -35.81
C GLU B 290 -16.83 -24.13 -35.29
N ARG B 291 -16.11 -24.56 -34.26
CA ARG B 291 -16.31 -25.89 -33.68
C ARG B 291 -17.59 -25.92 -32.83
N GLY B 292 -17.55 -25.27 -31.67
CA GLY B 292 -18.70 -25.25 -30.79
C GLY B 292 -19.53 -23.98 -30.92
N SER B 293 -20.69 -24.10 -31.55
CA SER B 293 -21.58 -22.97 -31.76
C SER B 293 -23.00 -23.35 -31.36
N LEU B 294 -23.70 -22.42 -30.72
CA LEU B 294 -25.06 -22.67 -30.30
C LEU B 294 -25.98 -22.85 -31.51
N PRO B 295 -27.07 -23.63 -31.38
CA PRO B 295 -27.51 -24.34 -30.17
C PRO B 295 -26.68 -25.59 -29.86
N GLN B 296 -26.47 -25.86 -28.57
CA GLN B 296 -25.73 -27.02 -28.11
C GLN B 296 -26.45 -27.64 -26.93
N THR B 297 -26.56 -28.97 -26.93
CA THR B 297 -27.21 -29.71 -25.86
C THR B 297 -26.15 -30.14 -24.85
N ARG B 298 -26.24 -29.61 -23.63
CA ARG B 298 -25.30 -29.91 -22.56
C ARG B 298 -26.02 -30.61 -21.44
N ASN B 299 -25.48 -31.77 -21.02
CA ASN B 299 -26.05 -32.57 -19.94
C ASN B 299 -27.51 -32.94 -20.24
N ASP B 300 -28.44 -32.05 -19.89
CA ASP B 300 -29.85 -32.31 -20.13
C ASP B 300 -30.62 -31.06 -20.55
N LYS B 301 -29.94 -29.95 -20.83
CA LYS B 301 -30.58 -28.72 -21.27
C LYS B 301 -30.03 -28.30 -22.63
N THR B 302 -30.84 -27.53 -23.35
CA THR B 302 -30.49 -27.04 -24.68
C THR B 302 -30.18 -25.56 -24.59
N PHE B 303 -28.98 -25.17 -25.01
CA PHE B 303 -28.54 -23.78 -24.99
C PHE B 303 -28.58 -23.20 -26.40
N ALA B 304 -29.06 -21.97 -26.50
CA ALA B 304 -29.17 -21.30 -27.79
C ALA B 304 -29.09 -19.79 -27.56
N ALA B 305 -29.34 -19.02 -28.62
CA ALA B 305 -29.32 -17.58 -28.57
C ALA B 305 -30.73 -17.02 -28.70
N SER B 306 -30.95 -15.85 -28.08
CA SER B 306 -32.27 -15.24 -28.11
C SER B 306 -32.61 -14.75 -29.52
N LYS B 307 -33.90 -14.75 -29.82
CA LYS B 307 -34.36 -14.32 -31.14
C LYS B 307 -34.48 -12.81 -31.21
N GLY B 308 -34.08 -12.25 -32.36
CA GLY B 308 -34.14 -10.81 -32.55
C GLY B 308 -33.05 -10.06 -31.84
N ASN B 309 -33.22 -9.85 -30.54
CA ASN B 309 -32.24 -9.13 -29.74
C ASN B 309 -31.11 -10.05 -29.32
N ARG B 310 -30.22 -9.54 -28.46
CA ARG B 310 -29.08 -10.31 -27.99
C ARG B 310 -29.37 -10.91 -26.62
N GLY B 311 -28.69 -12.00 -26.32
CA GLY B 311 -28.85 -12.70 -25.05
C GLY B 311 -28.81 -14.21 -25.24
N VAL B 312 -28.32 -14.90 -24.23
CA VAL B 312 -28.24 -16.36 -24.25
C VAL B 312 -29.50 -16.94 -23.63
N GLN B 313 -30.15 -17.85 -24.34
CA GLN B 313 -31.37 -18.49 -23.88
C GLN B 313 -31.12 -19.99 -23.69
N ALA B 314 -32.01 -20.60 -22.90
CA ALA B 314 -31.95 -22.03 -22.64
C ALA B 314 -33.37 -22.58 -22.57
N PHE B 315 -33.56 -23.78 -23.10
CA PHE B 315 -34.86 -24.43 -23.14
C PHE B 315 -35.02 -25.38 -21.95
N SER B 316 -36.26 -25.53 -21.49
CA SER B 316 -36.55 -26.41 -20.36
C SER B 316 -38.01 -26.83 -20.44
N LYS B 317 -38.33 -27.90 -19.71
CA LYS B 317 -39.69 -28.42 -19.69
C LYS B 317 -40.49 -27.80 -18.54
N GLY B 318 -41.80 -27.99 -18.61
CA GLY B 318 -42.68 -27.46 -17.58
C GLY B 318 -43.72 -26.50 -18.12
N SER B 319 -44.75 -26.20 -17.32
CA SER B 319 -45.80 -25.28 -17.73
C SER B 319 -45.41 -23.85 -17.39
N VAL B 320 -46.41 -22.99 -17.20
CA VAL B 320 -46.18 -21.58 -16.86
C VAL B 320 -47.17 -21.17 -15.79
N GLN B 321 -46.66 -20.63 -14.68
CA GLN B 321 -47.49 -20.16 -13.57
C GLN B 321 -46.86 -18.87 -13.06
N ALA B 322 -47.31 -17.73 -13.57
CA ALA B 322 -46.73 -16.45 -13.22
C ALA B 322 -47.83 -15.41 -13.04
N ASP B 323 -47.61 -14.49 -12.09
CA ASP B 323 -48.50 -13.38 -11.85
C ASP B 323 -47.74 -12.07 -12.05
N LEU B 324 -48.41 -11.09 -12.65
CA LEU B 324 -47.80 -9.80 -12.97
C LEU B 324 -48.42 -8.69 -12.14
N THR B 325 -47.66 -7.62 -11.98
CA THR B 325 -48.12 -6.42 -11.28
C THR B 325 -47.73 -5.21 -12.10
N LEU B 326 -48.72 -4.50 -12.63
CA LEU B 326 -48.51 -3.34 -13.48
C LEU B 326 -48.64 -2.07 -12.66
N MET B 327 -47.67 -1.19 -12.77
CA MET B 327 -47.64 0.08 -12.03
C MET B 327 -47.87 1.23 -13.00
N PHE B 328 -48.81 2.10 -12.66
CA PHE B 328 -49.15 3.27 -13.48
C PHE B 328 -48.65 4.52 -12.77
N ASP B 329 -47.70 5.20 -13.39
CA ASP B 329 -47.10 6.42 -12.81
C ASP B 329 -47.71 7.66 -13.45
N ASN B 330 -49.03 7.80 -13.29
CA ASN B 330 -49.78 8.95 -13.79
C ASN B 330 -49.60 9.11 -15.30
N PHE B 331 -50.35 8.34 -16.08
CA PHE B 331 -50.30 8.40 -17.54
C PHE B 331 -51.61 8.95 -18.07
N GLU B 332 -51.53 9.74 -19.14
CA GLU B 332 -52.70 10.38 -19.73
C GLU B 332 -53.23 9.54 -20.89
N VAL B 333 -54.52 9.21 -20.83
CA VAL B 333 -55.19 8.45 -21.87
C VAL B 333 -56.43 9.23 -22.28
N ASP B 334 -56.42 9.76 -23.51
CA ASP B 334 -57.52 10.56 -24.03
C ASP B 334 -58.16 9.85 -25.23
N PHE B 335 -59.34 10.32 -25.60
CA PHE B 335 -60.09 9.77 -26.73
C PHE B 335 -60.79 10.91 -27.44
N VAL B 336 -60.48 11.08 -28.73
CA VAL B 336 -60.98 12.22 -29.50
C VAL B 336 -62.42 12.00 -29.89
N GLY B 337 -62.64 11.29 -31.00
CA GLY B 337 -63.98 11.10 -31.53
C GLY B 337 -64.77 10.00 -30.84
N ALA B 338 -65.33 9.09 -31.63
CA ALA B 338 -66.13 8.01 -31.10
C ALA B 338 -66.04 6.81 -32.05
N ALA B 339 -66.31 5.63 -31.52
CA ALA B 339 -66.25 4.41 -32.31
C ALA B 339 -67.53 4.25 -33.14
N VAL B 340 -67.43 3.41 -34.17
CA VAL B 340 -68.54 3.14 -35.06
C VAL B 340 -69.08 1.75 -34.78
N SER B 341 -70.20 1.42 -35.41
CA SER B 341 -70.83 0.14 -35.22
C SER B 341 -70.11 -0.94 -36.03
N CYS B 342 -70.45 -2.20 -35.76
CA CYS B 342 -69.84 -3.32 -36.45
C CYS B 342 -70.70 -4.55 -36.23
N ASP B 343 -70.57 -5.52 -37.14
CA ASP B 343 -71.30 -6.77 -37.09
C ASP B 343 -70.33 -7.92 -36.93
N ALA B 344 -70.60 -8.80 -35.97
CA ALA B 344 -69.77 -9.95 -35.69
C ALA B 344 -70.48 -11.24 -36.11
N ALA B 345 -69.69 -12.30 -36.25
CA ALA B 345 -70.21 -13.60 -36.65
C ALA B 345 -69.34 -14.69 -36.05
N PHE B 346 -69.94 -15.86 -35.84
CA PHE B 346 -69.22 -16.99 -35.27
C PHE B 346 -68.45 -17.72 -36.36
N LEU B 347 -67.25 -18.19 -36.00
CA LEU B 347 -66.40 -18.92 -36.93
C LEU B 347 -66.22 -20.37 -36.49
N ASN B 348 -65.31 -20.61 -35.55
CA ASN B 348 -65.05 -21.95 -35.07
C ASN B 348 -64.60 -21.88 -33.62
N LEU B 349 -64.61 -23.05 -32.97
CA LEU B 349 -64.20 -23.18 -31.58
C LEU B 349 -63.42 -24.46 -31.40
N THR B 350 -62.27 -24.37 -30.73
CA THR B 350 -61.43 -25.53 -30.49
C THR B 350 -60.76 -25.36 -29.12
N GLY B 351 -59.93 -26.34 -28.77
CA GLY B 351 -59.23 -26.31 -27.50
C GLY B 351 -59.76 -27.32 -26.51
N CYS B 352 -59.80 -26.95 -25.23
CA CYS B 352 -60.28 -27.83 -24.18
C CYS B 352 -60.95 -26.99 -23.10
N TYR B 353 -61.50 -27.69 -22.10
CA TYR B 353 -62.17 -27.04 -20.98
C TYR B 353 -61.52 -27.47 -19.67
N SER B 354 -61.52 -26.55 -18.71
CA SER B 354 -60.95 -26.80 -17.38
C SER B 354 -59.47 -27.22 -17.48
N CYS B 355 -58.70 -26.44 -18.23
CA CYS B 355 -57.28 -26.72 -18.43
C CYS B 355 -56.53 -25.40 -18.47
N ASN B 356 -55.20 -25.51 -18.51
CA ASN B 356 -54.34 -24.32 -18.55
C ASN B 356 -54.28 -23.69 -19.94
N ALA B 357 -54.66 -24.43 -20.98
CA ALA B 357 -54.63 -23.90 -22.34
C ALA B 357 -55.80 -22.95 -22.58
N GLY B 358 -57.00 -23.49 -22.72
CA GLY B 358 -58.20 -22.73 -22.94
C GLY B 358 -58.94 -23.23 -24.16
N ALA B 359 -59.77 -22.36 -24.74
CA ALA B 359 -60.56 -22.69 -25.92
C ALA B 359 -60.44 -21.54 -26.91
N ARG B 360 -59.78 -21.79 -28.04
CA ARG B 360 -59.61 -20.78 -29.07
C ARG B 360 -60.90 -20.64 -29.87
N VAL B 361 -61.45 -19.43 -29.90
CA VAL B 361 -62.69 -19.13 -30.62
C VAL B 361 -62.38 -18.08 -31.67
N CYS B 362 -63.06 -18.18 -32.82
CA CYS B 362 -62.90 -17.24 -33.92
C CYS B 362 -64.17 -16.42 -34.07
N LEU B 363 -64.01 -15.11 -34.26
CA LEU B 363 -65.12 -14.20 -34.42
C LEU B 363 -64.82 -13.25 -35.58
N SER B 364 -65.53 -13.43 -36.69
CA SER B 364 -65.34 -12.58 -37.86
C SER B 364 -66.05 -11.25 -37.62
N ILE B 365 -65.27 -10.19 -37.48
CA ILE B 365 -65.80 -8.85 -37.21
C ILE B 365 -65.84 -8.08 -38.52
N THR B 366 -67.01 -7.53 -38.84
CA THR B 366 -67.21 -6.72 -40.05
C THR B 366 -67.62 -5.33 -39.62
N SER B 367 -66.71 -4.36 -39.77
CA SER B 367 -66.95 -2.98 -39.37
C SER B 367 -66.62 -2.06 -40.54
N THR B 368 -66.74 -0.75 -40.30
CA THR B 368 -66.44 0.25 -41.32
C THR B 368 -65.28 1.17 -40.93
N GLY B 369 -64.79 1.09 -39.70
CA GLY B 369 -63.70 1.93 -39.28
C GLY B 369 -62.89 1.25 -38.19
N THR B 370 -61.91 1.99 -37.67
CA THR B 370 -61.04 1.48 -36.62
C THR B 370 -61.74 1.62 -35.27
N GLY B 371 -62.10 0.50 -34.67
CA GLY B 371 -62.77 0.51 -33.38
C GLY B 371 -62.32 -0.61 -32.47
N SER B 372 -63.07 -0.85 -31.39
CA SER B 372 -62.75 -1.90 -30.43
C SER B 372 -64.06 -2.58 -30.03
N LEU B 373 -64.30 -3.76 -30.59
CA LEU B 373 -65.50 -4.52 -30.27
C LEU B 373 -65.39 -5.15 -28.89
N SER B 374 -66.49 -5.14 -28.15
CA SER B 374 -66.53 -5.68 -26.79
C SER B 374 -67.80 -6.49 -26.63
N ALA B 375 -67.64 -7.78 -26.34
CA ALA B 375 -68.76 -8.69 -26.12
C ALA B 375 -68.78 -9.12 -24.66
N HIS B 376 -69.97 -9.10 -24.05
CA HIS B 376 -70.15 -9.47 -22.65
C HIS B 376 -71.24 -10.52 -22.54
N ASN B 377 -71.12 -11.38 -21.53
CA ASN B 377 -72.11 -12.42 -21.30
C ASN B 377 -73.26 -11.92 -20.46
N LYS B 378 -73.82 -12.78 -19.60
CA LYS B 378 -74.95 -12.42 -18.76
C LYS B 378 -74.57 -12.31 -17.29
N ASP B 379 -73.85 -13.30 -16.75
CA ASP B 379 -73.49 -13.27 -15.34
C ASP B 379 -72.39 -12.25 -15.06
N GLY B 380 -71.52 -11.99 -16.04
CA GLY B 380 -70.45 -11.05 -15.88
C GLY B 380 -69.09 -11.65 -15.56
N SER B 381 -68.80 -12.86 -16.02
CA SER B 381 -67.53 -13.51 -15.77
C SER B 381 -66.59 -13.51 -16.96
N LEU B 382 -67.13 -13.53 -18.18
CA LEU B 382 -66.33 -13.53 -19.39
C LEU B 382 -66.41 -12.17 -20.08
N HIS B 383 -65.26 -11.67 -20.51
CA HIS B 383 -65.16 -10.37 -21.18
C HIS B 383 -64.41 -10.55 -22.49
N ILE B 384 -64.91 -9.92 -23.55
CA ILE B 384 -64.34 -10.03 -24.88
C ILE B 384 -64.02 -8.63 -25.39
N VAL B 385 -62.76 -8.41 -25.78
CA VAL B 385 -62.32 -7.16 -26.37
C VAL B 385 -61.43 -7.50 -27.56
N LEU B 386 -61.89 -7.19 -28.76
CA LEU B 386 -61.15 -7.48 -29.99
C LEU B 386 -61.12 -6.23 -30.86
N PRO B 387 -59.93 -5.80 -31.31
CA PRO B 387 -59.87 -4.62 -32.17
C PRO B 387 -60.54 -4.88 -33.52
N SER B 388 -61.23 -3.86 -34.03
CA SER B 388 -61.93 -3.95 -35.30
C SER B 388 -61.36 -2.93 -36.27
N GLU B 389 -61.38 -3.30 -37.56
CA GLU B 389 -60.87 -2.41 -38.60
C GLU B 389 -61.91 -2.21 -39.68
N ASN B 390 -61.49 -1.64 -40.82
CA ASN B 390 -62.40 -1.38 -41.92
C ASN B 390 -62.52 -2.63 -42.80
N GLY B 391 -63.72 -3.20 -42.86
CA GLY B 391 -63.96 -4.38 -43.66
C GLY B 391 -64.33 -5.60 -42.84
N THR B 392 -63.97 -6.78 -43.34
CA THR B 392 -64.26 -8.04 -42.67
C THR B 392 -62.93 -8.68 -42.28
N LYS B 393 -62.63 -8.67 -40.98
CA LYS B 393 -61.39 -9.23 -40.46
C LYS B 393 -61.73 -10.38 -39.51
N ASP B 394 -61.01 -11.49 -39.65
CA ASP B 394 -61.22 -12.65 -38.81
C ASP B 394 -60.48 -12.46 -37.49
N GLN B 395 -61.20 -12.60 -36.38
CA GLN B 395 -60.64 -12.42 -35.04
C GLN B 395 -60.85 -13.71 -34.24
N CYS B 396 -60.66 -13.60 -32.92
CA CYS B 396 -60.81 -14.74 -32.03
C CYS B 396 -59.80 -14.66 -30.89
N GLN B 397 -60.09 -15.34 -29.78
CA GLN B 397 -59.20 -15.30 -28.62
C GLN B 397 -59.40 -16.59 -27.82
N ILE B 398 -58.66 -16.70 -26.73
CA ILE B 398 -58.72 -17.87 -25.86
C ILE B 398 -59.70 -17.57 -24.73
N LEU B 399 -60.67 -18.46 -24.55
CA LEU B 399 -61.68 -18.34 -23.51
C LEU B 399 -61.74 -19.62 -22.69
N HIS B 400 -61.91 -19.47 -21.38
CA HIS B 400 -61.98 -20.61 -20.48
C HIS B 400 -63.43 -21.03 -20.26
N PHE B 401 -63.65 -22.34 -20.18
CA PHE B 401 -64.98 -22.89 -19.96
C PHE B 401 -64.88 -24.11 -19.05
N THR B 402 -65.99 -24.41 -18.39
CA THR B 402 -66.09 -25.56 -17.49
C THR B 402 -67.17 -26.53 -17.95
N VAL B 403 -67.42 -26.59 -19.25
CA VAL B 403 -68.45 -27.46 -19.81
C VAL B 403 -68.03 -27.91 -21.20
N PRO B 404 -68.13 -29.20 -21.53
CA PRO B 404 -67.75 -29.63 -22.88
C PRO B 404 -68.70 -29.14 -23.95
N GLU B 405 -69.99 -28.99 -23.63
CA GLU B 405 -70.98 -28.49 -24.59
C GLU B 405 -71.09 -26.98 -24.42
N VAL B 406 -70.20 -26.25 -25.10
CA VAL B 406 -70.17 -24.81 -24.99
C VAL B 406 -71.31 -24.22 -25.83
N GLU B 407 -72.18 -23.46 -25.17
CA GLU B 407 -73.31 -22.82 -25.86
C GLU B 407 -73.78 -21.66 -24.98
N GLU B 408 -73.34 -20.45 -25.33
CA GLU B 408 -73.63 -19.27 -24.52
C GLU B 408 -74.02 -18.12 -25.44
N GLU B 409 -74.99 -17.32 -24.99
CA GLU B 409 -75.44 -16.15 -25.74
C GLU B 409 -74.62 -14.94 -25.34
N PHE B 410 -73.84 -14.41 -26.27
CA PHE B 410 -72.99 -13.26 -26.03
C PHE B 410 -73.70 -11.98 -26.46
N MET B 411 -73.10 -10.84 -26.09
CA MET B 411 -73.63 -9.52 -26.40
C MET B 411 -72.47 -8.67 -26.89
N TYR B 412 -72.28 -8.62 -28.21
CA TYR B 412 -71.19 -7.85 -28.80
C TYR B 412 -71.65 -6.43 -29.12
N SER B 413 -70.76 -5.47 -28.94
CA SER B 413 -71.05 -4.07 -29.20
C SER B 413 -69.82 -3.39 -29.79
N CYS B 414 -70.05 -2.43 -30.67
CA CYS B 414 -68.98 -1.68 -31.30
C CYS B 414 -69.03 -0.18 -31.04
N ASP B 415 -70.20 0.38 -30.72
CA ASP B 415 -70.31 1.81 -30.46
C ASP B 415 -71.26 2.13 -29.30
N GLY B 416 -71.80 1.12 -28.62
CA GLY B 416 -72.70 1.37 -27.51
C GLY B 416 -73.78 0.31 -27.38
N ASP B 417 -74.61 0.17 -28.42
CA ASP B 417 -75.69 -0.81 -28.38
C ASP B 417 -75.14 -2.21 -28.59
N GLU B 418 -75.67 -3.16 -27.82
CA GLU B 418 -75.24 -4.54 -27.87
C GLU B 418 -76.17 -5.37 -28.75
N ARG B 419 -75.66 -6.52 -29.18
CA ARG B 419 -76.40 -7.45 -30.03
C ARG B 419 -76.09 -8.88 -29.59
N PRO B 420 -77.07 -9.78 -29.66
CA PRO B 420 -76.83 -11.16 -29.25
C PRO B 420 -75.98 -11.92 -30.26
N LEU B 421 -75.29 -12.95 -29.76
CA LEU B 421 -74.44 -13.78 -30.62
C LEU B 421 -74.25 -15.12 -29.90
N LEU B 422 -75.05 -16.11 -30.28
CA LEU B 422 -74.97 -17.43 -29.67
C LEU B 422 -73.75 -18.18 -30.20
N VAL B 423 -72.96 -18.71 -29.29
CA VAL B 423 -71.77 -19.49 -29.64
C VAL B 423 -71.93 -20.90 -29.08
N LYS B 424 -71.32 -21.86 -29.78
CA LYS B 424 -71.39 -23.25 -29.39
C LYS B 424 -70.08 -23.93 -29.77
N GLY B 425 -69.97 -25.21 -29.45
CA GLY B 425 -68.79 -25.99 -29.75
C GLY B 425 -68.61 -27.11 -28.76
N THR B 426 -67.80 -28.09 -29.15
CA THR B 426 -67.50 -29.26 -28.34
C THR B 426 -66.01 -29.27 -28.03
N LEU B 427 -65.67 -29.34 -26.75
CA LEU B 427 -64.29 -29.35 -26.29
C LEU B 427 -63.91 -30.73 -25.77
N ILE B 428 -62.62 -30.91 -25.51
CA ILE B 428 -62.10 -32.18 -25.00
C ILE B 428 -61.57 -31.96 -23.59
N ALA B 429 -61.44 -33.07 -22.86
CA ALA B 429 -60.97 -33.02 -21.48
C ALA B 429 -59.44 -32.93 -21.47
N ILE B 430 -58.93 -31.78 -21.06
CA ILE B 430 -57.49 -31.54 -20.98
C ILE B 430 -57.16 -31.10 -19.56
N ASP B 431 -56.29 -31.87 -18.91
CA ASP B 431 -55.90 -31.56 -17.53
C ASP B 431 -54.75 -30.56 -17.50
N GLU C 1 39.80 10.51 10.89
CA GLU C 1 38.96 11.45 11.62
C GLU C 1 39.75 12.68 12.05
N ASP C 2 41.05 12.50 12.27
CA ASP C 2 41.90 13.61 12.68
C ASP C 2 42.38 14.38 11.45
N PRO C 3 42.35 15.72 11.50
CA PRO C 3 42.81 16.51 10.35
C PRO C 3 44.32 16.47 10.18
N HIS C 4 44.85 15.34 9.74
CA HIS C 4 46.28 15.17 9.52
C HIS C 4 46.52 14.38 8.25
N LEU C 5 45.90 14.81 7.15
CA LEU C 5 46.04 14.12 5.88
C LEU C 5 47.24 14.59 5.07
N ARG C 6 47.67 15.84 5.26
CA ARG C 6 48.80 16.37 4.52
C ARG C 6 50.15 16.10 5.20
N ASN C 7 50.13 15.62 6.45
CA ASN C 7 51.37 15.30 7.14
C ASN C 7 52.01 14.05 6.56
N ARG C 8 52.95 14.22 5.65
CA ARG C 8 53.57 13.07 4.98
C ARG C 8 54.85 12.67 5.71
N PRO C 9 54.98 11.42 6.14
CA PRO C 9 56.20 11.00 6.83
C PRO C 9 57.37 10.86 5.87
N GLY C 10 58.57 10.80 6.44
CA GLY C 10 59.76 10.67 5.62
C GLY C 10 60.21 12.01 5.06
N LYS C 11 60.60 12.01 3.79
CA LYS C 11 61.06 13.24 3.16
C LYS C 11 59.88 14.12 2.77
N GLY C 12 58.94 13.58 2.00
CA GLY C 12 57.77 14.33 1.57
C GLY C 12 57.88 14.98 0.22
N HIS C 13 58.91 14.64 -0.57
CA HIS C 13 59.07 15.23 -1.90
C HIS C 13 58.06 14.65 -2.87
N ASN C 14 57.45 15.52 -3.67
CA ASN C 14 56.43 15.13 -4.65
C ASN C 14 56.69 15.91 -5.94
N TYR C 15 57.74 15.51 -6.66
CA TYR C 15 58.08 16.11 -7.93
C TYR C 15 58.63 15.04 -8.86
N ILE C 16 58.31 15.14 -10.14
CA ILE C 16 58.73 14.16 -11.12
C ILE C 16 60.18 14.43 -11.53
N ASP C 17 60.88 13.36 -11.93
CA ASP C 17 62.26 13.47 -12.36
C ASP C 17 62.33 13.81 -13.84
N GLY C 18 63.40 14.50 -14.22
CA GLY C 18 63.63 14.92 -15.59
C GLY C 18 63.12 16.32 -15.90
N MET C 19 61.95 16.67 -15.39
CA MET C 19 61.34 18.00 -15.59
C MET C 19 61.02 18.57 -14.20
N THR C 20 62.03 19.19 -13.59
CA THR C 20 61.90 19.78 -12.25
C THR C 20 61.41 21.22 -12.42
N GLN C 21 60.10 21.42 -12.32
CA GLN C 21 59.50 22.74 -12.45
C GLN C 21 58.78 23.21 -11.20
N GLU C 22 58.36 22.31 -10.31
CA GLU C 22 57.67 22.68 -9.09
C GLU C 22 58.43 22.23 -7.84
N ASP C 23 59.71 21.89 -7.98
CA ASP C 23 60.50 21.43 -6.84
C ASP C 23 60.77 22.54 -5.84
N ALA C 24 60.69 23.80 -6.25
CA ALA C 24 60.93 24.90 -5.33
C ALA C 24 59.78 25.10 -4.35
N THR C 25 58.58 24.66 -4.69
CA THR C 25 57.42 24.79 -3.82
C THR C 25 56.85 23.44 -3.39
N CYS C 26 57.60 22.35 -3.57
CA CYS C 26 57.14 21.02 -3.20
C CYS C 26 58.23 20.23 -2.49
N LYS C 27 59.17 20.93 -1.86
CA LYS C 27 60.27 20.28 -1.13
C LYS C 27 60.48 21.01 0.19
N PRO C 28 59.78 20.59 1.26
CA PRO C 28 58.80 19.51 1.23
C PRO C 28 57.41 19.99 0.82
N VAL C 29 56.40 19.13 1.01
CA VAL C 29 55.02 19.46 0.70
C VAL C 29 54.31 19.74 2.02
N THR C 30 53.96 21.00 2.24
CA THR C 30 53.29 21.44 3.47
C THR C 30 51.97 22.12 3.10
N TYR C 31 51.36 22.79 4.09
CA TYR C 31 50.11 23.48 3.85
C TYR C 31 50.29 24.67 2.92
N ALA C 32 51.46 25.31 2.95
CA ALA C 32 51.74 26.45 2.09
C ALA C 32 52.32 25.98 0.77
N GLY C 33 51.79 26.51 -0.33
CA GLY C 33 52.22 26.16 -1.66
C GLY C 33 51.12 25.46 -2.45
N ALA C 34 51.45 25.17 -3.71
CA ALA C 34 50.53 24.51 -4.63
C ALA C 34 51.31 23.50 -5.45
N CYS C 35 51.03 22.22 -5.25
CA CYS C 35 51.68 21.13 -5.97
C CYS C 35 50.61 20.33 -6.70
N SER C 36 50.67 20.33 -8.04
CA SER C 36 49.69 19.60 -8.82
C SER C 36 49.90 18.09 -8.77
N SER C 37 51.08 17.64 -8.34
CA SER C 37 51.37 16.21 -8.24
C SER C 37 50.98 15.63 -6.89
N PHE C 38 50.25 16.36 -6.06
CA PHE C 38 49.84 15.87 -4.76
C PHE C 38 48.40 16.25 -4.46
N ASP C 39 47.95 17.38 -5.00
CA ASP C 39 46.58 17.81 -4.78
C ASP C 39 45.56 16.90 -5.45
N VAL C 40 45.90 16.38 -6.63
CA VAL C 40 44.98 15.48 -7.35
C VAL C 40 44.75 14.19 -6.57
N LEU C 41 45.67 13.83 -5.67
CA LEU C 41 45.49 12.66 -4.83
C LEU C 41 44.58 12.92 -3.64
N LEU C 42 44.20 14.18 -3.39
CA LEU C 42 43.34 14.52 -2.28
C LEU C 42 41.94 14.92 -2.72
N GLU C 43 41.63 14.84 -4.01
CA GLU C 43 40.31 15.19 -4.50
C GLU C 43 39.32 14.06 -4.21
N LYS C 44 38.14 14.43 -3.71
CA LYS C 44 37.12 13.45 -3.39
C LYS C 44 36.44 12.97 -4.66
N GLY C 45 36.55 11.67 -4.95
CA GLY C 45 35.96 11.09 -6.13
C GLY C 45 36.94 10.66 -7.20
N LYS C 46 38.24 10.79 -6.96
CA LYS C 46 39.24 10.41 -7.95
C LYS C 46 39.91 9.10 -7.55
N PHE C 47 40.82 9.14 -6.58
CA PHE C 47 41.55 7.98 -6.09
C PHE C 47 41.18 7.75 -4.63
N PRO C 48 40.08 7.05 -4.35
CA PRO C 48 39.71 6.81 -2.95
C PRO C 48 40.60 5.79 -2.25
N LEU C 49 41.29 4.93 -3.00
CA LEU C 49 42.20 3.96 -2.38
C LEU C 49 43.32 4.66 -1.64
N PHE C 50 43.84 5.75 -2.21
CA PHE C 50 44.85 6.54 -1.50
C PHE C 50 44.23 7.31 -0.34
N GLN C 51 42.95 7.67 -0.44
CA GLN C 51 42.28 8.34 0.67
C GLN C 51 42.07 7.41 1.85
N SER C 52 41.92 6.10 1.59
CA SER C 52 41.78 5.15 2.68
C SER C 52 43.09 4.99 3.45
N TYR C 53 44.22 4.98 2.74
CA TYR C 53 45.53 4.88 3.37
C TYR C 53 46.31 6.16 3.16
N ALA C 54 45.79 7.29 3.64
CA ALA C 54 46.43 8.58 3.46
C ALA C 54 47.61 8.81 4.41
N HIS C 55 47.76 7.97 5.43
CA HIS C 55 48.85 8.09 6.40
C HIS C 55 50.08 7.29 6.01
N HIS C 56 50.29 7.04 4.72
CA HIS C 56 51.45 6.30 4.25
C HIS C 56 52.29 7.16 3.33
N ARG C 57 52.73 6.58 2.21
CA ARG C 57 53.57 7.29 1.25
C ARG C 57 53.05 7.04 -0.16
N THR C 58 53.49 7.88 -1.09
CA THR C 58 53.10 7.77 -2.48
C THR C 58 54.19 7.03 -3.25
N LEU C 59 54.22 7.19 -4.58
CA LEU C 59 55.25 6.56 -5.40
C LEU C 59 56.55 7.35 -5.39
N LEU C 60 56.47 8.67 -5.63
CA LEU C 60 57.66 9.50 -5.62
C LEU C 60 58.30 9.53 -4.24
N GLU C 61 57.47 9.60 -3.19
CA GLU C 61 58.01 9.56 -1.84
C GLU C 61 58.72 8.24 -1.55
N ALA C 62 58.23 7.14 -2.14
CA ALA C 62 58.92 5.86 -1.99
C ALA C 62 60.20 5.83 -2.81
N VAL C 63 60.25 6.57 -3.92
CA VAL C 63 61.47 6.62 -4.72
C VAL C 63 62.55 7.42 -4.00
N HIS C 64 62.19 8.55 -3.41
CA HIS C 64 63.18 9.37 -2.71
C HIS C 64 63.66 8.72 -1.41
N ASP C 65 62.94 7.72 -0.90
CA ASP C 65 63.32 7.03 0.32
C ASP C 65 64.13 5.76 0.04
N THR C 66 64.71 5.65 -1.15
CA THR C 66 65.53 4.51 -1.55
C THR C 66 64.76 3.19 -1.37
N ILE C 67 63.58 3.12 -1.98
CA ILE C 67 62.75 1.92 -1.91
C ILE C 67 62.42 1.48 -3.34
N ILE C 68 61.93 2.40 -4.15
CA ILE C 68 61.57 2.14 -5.54
C ILE C 68 62.59 2.82 -6.44
N ALA C 69 63.17 2.06 -7.36
CA ALA C 69 64.16 2.58 -8.27
C ALA C 69 63.50 3.40 -9.38
N LYS C 70 64.33 4.03 -10.20
CA LYS C 70 63.88 4.84 -11.32
C LYS C 70 64.17 4.13 -12.63
N ALA C 71 63.27 4.30 -13.60
CA ALA C 71 63.44 3.67 -14.90
C ALA C 71 64.52 4.38 -15.72
N ASP C 72 64.89 3.76 -16.82
CA ASP C 72 65.91 4.31 -17.73
C ASP C 72 65.37 4.30 -19.15
N PRO C 73 65.00 5.46 -19.72
CA PRO C 73 65.06 6.76 -19.05
C PRO C 73 63.86 7.01 -18.13
N PRO C 74 64.07 7.81 -17.09
CA PRO C 74 62.95 8.10 -16.16
C PRO C 74 61.87 8.95 -16.79
N SER C 75 62.21 9.85 -17.72
CA SER C 75 61.26 10.71 -18.39
C SER C 75 61.25 10.33 -19.87
N CYS C 76 60.43 9.34 -20.22
CA CYS C 76 60.34 8.86 -21.59
C CYS C 76 59.60 9.92 -22.43
N ASP C 77 60.31 10.51 -23.38
CA ASP C 77 59.71 11.52 -24.24
C ASP C 77 58.74 10.88 -25.22
N LEU C 78 57.58 11.53 -25.41
CA LEU C 78 56.59 11.00 -26.33
C LEU C 78 57.04 11.15 -27.79
N GLN C 79 57.83 12.17 -28.09
CA GLN C 79 58.32 12.39 -29.45
C GLN C 79 59.70 11.75 -29.63
N SER C 80 59.74 10.43 -29.43
CA SER C 80 60.98 9.69 -29.54
C SER C 80 61.21 9.21 -30.98
N ALA C 81 61.99 8.15 -31.15
CA ALA C 81 62.29 7.59 -32.47
C ALA C 81 61.62 6.22 -32.58
N HIS C 82 60.67 6.11 -33.50
CA HIS C 82 59.94 4.87 -33.75
C HIS C 82 59.25 4.37 -32.47
N GLY C 83 58.68 5.31 -31.71
CA GLY C 83 57.98 4.96 -30.49
C GLY C 83 58.89 4.78 -29.30
N ASN C 84 58.60 5.48 -28.21
CA ASN C 84 59.38 5.36 -27.00
C ASN C 84 59.12 4.00 -26.33
N PRO C 85 60.07 3.52 -25.52
CA PRO C 85 59.86 2.24 -24.83
C PRO C 85 58.68 2.25 -23.87
N CYS C 86 58.21 3.42 -23.44
CA CYS C 86 57.07 3.53 -22.53
C CYS C 86 55.74 3.62 -23.25
N MET C 87 55.67 3.10 -24.49
CA MET C 87 54.45 3.13 -25.28
C MET C 87 53.61 1.88 -25.12
N LYS C 88 54.22 0.70 -25.08
CA LYS C 88 53.46 -0.54 -24.92
C LYS C 88 52.74 -0.59 -23.58
N GLU C 89 53.35 -0.03 -22.52
CA GLU C 89 52.72 0.01 -21.21
C GLU C 89 51.62 1.06 -21.12
N LYS C 90 51.49 1.94 -22.11
CA LYS C 90 50.48 2.98 -22.12
C LYS C 90 49.32 2.70 -23.08
N LEU C 91 49.59 2.04 -24.21
CA LEU C 91 48.53 1.74 -25.17
C LEU C 91 47.51 0.76 -24.62
N VAL C 92 47.92 -0.17 -23.77
CA VAL C 92 47.03 -1.17 -23.20
C VAL C 92 46.34 -0.67 -21.93
N MET C 93 46.53 0.60 -21.58
CA MET C 93 45.93 1.20 -20.39
C MET C 93 44.97 2.31 -20.81
N LYS C 94 43.79 2.32 -20.20
CA LYS C 94 42.75 3.30 -20.48
C LYS C 94 42.64 4.24 -19.29
N THR C 95 43.20 5.44 -19.43
CA THR C 95 43.15 6.46 -18.39
C THR C 95 42.51 7.73 -18.95
N HIS C 96 42.02 8.57 -18.04
CA HIS C 96 41.38 9.83 -18.38
C HIS C 96 42.13 10.94 -17.67
N CYS C 97 43.27 11.35 -18.24
CA CYS C 97 44.08 12.40 -17.65
C CYS C 97 43.42 13.76 -17.91
N PRO C 98 43.33 14.61 -16.89
CA PRO C 98 42.72 15.94 -17.08
C PRO C 98 43.57 16.80 -18.00
N ASN C 99 42.96 17.89 -18.46
CA ASN C 99 43.63 18.82 -19.36
C ASN C 99 44.67 19.64 -18.60
N ASP C 100 45.50 20.34 -19.36
CA ASP C 100 46.56 21.20 -18.83
C ASP C 100 47.56 20.39 -18.00
N TYR C 101 48.18 19.41 -18.66
CA TYR C 101 49.22 18.59 -18.05
C TYR C 101 50.22 18.19 -19.12
N GLN C 102 51.43 17.84 -18.67
CA GLN C 102 52.51 17.44 -19.56
C GLN C 102 53.09 16.08 -19.21
N SER C 103 53.42 15.85 -17.94
CA SER C 103 54.02 14.61 -17.49
C SER C 103 52.98 13.70 -16.85
N ALA C 104 53.24 12.40 -16.92
CA ALA C 104 52.35 11.40 -16.33
C ALA C 104 53.19 10.21 -15.89
N HIS C 105 53.22 9.95 -14.59
CA HIS C 105 54.04 8.89 -14.02
C HIS C 105 53.20 7.68 -13.67
N TYR C 106 53.81 6.50 -13.81
CA TYR C 106 53.17 5.24 -13.48
C TYR C 106 54.25 4.20 -13.23
N LEU C 107 53.83 3.02 -12.78
CA LEU C 107 54.74 1.93 -12.49
C LEU C 107 54.87 1.02 -13.71
N ASN C 108 56.10 0.63 -14.03
CA ASN C 108 56.37 -0.19 -15.19
C ASN C 108 56.31 -1.68 -14.80
N ASN C 109 56.90 -2.54 -15.62
CA ASN C 109 56.90 -3.97 -15.33
C ASN C 109 58.03 -4.35 -14.39
N ASP C 110 59.19 -3.71 -14.52
CA ASP C 110 60.34 -4.02 -13.69
C ASP C 110 60.24 -3.42 -12.29
N GLY C 111 59.16 -2.72 -11.96
CA GLY C 111 59.02 -2.12 -10.66
C GLY C 111 59.74 -0.81 -10.47
N LYS C 112 60.05 -0.10 -11.55
CA LYS C 112 60.75 1.17 -11.49
C LYS C 112 59.79 2.32 -11.75
N MET C 113 60.20 3.52 -11.34
CA MET C 113 59.37 4.71 -11.50
C MET C 113 59.40 5.15 -12.95
N ALA C 114 58.30 4.92 -13.66
CA ALA C 114 58.16 5.33 -15.05
C ALA C 114 57.39 6.65 -15.13
N SER C 115 57.60 7.37 -16.24
CA SER C 115 56.93 8.64 -16.45
C SER C 115 57.11 9.05 -17.90
N VAL C 116 56.16 9.83 -18.40
CA VAL C 116 56.22 10.41 -19.74
C VAL C 116 56.20 11.92 -19.60
N LYS C 117 56.92 12.61 -20.48
CA LYS C 117 57.05 14.06 -20.43
C LYS C 117 56.88 14.64 -21.83
N CYS C 118 56.15 15.75 -21.91
CA CYS C 118 55.93 16.43 -23.18
C CYS C 118 56.80 17.68 -23.22
N PRO C 119 57.65 17.85 -24.24
CA PRO C 119 58.50 19.03 -24.29
C PRO C 119 57.69 20.28 -24.61
N PRO C 120 58.16 21.45 -24.20
CA PRO C 120 57.41 22.67 -24.51
C PRO C 120 57.45 22.99 -26.00
N LYS C 121 56.32 23.48 -26.51
CA LYS C 121 55.13 23.72 -25.71
C LYS C 121 54.01 22.76 -26.10
N TYR C 122 54.00 21.58 -25.49
CA TYR C 122 53.01 20.55 -25.75
C TYR C 122 52.18 20.30 -24.50
N GLU C 123 51.17 19.44 -24.64
CA GLU C 123 50.30 19.08 -23.53
C GLU C 123 49.65 17.75 -23.83
N LEU C 124 49.18 17.09 -22.77
CA LEU C 124 48.54 15.79 -22.92
C LEU C 124 47.12 15.97 -23.46
N THR C 125 46.60 14.89 -24.03
CA THR C 125 45.25 14.89 -24.60
C THR C 125 44.26 14.46 -23.53
N GLU C 126 43.04 14.06 -23.93
CA GLU C 126 42.04 13.63 -22.98
C GLU C 126 42.34 12.25 -22.40
N ASP C 127 43.11 11.42 -23.11
CA ASP C 127 43.46 10.09 -22.63
C ASP C 127 44.88 9.99 -22.11
N CYS C 128 45.74 10.95 -22.42
CA CYS C 128 47.13 11.00 -21.98
C CYS C 128 48.08 10.22 -22.88
N ASN C 129 47.63 9.78 -24.05
CA ASN C 129 48.51 9.03 -24.94
C ASN C 129 49.43 9.95 -25.73
N PHE C 130 48.86 10.89 -26.48
CA PHE C 130 49.61 11.83 -27.28
C PHE C 130 49.56 13.22 -26.64
N CYS C 131 49.87 14.24 -27.44
CA CYS C 131 49.86 15.61 -26.95
C CYS C 131 49.68 16.55 -28.14
N ARG C 132 49.41 17.81 -27.85
CA ARG C 132 49.20 18.82 -28.88
C ARG C 132 49.55 20.18 -28.29
N GLN C 133 49.37 21.23 -29.09
CA GLN C 133 49.64 22.60 -28.67
C GLN C 133 48.34 23.31 -28.32
N MET C 134 48.44 24.24 -27.37
CA MET C 134 47.28 25.00 -26.93
C MET C 134 47.46 26.49 -27.22
N ALA C 137 46.81 28.45 -22.47
CA ALA C 137 47.04 29.22 -21.24
C ALA C 137 48.21 28.66 -20.46
N SER C 138 48.28 29.00 -19.17
CA SER C 138 49.36 28.53 -18.31
C SER C 138 49.11 27.07 -17.95
N LEU C 139 50.07 26.22 -18.29
CA LEU C 139 49.97 24.79 -18.01
C LEU C 139 50.51 24.46 -16.62
N LYS C 140 50.29 23.22 -16.19
CA LYS C 140 50.76 22.79 -14.89
C LYS C 140 52.27 22.51 -14.93
N LYS C 141 52.86 22.44 -13.74
CA LYS C 141 54.28 22.19 -13.60
C LYS C 141 54.58 20.87 -12.88
N GLY C 142 53.62 19.95 -12.89
CA GLY C 142 53.81 18.68 -12.22
C GLY C 142 53.40 17.49 -13.08
N SER C 143 53.01 16.39 -12.42
CA SER C 143 52.60 15.17 -13.09
C SER C 143 51.26 14.70 -12.55
N TYR C 144 50.66 13.74 -13.25
CA TYR C 144 49.37 13.18 -12.87
C TYR C 144 49.51 11.67 -12.75
N PRO C 145 49.16 11.08 -11.60
CA PRO C 145 49.27 9.63 -11.45
C PRO C 145 48.27 8.92 -12.35
N LEU C 146 48.76 7.94 -13.10
CA LEU C 146 47.92 7.15 -14.00
C LEU C 146 47.41 5.86 -13.36
N GLN C 147 48.07 5.36 -12.33
CA GLN C 147 47.68 4.14 -11.65
C GLN C 147 47.23 4.45 -10.24
N ASP C 148 46.47 3.51 -9.66
CA ASP C 148 46.00 3.64 -8.28
C ASP C 148 46.88 2.79 -7.36
N LEU C 149 48.10 3.26 -7.19
CA LEU C 149 49.11 2.56 -6.41
C LEU C 149 49.61 3.45 -5.27
N PHE C 150 50.23 2.81 -4.28
CA PHE C 150 50.81 3.51 -3.15
C PHE C 150 51.85 2.61 -2.50
N CYS C 151 52.87 3.23 -1.93
CA CYS C 151 53.98 2.53 -1.30
C CYS C 151 54.02 2.86 0.19
N GLN C 152 54.98 2.24 0.88
CA GLN C 152 55.16 2.44 2.32
C GLN C 152 56.60 2.08 2.67
N SER C 153 56.90 2.12 3.97
CA SER C 153 58.23 1.80 4.47
C SER C 153 58.26 0.35 4.92
N SER C 154 59.09 -0.46 4.28
CA SER C 154 59.19 -1.87 4.62
C SER C 154 60.54 -2.40 4.12
N GLU C 155 60.89 -3.60 4.57
CA GLU C 155 62.14 -4.24 4.16
C GLU C 155 61.96 -5.75 4.31
N ASP C 156 61.59 -6.39 3.20
CA ASP C 156 61.36 -7.83 3.20
C ASP C 156 61.74 -8.39 1.84
N ASP C 157 62.23 -9.63 1.83
CA ASP C 157 62.64 -10.28 0.59
C ASP C 157 61.45 -10.89 -0.11
N GLY C 158 61.45 -10.81 -1.44
CA GLY C 158 60.36 -11.36 -2.23
C GLY C 158 60.68 -11.40 -3.72
N SER C 159 61.86 -11.91 -4.07
CA SER C 159 62.26 -11.99 -5.46
C SER C 159 61.78 -13.26 -6.15
N LYS C 160 61.42 -14.29 -5.39
CA LYS C 160 60.94 -15.55 -5.95
C LYS C 160 59.42 -15.58 -6.12
N LEU C 161 58.86 -14.56 -6.77
CA LEU C 161 57.42 -14.47 -6.98
C LEU C 161 57.15 -14.29 -8.46
N LYS C 162 56.15 -15.01 -8.97
CA LYS C 162 55.77 -14.95 -10.37
C LYS C 162 54.27 -14.69 -10.48
N THR C 163 53.89 -13.97 -11.53
CA THR C 163 52.48 -13.65 -11.75
C THR C 163 51.69 -14.93 -12.01
N LYS C 164 50.74 -15.23 -11.13
CA LYS C 164 49.90 -16.42 -11.24
C LYS C 164 48.45 -15.97 -11.31
N MET C 165 47.85 -16.12 -12.49
CA MET C 165 46.47 -15.75 -12.72
C MET C 165 45.69 -16.94 -13.28
N LYS C 166 44.40 -16.99 -12.98
CA LYS C 166 43.55 -18.11 -13.37
C LYS C 166 43.02 -17.85 -14.78
N GLY C 167 43.59 -18.57 -15.76
CA GLY C 167 43.12 -18.47 -17.14
C GLY C 167 43.32 -17.11 -17.76
N VAL C 168 44.56 -16.64 -17.78
CA VAL C 168 44.92 -15.35 -18.38
C VAL C 168 46.11 -15.55 -19.29
N CYS C 169 45.95 -15.22 -20.56
CA CYS C 169 47.03 -15.38 -21.53
C CYS C 169 48.06 -14.26 -21.41
N GLU C 170 47.68 -13.04 -21.81
CA GLU C 170 48.57 -11.88 -21.76
C GLU C 170 47.85 -10.76 -21.05
N VAL C 171 48.41 -10.30 -19.93
CA VAL C 171 47.86 -9.21 -19.14
C VAL C 171 48.88 -8.07 -19.14
N GLY C 172 48.40 -6.85 -19.38
CA GLY C 172 49.27 -5.69 -19.44
C GLY C 172 50.31 -5.79 -20.53
N VAL C 173 51.56 -6.04 -20.14
CA VAL C 173 52.65 -6.21 -21.08
C VAL C 173 53.39 -7.54 -20.91
N GLN C 174 52.97 -8.37 -19.96
CA GLN C 174 53.62 -9.65 -19.72
C GLN C 174 53.06 -10.71 -20.66
N ALA C 175 53.69 -11.89 -20.63
CA ALA C 175 53.30 -13.04 -21.45
C ALA C 175 53.32 -14.28 -20.56
N LEU C 176 52.17 -14.62 -19.99
CA LEU C 176 52.07 -15.78 -19.11
C LEU C 176 52.11 -17.07 -19.92
N LYS C 177 50.95 -17.56 -20.34
CA LYS C 177 50.83 -18.77 -21.12
C LYS C 177 50.47 -18.44 -22.57
N LYS C 178 50.40 -19.48 -23.40
CA LYS C 178 50.07 -19.33 -24.80
C LYS C 178 48.55 -19.38 -24.98
N CYS C 179 48.01 -18.40 -25.70
CA CYS C 179 46.58 -18.30 -25.97
C CYS C 179 46.39 -18.36 -27.48
N ASP C 180 45.93 -19.51 -27.98
CA ASP C 180 45.70 -19.70 -29.40
C ASP C 180 44.26 -19.48 -29.83
N GLY C 181 43.32 -19.45 -28.88
CA GLY C 181 41.92 -19.25 -29.17
C GLY C 181 41.55 -17.78 -29.26
N GLN C 182 40.25 -17.53 -29.13
CA GLN C 182 39.74 -16.17 -29.19
C GLN C 182 40.00 -15.45 -27.86
N LEU C 183 40.86 -14.43 -27.90
CA LEU C 183 41.21 -13.67 -26.71
C LEU C 183 40.19 -12.56 -26.51
N SER C 184 39.68 -12.44 -25.28
CA SER C 184 38.69 -11.43 -24.93
C SER C 184 39.43 -10.21 -24.41
N THR C 185 39.81 -9.31 -25.32
CA THR C 185 40.52 -8.09 -24.96
C THR C 185 39.55 -7.12 -24.30
N ALA C 186 39.77 -6.81 -23.02
CA ALA C 186 38.91 -5.92 -22.26
C ALA C 186 39.75 -5.08 -21.31
N HIS C 187 39.27 -3.87 -21.04
CA HIS C 187 39.95 -2.94 -20.13
C HIS C 187 39.45 -3.18 -18.70
N GLU C 188 39.90 -4.30 -18.14
CA GLU C 188 39.50 -4.69 -16.80
C GLU C 188 40.29 -3.93 -15.75
N VAL C 189 39.68 -3.76 -14.58
CA VAL C 189 40.31 -3.09 -13.45
C VAL C 189 40.93 -4.16 -12.57
N VAL C 190 42.25 -4.27 -12.59
CA VAL C 190 42.99 -5.33 -11.91
C VAL C 190 43.98 -4.66 -10.96
N PRO C 191 44.09 -5.10 -9.71
CA PRO C 191 45.16 -4.64 -8.84
C PRO C 191 46.41 -5.51 -8.99
N PHE C 192 47.48 -5.08 -8.33
CA PHE C 192 48.74 -5.81 -8.35
C PHE C 192 49.55 -5.42 -7.12
N ALA C 193 50.77 -5.93 -7.05
CA ALA C 193 51.65 -5.64 -5.92
C ALA C 193 53.09 -5.94 -6.33
N VAL C 194 54.03 -5.15 -5.82
CA VAL C 194 55.45 -5.29 -6.12
C VAL C 194 56.21 -5.37 -4.82
N PHE C 195 57.00 -6.43 -4.66
CA PHE C 195 57.82 -6.61 -3.46
C PHE C 195 59.18 -5.95 -3.63
N LYS C 196 60.25 -6.67 -3.28
CA LYS C 196 61.61 -6.18 -3.41
C LYS C 196 62.37 -7.04 -4.41
N ASN C 197 63.03 -6.40 -5.36
CA ASN C 197 63.81 -7.08 -6.40
C ASN C 197 62.94 -8.06 -7.18
N SER C 198 61.71 -7.67 -7.46
CA SER C 198 60.75 -8.50 -8.19
C SER C 198 60.18 -7.68 -9.36
N LYS C 199 59.30 -8.32 -10.11
CA LYS C 199 58.66 -7.69 -11.25
C LYS C 199 57.26 -7.22 -10.86
N LYS C 200 56.42 -6.91 -11.86
CA LYS C 200 55.06 -6.44 -11.61
C LYS C 200 54.16 -7.66 -11.54
N VAL C 201 54.01 -8.20 -10.33
CA VAL C 201 53.20 -9.39 -10.10
C VAL C 201 51.76 -8.96 -9.91
N TYR C 202 50.87 -9.49 -10.75
CA TYR C 202 49.45 -9.18 -10.68
C TYR C 202 48.75 -10.13 -9.72
N LEU C 203 47.78 -9.59 -8.97
CA LEU C 203 47.01 -10.36 -8.01
C LEU C 203 45.53 -10.12 -8.24
N ASP C 204 44.77 -11.21 -8.30
CA ASP C 204 43.32 -11.14 -8.51
C ASP C 204 42.54 -11.10 -7.21
N LYS C 205 43.21 -11.14 -6.06
CA LYS C 205 42.55 -11.10 -4.76
C LYS C 205 43.28 -10.10 -3.88
N LEU C 206 42.59 -9.04 -3.47
CA LEU C 206 43.15 -7.99 -2.64
C LEU C 206 42.63 -8.15 -1.21
N ASP C 207 43.51 -8.58 -0.30
CA ASP C 207 43.17 -8.78 1.11
C ASP C 207 44.21 -8.05 1.95
N LEU C 208 44.00 -6.76 2.15
CA LEU C 208 44.91 -5.93 2.94
C LEU C 208 44.42 -5.85 4.38
N LYS C 209 45.37 -5.97 5.32
CA LYS C 209 45.06 -5.85 6.74
C LYS C 209 46.05 -4.90 7.38
N THR C 210 45.64 -4.33 8.52
CA THR C 210 46.45 -3.38 9.26
C THR C 210 46.79 -3.95 10.63
N GLU C 211 48.02 -3.71 11.07
CA GLU C 211 48.50 -4.17 12.37
C GLU C 211 49.22 -3.00 13.05
N GLU C 212 48.53 -2.32 13.96
CA GLU C 212 49.09 -1.16 14.63
C GLU C 212 50.20 -1.59 15.58
N ASN C 213 51.39 -1.04 15.39
CA ASN C 213 52.55 -1.36 16.23
C ASN C 213 53.23 -0.05 16.64
N LEU C 214 54.02 -0.15 17.71
CA LEU C 214 54.74 1.02 18.23
C LEU C 214 55.80 1.48 17.25
N LEU C 215 55.42 2.33 16.30
CA LEU C 215 56.33 2.84 15.28
C LEU C 215 56.37 4.36 15.36
N PRO C 216 57.53 4.96 15.07
CA PRO C 216 57.62 6.44 15.11
C PRO C 216 56.81 7.12 14.03
N ASP C 217 56.46 6.43 12.95
CA ASP C 217 55.66 7.00 11.87
C ASP C 217 54.18 6.69 12.00
N SER C 218 53.79 5.88 12.99
CA SER C 218 52.40 5.53 13.19
C SER C 218 51.67 6.45 14.16
N PHE C 219 52.38 7.36 14.81
CA PHE C 219 51.79 8.29 15.75
C PHE C 219 51.92 9.72 15.23
N VAL C 220 51.00 10.58 15.65
CA VAL C 220 50.98 11.97 15.26
C VAL C 220 51.31 12.84 16.47
N CYS C 221 51.79 14.06 16.19
CA CYS C 221 52.16 14.99 17.24
C CYS C 221 51.90 16.41 16.75
N PHE C 222 51.40 17.25 17.65
CA PHE C 222 51.10 18.64 17.31
C PHE C 222 51.19 19.48 18.58
N GLU C 223 51.59 20.74 18.40
CA GLU C 223 51.70 21.69 19.50
C GLU C 223 50.68 22.80 19.33
N HIS C 224 50.45 23.54 20.41
CA HIS C 224 49.49 24.63 20.43
C HIS C 224 50.22 25.96 20.22
N LYS C 225 49.65 26.80 19.36
CA LYS C 225 50.25 28.09 19.08
C LYS C 225 50.00 29.06 20.22
N GLY C 226 51.06 29.73 20.66
CA GLY C 226 50.96 30.69 21.75
C GLY C 226 50.42 32.03 21.31
N GLU C 240 44.93 27.92 18.01
CA GLU C 240 45.22 27.42 16.67
C GLU C 240 46.17 26.23 16.73
N LEU C 241 45.83 25.17 16.02
CA LEU C 241 46.66 23.97 15.99
C LEU C 241 47.90 24.22 15.15
N LYS C 242 49.06 23.82 15.68
CA LYS C 242 50.34 23.98 15.00
C LYS C 242 51.01 22.63 14.85
N SER C 243 51.61 22.41 13.68
CA SER C 243 52.29 21.14 13.43
C SER C 243 53.58 21.06 14.24
N PHE C 244 53.86 19.86 14.77
CA PHE C 244 55.05 19.62 15.58
C PHE C 244 55.69 18.32 15.13
N ASP C 245 57.01 18.34 14.97
CA ASP C 245 57.73 17.15 14.52
C ASP C 245 57.80 16.12 15.64
N ILE C 246 57.47 14.87 15.30
CA ILE C 246 57.51 13.78 16.29
C ILE C 246 58.93 13.34 16.63
N SER C 247 59.91 13.72 15.81
CA SER C 247 61.30 13.31 16.07
C SER C 247 61.88 13.98 17.30
N GLN C 248 61.26 15.07 17.78
CA GLN C 248 61.73 15.80 18.96
C GLN C 248 61.13 15.27 20.24
N CYS C 249 60.86 13.96 20.32
CA CYS C 249 60.27 13.36 21.52
C CYS C 249 61.28 12.43 22.19
N PRO C 250 61.35 12.44 23.52
CA PRO C 250 62.30 11.56 24.20
C PRO C 250 61.85 10.11 24.16
N LYS C 251 62.79 9.21 24.43
CA LYS C 251 62.56 7.78 24.43
C LYS C 251 62.59 7.26 25.87
N ILE C 252 62.47 5.94 26.00
CA ILE C 252 62.49 5.28 27.31
C ILE C 252 63.95 5.15 27.72
N GLY C 253 64.36 5.94 28.71
CA GLY C 253 65.72 5.92 29.20
C GLY C 253 66.69 6.81 28.47
N GLY C 254 66.28 7.40 27.35
CA GLY C 254 67.11 8.28 26.56
C GLY C 254 66.85 9.74 26.84
N HIS C 255 67.15 10.58 25.86
CA HIS C 255 66.97 12.03 25.96
C HIS C 255 66.34 12.53 24.67
N GLY C 256 66.13 13.85 24.62
CA GLY C 256 65.54 14.47 23.44
C GLY C 256 65.78 15.95 23.36
N SER C 257 64.71 16.73 23.24
CA SER C 257 64.81 18.18 23.18
C SER C 257 63.58 18.85 23.77
N LYS C 258 62.40 18.52 23.26
CA LYS C 258 61.15 19.07 23.73
C LYS C 258 60.43 18.06 24.62
N LYS C 259 59.22 18.42 25.04
CA LYS C 259 58.39 17.58 25.90
C LYS C 259 57.03 17.39 25.25
N CYS C 260 56.66 16.13 25.04
CA CYS C 260 55.37 15.79 24.42
C CYS C 260 54.69 14.73 25.27
N THR C 261 53.36 14.83 25.35
CA THR C 261 52.55 13.90 26.13
C THR C 261 51.35 13.46 25.32
N GLY C 262 50.73 12.36 25.75
CA GLY C 262 49.57 11.83 25.06
C GLY C 262 48.78 10.84 25.90
N ASP C 263 48.18 9.85 25.24
CA ASP C 263 47.38 8.85 25.94
C ASP C 263 48.23 7.65 26.33
N ALA C 264 47.60 6.48 26.44
CA ALA C 264 48.33 5.28 26.82
C ALA C 264 49.20 4.75 25.69
N ALA C 265 48.74 4.88 24.44
CA ALA C 265 49.52 4.40 23.30
C ALA C 265 50.74 5.30 23.04
N PHE C 266 50.62 6.60 23.32
CA PHE C 266 51.75 7.50 23.11
C PHE C 266 52.71 7.49 24.29
N CYS C 267 52.19 7.39 25.51
CA CYS C 267 53.05 7.36 26.68
C CYS C 267 53.61 5.99 26.98
N SER C 268 53.07 4.93 26.36
CA SER C 268 53.57 3.59 26.59
C SER C 268 54.90 3.33 25.90
N ALA C 269 55.20 4.07 24.83
CA ALA C 269 56.45 3.90 24.10
C ALA C 269 57.41 5.09 24.25
N TYR C 270 56.91 6.29 24.51
CA TYR C 270 57.73 7.47 24.67
C TYR C 270 57.70 7.92 26.13
N GLU C 271 58.32 9.07 26.39
CA GLU C 271 58.39 9.65 27.73
C GLU C 271 57.54 10.91 27.76
N CYS C 272 56.64 10.99 28.74
CA CYS C 272 55.75 12.13 28.90
C CYS C 272 55.81 12.62 30.34
N THR C 273 55.67 13.94 30.51
CA THR C 273 55.70 14.58 31.81
C THR C 273 54.29 15.00 32.25
N ALA C 274 53.30 14.16 31.95
CA ALA C 274 51.91 14.40 32.31
C ALA C 274 51.42 15.75 31.76
N GLN C 275 51.09 16.68 32.67
CA GLN C 275 50.60 17.99 32.26
C GLN C 275 51.72 19.02 32.12
N TYR C 276 52.96 18.66 32.45
CA TYR C 276 54.07 19.60 32.35
C TYR C 276 54.57 19.78 30.92
N ALA C 277 54.24 18.85 30.02
CA ALA C 277 54.67 18.95 28.65
C ALA C 277 53.91 20.06 27.91
N ASN C 278 54.38 20.37 26.71
CA ASN C 278 53.77 21.43 25.89
C ASN C 278 53.13 20.91 24.61
N ALA C 279 53.60 19.81 24.04
CA ALA C 279 53.05 19.26 22.82
C ALA C 279 52.24 18.02 23.13
N TYR C 280 51.21 17.78 22.30
CA TYR C 280 50.32 16.65 22.46
C TYR C 280 50.43 15.76 21.22
N CYS C 281 50.74 14.47 21.45
CA CYS C 281 50.88 13.49 20.38
C CYS C 281 49.89 12.36 20.64
N SER C 282 49.09 12.04 19.62
CA SER C 282 48.10 10.98 19.71
C SER C 282 48.39 9.92 18.64
N HIS C 283 47.42 9.04 18.41
CA HIS C 283 47.56 7.97 17.44
C HIS C 283 46.90 8.37 16.12
N ALA C 284 47.47 7.86 15.02
CA ALA C 284 46.93 8.14 13.70
C ALA C 284 45.67 7.32 13.45
N ASN C 285 45.12 7.45 12.25
CA ASN C 285 43.89 6.76 11.84
C ASN C 285 44.17 6.02 10.54
N GLY C 286 44.86 4.88 10.65
CA GLY C 286 45.19 4.07 9.49
C GLY C 286 46.67 3.98 9.21
N SER C 287 47.37 3.15 9.99
CA SER C 287 48.81 2.98 9.80
C SER C 287 49.24 1.59 10.23
N GLY C 288 50.42 1.48 10.84
CA GLY C 288 50.90 0.19 11.30
C GLY C 288 51.55 -0.58 10.18
N ILE C 289 51.25 -1.88 10.10
CA ILE C 289 51.80 -2.76 9.09
C ILE C 289 50.64 -3.33 8.29
N VAL C 290 50.58 -2.97 7.01
CA VAL C 290 49.52 -3.43 6.11
C VAL C 290 50.07 -4.63 5.34
N GLN C 291 49.52 -5.81 5.61
CA GLN C 291 49.94 -7.03 4.96
C GLN C 291 48.88 -7.50 3.96
N ILE C 292 49.33 -8.30 3.00
CA ILE C 292 48.48 -8.81 1.94
C ILE C 292 48.71 -10.31 1.80
N GLN C 293 47.69 -11.01 1.30
CA GLN C 293 47.78 -12.44 1.07
C GLN C 293 48.38 -12.72 -0.30
N VAL C 294 49.32 -13.66 -0.35
CA VAL C 294 49.92 -14.10 -1.60
C VAL C 294 50.34 -15.55 -1.44
N SER C 295 49.85 -16.41 -2.34
CA SER C 295 50.10 -17.86 -2.29
C SER C 295 49.69 -18.45 -0.95
N GLY C 296 48.64 -17.91 -0.35
CA GLY C 296 48.19 -18.38 0.94
C GLY C 296 49.06 -17.98 2.12
N VAL C 297 49.99 -17.05 1.91
CA VAL C 297 50.90 -16.59 2.96
C VAL C 297 50.84 -15.07 3.05
N TRP C 298 50.77 -14.56 4.27
CA TRP C 298 50.77 -13.12 4.48
C TRP C 298 52.16 -12.55 4.27
N LYS C 299 52.25 -11.45 3.54
CA LYS C 299 53.51 -10.78 3.28
C LYS C 299 53.30 -9.27 3.39
N LYS C 300 54.41 -8.55 3.54
CA LYS C 300 54.38 -7.09 3.64
C LYS C 300 54.88 -6.50 2.33
N PRO C 301 54.00 -6.08 1.43
CA PRO C 301 54.45 -5.57 0.13
C PRO C 301 55.04 -4.17 0.22
N LEU C 302 55.83 -3.83 -0.80
CA LEU C 302 56.40 -2.50 -0.93
C LEU C 302 55.56 -1.57 -1.81
N CYS C 303 54.86 -2.11 -2.80
CA CYS C 303 54.02 -1.32 -3.68
C CYS C 303 52.68 -2.03 -3.85
N VAL C 304 51.59 -1.30 -3.65
CA VAL C 304 50.24 -1.82 -3.80
C VAL C 304 49.60 -1.09 -4.97
N GLY C 305 49.36 -1.81 -6.06
CA GLY C 305 48.82 -1.21 -7.26
C GLY C 305 47.38 -1.54 -7.54
N TYR C 306 46.71 -0.70 -8.34
CA TYR C 306 45.31 -0.90 -8.68
C TYR C 306 45.05 -0.13 -9.96
N GLU C 307 45.03 -0.83 -11.10
CA GLU C 307 44.98 -0.16 -12.39
C GLU C 307 43.87 -0.69 -13.28
N ARG C 308 43.85 -0.25 -14.54
CA ARG C 308 42.86 -0.67 -15.52
C ARG C 308 43.60 -1.00 -16.82
N VAL C 309 43.85 -2.29 -17.04
CA VAL C 309 44.58 -2.76 -18.21
C VAL C 309 43.75 -3.82 -18.93
N VAL C 310 44.15 -4.11 -20.17
CA VAL C 310 43.48 -5.11 -20.98
C VAL C 310 43.93 -6.49 -20.52
N VAL C 311 42.96 -7.36 -20.21
CA VAL C 311 43.23 -8.72 -19.76
C VAL C 311 42.74 -9.67 -20.83
N LYS C 312 43.68 -10.26 -21.56
CA LYS C 312 43.37 -11.20 -22.64
C LYS C 312 43.14 -12.58 -22.03
N ARG C 313 41.89 -13.03 -22.05
CA ARG C 313 41.52 -14.34 -21.51
C ARG C 313 40.93 -15.21 -22.62
N GLU C 314 40.87 -16.51 -22.36
CA GLU C 314 40.31 -17.47 -23.31
C GLU C 314 38.79 -17.35 -23.30
N LEU C 315 38.24 -16.74 -24.35
CA LEU C 315 36.80 -16.57 -24.46
C LEU C 315 36.12 -17.77 -25.12
N SER C 316 36.67 -18.26 -26.23
CA SER C 316 36.10 -19.39 -26.93
C SER C 316 36.44 -20.70 -26.22
N ASP D 1 7.74 -42.55 -51.04
CA ASP D 1 6.46 -43.18 -51.38
C ASP D 1 5.23 -42.34 -50.97
N PRO D 2 5.19 -41.82 -49.74
CA PRO D 2 4.06 -40.97 -49.36
C PRO D 2 4.06 -39.67 -50.13
N GLY D 3 2.87 -39.07 -50.23
CA GLY D 3 2.71 -37.82 -50.94
C GLY D 3 1.35 -37.19 -50.75
N CYS D 4 0.83 -36.56 -51.79
CA CYS D 4 -0.47 -35.90 -51.71
C CYS D 4 -1.58 -36.94 -51.66
N SER D 5 -2.52 -36.76 -50.74
CA SER D 5 -3.65 -37.65 -50.57
C SER D 5 -4.99 -36.97 -50.75
N GLU D 6 -5.18 -35.80 -50.13
CA GLU D 6 -6.43 -35.03 -50.23
C GLU D 6 -6.19 -33.86 -51.17
N LEU D 7 -6.85 -33.89 -52.34
CA LEU D 7 -6.71 -32.85 -53.35
C LEU D 7 -8.09 -32.40 -53.77
N ILE D 8 -8.42 -31.14 -53.49
CA ILE D 8 -9.70 -30.57 -53.85
C ILE D 8 -9.44 -29.32 -54.71
N GLN D 9 -10.50 -28.85 -55.37
CA GLN D 9 -10.43 -27.69 -56.22
C GLN D 9 -10.94 -26.45 -55.48
N ALA D 10 -10.36 -25.30 -55.81
CA ALA D 10 -10.74 -24.05 -55.19
C ALA D 10 -12.08 -23.55 -55.75
N SER D 11 -12.83 -22.86 -54.90
CA SER D 11 -14.12 -22.33 -55.30
C SER D 11 -13.95 -21.11 -56.21
N SER D 12 -14.99 -20.83 -56.98
CA SER D 12 -14.95 -19.69 -57.89
C SER D 12 -15.30 -18.38 -57.19
N ARG D 13 -16.02 -18.44 -56.07
CA ARG D 13 -16.40 -17.23 -55.34
C ARG D 13 -15.26 -16.65 -54.53
N ILE D 14 -14.19 -17.41 -54.30
CA ILE D 14 -13.04 -16.95 -53.52
C ILE D 14 -11.77 -16.92 -54.37
N THR D 15 -11.91 -16.95 -55.69
CA THR D 15 -10.77 -16.94 -56.61
C THR D 15 -11.08 -15.98 -57.74
N THR D 16 -10.35 -14.85 -57.79
CA THR D 16 -10.54 -13.86 -58.84
C THR D 16 -9.24 -13.10 -59.02
N CYS D 17 -9.04 -12.61 -60.25
CA CYS D 17 -7.82 -11.87 -60.55
C CYS D 17 -8.08 -10.99 -61.78
N SER D 18 -7.08 -10.83 -62.63
CA SER D 18 -7.20 -10.01 -63.83
C SER D 18 -6.31 -10.58 -64.93
N THR D 19 -6.47 -10.04 -66.12
CA THR D 19 -5.71 -10.45 -67.30
C THR D 19 -5.14 -9.21 -67.98
N GLU D 20 -3.85 -8.99 -67.83
CA GLU D 20 -3.18 -7.84 -68.44
C GLU D 20 -1.79 -8.27 -68.91
N GLY D 21 -1.35 -7.68 -70.02
CA GLY D 21 -0.06 -8.00 -70.59
C GLY D 21 0.04 -9.44 -71.04
N VAL D 22 -0.85 -9.85 -71.95
CA VAL D 22 -0.99 -11.21 -72.47
C VAL D 22 -0.68 -12.27 -71.42
N ASN D 23 -1.11 -12.02 -70.19
CA ASN D 23 -0.88 -12.96 -69.09
C ASN D 23 -2.07 -12.91 -68.15
N THR D 24 -2.30 -14.02 -67.45
CA THR D 24 -3.41 -14.16 -66.51
C THR D 24 -2.85 -14.23 -65.10
N LYS D 25 -3.30 -13.31 -64.24
CA LYS D 25 -2.87 -13.27 -62.85
C LYS D 25 -4.07 -13.55 -61.95
N CYS D 26 -3.94 -14.58 -61.12
CA CYS D 26 -5.02 -14.99 -60.23
C CYS D 26 -4.83 -14.38 -58.85
N ARG D 27 -5.92 -14.34 -58.08
CA ARG D 27 -5.92 -13.82 -56.72
C ARG D 27 -6.82 -14.68 -55.85
N LEU D 28 -6.40 -14.90 -54.61
CA LEU D 28 -7.14 -15.71 -53.65
C LEU D 28 -7.57 -14.85 -52.47
N SER D 29 -8.81 -15.04 -52.01
CA SER D 29 -9.34 -14.29 -50.87
C SER D 29 -10.50 -15.09 -50.28
N GLY D 30 -10.23 -15.80 -49.21
CA GLY D 30 -11.25 -16.59 -48.56
C GLY D 30 -10.65 -17.71 -47.73
N THR D 31 -11.41 -18.15 -46.75
CA THR D 31 -11.01 -19.21 -45.83
C THR D 31 -11.77 -20.48 -46.15
N ALA D 32 -11.05 -21.57 -46.36
CA ALA D 32 -11.64 -22.87 -46.68
C ALA D 32 -11.19 -23.90 -45.64
N LEU D 33 -11.59 -25.14 -45.86
CA LEU D 33 -11.26 -26.26 -44.98
C LEU D 33 -10.62 -27.37 -45.78
N ILE D 34 -9.57 -27.99 -45.22
CA ILE D 34 -8.86 -29.07 -45.87
C ILE D 34 -8.63 -30.20 -44.87
N ARG D 35 -8.65 -31.42 -45.38
CA ARG D 35 -8.45 -32.59 -44.55
C ARG D 35 -6.95 -32.82 -44.32
N ALA D 36 -6.58 -33.01 -43.05
CA ALA D 36 -5.18 -33.25 -42.71
C ALA D 36 -4.78 -34.68 -43.07
N GLY D 37 -3.57 -34.82 -43.61
CA GLY D 37 -3.08 -36.12 -44.00
C GLY D 37 -2.62 -36.95 -42.81
N SER D 38 -2.16 -38.15 -43.12
CA SER D 38 -1.68 -39.08 -42.10
C SER D 38 -0.20 -38.83 -41.86
N VAL D 39 0.50 -39.81 -41.29
CA VAL D 39 1.94 -39.69 -41.02
C VAL D 39 2.67 -39.85 -42.35
N GLY D 40 3.16 -38.74 -42.90
CA GLY D 40 3.86 -38.73 -44.16
C GLY D 40 3.04 -38.27 -45.34
N ALA D 41 1.70 -38.33 -45.24
CA ALA D 41 0.86 -37.88 -46.33
C ALA D 41 0.86 -36.37 -46.45
N GLU D 42 0.37 -35.88 -47.58
CA GLU D 42 0.32 -34.46 -47.87
C GLU D 42 -1.11 -34.06 -48.25
N ALA D 43 -1.41 -32.78 -48.07
CA ALA D 43 -2.71 -32.21 -48.43
C ALA D 43 -2.45 -30.96 -49.27
N CYS D 44 -2.82 -31.01 -50.54
CA CYS D 44 -2.60 -29.93 -51.49
C CYS D 44 -3.93 -29.28 -51.88
N LEU D 45 -3.83 -28.22 -52.67
CA LEU D 45 -5.00 -27.49 -53.16
C LEU D 45 -4.78 -27.12 -54.61
N MET D 46 -5.80 -27.36 -55.44
CA MET D 46 -5.73 -27.07 -56.86
C MET D 46 -6.13 -25.62 -57.13
N LEU D 47 -5.36 -24.95 -57.99
CA LEU D 47 -5.62 -23.56 -58.37
C LEU D 47 -5.57 -23.48 -59.89
N LYS D 48 -6.74 -23.43 -60.52
CA LYS D 48 -6.86 -23.35 -61.97
C LYS D 48 -7.22 -21.93 -62.39
N GLY D 49 -6.53 -21.42 -63.40
CA GLY D 49 -6.78 -20.09 -63.90
C GLY D 49 -7.94 -20.02 -64.87
N VAL D 50 -7.72 -19.38 -66.02
CA VAL D 50 -8.75 -19.25 -67.04
C VAL D 50 -8.60 -20.26 -68.16
N LYS D 51 -7.48 -20.97 -68.23
CA LYS D 51 -7.27 -21.96 -69.28
C LYS D 51 -6.98 -23.34 -68.68
N GLU D 52 -6.13 -24.12 -69.35
CA GLU D 52 -5.77 -25.46 -68.90
C GLU D 52 -4.30 -25.60 -68.55
N ASP D 53 -3.41 -24.93 -69.30
CA ASP D 53 -1.98 -25.03 -69.01
C ASP D 53 -1.62 -24.34 -67.70
N GLN D 54 -2.33 -23.28 -67.34
CA GLN D 54 -2.08 -22.57 -66.09
C GLN D 54 -2.62 -23.40 -64.93
N THR D 55 -1.73 -24.12 -64.25
CA THR D 55 -2.10 -25.00 -63.15
C THR D 55 -1.18 -24.75 -61.97
N LYS D 56 -1.77 -24.41 -60.83
CA LYS D 56 -1.04 -24.19 -59.59
C LYS D 56 -1.51 -25.17 -58.53
N PHE D 57 -0.65 -25.41 -57.54
CA PHE D 57 -0.96 -26.35 -56.47
C PHE D 57 -0.29 -25.89 -55.19
N LEU D 58 -1.00 -26.06 -54.07
CA LEU D 58 -0.49 -25.74 -52.75
C LEU D 58 -0.22 -27.03 -51.99
N LYS D 59 0.90 -27.07 -51.26
CA LYS D 59 1.31 -28.26 -50.53
C LYS D 59 1.30 -27.98 -49.04
N ILE D 60 0.73 -28.91 -48.27
CA ILE D 60 0.73 -28.86 -46.81
C ILE D 60 1.13 -30.25 -46.34
N LYS D 61 2.37 -30.42 -45.91
CA LYS D 61 2.89 -31.72 -45.51
C LYS D 61 2.64 -31.95 -44.03
N THR D 62 2.27 -33.17 -43.68
CA THR D 62 2.07 -33.59 -42.30
C THR D 62 3.17 -34.58 -41.94
N VAL D 63 4.05 -34.19 -41.03
CA VAL D 63 5.19 -35.02 -40.65
C VAL D 63 4.70 -36.25 -39.89
N SER D 64 4.27 -36.06 -38.65
CA SER D 64 3.82 -37.16 -37.81
C SER D 64 2.96 -36.60 -36.68
N SER D 65 2.47 -37.49 -35.84
CA SER D 65 1.66 -37.12 -34.68
C SER D 65 2.57 -37.01 -33.46
N GLU D 66 2.77 -35.78 -32.98
CA GLU D 66 3.63 -35.52 -31.84
C GLU D 66 2.91 -34.62 -30.85
N LEU D 67 3.32 -34.72 -29.59
CA LEU D 67 2.73 -33.93 -28.51
C LEU D 67 3.67 -32.80 -28.10
N SER D 68 3.08 -31.67 -27.73
CA SER D 68 3.82 -30.51 -27.30
C SER D 68 3.34 -30.07 -25.91
N CYS D 69 4.22 -29.38 -25.19
CA CYS D 69 3.95 -28.91 -23.84
C CYS D 69 4.01 -27.39 -23.83
N ARG D 70 2.97 -26.76 -23.27
CA ARG D 70 2.95 -25.31 -23.17
C ARG D 70 3.89 -24.83 -22.09
N GLU D 71 4.31 -23.56 -22.20
CA GLU D 71 5.24 -22.95 -21.27
C GLU D 71 4.59 -21.74 -20.62
N GLY D 72 4.94 -21.51 -19.35
CA GLY D 72 4.41 -20.38 -18.62
C GLY D 72 5.48 -19.62 -17.86
N GLN D 73 5.88 -20.15 -16.71
CA GLN D 73 6.92 -19.53 -15.90
C GLN D 73 8.27 -20.13 -16.24
N SER D 74 9.27 -19.27 -16.41
CA SER D 74 10.61 -19.72 -16.79
C SER D 74 11.64 -18.73 -16.28
N TYR D 75 12.88 -19.19 -16.16
CA TYR D 75 13.98 -18.34 -15.70
C TYR D 75 15.28 -18.95 -16.20
N TRP D 76 16.38 -18.25 -15.96
CA TRP D 76 17.72 -18.68 -16.35
C TRP D 76 18.56 -18.90 -15.10
N THR D 77 19.34 -19.98 -15.11
CA THR D 77 20.20 -20.31 -13.98
C THR D 77 21.50 -20.91 -14.51
N GLY D 78 22.47 -21.04 -13.61
CA GLY D 78 23.75 -21.60 -13.98
C GLY D 78 24.67 -21.79 -12.79
N SER D 79 25.94 -21.43 -12.94
CA SER D 79 26.94 -21.55 -11.89
C SER D 79 27.57 -20.20 -11.61
N PHE D 80 27.95 -19.99 -10.34
CA PHE D 80 28.57 -18.74 -9.92
C PHE D 80 29.70 -19.07 -8.96
N SER D 81 30.38 -18.03 -8.48
CA SER D 81 31.50 -18.19 -7.56
C SER D 81 31.61 -16.96 -6.67
N PRO D 82 31.47 -17.11 -5.36
CA PRO D 82 31.56 -15.94 -4.46
C PRO D 82 32.99 -15.48 -4.28
N LYS D 83 33.14 -14.17 -4.14
CA LYS D 83 34.44 -13.54 -3.92
C LYS D 83 34.31 -12.59 -2.73
N CYS D 84 34.74 -13.04 -1.56
CA CYS D 84 34.62 -12.25 -0.32
C CYS D 84 35.98 -11.64 -0.02
N LEU D 85 36.07 -10.32 -0.14
CA LEU D 85 37.30 -9.59 0.16
C LEU D 85 37.26 -9.05 1.58
N SER D 86 38.39 -9.18 2.29
CA SER D 86 38.50 -8.77 3.67
C SER D 86 39.15 -7.40 3.78
N SER D 87 38.87 -6.71 4.89
CA SER D 87 39.44 -5.38 5.14
C SER D 87 39.28 -5.10 6.63
N ARG D 88 40.21 -5.60 7.42
CA ARG D 88 40.16 -5.43 8.87
C ARG D 88 40.68 -4.05 9.26
N ARG D 89 39.97 -3.38 10.16
CA ARG D 89 40.35 -2.06 10.62
C ARG D 89 40.08 -1.96 12.12
N CYS D 90 40.99 -1.28 12.82
CA CYS D 90 40.87 -1.12 14.27
C CYS D 90 39.70 -0.20 14.60
N HIS D 91 39.37 -0.14 15.88
CA HIS D 91 38.26 0.67 16.34
C HIS D 91 38.66 2.14 16.44
N LEU D 92 37.66 3.01 16.40
CA LEU D 92 37.85 4.47 16.45
C LEU D 92 38.73 4.96 15.31
N VAL D 93 38.68 4.28 14.17
CA VAL D 93 39.45 4.65 12.98
C VAL D 93 38.51 4.64 11.79
N GLY D 94 38.16 5.82 11.29
CA GLY D 94 37.28 5.92 10.14
C GLY D 94 35.86 5.48 10.44
N GLU D 95 35.43 4.38 9.82
CA GLU D 95 34.08 3.85 10.00
C GLU D 95 34.08 2.54 10.78
N CYS D 96 35.19 2.18 11.42
CA CYS D 96 35.28 0.95 12.19
C CYS D 96 34.82 1.24 13.62
N HIS D 97 33.56 0.91 13.90
CA HIS D 97 32.98 1.14 15.22
C HIS D 97 32.13 -0.07 15.60
N VAL D 98 31.73 -0.11 16.88
CA VAL D 98 30.90 -1.20 17.35
C VAL D 98 29.45 -1.04 16.90
N ASN D 99 29.06 0.16 16.47
CA ASN D 99 27.70 0.40 15.99
C ASN D 99 27.58 0.35 14.48
N ARG D 100 28.65 0.69 13.75
CA ARG D 100 28.57 0.64 12.29
C ARG D 100 28.71 -0.79 11.78
N CYS D 101 29.59 -1.58 12.40
CA CYS D 101 29.79 -2.96 11.99
C CYS D 101 28.68 -3.89 12.48
N LEU D 102 27.88 -3.46 13.45
CA LEU D 102 26.79 -4.28 13.98
C LEU D 102 25.65 -4.35 12.97
N SER D 103 24.97 -3.24 12.76
CA SER D 103 23.85 -3.17 11.81
C SER D 103 24.32 -2.70 10.44
N TRP D 104 25.34 -3.34 9.89
CA TRP D 104 25.88 -2.97 8.60
C TRP D 104 24.95 -3.45 7.49
N ARG D 105 24.58 -2.54 6.59
CA ARG D 105 23.68 -2.86 5.50
C ARG D 105 24.44 -3.54 4.36
N ASP D 106 23.73 -4.40 3.63
CA ASP D 106 24.35 -5.10 2.51
C ASP D 106 24.54 -4.18 1.31
N ASN D 107 23.56 -3.32 1.03
CA ASN D 107 23.65 -2.40 -0.10
C ASN D 107 24.48 -1.16 0.20
N GLU D 108 24.90 -0.97 1.45
CA GLU D 108 25.70 0.20 1.81
C GLU D 108 27.13 0.01 1.29
N THR D 109 27.57 0.92 0.43
CA THR D 109 28.91 0.85 -0.13
C THR D 109 29.93 1.22 0.94
N SER D 110 30.83 0.29 1.25
CA SER D 110 31.84 0.54 2.27
C SER D 110 32.89 1.51 1.74
N ALA D 111 33.39 2.36 2.64
CA ALA D 111 34.42 3.32 2.26
C ALA D 111 35.75 2.63 1.98
N GLU D 112 36.07 1.59 2.76
CA GLU D 112 37.32 0.87 2.55
C GLU D 112 37.37 0.24 1.16
N PHE D 113 36.23 -0.22 0.66
CA PHE D 113 36.12 -0.74 -0.70
C PHE D 113 35.60 0.30 -1.68
N SER D 114 35.66 1.59 -1.33
CA SER D 114 35.19 2.64 -2.21
C SER D 114 35.96 2.71 -3.51
N PHE D 115 37.14 2.07 -3.58
CA PHE D 115 37.90 2.01 -4.82
C PHE D 115 37.27 1.07 -5.85
N VAL D 116 36.29 0.25 -5.44
CA VAL D 116 35.64 -0.65 -6.39
C VAL D 116 34.74 0.14 -7.33
N GLY D 117 33.82 0.92 -6.79
CA GLY D 117 32.92 1.71 -7.59
C GLY D 117 31.62 1.00 -7.90
N GLU D 118 30.89 1.59 -8.85
CA GLU D 118 29.61 1.05 -9.27
C GLU D 118 29.81 -0.07 -10.28
N SER D 119 29.01 -1.13 -10.16
CA SER D 119 29.08 -2.26 -11.06
C SER D 119 27.76 -3.00 -11.04
N THR D 120 27.36 -3.52 -12.20
CA THR D 120 26.11 -4.27 -12.33
C THR D 120 26.37 -5.74 -12.04
N THR D 121 26.64 -6.02 -10.76
CA THR D 121 26.92 -7.36 -10.29
C THR D 121 26.31 -7.55 -8.91
N MET D 122 25.67 -8.71 -8.71
CA MET D 122 25.06 -9.03 -7.42
C MET D 122 26.10 -9.11 -6.32
N ARG D 123 26.43 -7.97 -5.72
CA ARG D 123 27.42 -7.88 -4.66
C ARG D 123 26.76 -7.56 -3.33
N GLU D 124 27.53 -7.73 -2.26
CA GLU D 124 27.04 -7.46 -0.92
C GLU D 124 28.24 -7.18 -0.02
N ASN D 125 27.99 -6.40 1.04
CA ASN D 125 29.01 -6.00 1.99
C ASN D 125 28.59 -6.41 3.39
N LYS D 126 29.55 -6.96 4.14
CA LYS D 126 29.32 -7.39 5.52
C LYS D 126 30.31 -6.70 6.45
N CYS D 127 30.06 -6.83 7.74
CA CYS D 127 30.91 -6.22 8.78
C CYS D 127 30.98 -7.19 9.94
N PHE D 128 32.04 -7.99 9.99
CA PHE D 128 32.26 -8.96 11.06
C PHE D 128 33.31 -8.39 12.01
N GLU D 129 32.92 -8.15 13.26
CA GLU D 129 33.82 -7.62 14.26
C GLU D 129 34.75 -8.71 14.78
N GLN D 130 35.94 -8.30 15.21
CA GLN D 130 36.95 -9.20 15.74
C GLN D 130 37.51 -8.63 17.04
N CYS D 131 38.35 -9.41 17.70
CA CYS D 131 38.95 -8.97 18.95
C CYS D 131 40.02 -7.92 18.70
N GLY D 132 40.12 -6.97 19.62
CA GLY D 132 41.08 -5.89 19.53
C GLY D 132 42.30 -6.14 20.39
N GLY D 133 42.86 -5.05 20.93
CA GLY D 133 44.03 -5.14 21.77
C GLY D 133 45.32 -5.26 20.97
N TRP D 134 46.43 -5.28 21.70
CA TRP D 134 47.74 -5.39 21.07
C TRP D 134 48.06 -6.81 20.63
N GLY D 135 47.34 -7.81 21.14
CA GLY D 135 47.60 -9.18 20.74
C GLY D 135 47.09 -9.56 19.38
N CYS D 136 46.11 -8.82 18.86
CA CYS D 136 45.54 -9.09 17.54
C CYS D 136 45.94 -8.07 16.48
N GLY D 137 46.58 -6.97 16.86
CA GLY D 137 46.99 -5.97 15.89
C GLY D 137 46.17 -4.69 15.99
N CYS D 138 46.07 -4.13 17.19
CA CYS D 138 45.32 -2.91 17.39
C CYS D 138 45.94 -2.12 18.54
N PHE D 139 45.57 -0.85 18.63
CA PHE D 139 46.09 0.03 19.67
C PHE D 139 45.12 0.22 20.84
N ASN D 140 43.81 0.05 20.61
CA ASN D 140 42.80 0.21 21.63
C ASN D 140 42.22 -1.15 22.00
N VAL D 141 41.69 -1.24 23.23
CA VAL D 141 41.09 -2.48 23.70
C VAL D 141 39.71 -2.74 23.11
N ASN D 142 39.15 -1.80 22.37
CA ASN D 142 37.85 -2.00 21.77
C ASN D 142 37.93 -3.00 20.63
N PRO D 143 36.87 -3.77 20.40
CA PRO D 143 36.89 -4.74 19.30
C PRO D 143 37.00 -4.06 17.95
N SER D 144 37.74 -4.69 17.04
CA SER D 144 37.94 -4.15 15.71
C SER D 144 36.81 -4.59 14.77
N CYS D 145 36.83 -4.04 13.56
CA CYS D 145 35.82 -4.33 12.55
C CYS D 145 36.47 -5.01 11.35
N LEU D 146 35.66 -5.74 10.60
CA LEU D 146 36.11 -6.46 9.40
C LEU D 146 35.14 -6.19 8.28
N PHE D 147 35.60 -5.49 7.24
CA PHE D 147 34.78 -5.16 6.08
C PHE D 147 34.88 -6.27 5.05
N VAL D 148 33.73 -6.77 4.61
CA VAL D 148 33.66 -7.86 3.64
C VAL D 148 32.97 -7.35 2.38
N HIS D 149 33.60 -7.58 1.24
CA HIS D 149 33.05 -7.20 -0.07
C HIS D 149 32.98 -8.45 -0.93
N THR D 150 31.79 -9.04 -1.01
CA THR D 150 31.57 -10.29 -1.74
C THR D 150 30.85 -10.00 -3.04
N TYR D 151 31.39 -10.51 -4.15
CA TYR D 151 30.76 -10.37 -5.46
C TYR D 151 30.83 -11.71 -6.18
N LEU D 152 29.77 -12.04 -6.92
CA LEU D 152 29.69 -13.31 -7.63
C LEU D 152 30.38 -13.20 -8.98
N GLN D 153 30.87 -14.34 -9.47
CA GLN D 153 31.54 -14.43 -10.76
C GLN D 153 31.21 -15.77 -11.38
N SER D 154 30.54 -15.73 -12.53
CA SER D 154 30.14 -16.95 -13.22
C SER D 154 31.36 -17.66 -13.78
N VAL D 155 31.43 -18.98 -13.54
CA VAL D 155 32.55 -19.77 -14.03
C VAL D 155 32.24 -20.44 -15.36
N ARG D 156 31.04 -21.03 -15.48
CA ARG D 156 30.66 -21.69 -16.71
C ARG D 156 30.39 -20.67 -17.82
N LYS D 157 30.46 -21.16 -19.06
CA LYS D 157 30.24 -20.34 -20.24
C LYS D 157 28.86 -20.55 -20.86
N GLU D 158 27.94 -21.17 -20.12
CA GLU D 158 26.59 -21.42 -20.63
C GLU D 158 25.62 -21.40 -19.47
N ALA D 159 24.34 -21.24 -19.81
CA ALA D 159 23.27 -21.20 -18.82
C ALA D 159 22.15 -22.13 -19.25
N LEU D 160 21.19 -22.34 -18.34
CA LEU D 160 20.05 -23.21 -18.58
C LEU D 160 18.76 -22.43 -18.33
N ARG D 161 17.74 -22.70 -19.15
CA ARG D 161 16.45 -22.01 -19.05
C ARG D 161 15.45 -23.00 -18.44
N VAL D 162 15.28 -22.91 -17.13
CA VAL D 162 14.36 -23.79 -16.41
C VAL D 162 12.94 -23.27 -16.59
N PHE D 163 12.02 -24.17 -16.93
CA PHE D 163 10.63 -23.82 -17.12
C PHE D 163 9.76 -24.98 -16.63
N ASN D 164 8.46 -24.87 -16.87
CA ASN D 164 7.49 -25.90 -16.46
C ASN D 164 6.43 -26.02 -17.53
N CYS D 165 5.43 -26.87 -17.25
CA CYS D 165 4.32 -27.10 -18.17
C CYS D 165 3.01 -27.06 -17.40
N ILE D 166 1.91 -26.95 -18.15
CA ILE D 166 0.56 -26.91 -17.59
C ILE D 166 -0.33 -27.98 -18.20
N ASP D 167 -0.43 -27.99 -19.53
CA ASP D 167 -1.26 -28.96 -20.23
C ASP D 167 -0.60 -29.32 -21.55
N TRP D 168 -0.71 -30.59 -21.93
CA TRP D 168 -0.12 -31.07 -23.17
C TRP D 168 -1.05 -30.78 -24.34
N VAL D 169 -0.49 -30.26 -25.42
CA VAL D 169 -1.23 -29.91 -26.63
C VAL D 169 -0.66 -30.70 -27.80
N HIS D 170 -1.52 -31.36 -28.55
CA HIS D 170 -1.07 -32.14 -29.70
C HIS D 170 -0.61 -31.21 -30.80
N LYS D 171 0.66 -31.32 -31.18
CA LYS D 171 1.28 -30.45 -32.17
C LYS D 171 1.30 -31.13 -33.53
N LEU D 172 0.99 -30.35 -34.57
CA LEU D 172 1.00 -30.82 -35.95
C LEU D 172 2.16 -30.14 -36.67
N THR D 173 3.18 -30.91 -37.02
CA THR D 173 4.33 -30.39 -37.76
C THR D 173 4.01 -30.44 -39.25
N LEU D 174 3.80 -29.27 -39.84
CA LEU D 174 3.38 -29.15 -41.23
C LEU D 174 4.47 -28.46 -42.04
N GLU D 175 4.93 -29.10 -43.10
CA GLU D 175 5.89 -28.51 -44.03
C GLU D 175 5.11 -28.01 -45.23
N ILE D 176 4.82 -26.72 -45.24
CA ILE D 176 3.96 -26.11 -46.26
C ILE D 176 4.83 -25.60 -47.40
N THR D 177 4.55 -26.05 -48.62
CA THR D 177 5.21 -25.56 -49.82
C THR D 177 4.21 -24.73 -50.61
N ASP D 178 4.61 -23.50 -50.94
CA ASP D 178 3.71 -22.55 -51.60
C ASP D 178 3.60 -22.87 -53.09
N PHE D 179 3.01 -21.95 -53.85
CA PHE D 179 2.82 -22.16 -55.27
C PHE D 179 4.12 -21.95 -56.05
N ASP D 180 4.92 -20.96 -55.66
CA ASP D 180 6.16 -20.68 -56.38
C ASP D 180 7.22 -21.75 -56.08
N GLY D 181 7.25 -22.25 -54.85
CA GLY D 181 8.21 -23.27 -54.48
C GLY D 181 8.92 -22.99 -53.18
N SER D 182 8.47 -21.95 -52.46
CA SER D 182 9.06 -21.59 -51.18
C SER D 182 8.67 -22.62 -50.12
N VAL D 183 9.62 -23.46 -49.73
CA VAL D 183 9.38 -24.51 -48.76
C VAL D 183 9.53 -23.93 -47.36
N SER D 184 8.49 -24.11 -46.53
CA SER D 184 8.50 -23.63 -45.15
C SER D 184 8.11 -24.76 -44.22
N THR D 185 8.50 -24.63 -42.96
CA THR D 185 8.21 -25.62 -41.93
C THR D 185 7.62 -24.90 -40.72
N ILE D 186 6.37 -25.22 -40.39
CA ILE D 186 5.67 -24.62 -39.27
C ILE D 186 5.02 -25.74 -38.46
N ASP D 187 4.35 -25.33 -37.37
CA ASP D 187 3.66 -26.28 -36.50
C ASP D 187 2.42 -25.62 -35.91
N LEU D 188 1.43 -26.43 -35.59
CA LEU D 188 0.18 -25.95 -35.03
C LEU D 188 -0.13 -26.70 -33.74
N GLY D 189 -1.07 -26.16 -32.98
CA GLY D 189 -1.48 -26.77 -31.72
C GLY D 189 -2.83 -26.29 -31.23
N ALA D 190 -3.76 -27.23 -31.03
CA ALA D 190 -5.11 -26.92 -30.57
C ALA D 190 -5.79 -25.92 -31.48
N SER D 191 -5.63 -24.62 -31.18
CA SER D 191 -6.23 -23.56 -31.98
C SER D 191 -5.19 -22.53 -32.42
N SER D 192 -3.93 -22.92 -32.51
CA SER D 192 -2.90 -22.00 -32.94
C SER D 192 -3.00 -21.73 -34.45
N SER D 193 -2.46 -20.59 -34.86
CA SER D 193 -2.51 -20.17 -36.25
C SER D 193 -1.19 -19.52 -36.62
N ARG D 194 -0.49 -20.10 -37.59
CA ARG D 194 0.78 -19.55 -38.07
C ARG D 194 0.54 -18.62 -39.25
N PHE D 195 1.35 -17.57 -39.33
CA PHE D 195 1.24 -16.56 -40.37
C PHE D 195 2.21 -16.89 -41.49
N THR D 196 1.69 -17.06 -42.70
CA THR D 196 2.48 -17.35 -43.88
C THR D 196 2.32 -16.25 -44.91
N ASN D 197 3.18 -16.30 -45.93
CA ASN D 197 3.14 -15.28 -46.98
C ASN D 197 1.82 -15.28 -47.73
N TRP D 198 1.15 -16.43 -47.80
CA TRP D 198 -0.15 -16.53 -48.44
C TRP D 198 -1.31 -16.31 -47.48
N GLY D 199 -1.03 -16.01 -46.22
CA GLY D 199 -2.09 -15.78 -45.25
C GLY D 199 -1.80 -16.36 -43.88
N SER D 200 -2.55 -17.39 -43.51
CA SER D 200 -2.38 -18.04 -42.21
C SER D 200 -2.97 -19.43 -42.27
N VAL D 201 -2.58 -20.26 -41.31
CA VAL D 201 -3.05 -21.63 -41.20
C VAL D 201 -3.40 -21.91 -39.74
N SER D 202 -4.41 -22.75 -39.54
CA SER D 202 -4.87 -23.07 -38.20
C SER D 202 -5.46 -24.47 -38.18
N LEU D 203 -5.29 -25.16 -37.06
CA LEU D 203 -5.84 -26.51 -36.87
C LEU D 203 -7.34 -26.39 -36.63
N SER D 204 -8.15 -26.89 -37.57
CA SER D 204 -9.59 -26.79 -37.44
C SER D 204 -10.12 -27.73 -36.37
N LEU D 205 -10.02 -29.04 -36.60
CA LEU D 205 -10.57 -30.03 -35.70
C LEU D 205 -9.46 -30.89 -35.12
N ASP D 206 -9.59 -31.22 -33.84
CA ASP D 206 -8.63 -32.08 -33.15
C ASP D 206 -9.36 -32.89 -32.10
N ALA D 207 -8.73 -34.00 -31.69
CA ALA D 207 -9.32 -34.88 -30.69
C ALA D 207 -8.27 -35.70 -29.95
N GLU D 208 -7.04 -35.20 -29.87
CA GLU D 208 -5.95 -35.90 -29.19
C GLU D 208 -5.24 -34.94 -28.25
N GLY D 209 -4.81 -35.46 -27.10
CA GLY D 209 -4.13 -34.64 -26.12
C GLY D 209 -4.25 -35.19 -24.70
N ILE D 210 -3.13 -35.19 -23.97
CA ILE D 210 -3.11 -35.69 -22.60
C ILE D 210 -2.90 -34.53 -21.65
N SER D 211 -2.70 -34.83 -20.37
CA SER D 211 -2.49 -33.81 -19.36
C SER D 211 -1.65 -34.40 -18.23
N GLY D 212 -1.04 -33.52 -17.44
CA GLY D 212 -0.21 -33.94 -16.33
C GLY D 212 1.23 -33.48 -16.45
N SER D 213 1.44 -32.17 -16.54
CA SER D 213 2.78 -31.61 -16.66
C SER D 213 3.04 -30.51 -15.63
N ASN D 214 2.12 -30.29 -14.69
CA ASN D 214 2.32 -29.26 -13.68
C ASN D 214 3.29 -29.70 -12.60
N SER D 215 3.22 -30.96 -12.18
CA SER D 215 4.11 -31.47 -11.15
C SER D 215 5.53 -31.71 -11.63
N PHE D 216 5.76 -31.68 -12.94
CA PHE D 216 7.08 -31.89 -13.52
C PHE D 216 7.64 -30.57 -14.03
N SER D 217 8.92 -30.33 -13.76
CA SER D 217 9.61 -29.12 -14.19
C SER D 217 10.75 -29.50 -15.13
N PHE D 218 10.86 -28.79 -16.24
CA PHE D 218 11.84 -29.10 -17.27
C PHE D 218 12.96 -28.07 -17.27
N ILE D 219 14.09 -28.46 -17.85
CA ILE D 219 15.28 -27.61 -17.95
C ILE D 219 15.72 -27.60 -19.40
N GLU D 220 15.84 -26.41 -19.99
CA GLU D 220 16.25 -26.24 -21.36
C GLU D 220 17.75 -25.97 -21.43
N SER D 221 18.44 -26.72 -22.28
CA SER D 221 19.88 -26.58 -22.48
C SER D 221 20.16 -26.39 -23.96
N PRO D 222 20.37 -25.15 -24.41
CA PRO D 222 20.62 -24.92 -25.84
C PRO D 222 21.97 -25.48 -26.26
N GLY D 223 21.99 -26.22 -27.36
CA GLY D 223 23.19 -26.83 -27.87
C GLY D 223 23.49 -28.20 -27.31
N LYS D 224 22.87 -28.58 -26.20
CA LYS D 224 23.09 -29.89 -25.58
C LYS D 224 21.83 -30.73 -25.53
N GLY D 225 20.75 -30.21 -24.96
CA GLY D 225 19.51 -30.95 -24.87
C GLY D 225 18.69 -30.46 -23.68
N TYR D 226 17.64 -31.22 -23.40
CA TYR D 226 16.73 -30.90 -22.30
C TYR D 226 17.05 -31.77 -21.09
N ALA D 227 16.28 -31.55 -20.02
CA ALA D 227 16.45 -32.31 -18.78
C ALA D 227 15.13 -32.35 -18.04
N ILE D 228 14.61 -33.56 -17.85
CA ILE D 228 13.35 -33.76 -17.14
C ILE D 228 13.62 -33.73 -15.64
N VAL D 229 12.73 -33.06 -14.90
CA VAL D 229 12.84 -32.92 -13.46
C VAL D 229 11.50 -33.29 -12.83
N ASP D 230 11.53 -34.20 -11.86
CA ASP D 230 10.30 -34.73 -11.29
C ASP D 230 9.69 -33.81 -10.24
N GLU D 231 10.52 -33.03 -9.54
CA GLU D 231 9.99 -32.16 -8.51
C GLU D 231 9.22 -30.99 -9.13
N PRO D 232 8.22 -30.46 -8.42
CA PRO D 232 7.43 -29.35 -8.98
C PRO D 232 8.28 -28.10 -9.18
N PHE D 233 7.73 -27.18 -9.96
CA PHE D 233 8.42 -25.94 -10.26
C PHE D 233 8.49 -25.05 -9.02
N SER D 234 9.62 -24.38 -8.84
CA SER D 234 9.85 -23.49 -7.70
C SER D 234 9.50 -22.06 -8.10
N GLU D 235 8.54 -21.47 -7.39
CA GLU D 235 8.14 -20.10 -7.68
C GLU D 235 9.06 -19.10 -7.00
N ILE D 236 9.15 -19.16 -5.67
CA ILE D 236 10.01 -18.26 -4.90
C ILE D 236 11.38 -18.91 -4.73
N PRO D 237 12.47 -18.19 -4.99
CA PRO D 237 13.80 -18.79 -4.84
C PRO D 237 14.20 -18.89 -3.38
N ARG D 238 14.80 -20.03 -3.02
CA ARG D 238 15.27 -20.28 -1.68
C ARG D 238 16.66 -20.90 -1.73
N GLN D 239 17.42 -20.70 -0.67
CA GLN D 239 18.80 -21.20 -0.62
C GLN D 239 18.82 -22.72 -0.49
N GLY D 240 19.89 -23.32 -1.00
CA GLY D 240 20.05 -24.76 -0.92
C GLY D 240 19.08 -25.54 -1.78
N PHE D 241 18.66 -24.98 -2.92
CA PHE D 241 17.71 -25.63 -3.80
C PHE D 241 18.14 -25.44 -5.24
N LEU D 242 17.66 -26.34 -6.10
CA LEU D 242 17.98 -26.29 -7.53
C LEU D 242 17.45 -25.00 -8.15
N GLY D 243 18.34 -24.07 -8.47
CA GLY D 243 17.93 -22.80 -9.05
C GLY D 243 17.73 -21.72 -8.01
N GLU D 244 18.66 -21.63 -7.04
CA GLU D 244 18.54 -20.64 -5.98
C GLU D 244 18.90 -19.23 -6.44
N ILE D 245 19.63 -19.10 -7.56
CA ILE D 245 20.02 -17.80 -8.10
C ILE D 245 19.50 -17.73 -9.53
N ARG D 246 18.49 -16.90 -9.76
CA ARG D 246 17.89 -16.72 -11.07
C ARG D 246 18.12 -15.32 -11.57
N CYS D 247 17.94 -15.14 -12.88
CA CYS D 247 18.14 -13.84 -13.51
C CYS D 247 16.98 -13.51 -14.44
N ASN D 248 17.28 -13.28 -15.72
CA ASN D 248 16.24 -12.95 -16.70
C ASN D 248 16.63 -13.47 -18.08
N SER D 249 17.90 -13.33 -18.44
CA SER D 249 18.40 -13.77 -19.73
C SER D 249 19.69 -14.56 -19.53
N GLU D 250 20.28 -15.01 -20.63
CA GLU D 250 21.53 -15.77 -20.56
C GLU D 250 22.69 -14.87 -20.19
N SER D 251 22.74 -13.66 -20.76
CA SER D 251 23.80 -12.73 -20.42
C SER D 251 23.72 -12.26 -18.97
N SER D 252 22.51 -12.25 -18.40
CA SER D 252 22.36 -11.88 -16.99
C SER D 252 22.95 -12.95 -16.07
N VAL D 253 23.13 -14.17 -16.55
CA VAL D 253 23.72 -15.24 -15.75
C VAL D 253 25.20 -15.40 -16.04
N LEU D 254 25.60 -15.30 -17.31
CA LEU D 254 27.01 -15.46 -17.65
C LEU D 254 27.83 -14.26 -17.17
N SER D 255 27.23 -13.08 -17.16
CA SER D 255 27.92 -11.87 -16.71
C SER D 255 27.50 -11.44 -15.31
N ALA D 256 26.61 -12.19 -14.66
CA ALA D 256 26.14 -11.90 -13.31
C ALA D 256 25.56 -10.49 -13.21
N HIS D 257 24.33 -10.32 -13.69
CA HIS D 257 23.66 -9.02 -13.64
C HIS D 257 22.96 -8.85 -12.31
N GLU D 258 22.98 -7.61 -11.80
CA GLU D 258 22.36 -7.29 -10.52
C GLU D 258 20.84 -7.25 -10.58
N SER D 259 20.25 -7.35 -11.77
CA SER D 259 18.80 -7.31 -11.91
C SER D 259 18.13 -8.64 -11.60
N CYS D 260 18.90 -9.68 -11.32
CA CYS D 260 18.34 -10.99 -11.01
C CYS D 260 17.91 -11.06 -9.54
N LEU D 261 17.34 -12.20 -9.16
CA LEU D 261 16.87 -12.43 -7.80
C LEU D 261 17.68 -13.56 -7.16
N ARG D 262 17.85 -13.46 -5.84
CA ARG D 262 18.59 -14.46 -5.09
C ARG D 262 18.08 -14.48 -3.66
N ALA D 263 18.49 -15.49 -2.91
CA ALA D 263 18.08 -15.63 -1.52
C ALA D 263 19.06 -14.90 -0.60
N PRO D 264 18.55 -14.22 0.43
CA PRO D 264 19.46 -13.52 1.35
C PRO D 264 20.23 -14.49 2.22
N ASN D 265 21.41 -14.04 2.64
CA ASN D 265 22.32 -14.83 3.49
C ASN D 265 22.65 -16.17 2.82
N LEU D 266 22.94 -16.11 1.53
CA LEU D 266 23.26 -17.31 0.76
C LEU D 266 24.73 -17.69 0.87
N ILE D 267 25.62 -16.71 0.94
CA ILE D 267 27.06 -16.97 1.03
C ILE D 267 27.42 -17.27 2.49
N SER D 268 28.02 -18.42 2.71
CA SER D 268 28.44 -18.82 4.06
C SER D 268 29.77 -18.16 4.39
N TYR D 269 29.76 -17.29 5.41
CA TYR D 269 30.95 -16.55 5.81
C TYR D 269 31.57 -17.23 7.03
N LYS D 270 32.88 -17.45 6.97
CA LYS D 270 33.64 -18.05 8.07
C LYS D 270 34.92 -17.25 8.27
N PRO D 271 34.92 -16.30 9.22
CA PRO D 271 36.13 -15.53 9.49
C PRO D 271 37.06 -16.24 10.47
N MET D 272 38.34 -15.88 10.39
CA MET D 272 39.37 -16.43 11.26
C MET D 272 40.32 -15.29 11.67
N ILE D 273 39.76 -14.31 12.37
CA ILE D 273 40.51 -13.14 12.86
C ILE D 273 41.18 -12.43 11.68
N ASP D 274 42.33 -12.95 11.25
CA ASP D 274 43.05 -12.38 10.12
C ASP D 274 42.62 -12.99 8.79
N GLN D 275 42.25 -14.27 8.78
CA GLN D 275 41.79 -14.93 7.57
C GLN D 275 40.28 -14.75 7.41
N LEU D 276 39.80 -15.12 6.22
CA LEU D 276 38.37 -15.01 5.92
C LEU D 276 38.05 -15.93 4.75
N GLU D 277 37.19 -16.92 4.99
CA GLU D 277 36.75 -17.83 3.96
C GLU D 277 35.22 -17.80 3.88
N CYS D 278 34.67 -18.58 2.96
CA CYS D 278 33.23 -18.63 2.77
C CYS D 278 32.93 -19.67 1.70
N THR D 279 31.83 -20.40 1.89
CA THR D 279 31.41 -21.44 0.95
C THR D 279 29.91 -21.32 0.71
N THR D 280 29.48 -21.78 -0.45
CA THR D 280 28.08 -21.75 -0.85
C THR D 280 27.62 -23.13 -1.27
N ASN D 281 26.39 -23.48 -0.92
CA ASN D 281 25.79 -24.76 -1.29
C ASN D 281 25.00 -24.64 -2.59
N LEU D 282 25.65 -24.17 -3.64
CA LEU D 282 25.00 -23.98 -4.93
C LEU D 282 24.71 -25.34 -5.57
N ILE D 283 23.44 -25.63 -5.79
CA ILE D 283 23.04 -26.88 -6.43
C ILE D 283 23.38 -26.78 -7.91
N ASP D 284 24.33 -27.59 -8.36
CA ASP D 284 24.77 -27.56 -9.74
C ASP D 284 23.68 -28.15 -10.64
N PRO D 285 23.10 -27.38 -11.56
CA PRO D 285 22.08 -27.95 -12.44
C PRO D 285 22.63 -28.91 -13.47
N PHE D 286 23.94 -28.88 -13.73
CA PHE D 286 24.54 -29.81 -14.68
C PHE D 286 24.50 -31.25 -14.15
N VAL D 287 24.49 -31.41 -12.82
CA VAL D 287 24.37 -32.74 -12.25
C VAL D 287 23.00 -33.34 -12.57
N VAL D 288 21.94 -32.54 -12.37
CA VAL D 288 20.60 -32.99 -12.74
C VAL D 288 20.49 -33.18 -14.25
N PHE D 289 21.18 -32.35 -15.02
CA PHE D 289 21.17 -32.50 -16.48
C PHE D 289 21.83 -33.81 -16.90
N GLU D 290 22.85 -34.26 -16.16
CA GLU D 290 23.50 -35.52 -16.48
C GLU D 290 22.72 -36.72 -15.95
N ARG D 291 22.03 -36.56 -14.82
CA ARG D 291 21.24 -37.65 -14.28
C ARG D 291 19.98 -37.89 -15.12
N GLY D 292 19.17 -36.86 -15.29
CA GLY D 292 17.96 -36.98 -16.07
C GLY D 292 18.02 -36.23 -17.39
N SER D 293 18.21 -36.98 -18.49
CA SER D 293 18.32 -36.40 -19.82
C SER D 293 17.31 -37.08 -20.74
N LEU D 294 16.52 -36.27 -21.44
CA LEU D 294 15.54 -36.81 -22.36
C LEU D 294 16.24 -37.54 -23.51
N PRO D 295 15.57 -38.53 -24.14
CA PRO D 295 14.22 -39.03 -23.86
C PRO D 295 14.09 -39.83 -22.57
N GLN D 296 13.06 -39.55 -21.79
CA GLN D 296 12.76 -40.28 -20.56
C GLN D 296 11.27 -40.57 -20.50
N THR D 297 10.92 -41.75 -20.01
CA THR D 297 9.54 -42.18 -19.89
C THR D 297 9.04 -41.98 -18.46
N ARG D 298 7.74 -41.72 -18.35
CA ARG D 298 7.09 -41.53 -17.06
C ARG D 298 5.73 -42.20 -17.08
N ASN D 299 5.49 -43.07 -16.10
CA ASN D 299 4.24 -43.81 -15.99
C ASN D 299 3.95 -44.61 -17.26
N ASP D 300 3.40 -43.93 -18.28
CA ASP D 300 3.10 -44.62 -19.53
C ASP D 300 3.30 -43.73 -20.75
N LYS D 301 4.07 -42.65 -20.65
CA LYS D 301 4.32 -41.75 -21.76
C LYS D 301 5.82 -41.56 -21.95
N THR D 302 6.20 -41.19 -23.17
CA THR D 302 7.59 -40.97 -23.54
C THR D 302 7.80 -39.49 -23.80
N PHE D 303 8.75 -38.88 -23.07
CA PHE D 303 9.06 -37.47 -23.20
C PHE D 303 10.41 -37.31 -23.90
N ALA D 304 10.49 -36.36 -24.82
CA ALA D 304 11.71 -36.11 -25.57
C ALA D 304 11.66 -34.66 -26.09
N ALA D 305 12.57 -34.35 -27.00
CA ALA D 305 12.66 -33.03 -27.61
C ALA D 305 12.26 -33.11 -29.09
N SER D 306 12.79 -32.18 -29.89
CA SER D 306 12.51 -32.13 -31.31
C SER D 306 13.79 -32.34 -32.11
N LYS D 307 13.62 -32.81 -33.34
CA LYS D 307 14.75 -33.07 -34.23
C LYS D 307 15.01 -31.84 -35.09
N GLY D 308 16.24 -31.33 -35.02
CA GLY D 308 16.62 -30.16 -35.78
C GLY D 308 16.11 -28.84 -35.25
N ASN D 309 15.40 -28.85 -34.12
CA ASN D 309 14.85 -27.64 -33.53
C ASN D 309 14.58 -27.90 -32.06
N ARG D 310 14.38 -26.81 -31.32
CA ARG D 310 14.08 -26.90 -29.89
C ARG D 310 12.58 -26.96 -29.67
N GLY D 311 12.18 -27.63 -28.58
CA GLY D 311 10.78 -27.79 -28.26
C GLY D 311 10.48 -29.11 -27.58
N VAL D 312 9.71 -29.06 -26.49
CA VAL D 312 9.37 -30.25 -25.75
C VAL D 312 8.32 -31.05 -26.52
N GLN D 313 8.56 -32.34 -26.69
CA GLN D 313 7.66 -33.22 -27.41
C GLN D 313 7.41 -34.47 -26.58
N ALA D 314 6.30 -35.16 -26.89
CA ALA D 314 5.93 -36.39 -26.22
C ALA D 314 5.27 -37.33 -27.21
N PHE D 315 5.62 -38.61 -27.11
CA PHE D 315 5.09 -39.64 -28.01
C PHE D 315 4.03 -40.46 -27.30
N SER D 316 2.94 -40.75 -28.02
CA SER D 316 1.86 -41.54 -27.46
C SER D 316 1.12 -42.22 -28.61
N LYS D 317 0.28 -43.19 -28.25
CA LYS D 317 -0.49 -43.95 -29.23
C LYS D 317 -1.67 -43.11 -29.69
N GLY D 318 -1.65 -42.70 -30.97
CA GLY D 318 -2.72 -41.90 -31.52
C GLY D 318 -3.23 -42.40 -32.84
N SER D 319 -4.04 -41.59 -33.52
CA SER D 319 -4.61 -41.96 -34.80
C SER D 319 -4.58 -40.73 -35.71
N VAL D 320 -5.34 -40.77 -36.80
CA VAL D 320 -5.41 -39.67 -37.76
C VAL D 320 -6.87 -39.21 -37.81
N GLN D 321 -7.14 -38.03 -37.23
CA GLN D 321 -8.52 -37.53 -37.24
C GLN D 321 -8.60 -36.02 -37.09
N ALA D 322 -7.62 -35.26 -37.56
CA ALA D 322 -7.63 -33.80 -37.43
C ALA D 322 -8.02 -33.14 -38.74
N ASP D 323 -8.51 -31.91 -38.63
CA ASP D 323 -8.91 -31.11 -39.78
C ASP D 323 -8.20 -29.77 -39.74
N LEU D 324 -7.88 -29.24 -40.92
CA LEU D 324 -7.16 -27.99 -41.07
C LEU D 324 -7.99 -27.00 -41.87
N THR D 325 -7.52 -25.76 -41.92
CA THR D 325 -8.16 -24.69 -42.68
C THR D 325 -7.13 -24.04 -43.59
N LEU D 326 -7.63 -23.24 -44.53
CA LEU D 326 -6.78 -22.51 -45.48
C LEU D 326 -7.31 -21.09 -45.57
N MET D 327 -6.69 -20.18 -44.82
CA MET D 327 -7.09 -18.78 -44.78
C MET D 327 -6.27 -18.00 -45.80
N PHE D 328 -6.93 -17.54 -46.86
CA PHE D 328 -6.28 -16.76 -47.91
C PHE D 328 -6.66 -15.30 -47.72
N ASP D 329 -5.67 -14.44 -47.50
CA ASP D 329 -5.88 -13.02 -47.27
C ASP D 329 -5.51 -12.20 -48.50
N ASN D 330 -6.19 -12.47 -49.61
CA ASN D 330 -5.99 -11.74 -50.87
C ASN D 330 -4.53 -11.82 -51.31
N PHE D 331 -4.10 -12.98 -51.79
CA PHE D 331 -2.75 -13.18 -52.29
C PHE D 331 -2.77 -13.30 -53.80
N GLU D 332 -1.74 -12.73 -54.45
CA GLU D 332 -1.64 -12.71 -55.89
C GLU D 332 -0.69 -13.83 -56.36
N VAL D 333 -1.17 -14.64 -57.30
CA VAL D 333 -0.39 -15.72 -57.88
C VAL D 333 -0.33 -15.53 -59.39
N ASP D 334 0.88 -15.49 -59.92
CA ASP D 334 1.10 -15.31 -61.36
C ASP D 334 1.71 -16.57 -61.96
N PHE D 335 1.63 -16.66 -63.29
CA PHE D 335 2.16 -17.81 -64.01
C PHE D 335 2.48 -17.36 -65.44
N VAL D 336 3.77 -17.09 -65.68
CA VAL D 336 4.24 -16.64 -66.99
C VAL D 336 5.29 -17.63 -67.47
N GLY D 337 5.07 -18.18 -68.67
CA GLY D 337 6.01 -19.13 -69.23
C GLY D 337 5.35 -20.38 -69.77
N ALA D 338 4.07 -20.56 -69.44
CA ALA D 338 3.27 -21.73 -69.87
C ALA D 338 3.96 -23.00 -69.37
N ALA D 339 3.76 -24.11 -70.06
CA ALA D 339 4.34 -25.38 -69.65
C ALA D 339 4.56 -26.24 -70.90
N VAL D 340 5.30 -27.33 -70.72
CA VAL D 340 5.60 -28.27 -71.79
C VAL D 340 5.00 -29.63 -71.43
N SER D 341 5.07 -30.54 -72.39
CA SER D 341 4.53 -31.88 -72.20
C SER D 341 5.53 -32.75 -71.44
N CYS D 342 5.08 -33.96 -71.07
CA CYS D 342 5.91 -34.90 -70.34
C CYS D 342 5.25 -36.27 -70.39
N ASP D 343 6.07 -37.30 -70.41
CA ASP D 343 5.59 -38.68 -70.46
C ASP D 343 5.56 -39.27 -69.06
N ALA D 344 4.53 -40.09 -68.79
CA ALA D 344 4.36 -40.73 -67.51
C ALA D 344 4.37 -42.25 -67.69
N ALA D 345 4.76 -42.96 -66.63
CA ALA D 345 4.84 -44.40 -66.64
C ALA D 345 4.29 -44.95 -65.33
N PHE D 346 4.26 -46.28 -65.22
CA PHE D 346 3.77 -46.97 -64.04
C PHE D 346 4.89 -47.81 -63.47
N LEU D 347 5.25 -47.55 -62.22
CA LEU D 347 6.31 -48.31 -61.55
C LEU D 347 5.71 -49.43 -60.69
N ASN D 348 5.02 -49.06 -59.61
CA ASN D 348 4.44 -50.05 -58.71
C ASN D 348 3.27 -49.42 -57.96
N LEU D 349 2.58 -50.25 -57.19
CA LEU D 349 1.43 -49.82 -56.40
C LEU D 349 1.36 -50.70 -55.16
N THR D 350 1.49 -50.08 -54.00
CA THR D 350 1.43 -50.78 -52.72
C THR D 350 0.46 -50.05 -51.79
N GLY D 351 0.39 -50.52 -50.55
CA GLY D 351 -0.48 -49.92 -49.55
C GLY D 351 -1.65 -50.80 -49.18
N CYS D 352 -2.78 -50.18 -48.85
CA CYS D 352 -3.98 -50.90 -48.47
C CYS D 352 -5.20 -50.09 -48.89
N TYR D 353 -6.38 -50.63 -48.60
CA TYR D 353 -7.64 -50.00 -48.92
C TYR D 353 -8.50 -49.88 -47.68
N SER D 354 -9.38 -48.87 -47.66
CA SER D 354 -10.30 -48.61 -46.56
C SER D 354 -9.54 -48.44 -45.24
N CYS D 355 -8.53 -47.57 -45.27
CA CYS D 355 -7.72 -47.30 -44.09
C CYS D 355 -7.14 -45.90 -44.19
N ASN D 356 -6.62 -45.41 -43.07
CA ASN D 356 -6.03 -44.08 -43.04
C ASN D 356 -4.67 -44.02 -43.74
N ALA D 357 -3.98 -45.15 -43.87
CA ALA D 357 -2.68 -45.17 -44.53
C ALA D 357 -2.80 -45.01 -46.04
N GLY D 358 -3.91 -45.43 -46.63
CA GLY D 358 -4.08 -45.30 -48.06
C GLY D 358 -3.27 -46.33 -48.83
N ALA D 359 -3.08 -46.05 -50.13
CA ALA D 359 -2.34 -46.92 -51.03
C ALA D 359 -1.24 -46.10 -51.68
N ARG D 360 0.01 -46.35 -51.28
CA ARG D 360 1.15 -45.62 -51.84
C ARG D 360 1.39 -46.06 -53.28
N VAL D 361 1.20 -45.13 -54.21
CA VAL D 361 1.42 -45.39 -55.63
C VAL D 361 2.78 -44.85 -56.04
N CYS D 362 3.48 -45.62 -56.86
CA CYS D 362 4.81 -45.25 -57.36
C CYS D 362 4.75 -45.18 -58.88
N LEU D 363 4.99 -43.99 -59.42
CA LEU D 363 4.94 -43.74 -60.85
C LEU D 363 6.25 -43.15 -61.32
N SER D 364 6.47 -43.19 -62.63
CA SER D 364 7.66 -42.65 -63.27
C SER D 364 7.24 -41.53 -64.22
N ILE D 365 7.84 -40.36 -64.07
CA ILE D 365 7.54 -39.19 -64.87
C ILE D 365 8.78 -38.81 -65.65
N THR D 366 8.66 -38.73 -66.98
CA THR D 366 9.75 -38.36 -67.87
C THR D 366 9.34 -37.10 -68.61
N SER D 367 9.93 -35.97 -68.23
CA SER D 367 9.64 -34.67 -68.82
C SER D 367 10.93 -34.04 -69.33
N THR D 368 10.80 -32.86 -69.93
CA THR D 368 11.93 -32.12 -70.47
C THR D 368 12.13 -30.76 -69.80
N GLY D 369 11.28 -30.39 -68.85
CA GLY D 369 11.42 -29.12 -68.18
C GLY D 369 10.65 -29.10 -66.89
N THR D 370 10.54 -27.90 -66.31
CA THR D 370 9.84 -27.71 -65.05
C THR D 370 8.34 -27.56 -65.33
N GLY D 371 7.56 -28.51 -64.81
CA GLY D 371 6.12 -28.48 -65.00
C GLY D 371 5.35 -29.19 -63.90
N SER D 372 4.04 -29.31 -64.08
CA SER D 372 3.18 -29.96 -63.10
C SER D 372 2.32 -30.99 -63.81
N LEU D 373 2.37 -32.24 -63.32
CA LEU D 373 1.60 -33.33 -63.88
C LEU D 373 0.35 -33.56 -63.03
N SER D 374 -0.82 -33.55 -63.67
CA SER D 374 -2.09 -33.75 -63.00
C SER D 374 -2.90 -34.79 -63.74
N ALA D 375 -3.41 -35.77 -63.01
CA ALA D 375 -4.21 -36.85 -63.59
C ALA D 375 -5.57 -36.90 -62.92
N HIS D 376 -6.56 -37.39 -63.67
CA HIS D 376 -7.91 -37.53 -63.15
C HIS D 376 -8.59 -38.71 -63.85
N ASN D 377 -9.46 -39.39 -63.10
CA ASN D 377 -10.17 -40.55 -63.62
C ASN D 377 -11.39 -40.15 -64.43
N LYS D 378 -12.39 -41.02 -64.48
CA LYS D 378 -13.61 -40.78 -65.26
C LYS D 378 -14.68 -40.05 -64.45
N ASP D 379 -15.04 -40.59 -63.29
CA ASP D 379 -16.09 -39.98 -62.47
C ASP D 379 -15.63 -38.73 -61.73
N GLY D 380 -14.34 -38.42 -61.77
CA GLY D 380 -13.84 -37.24 -61.09
C GLY D 380 -13.79 -37.39 -59.57
N SER D 381 -13.11 -38.43 -59.10
CA SER D 381 -12.98 -38.70 -57.68
C SER D 381 -11.55 -38.66 -57.16
N LEU D 382 -10.55 -38.89 -58.01
CA LEU D 382 -9.16 -38.88 -57.61
C LEU D 382 -8.35 -38.00 -58.56
N HIS D 383 -7.30 -37.39 -58.03
CA HIS D 383 -6.43 -36.53 -58.81
C HIS D 383 -4.98 -36.77 -58.40
N ILE D 384 -4.09 -36.65 -59.37
CA ILE D 384 -2.66 -36.86 -59.17
C ILE D 384 -1.94 -35.55 -59.46
N VAL D 385 -1.26 -35.00 -58.46
CA VAL D 385 -0.52 -33.75 -58.57
C VAL D 385 0.93 -34.08 -58.24
N LEU D 386 1.77 -34.20 -59.27
CA LEU D 386 3.18 -34.51 -59.08
C LEU D 386 4.04 -33.60 -59.94
N PRO D 387 5.01 -32.89 -59.36
CA PRO D 387 5.87 -32.02 -60.16
C PRO D 387 6.75 -32.83 -61.12
N SER D 388 7.09 -32.19 -62.23
CA SER D 388 7.94 -32.80 -63.25
C SER D 388 9.15 -31.92 -63.51
N GLU D 389 10.31 -32.55 -63.61
CA GLU D 389 11.57 -31.88 -63.85
C GLU D 389 12.17 -32.36 -65.18
N ASN D 390 13.32 -31.79 -65.52
CA ASN D 390 14.01 -32.14 -66.76
C ASN D 390 14.69 -33.49 -66.58
N GLY D 391 14.07 -34.54 -67.12
CA GLY D 391 14.62 -35.86 -67.02
C GLY D 391 13.60 -36.92 -66.65
N THR D 392 14.06 -38.00 -66.02
CA THR D 392 13.19 -39.10 -65.60
C THR D 392 13.27 -39.19 -64.08
N LYS D 393 12.20 -38.77 -63.39
CA LYS D 393 12.14 -38.80 -61.94
C LYS D 393 11.02 -39.73 -61.50
N ASP D 394 11.24 -40.42 -60.38
CA ASP D 394 10.27 -41.34 -59.81
C ASP D 394 9.47 -40.62 -58.73
N GLN D 395 8.17 -40.47 -58.94
CA GLN D 395 7.29 -39.77 -58.03
C GLN D 395 6.12 -40.67 -57.65
N CYS D 396 5.84 -40.75 -56.35
CA CYS D 396 4.72 -41.53 -55.83
C CYS D 396 4.02 -40.72 -54.75
N GLN D 397 2.81 -41.14 -54.42
CA GLN D 397 2.01 -40.45 -53.41
C GLN D 397 1.12 -41.48 -52.72
N ILE D 398 0.03 -41.01 -52.12
CA ILE D 398 -0.92 -41.86 -51.41
C ILE D 398 -2.30 -41.65 -52.01
N LEU D 399 -2.92 -42.73 -52.46
CA LEU D 399 -4.26 -42.68 -53.04
C LEU D 399 -5.16 -43.66 -52.31
N HIS D 400 -6.33 -43.19 -51.90
CA HIS D 400 -7.28 -44.03 -51.17
C HIS D 400 -8.14 -44.83 -52.13
N PHE D 401 -8.45 -46.06 -51.74
CA PHE D 401 -9.28 -46.95 -52.55
C PHE D 401 -10.18 -47.76 -51.64
N THR D 402 -11.24 -48.32 -52.23
CA THR D 402 -12.20 -49.15 -51.51
C THR D 402 -12.32 -50.55 -52.13
N VAL D 403 -11.32 -50.97 -52.91
CA VAL D 403 -11.35 -52.26 -53.58
C VAL D 403 -9.95 -52.85 -53.58
N PRO D 404 -9.78 -54.13 -53.24
CA PRO D 404 -8.43 -54.71 -53.27
C PRO D 404 -7.87 -54.86 -54.67
N GLU D 405 -8.72 -55.17 -55.65
CA GLU D 405 -8.29 -55.32 -57.04
C GLU D 405 -8.42 -53.96 -57.71
N VAL D 406 -7.35 -53.18 -57.64
CA VAL D 406 -7.32 -51.83 -58.22
C VAL D 406 -6.97 -51.95 -59.70
N GLU D 407 -7.82 -51.39 -60.55
CA GLU D 407 -7.58 -51.39 -62.00
C GLU D 407 -8.43 -50.27 -62.61
N GLU D 408 -7.81 -49.10 -62.76
CA GLU D 408 -8.50 -47.93 -63.28
C GLU D 408 -7.71 -47.35 -64.45
N GLU D 409 -8.31 -46.35 -65.10
CA GLU D 409 -7.71 -45.67 -66.23
C GLU D 409 -7.64 -44.17 -65.92
N PHE D 410 -6.44 -43.68 -65.64
CA PHE D 410 -6.25 -42.28 -65.30
C PHE D 410 -5.93 -41.44 -66.53
N MET D 411 -6.04 -40.13 -66.38
CA MET D 411 -5.77 -39.17 -67.45
C MET D 411 -4.76 -38.16 -66.93
N TYR D 412 -3.50 -38.31 -67.32
CA TYR D 412 -2.43 -37.42 -66.89
C TYR D 412 -2.16 -36.38 -67.97
N SER D 413 -1.77 -35.19 -67.51
CA SER D 413 -1.46 -34.09 -68.42
C SER D 413 -0.50 -33.14 -67.74
N CYS D 414 0.31 -32.46 -68.55
CA CYS D 414 1.29 -31.49 -68.05
C CYS D 414 1.18 -30.12 -68.67
N ASP D 415 0.50 -29.96 -69.80
CA ASP D 415 0.37 -28.64 -70.42
C ASP D 415 -0.95 -28.44 -71.14
N GLY D 416 -1.88 -29.39 -71.09
CA GLY D 416 -3.15 -29.25 -71.76
C GLY D 416 -3.61 -30.49 -72.49
N ASP D 417 -2.65 -31.30 -72.93
CA ASP D 417 -2.94 -32.54 -73.65
C ASP D 417 -2.99 -33.69 -72.66
N GLU D 418 -4.16 -34.33 -72.55
CA GLU D 418 -4.35 -35.44 -71.64
C GLU D 418 -4.06 -36.77 -72.33
N ARG D 419 -3.55 -37.71 -71.54
CA ARG D 419 -3.22 -39.05 -72.03
C ARG D 419 -3.66 -40.08 -71.00
N PRO D 420 -4.14 -41.24 -71.45
CA PRO D 420 -4.57 -42.28 -70.51
C PRO D 420 -3.39 -43.06 -69.95
N LEU D 421 -3.64 -43.72 -68.83
CA LEU D 421 -2.63 -44.54 -68.17
C LEU D 421 -3.35 -45.59 -67.31
N LEU D 422 -3.09 -46.86 -67.60
CA LEU D 422 -3.73 -47.94 -66.87
C LEU D 422 -3.00 -48.19 -65.55
N VAL D 423 -3.76 -48.25 -64.46
CA VAL D 423 -3.23 -48.52 -63.13
C VAL D 423 -3.88 -49.78 -62.58
N LYS D 424 -3.09 -50.58 -61.85
CA LYS D 424 -3.58 -51.82 -61.29
C LYS D 424 -2.70 -52.20 -60.10
N GLY D 425 -3.21 -53.08 -59.27
CA GLY D 425 -2.48 -53.54 -58.10
C GLY D 425 -3.40 -54.20 -57.11
N THR D 426 -2.80 -55.01 -56.24
CA THR D 426 -3.51 -55.74 -55.20
C THR D 426 -3.17 -55.13 -53.85
N LEU D 427 -4.20 -54.77 -53.09
CA LEU D 427 -4.04 -54.17 -51.77
C LEU D 427 -4.43 -55.15 -50.68
N ILE D 428 -4.17 -54.75 -49.44
CA ILE D 428 -4.49 -55.56 -48.27
C ILE D 428 -5.54 -54.84 -47.44
N ALA D 429 -6.27 -55.62 -46.65
CA ALA D 429 -7.35 -55.10 -45.81
C ALA D 429 -6.77 -54.59 -44.51
N ILE D 430 -6.67 -53.27 -44.37
CA ILE D 430 -6.16 -52.63 -43.17
C ILE D 430 -7.21 -51.63 -42.69
N ASP D 431 -7.76 -51.87 -41.50
CA ASP D 431 -8.77 -50.99 -40.94
C ASP D 431 -8.13 -49.90 -40.09
N GLU E 1 5.99 23.77 32.71
CA GLU E 1 5.80 25.21 32.58
C GLU E 1 6.61 25.96 33.62
N ASP E 2 6.11 27.14 34.02
CA ASP E 2 6.73 28.01 35.01
C ASP E 2 8.16 28.36 34.60
N PRO E 3 8.33 29.37 33.74
CA PRO E 3 9.69 29.74 33.32
C PRO E 3 10.49 30.40 34.43
N HIS E 4 11.08 29.59 35.30
CA HIS E 4 11.88 30.07 36.42
C HIS E 4 13.23 29.36 36.45
N LEU E 5 13.87 29.24 35.28
CA LEU E 5 15.15 28.55 35.22
C LEU E 5 16.28 29.41 35.80
N ARG E 6 16.24 30.71 35.52
CA ARG E 6 17.28 31.61 36.03
C ARG E 6 17.00 32.08 37.45
N ASN E 7 15.75 32.02 37.90
CA ASN E 7 15.39 32.43 39.26
C ASN E 7 15.86 31.34 40.22
N ARG E 8 17.09 31.50 40.69
CA ARG E 8 17.67 30.50 41.59
C ARG E 8 17.27 30.81 43.04
N PRO E 9 16.69 29.86 43.75
CA PRO E 9 16.29 30.11 45.15
C PRO E 9 17.52 30.15 46.06
N GLY E 10 17.30 30.73 47.24
CA GLY E 10 18.39 30.83 48.20
C GLY E 10 19.26 32.02 47.89
N LYS E 11 20.57 31.84 48.03
CA LYS E 11 21.51 32.92 47.76
C LYS E 11 21.79 33.06 46.27
N GLY E 12 22.03 31.93 45.59
CA GLY E 12 22.32 31.96 44.17
C GLY E 12 23.73 32.43 43.85
N HIS E 13 24.72 31.70 44.35
CA HIS E 13 26.12 32.03 44.14
C HIS E 13 26.75 30.96 43.25
N ASN E 14 27.22 31.36 42.08
CA ASN E 14 27.84 30.45 41.12
C ASN E 14 29.23 30.97 40.77
N TYR E 15 30.15 30.90 41.73
CA TYR E 15 31.52 31.30 41.51
C TYR E 15 32.43 30.45 42.39
N ILE E 16 33.56 30.02 41.83
CA ILE E 16 34.51 29.17 42.53
C ILE E 16 35.77 29.98 42.83
N ASP E 17 36.53 29.50 43.81
CA ASP E 17 37.77 30.17 44.19
C ASP E 17 38.79 30.11 43.05
N GLY E 18 39.60 31.15 42.96
CA GLY E 18 40.59 31.24 41.90
C GLY E 18 40.13 32.08 40.74
N MET E 19 38.83 32.04 40.45
CA MET E 19 38.22 32.82 39.37
C MET E 19 37.01 33.58 39.92
N THR E 20 37.24 34.35 40.98
CA THR E 20 36.20 35.12 41.63
C THR E 20 36.01 36.50 41.01
N GLN E 21 36.43 36.68 39.76
CA GLN E 21 36.28 37.96 39.08
C GLN E 21 34.88 38.18 38.53
N GLU E 22 34.02 37.15 38.54
CA GLU E 22 32.66 37.26 38.04
C GLU E 22 31.66 37.54 39.17
N ASP E 23 32.11 38.18 40.25
CA ASP E 23 31.23 38.47 41.37
C ASP E 23 30.15 39.49 41.01
N ALA E 24 30.42 40.39 40.05
CA ALA E 24 29.42 41.38 39.67
C ALA E 24 28.33 40.80 38.78
N THR E 25 28.67 39.78 37.97
CA THR E 25 27.70 39.16 37.08
C THR E 25 27.35 37.74 37.50
N CYS E 26 27.67 37.35 38.72
CA CYS E 26 27.37 36.00 39.19
C CYS E 26 27.07 35.93 40.68
N LYS E 27 26.83 37.07 41.34
CA LYS E 27 26.54 37.09 42.78
C LYS E 27 25.69 38.31 43.06
N PRO E 28 24.35 38.15 43.14
CA PRO E 28 23.67 36.87 42.93
C PRO E 28 23.41 36.57 41.46
N VAL E 29 22.53 35.60 41.19
CA VAL E 29 22.19 35.20 39.84
C VAL E 29 20.74 35.61 39.59
N THR E 30 20.55 36.55 38.67
CA THR E 30 19.24 37.06 38.31
C THR E 30 18.99 36.83 36.82
N TYR E 31 17.91 37.44 36.31
CA TYR E 31 17.57 37.30 34.90
C TYR E 31 18.57 38.01 34.00
N ALA E 32 19.26 39.02 34.50
CA ALA E 32 20.25 39.76 33.73
C ALA E 32 21.66 39.26 34.07
N GLY E 33 22.64 39.85 33.39
CA GLY E 33 24.02 39.45 33.62
C GLY E 33 24.46 38.32 32.72
N ALA E 34 25.77 38.28 32.47
CA ALA E 34 26.38 37.25 31.62
C ALA E 34 27.41 36.49 32.45
N CYS E 35 27.02 35.33 32.95
CA CYS E 35 27.89 34.48 33.77
C CYS E 35 28.22 33.23 32.96
N SER E 36 29.52 32.99 32.75
CA SER E 36 29.95 31.83 31.98
C SER E 36 29.73 30.52 32.73
N SER E 37 29.61 30.57 34.06
CA SER E 37 29.38 29.38 34.87
C SER E 37 27.91 29.12 35.13
N PHE E 38 27.03 29.57 34.25
CA PHE E 38 25.59 29.37 34.42
C PHE E 38 24.89 29.31 33.07
N ASP E 39 25.49 29.92 32.05
CA ASP E 39 24.89 29.90 30.72
C ASP E 39 24.98 28.52 30.09
N VAL E 40 26.13 27.85 30.23
CA VAL E 40 26.30 26.52 29.68
C VAL E 40 25.35 25.51 30.31
N LEU E 41 24.85 25.80 31.51
CA LEU E 41 23.87 24.92 32.14
C LEU E 41 22.49 25.08 31.54
N LEU E 42 22.26 26.14 30.77
CA LEU E 42 20.95 26.39 30.16
C LEU E 42 20.96 26.12 28.65
N GLU E 43 22.08 25.66 28.10
CA GLU E 43 22.15 25.38 26.68
C GLU E 43 21.48 24.06 26.36
N LYS E 44 20.66 24.06 25.30
CA LYS E 44 19.93 22.86 24.89
C LYS E 44 20.89 21.88 24.23
N GLY E 45 20.90 20.64 24.72
CA GLY E 45 21.74 19.59 24.18
C GLY E 45 22.96 19.26 25.00
N LYS E 46 23.25 20.03 26.04
CA LYS E 46 24.43 19.78 26.87
C LYS E 46 24.04 19.03 28.14
N PHE E 47 23.45 19.74 29.11
CA PHE E 47 23.04 19.16 30.39
C PHE E 47 21.52 19.26 30.50
N PRO E 48 20.78 18.29 29.95
CA PRO E 48 19.32 18.35 30.05
C PRO E 48 18.78 18.01 31.43
N LEU E 49 19.54 17.28 32.25
CA LEU E 49 19.07 16.96 33.60
C LEU E 49 18.92 18.22 34.44
N PHE E 50 19.84 19.17 34.28
CA PHE E 50 19.69 20.45 34.98
C PHE E 50 18.52 21.24 34.42
N GLN E 51 18.19 21.06 33.14
CA GLN E 51 17.02 21.72 32.58
C GLN E 51 15.73 21.13 33.13
N SER E 52 15.72 19.82 33.42
CA SER E 52 14.55 19.20 34.02
C SER E 52 14.44 19.55 35.50
N TYR E 53 15.57 19.65 36.20
CA TYR E 53 15.60 20.00 37.61
C TYR E 53 16.28 21.35 37.77
N ALA E 54 15.62 22.39 37.29
CA ALA E 54 16.15 23.75 37.33
C ALA E 54 15.63 24.56 38.51
N HIS E 55 14.91 23.94 39.44
CA HIS E 55 14.37 24.65 40.59
C HIS E 55 14.96 24.10 41.88
N HIS E 56 16.28 23.96 41.94
CA HIS E 56 16.96 23.46 43.13
C HIS E 56 18.22 24.27 43.41
N ARG E 57 19.29 23.58 43.81
CA ARG E 57 20.56 24.22 44.09
C ARG E 57 21.68 23.45 43.40
N THR E 58 22.61 24.18 42.79
CA THR E 58 23.73 23.57 42.11
C THR E 58 24.79 23.13 43.12
N LEU E 59 25.92 22.62 42.61
CA LEU E 59 27.00 22.20 43.49
C LEU E 59 27.68 23.40 44.12
N LEU E 60 27.95 24.44 43.33
CA LEU E 60 28.58 25.64 43.86
C LEU E 60 27.66 26.33 44.86
N GLU E 61 26.36 26.41 44.55
CA GLU E 61 25.42 26.98 45.50
C GLU E 61 25.34 26.16 46.77
N ALA E 62 25.52 24.84 46.67
CA ALA E 62 25.57 24.00 47.86
C ALA E 62 26.84 24.25 48.67
N VAL E 63 27.94 24.57 47.99
CA VAL E 63 29.18 24.88 48.70
C VAL E 63 29.06 26.21 49.43
N HIS E 64 28.46 27.22 48.77
CA HIS E 64 28.32 28.52 49.40
C HIS E 64 27.26 28.52 50.50
N ASP E 65 26.39 27.51 50.54
CA ASP E 65 25.36 27.39 51.56
C ASP E 65 25.79 26.50 52.72
N THR E 66 27.09 26.23 52.85
CA THR E 66 27.66 25.41 53.92
C THR E 66 26.98 24.03 53.95
N ILE E 67 27.06 23.33 52.82
CA ILE E 67 26.51 21.99 52.69
C ILE E 67 27.59 21.05 52.19
N ILE E 68 28.27 21.45 51.11
CA ILE E 68 29.35 20.66 50.51
C ILE E 68 30.67 21.35 50.82
N ALA E 69 31.61 20.61 51.40
CA ALA E 69 32.90 21.16 51.75
C ALA E 69 33.80 21.28 50.51
N LYS E 70 34.95 21.89 50.70
CA LYS E 70 35.93 22.08 49.63
C LYS E 70 37.16 21.23 49.88
N ALA E 71 37.81 20.83 48.79
CA ALA E 71 39.00 20.01 48.87
C ALA E 71 40.22 20.86 49.21
N ASP E 72 41.35 20.21 49.45
CA ASP E 72 42.60 20.87 49.80
C ASP E 72 43.72 20.30 48.95
N PRO E 73 44.22 21.05 47.95
CA PRO E 73 43.76 22.39 47.60
C PRO E 73 42.49 22.39 46.76
N PRO E 74 41.66 23.42 46.90
CA PRO E 74 40.42 23.46 46.10
C PRO E 74 40.68 23.73 44.63
N SER E 75 41.70 24.51 44.31
CA SER E 75 42.05 24.83 42.92
C SER E 75 43.28 24.02 42.52
N CYS E 76 43.09 23.07 41.61
CA CYS E 76 44.19 22.22 41.15
C CYS E 76 45.07 23.02 40.21
N ASP E 77 46.33 23.20 40.59
CA ASP E 77 47.28 23.95 39.78
C ASP E 77 47.70 23.10 38.58
N LEU E 78 47.32 23.54 37.38
CA LEU E 78 47.66 22.81 36.16
C LEU E 78 49.12 22.97 35.76
N GLN E 79 49.83 23.92 36.36
CA GLN E 79 51.25 24.13 36.02
C GLN E 79 52.12 23.85 37.23
N SER E 80 51.93 22.69 37.86
CA SER E 80 52.71 22.30 39.03
C SER E 80 54.04 21.69 38.61
N ALA E 81 54.37 20.53 39.18
CA ALA E 81 55.63 19.85 38.88
C ALA E 81 55.43 18.36 39.09
N HIS E 82 55.32 17.61 37.99
CA HIS E 82 55.14 16.16 38.03
C HIS E 82 53.92 15.77 38.84
N GLY E 83 52.73 15.92 38.26
CA GLY E 83 51.50 15.57 38.93
C GLY E 83 50.97 16.68 39.83
N ASN E 84 49.67 16.61 40.10
CA ASN E 84 49.00 17.58 40.94
C ASN E 84 47.76 16.93 41.55
N PRO E 85 47.32 17.38 42.73
CA PRO E 85 46.12 16.80 43.33
C PRO E 85 44.87 17.03 42.49
N CYS E 86 44.56 16.08 41.60
CA CYS E 86 43.41 16.19 40.73
C CYS E 86 43.77 15.86 39.29
N MET E 87 44.57 14.81 39.10
CA MET E 87 45.00 14.37 37.78
C MET E 87 44.39 13.06 37.36
N LYS E 88 44.44 12.04 38.23
CA LYS E 88 43.84 10.75 37.91
C LYS E 88 42.33 10.86 37.80
N GLU E 89 41.72 11.70 38.63
CA GLU E 89 40.27 11.92 38.54
C GLU E 89 39.88 12.74 37.31
N LYS E 90 40.84 13.44 36.70
CA LYS E 90 40.56 14.24 35.51
C LYS E 90 40.82 13.47 34.23
N LEU E 91 41.82 12.59 34.21
CA LEU E 91 42.12 11.83 32.99
C LEU E 91 41.04 10.80 32.70
N VAL E 92 40.47 10.19 33.73
CA VAL E 92 39.41 9.19 33.54
C VAL E 92 38.06 9.81 33.20
N MET E 93 37.91 11.12 33.37
CA MET E 93 36.65 11.79 33.09
C MET E 93 36.66 12.29 31.64
N LYS E 94 35.76 11.75 30.83
CA LYS E 94 35.67 12.12 29.41
C LYS E 94 34.61 13.20 29.25
N THR E 95 35.04 14.44 29.11
CA THR E 95 34.15 15.58 28.92
C THR E 95 34.53 16.30 27.63
N HIS E 96 33.99 17.52 27.48
CA HIS E 96 34.27 18.35 26.29
C HIS E 96 34.10 19.81 26.72
N CYS E 97 35.15 20.35 27.34
CA CYS E 97 35.11 21.73 27.80
C CYS E 97 35.27 22.67 26.60
N PRO E 98 34.41 23.68 26.46
CA PRO E 98 34.54 24.62 25.34
C PRO E 98 35.81 25.45 25.47
N ASN E 99 36.10 26.17 24.39
CA ASN E 99 37.29 27.01 24.35
C ASN E 99 37.08 28.27 25.20
N ASP E 100 38.15 29.04 25.34
CA ASP E 100 38.17 30.31 26.08
C ASP E 100 37.82 30.12 27.56
N TYR E 101 38.04 28.93 28.11
CA TYR E 101 37.82 28.65 29.52
C TYR E 101 39.15 28.33 30.20
N GLN E 102 39.17 28.53 31.51
CA GLN E 102 40.37 28.30 32.32
C GLN E 102 40.12 27.31 33.44
N SER E 103 39.12 27.55 34.28
CA SER E 103 38.84 26.69 35.42
C SER E 103 37.85 25.59 35.04
N ALA E 104 37.98 24.45 35.74
CA ALA E 104 37.09 23.33 35.52
C ALA E 104 36.86 22.63 36.85
N HIS E 105 35.62 22.65 37.33
CA HIS E 105 35.26 22.10 38.62
C HIS E 105 34.51 20.79 38.46
N TYR E 106 34.70 19.88 39.42
CA TYR E 106 34.04 18.59 39.42
C TYR E 106 34.07 18.04 40.83
N LEU E 107 33.41 16.89 41.01
CA LEU E 107 33.33 16.23 42.31
C LEU E 107 34.45 15.20 42.44
N ASN E 108 35.11 15.20 43.59
CA ASN E 108 36.20 14.29 43.86
C ASN E 108 35.66 13.01 44.50
N ASN E 109 36.57 12.15 44.97
CA ASN E 109 36.16 10.89 45.59
C ASN E 109 35.64 11.12 47.01
N ASP E 110 36.28 12.01 47.77
CA ASP E 110 35.88 12.29 49.15
C ASP E 110 34.59 13.09 49.24
N GLY E 111 34.03 13.54 48.12
CA GLY E 111 32.81 14.31 48.15
C GLY E 111 32.99 15.80 48.34
N LYS E 112 34.22 16.29 48.32
CA LYS E 112 34.49 17.71 48.51
C LYS E 112 34.39 18.44 47.16
N MET E 113 34.75 19.72 47.15
CA MET E 113 34.65 20.54 45.94
C MET E 113 35.98 20.48 45.19
N ALA E 114 35.98 19.89 44.01
CA ALA E 114 37.17 19.81 43.17
C ALA E 114 37.11 20.88 42.09
N SER E 115 38.28 21.40 41.72
CA SER E 115 38.38 22.42 40.69
C SER E 115 39.84 22.58 40.29
N VAL E 116 40.05 22.98 39.04
CA VAL E 116 41.38 23.29 38.53
C VAL E 116 41.34 24.67 37.89
N LYS E 117 42.46 25.39 37.99
CA LYS E 117 42.54 26.75 37.50
C LYS E 117 43.87 26.95 36.79
N CYS E 118 43.84 27.72 35.70
CA CYS E 118 45.03 28.02 34.92
C CYS E 118 45.34 29.51 35.05
N PRO E 119 46.57 29.87 35.42
CA PRO E 119 46.91 31.28 35.59
C PRO E 119 47.03 31.97 34.25
N PRO E 120 46.82 33.28 34.20
CA PRO E 120 46.97 34.01 32.93
C PRO E 120 48.42 33.97 32.45
N LYS E 121 48.59 33.92 31.13
CA LYS E 121 47.48 33.93 30.19
C LYS E 121 47.32 32.57 29.53
N TYR E 122 46.64 31.66 30.21
CA TYR E 122 46.42 30.30 29.72
C TYR E 122 44.93 30.06 29.51
N GLU E 123 44.62 28.89 28.95
CA GLU E 123 43.25 28.50 28.68
C GLU E 123 43.20 26.98 28.55
N LEU E 124 41.98 26.44 28.59
CA LEU E 124 41.78 25.01 28.48
C LEU E 124 41.81 24.58 27.00
N THR E 125 41.85 23.28 26.79
CA THR E 125 41.88 22.69 25.47
C THR E 125 40.49 22.19 25.09
N GLU E 126 40.40 21.28 24.12
CA GLU E 126 39.12 20.74 23.70
C GLU E 126 38.53 19.79 24.74
N ASP E 127 39.36 19.20 25.60
CA ASP E 127 38.89 18.28 26.64
C ASP E 127 39.13 18.79 28.04
N CYS E 128 39.78 19.95 28.21
CA CYS E 128 40.09 20.57 29.48
C CYS E 128 41.19 19.85 30.26
N ASN E 129 41.91 18.92 29.64
CA ASN E 129 42.97 18.20 30.34
C ASN E 129 44.30 18.95 30.33
N PHE E 130 44.46 19.93 29.46
CA PHE E 130 45.70 20.69 29.36
C PHE E 130 45.34 22.16 29.22
N CYS E 131 46.28 22.97 28.73
CA CYS E 131 46.05 24.39 28.55
C CYS E 131 47.05 24.92 27.53
N ARG E 132 46.77 26.12 27.03
CA ARG E 132 47.62 26.77 26.04
C ARG E 132 47.52 28.28 26.24
N GLN E 133 48.08 29.03 25.30
CA GLN E 133 48.06 30.48 25.33
C GLN E 133 47.15 31.02 24.24
N MET E 134 46.65 32.24 24.45
CA MET E 134 45.77 32.88 23.49
C MET E 134 45.88 34.41 23.57
N ALA E 137 41.69 35.98 21.88
CA ALA E 137 40.68 37.00 22.14
C ALA E 137 40.36 37.07 23.64
N SER E 138 39.19 37.62 23.96
CA SER E 138 38.77 37.74 25.35
C SER E 138 38.35 36.38 25.89
N LEU E 139 38.84 36.04 27.07
CA LEU E 139 38.52 34.76 27.70
C LEU E 139 37.38 34.93 28.70
N LYS E 140 36.85 33.80 29.15
CA LYS E 140 35.77 33.82 30.12
C LYS E 140 36.30 34.15 31.51
N LYS E 141 35.38 34.46 32.42
CA LYS E 141 35.72 34.84 33.79
C LYS E 141 35.09 33.89 34.80
N GLY E 142 34.91 32.63 34.42
CA GLY E 142 34.30 31.65 35.30
C GLY E 142 34.89 30.26 35.15
N SER E 143 34.03 29.24 35.19
CA SER E 143 34.46 27.86 35.07
C SER E 143 33.45 27.12 34.20
N TYR E 144 33.62 25.80 34.09
CA TYR E 144 32.73 24.97 33.29
C TYR E 144 32.41 23.68 34.04
N PRO E 145 31.14 23.39 34.29
CA PRO E 145 30.78 22.15 34.99
C PRO E 145 31.10 20.93 34.13
N LEU E 146 31.85 20.00 34.72
CA LEU E 146 32.23 18.77 34.04
C LEU E 146 31.29 17.60 34.34
N GLN E 147 30.31 17.79 35.22
CA GLN E 147 29.37 16.75 35.61
C GLN E 147 27.96 17.27 35.45
N ASP E 148 27.01 16.35 35.52
CA ASP E 148 25.58 16.67 35.41
C ASP E 148 24.91 16.33 36.74
N LEU E 149 25.16 17.14 37.76
CA LEU E 149 24.69 16.88 39.11
C LEU E 149 23.92 18.08 39.64
N PHE E 150 23.16 17.83 40.71
CA PHE E 150 22.42 18.87 41.41
C PHE E 150 22.37 18.50 42.89
N CYS E 151 22.11 19.51 43.71
CA CYS E 151 22.06 19.35 45.16
C CYS E 151 20.78 19.98 45.70
N GLN E 152 20.61 19.88 47.02
CA GLN E 152 19.45 20.45 47.70
C GLN E 152 19.81 20.66 49.16
N SER E 153 18.82 21.07 49.94
CA SER E 153 19.00 21.33 51.37
C SER E 153 18.53 20.10 52.15
N SER E 154 19.44 19.47 52.88
CA SER E 154 19.12 18.30 53.67
C SER E 154 20.13 18.16 54.80
N GLU E 155 19.72 17.43 55.85
CA GLU E 155 20.57 17.19 57.01
C GLU E 155 20.62 15.71 57.39
N ASP E 156 20.12 14.82 56.54
CA ASP E 156 20.12 13.40 56.83
C ASP E 156 21.52 12.83 56.68
N ASP E 157 21.83 11.84 57.53
CA ASP E 157 23.12 11.19 57.53
C ASP E 157 23.07 9.89 56.73
N GLY E 158 24.14 9.64 55.97
CA GLY E 158 24.23 8.43 55.17
C GLY E 158 25.65 7.98 54.93
N SER E 159 26.42 7.82 56.00
CA SER E 159 27.81 7.40 55.89
C SER E 159 27.98 5.89 55.90
N LYS E 160 26.91 5.13 56.17
CA LYS E 160 26.96 3.68 56.20
C LYS E 160 26.62 3.05 54.86
N LEU E 161 26.74 3.79 53.77
CA LEU E 161 26.43 3.29 52.44
C LEU E 161 27.62 3.55 51.53
N LYS E 162 28.00 2.54 50.73
CA LYS E 162 29.12 2.64 49.81
C LYS E 162 28.66 2.22 48.42
N THR E 163 29.60 2.22 47.48
CA THR E 163 29.28 1.84 46.10
C THR E 163 29.09 0.33 46.00
N LYS E 164 27.95 -0.08 45.46
CA LYS E 164 27.60 -1.49 45.28
C LYS E 164 27.06 -1.67 43.86
N MET E 165 27.98 -1.72 42.89
CA MET E 165 27.62 -1.90 41.49
C MET E 165 27.81 -3.35 41.08
N LYS E 166 26.90 -3.82 40.22
CA LYS E 166 26.91 -5.20 39.76
C LYS E 166 27.77 -5.32 38.51
N GLY E 167 28.71 -6.26 38.53
CA GLY E 167 29.57 -6.50 37.39
C GLY E 167 30.57 -5.41 37.10
N VAL E 168 30.90 -4.59 38.09
CA VAL E 168 31.85 -3.49 37.94
C VAL E 168 33.00 -3.72 38.92
N CYS E 169 34.23 -3.70 38.41
CA CYS E 169 35.40 -3.93 39.24
C CYS E 169 36.06 -2.63 39.68
N GLU E 170 36.11 -1.63 38.81
CA GLU E 170 36.75 -0.35 39.14
C GLU E 170 36.11 0.73 38.28
N VAL E 171 35.23 1.53 38.88
CA VAL E 171 34.57 2.62 38.20
C VAL E 171 35.21 3.94 38.62
N GLY E 172 35.49 4.80 37.65
CA GLY E 172 36.11 6.09 37.92
C GLY E 172 37.50 5.94 38.52
N VAL E 173 37.63 6.30 39.80
CA VAL E 173 38.91 6.18 40.50
C VAL E 173 38.80 5.32 41.76
N GLN E 174 37.63 4.78 42.07
CA GLN E 174 37.43 3.96 43.25
C GLN E 174 37.74 2.50 42.94
N ALA E 175 38.50 1.86 43.83
CA ALA E 175 38.87 0.45 43.68
C ALA E 175 37.90 -0.37 44.52
N LEU E 176 36.89 -0.93 43.86
CA LEU E 176 35.90 -1.75 44.53
C LEU E 176 36.46 -3.11 44.90
N LYS E 177 36.23 -4.11 44.05
CA LYS E 177 36.72 -5.46 44.26
C LYS E 177 37.97 -5.73 43.45
N LYS E 178 38.72 -6.74 43.87
CA LYS E 178 39.95 -7.10 43.17
C LYS E 178 39.64 -7.92 41.93
N CYS E 179 40.61 -7.98 41.02
CA CYS E 179 40.47 -8.73 39.78
C CYS E 179 41.77 -8.61 38.99
N ASP E 180 42.03 -9.62 38.15
CA ASP E 180 43.23 -9.63 37.33
C ASP E 180 43.02 -10.29 35.97
N GLY E 181 41.78 -10.54 35.57
CA GLY E 181 41.51 -11.17 34.29
C GLY E 181 41.35 -10.18 33.16
N GLN E 182 40.34 -10.39 32.32
CA GLN E 182 40.06 -9.51 31.19
C GLN E 182 39.05 -8.46 31.63
N LEU E 183 39.48 -7.21 31.68
CA LEU E 183 38.63 -6.09 32.08
C LEU E 183 38.42 -5.15 30.89
N SER E 184 37.17 -4.99 30.48
CA SER E 184 36.84 -4.12 29.37
C SER E 184 36.97 -2.65 29.79
N THR E 185 37.61 -1.85 28.95
CA THR E 185 37.81 -0.43 29.22
C THR E 185 37.01 0.38 28.20
N ALA E 186 36.08 1.19 28.70
CA ALA E 186 35.26 2.02 27.83
C ALA E 186 34.76 3.22 28.63
N HIS E 187 34.45 4.29 27.91
CA HIS E 187 33.95 5.53 28.50
C HIS E 187 32.43 5.51 28.45
N GLU E 188 31.79 5.29 29.60
CA GLU E 188 30.34 5.22 29.70
C GLU E 188 29.85 6.25 30.70
N VAL E 189 28.53 6.38 30.78
CA VAL E 189 27.87 7.30 31.70
C VAL E 189 27.56 6.56 32.99
N VAL E 190 27.89 7.19 34.12
CA VAL E 190 27.69 6.59 35.43
C VAL E 190 27.05 7.62 36.35
N PRO E 191 25.99 7.28 37.07
CA PRO E 191 25.41 8.22 38.03
C PRO E 191 26.19 8.24 39.34
N PHE E 192 25.88 9.23 40.16
CA PHE E 192 26.51 9.38 41.46
C PHE E 192 25.61 10.25 42.34
N ALA E 193 25.57 9.91 43.64
CA ALA E 193 24.71 10.61 44.60
C ALA E 193 25.50 10.73 45.91
N VAL E 194 26.22 11.85 46.06
CA VAL E 194 26.95 12.10 47.29
C VAL E 194 25.97 12.50 48.39
N PHE E 195 26.19 11.95 49.59
CA PHE E 195 25.31 12.20 50.72
C PHE E 195 25.92 13.24 51.67
N LYS E 196 25.85 12.98 52.97
CA LYS E 196 26.39 13.87 53.99
C LYS E 196 27.43 13.11 54.79
N ASN E 197 28.64 13.67 54.88
CA ASN E 197 29.75 13.07 55.63
C ASN E 197 30.06 11.65 55.14
N SER E 198 30.01 11.47 53.81
CA SER E 198 30.28 10.18 53.22
C SER E 198 31.18 10.32 52.00
N LYS E 199 31.30 9.25 51.21
CA LYS E 199 32.11 9.24 50.01
C LYS E 199 31.21 9.29 48.77
N LYS E 200 31.85 9.38 47.60
CA LYS E 200 31.14 9.45 46.33
C LYS E 200 30.61 8.05 45.99
N VAL E 201 29.34 7.80 46.32
CA VAL E 201 28.73 6.49 46.10
C VAL E 201 28.14 6.46 44.70
N TYR E 202 28.52 5.44 43.93
CA TYR E 202 28.01 5.23 42.59
C TYR E 202 26.87 4.21 42.61
N LEU E 203 25.95 4.36 41.67
CA LEU E 203 24.78 3.48 41.57
C LEU E 203 24.61 3.03 40.13
N ASP E 204 23.59 2.20 39.91
CA ASP E 204 23.27 1.69 38.58
C ASP E 204 21.97 2.24 38.02
N LYS E 205 20.94 2.40 38.85
CA LYS E 205 19.65 2.94 38.42
C LYS E 205 19.28 4.13 39.28
N LEU E 206 18.44 5.00 38.72
CA LEU E 206 18.03 6.23 39.39
C LEU E 206 16.52 6.20 39.60
N ASP E 207 16.10 6.35 40.85
CA ASP E 207 14.68 6.36 41.22
C ASP E 207 14.44 7.58 42.13
N LEU E 208 14.23 8.73 41.51
CA LEU E 208 13.98 9.97 42.25
C LEU E 208 12.49 10.25 42.29
N LYS E 209 12.01 10.66 43.46
CA LYS E 209 10.61 11.02 43.65
C LYS E 209 10.53 12.41 44.28
N THR E 210 9.47 13.13 43.94
CA THR E 210 9.25 14.49 44.42
C THR E 210 8.16 14.47 45.48
N GLU E 211 8.45 15.08 46.64
CA GLU E 211 7.52 15.17 47.75
C GLU E 211 7.37 16.65 48.10
N GLU E 212 6.32 17.27 47.59
CA GLU E 212 6.09 18.70 47.83
C GLU E 212 5.61 18.92 49.25
N ASN E 213 5.98 20.08 49.81
CA ASN E 213 5.58 20.43 51.17
C ASN E 213 5.37 21.93 51.29
N LEU E 214 5.63 22.48 52.48
CA LEU E 214 5.46 23.91 52.76
C LEU E 214 6.83 24.48 53.14
N LEU E 215 7.55 25.00 52.15
CA LEU E 215 8.86 25.59 52.36
C LEU E 215 8.91 26.96 51.67
N PRO E 216 9.60 27.93 52.27
CA PRO E 216 9.67 29.26 51.65
C PRO E 216 10.51 29.28 50.38
N ASP E 217 11.37 28.29 50.16
CA ASP E 217 12.21 28.23 48.97
C ASP E 217 11.56 27.45 47.84
N SER E 218 10.29 27.06 47.98
CA SER E 218 9.59 26.31 46.96
C SER E 218 8.47 27.10 46.28
N PHE E 219 8.30 28.38 46.63
CA PHE E 219 7.27 29.21 46.04
C PHE E 219 7.91 30.45 45.42
N VAL E 220 7.30 30.95 44.36
CA VAL E 220 7.78 32.12 43.63
C VAL E 220 6.71 33.21 43.73
N CYS E 221 7.10 34.37 44.23
CA CYS E 221 6.18 35.49 44.42
C CYS E 221 6.66 36.64 43.54
N PHE E 222 5.79 37.08 42.63
CA PHE E 222 6.08 38.20 41.74
C PHE E 222 5.11 39.33 41.99
N GLU E 223 5.50 40.53 41.55
CA GLU E 223 4.70 41.73 41.69
C GLU E 223 4.51 42.37 40.31
N HIS E 224 3.71 43.43 40.28
CA HIS E 224 3.41 44.16 39.05
C HIS E 224 3.75 45.62 39.24
N LYS E 225 4.59 46.15 38.36
CA LYS E 225 5.01 47.54 38.39
C LYS E 225 4.83 48.16 37.00
N GLY E 226 5.16 49.44 36.89
CA GLY E 226 5.04 50.15 35.63
C GLY E 226 6.32 50.18 34.84
N GLU E 240 3.43 43.93 33.60
CA GLU E 240 4.73 43.27 33.54
C GLU E 240 5.12 42.68 34.88
N LEU E 241 5.57 41.43 34.87
CA LEU E 241 5.97 40.77 36.10
C LEU E 241 7.32 41.30 36.59
N LYS E 242 7.51 41.23 37.90
CA LYS E 242 8.75 41.69 38.53
C LYS E 242 9.07 40.78 39.70
N SER E 243 10.36 40.51 39.89
CA SER E 243 10.80 39.65 40.98
C SER E 243 10.55 40.32 42.33
N PHE E 244 9.91 39.58 43.23
CA PHE E 244 9.60 40.09 44.57
C PHE E 244 10.15 39.13 45.62
N ASP E 245 10.70 39.68 46.68
CA ASP E 245 11.29 38.87 47.74
C ASP E 245 10.20 38.16 48.53
N ILE E 246 10.29 36.84 48.64
CA ILE E 246 9.30 36.06 49.36
C ILE E 246 9.47 36.15 50.87
N SER E 247 10.60 36.67 51.34
CA SER E 247 10.83 36.77 52.79
C SER E 247 9.90 37.76 53.46
N GLN E 248 9.30 38.68 52.70
CA GLN E 248 8.38 39.66 53.25
C GLN E 248 6.94 39.15 53.30
N CYS E 249 6.72 37.87 53.02
CA CYS E 249 5.37 37.31 53.06
C CYS E 249 4.96 37.07 54.50
N PRO E 250 3.73 37.43 54.89
CA PRO E 250 3.31 37.21 56.28
C PRO E 250 3.02 35.75 56.55
N LYS E 251 3.22 35.35 57.80
CA LYS E 251 2.99 33.99 58.24
C LYS E 251 1.60 33.87 58.87
N ILE E 252 1.25 32.65 59.28
CA ILE E 252 -0.04 32.38 59.90
C ILE E 252 0.06 32.83 61.36
N GLY E 253 -0.50 34.01 61.65
CA GLY E 253 -0.45 34.52 63.01
C GLY E 253 0.92 34.97 63.47
N GLY E 254 1.82 35.30 62.54
CA GLY E 254 3.15 35.73 62.90
C GLY E 254 3.43 37.18 62.56
N HIS E 255 4.46 37.42 61.75
CA HIS E 255 4.84 38.76 61.36
C HIS E 255 4.87 38.86 59.84
N GLY E 256 4.80 40.09 59.33
CA GLY E 256 4.81 40.32 57.91
C GLY E 256 4.60 41.77 57.54
N SER E 257 5.25 42.24 56.49
CA SER E 257 5.12 43.63 56.04
C SER E 257 4.18 43.72 54.85
N LYS E 258 4.66 43.34 53.67
CA LYS E 258 3.86 43.39 52.46
C LYS E 258 2.86 42.23 52.45
N LYS E 259 1.92 42.31 51.51
CA LYS E 259 0.88 41.30 51.35
C LYS E 259 1.09 40.52 50.06
N CYS E 260 0.80 39.23 50.11
CA CYS E 260 0.95 38.36 48.96
C CYS E 260 -0.15 37.31 48.99
N THR E 261 -0.52 36.82 47.81
CA THR E 261 -1.57 35.83 47.66
C THR E 261 -1.19 34.86 46.54
N GLY E 262 -1.92 33.76 46.46
CA GLY E 262 -1.67 32.76 45.45
C GLY E 262 -2.75 31.69 45.38
N ASP E 263 -2.34 30.43 45.24
CA ASP E 263 -3.28 29.33 45.18
C ASP E 263 -3.48 28.69 46.55
N ALA E 264 -3.82 27.40 46.58
CA ALA E 264 -4.04 26.71 47.84
C ALA E 264 -2.73 26.38 48.55
N ALA E 265 -1.71 26.00 47.80
CA ALA E 265 -0.42 25.66 48.42
C ALA E 265 0.27 26.91 48.95
N PHE E 266 0.17 28.02 48.22
CA PHE E 266 0.80 29.26 48.66
C PHE E 266 0.04 29.91 49.82
N CYS E 267 -1.28 29.72 49.87
CA CYS E 267 -2.10 30.29 50.94
C CYS E 267 -2.24 29.38 52.14
N SER E 268 -1.85 28.11 52.03
CA SER E 268 -1.95 27.19 53.16
C SER E 268 -0.89 27.47 54.22
N ALA E 269 0.19 28.16 53.88
CA ALA E 269 1.25 28.47 54.83
C ALA E 269 1.38 29.95 55.14
N TYR E 270 0.84 30.82 54.28
CA TYR E 270 0.89 32.26 54.47
C TYR E 270 -0.51 32.77 54.80
N GLU E 271 -0.84 33.99 54.38
CA GLU E 271 -2.14 34.60 54.64
C GLU E 271 -2.56 35.38 53.39
N CYS E 272 -3.66 34.97 52.78
CA CYS E 272 -4.16 35.64 51.58
C CYS E 272 -5.21 36.69 51.97
N THR E 273 -5.13 37.85 51.32
CA THR E 273 -6.05 38.95 51.57
C THR E 273 -6.94 39.22 50.36
N ALA E 274 -7.19 38.18 49.56
CA ALA E 274 -8.03 38.27 48.35
C ALA E 274 -7.41 39.29 47.42
N GLN E 275 -8.12 40.35 47.03
CA GLN E 275 -7.60 41.35 46.10
C GLN E 275 -6.78 42.43 46.79
N TYR E 276 -6.69 42.40 48.13
CA TYR E 276 -5.91 43.41 48.83
C TYR E 276 -4.41 43.20 48.69
N ALA E 277 -3.97 41.98 48.38
CA ALA E 277 -2.55 41.71 48.23
C ALA E 277 -2.00 42.39 46.98
N ASN E 278 -0.71 42.70 47.01
CA ASN E 278 -0.03 43.36 45.90
C ASN E 278 1.01 42.47 45.23
N ALA E 279 0.95 41.16 45.47
CA ALA E 279 1.90 40.23 44.86
C ALA E 279 1.24 38.87 44.72
N TYR E 280 1.48 38.24 43.58
CA TYR E 280 0.93 36.92 43.28
C TYR E 280 2.06 35.91 43.19
N CYS E 281 1.91 34.78 43.88
CA CYS E 281 2.92 33.74 43.91
C CYS E 281 2.28 32.40 43.57
N SER E 282 3.12 31.42 43.27
CA SER E 282 2.67 30.07 42.94
C SER E 282 3.78 29.09 43.31
N HIS E 283 3.48 27.80 43.17
CA HIS E 283 4.44 26.77 43.49
C HIS E 283 5.44 26.60 42.35
N ALA E 284 6.69 26.32 42.71
CA ALA E 284 7.73 26.14 41.71
C ALA E 284 7.58 24.80 41.00
N ASN E 285 7.86 24.79 39.70
CA ASN E 285 7.76 23.57 38.91
C ASN E 285 8.93 22.65 39.24
N GLY E 286 8.64 21.58 39.98
CA GLY E 286 9.66 20.63 40.36
C GLY E 286 10.49 21.08 41.55
N SER E 287 9.91 21.00 42.74
CA SER E 287 10.60 21.39 43.96
C SER E 287 10.02 20.61 45.12
N GLY E 288 10.70 20.69 46.26
CA GLY E 288 10.28 19.99 47.47
C GLY E 288 11.35 19.09 48.04
N ILE E 289 10.97 17.85 48.33
CA ILE E 289 11.89 16.87 48.90
C ILE E 289 11.98 15.71 47.90
N VAL E 290 13.05 15.69 47.12
CA VAL E 290 13.27 14.65 46.13
C VAL E 290 14.12 13.56 46.77
N GLN E 291 13.52 12.40 47.00
CA GLN E 291 14.21 11.27 47.61
C GLN E 291 14.64 10.26 46.55
N ILE E 292 15.63 9.45 46.92
CA ILE E 292 16.19 8.45 46.02
C ILE E 292 16.05 7.07 46.66
N GLN E 293 15.94 6.05 45.81
CA GLN E 293 15.82 4.67 46.24
C GLN E 293 17.20 4.02 46.21
N VAL E 294 17.69 3.62 47.39
CA VAL E 294 19.02 3.02 47.49
C VAL E 294 19.01 2.05 48.66
N SER E 295 19.68 0.90 48.49
CA SER E 295 19.82 -0.11 49.53
C SER E 295 18.46 -0.56 50.07
N GLY E 296 17.44 -0.53 49.22
CA GLY E 296 16.12 -0.93 49.64
C GLY E 296 15.44 0.04 50.58
N VAL E 297 15.79 1.32 50.53
CA VAL E 297 15.19 2.34 51.38
C VAL E 297 15.27 3.68 50.68
N TRP E 298 14.37 4.58 51.05
CA TRP E 298 14.34 5.93 50.51
C TRP E 298 15.21 6.84 51.36
N LYS E 299 16.10 7.59 50.71
CA LYS E 299 17.00 8.51 51.40
C LYS E 299 16.93 9.88 50.75
N LYS E 300 17.42 10.88 51.47
CA LYS E 300 17.46 12.25 50.97
C LYS E 300 18.90 12.64 50.69
N PRO E 301 19.38 12.49 49.46
CA PRO E 301 20.78 12.75 49.15
C PRO E 301 21.07 14.25 49.07
N LEU E 302 22.36 14.55 48.88
CA LEU E 302 22.82 15.92 48.72
C LEU E 302 23.44 16.20 47.35
N CYS E 303 23.59 15.19 46.50
CA CYS E 303 24.12 15.40 45.16
C CYS E 303 23.73 14.21 44.30
N VAL E 304 23.08 14.48 43.17
CA VAL E 304 22.65 13.43 42.24
C VAL E 304 22.97 13.89 40.83
N GLY E 305 23.64 13.04 40.06
CA GLY E 305 23.95 13.41 38.70
C GLY E 305 24.59 12.27 37.93
N TYR E 306 25.11 12.61 36.76
CA TYR E 306 25.76 11.66 35.87
C TYR E 306 27.10 12.23 35.41
N GLU E 307 28.03 11.33 35.10
CA GLU E 307 29.33 11.73 34.60
C GLU E 307 29.88 10.62 33.70
N ARG E 308 30.55 11.02 32.63
CA ARG E 308 31.14 10.07 31.67
C ARG E 308 32.54 9.71 32.15
N VAL E 309 32.68 8.51 32.70
CA VAL E 309 33.95 8.03 33.24
C VAL E 309 34.27 6.68 32.60
N VAL E 310 35.36 6.08 33.05
CA VAL E 310 35.82 4.79 32.55
C VAL E 310 35.20 3.68 33.38
N VAL E 311 34.59 2.71 32.71
CA VAL E 311 33.93 1.58 33.38
C VAL E 311 34.77 0.33 33.09
N LYS E 312 35.18 -0.35 34.16
CA LYS E 312 35.97 -1.58 34.06
C LYS E 312 35.10 -2.75 34.48
N ARG E 313 34.65 -3.53 33.51
CA ARG E 313 33.80 -4.69 33.76
C ARG E 313 34.57 -5.96 33.46
N GLU E 314 34.18 -7.04 34.14
CA GLU E 314 34.82 -8.35 33.96
C GLU E 314 34.24 -8.99 32.70
N LEU E 315 35.01 -8.97 31.61
CA LEU E 315 34.55 -9.57 30.36
C LEU E 315 34.62 -11.09 30.41
N SER E 316 35.73 -11.62 30.92
CA SER E 316 35.90 -13.07 31.01
C SER E 316 36.80 -13.45 32.17
N ASP F 1 44.79 -46.25 8.22
CA ASP F 1 43.70 -46.02 7.27
C ASP F 1 44.09 -46.45 5.86
N PRO F 2 43.17 -47.10 5.16
CA PRO F 2 43.46 -47.55 3.79
C PRO F 2 43.69 -46.37 2.85
N GLY F 3 44.43 -46.63 1.79
CA GLY F 3 44.73 -45.61 0.80
C GLY F 3 43.71 -45.55 -0.32
N CYS F 4 44.19 -45.42 -1.56
CA CYS F 4 43.30 -45.33 -2.71
C CYS F 4 42.69 -46.69 -3.02
N SER F 5 41.54 -46.66 -3.69
CA SER F 5 40.84 -47.88 -4.07
C SER F 5 40.31 -47.87 -5.50
N GLU F 6 39.86 -46.73 -6.03
CA GLU F 6 39.34 -46.64 -7.40
C GLU F 6 40.26 -45.69 -8.18
N LEU F 7 41.22 -46.25 -8.88
CA LEU F 7 42.19 -45.48 -9.66
C LEU F 7 41.86 -45.61 -11.14
N ILE F 8 41.77 -44.47 -11.82
CA ILE F 8 41.48 -44.44 -13.25
C ILE F 8 42.62 -43.70 -13.96
N GLN F 9 42.67 -43.87 -15.28
CA GLN F 9 43.68 -43.23 -16.10
C GLN F 9 43.13 -41.96 -16.71
N ALA F 10 43.86 -40.86 -16.57
CA ALA F 10 43.44 -39.58 -17.12
C ALA F 10 43.66 -39.55 -18.63
N SER F 11 42.69 -38.99 -19.35
CA SER F 11 42.77 -38.90 -20.80
C SER F 11 43.71 -37.76 -21.21
N SER F 12 44.20 -37.85 -22.44
CA SER F 12 45.11 -36.84 -22.98
C SER F 12 44.39 -35.70 -23.69
N ARG F 13 43.08 -35.82 -23.91
CA ARG F 13 42.33 -34.77 -24.59
C ARG F 13 42.03 -33.58 -23.68
N ILE F 14 42.13 -33.76 -22.36
CA ILE F 14 41.86 -32.69 -21.40
C ILE F 14 43.11 -32.34 -20.59
N THR F 15 44.28 -32.76 -21.05
CA THR F 15 45.54 -32.50 -20.36
C THR F 15 46.63 -32.26 -21.39
N THR F 16 47.23 -31.08 -21.34
CA THR F 16 48.33 -30.71 -22.24
C THR F 16 49.65 -30.70 -21.48
N CYS F 17 50.74 -30.74 -22.25
CA CYS F 17 52.07 -30.75 -21.68
C CYS F 17 52.97 -29.85 -22.51
N SER F 18 53.92 -29.20 -21.84
CA SER F 18 54.86 -28.30 -22.51
C SER F 18 56.08 -28.14 -21.62
N THR F 19 57.26 -28.10 -22.25
CA THR F 19 58.51 -27.95 -21.52
C THR F 19 58.88 -26.48 -21.37
N GLU F 20 59.67 -26.19 -20.34
CA GLU F 20 60.11 -24.82 -20.07
C GLU F 20 61.33 -24.91 -19.15
N GLY F 21 62.51 -25.07 -19.76
CA GLY F 21 63.75 -25.17 -19.01
C GLY F 21 63.82 -26.44 -18.17
N VAL F 22 64.27 -27.53 -18.80
CA VAL F 22 64.42 -28.87 -18.22
C VAL F 22 63.32 -29.19 -17.22
N ASN F 23 62.11 -28.72 -17.49
CA ASN F 23 60.95 -28.99 -16.63
C ASN F 23 59.72 -29.07 -17.52
N THR F 24 59.15 -30.26 -17.63
CA THR F 24 57.96 -30.50 -18.46
C THR F 24 56.72 -30.42 -17.58
N LYS F 25 55.87 -29.42 -17.84
CA LYS F 25 54.63 -29.24 -17.12
C LYS F 25 53.45 -29.67 -17.98
N CYS F 26 52.24 -29.50 -17.44
CA CYS F 26 51.04 -29.87 -18.15
C CYS F 26 49.84 -29.24 -17.45
N ARG F 27 48.91 -28.70 -18.24
CA ARG F 27 47.71 -28.06 -17.73
C ARG F 27 46.52 -29.00 -17.92
N LEU F 28 45.59 -28.95 -16.96
CA LEU F 28 44.40 -29.78 -16.97
C LEU F 28 43.17 -28.91 -17.11
N SER F 29 42.31 -29.25 -18.08
CA SER F 29 41.08 -28.48 -18.31
C SER F 29 40.04 -29.45 -18.88
N GLY F 30 39.14 -29.90 -18.02
CA GLY F 30 38.10 -30.82 -18.44
C GLY F 30 37.44 -31.48 -17.25
N THR F 31 36.21 -31.95 -17.48
CA THR F 31 35.41 -32.60 -16.45
C THR F 31 35.24 -34.07 -16.80
N ALA F 32 35.61 -34.95 -15.88
CA ALA F 32 35.50 -36.39 -16.05
C ALA F 32 34.70 -36.98 -14.90
N LEU F 33 34.52 -38.29 -14.93
CA LEU F 33 33.76 -39.01 -13.90
C LEU F 33 34.68 -40.02 -13.22
N ILE F 34 34.51 -40.16 -11.90
CA ILE F 34 35.32 -41.06 -11.09
C ILE F 34 34.43 -41.73 -10.07
N ARG F 35 34.77 -42.97 -9.73
CA ARG F 35 34.01 -43.73 -8.74
C ARG F 35 34.42 -43.30 -7.34
N ALA F 36 33.42 -42.99 -6.50
CA ALA F 36 33.68 -42.58 -5.13
C ALA F 36 33.98 -43.79 -4.26
N GLY F 37 34.86 -43.60 -3.29
CA GLY F 37 35.23 -44.67 -2.40
C GLY F 37 34.17 -44.95 -1.34
N SER F 38 34.41 -45.99 -0.56
CA SER F 38 33.50 -46.41 0.49
C SER F 38 33.91 -45.72 1.80
N VAL F 39 33.48 -46.27 2.93
CA VAL F 39 33.82 -45.70 4.24
C VAL F 39 35.27 -46.07 4.55
N GLY F 40 36.15 -45.08 4.50
CA GLY F 40 37.57 -45.27 4.75
C GLY F 40 38.43 -45.34 3.50
N ALA F 41 37.85 -45.72 2.36
CA ALA F 41 38.60 -45.79 1.12
C ALA F 41 38.81 -44.40 0.53
N GLU F 42 39.59 -44.33 -0.54
CA GLU F 42 39.89 -43.09 -1.22
C GLU F 42 39.61 -43.24 -2.71
N ALA F 43 39.92 -42.18 -3.46
CA ALA F 43 39.73 -42.14 -4.91
C ALA F 43 40.82 -41.24 -5.48
N CYS F 44 41.94 -41.85 -5.88
CA CYS F 44 43.07 -41.10 -6.40
C CYS F 44 43.02 -41.04 -7.93
N LEU F 45 43.89 -40.19 -8.48
CA LEU F 45 44.00 -40.02 -9.93
C LEU F 45 45.47 -40.04 -10.31
N MET F 46 45.82 -40.92 -11.25
CA MET F 46 47.20 -41.08 -11.71
C MET F 46 47.41 -40.18 -12.93
N LEU F 47 48.12 -39.08 -12.74
CA LEU F 47 48.43 -38.13 -13.82
C LEU F 47 49.79 -38.48 -14.38
N LYS F 48 49.81 -38.96 -15.63
CA LYS F 48 51.06 -39.33 -16.29
C LYS F 48 51.61 -38.15 -17.08
N GLY F 49 52.91 -38.21 -17.36
CA GLY F 49 53.60 -37.19 -18.10
C GLY F 49 53.98 -37.63 -19.49
N VAL F 50 55.03 -37.00 -20.03
CA VAL F 50 55.52 -37.35 -21.36
C VAL F 50 56.50 -38.50 -21.36
N LYS F 51 57.01 -38.89 -20.19
CA LYS F 51 57.98 -39.99 -20.10
C LYS F 51 57.36 -41.05 -19.20
N GLU F 52 58.00 -41.41 -18.10
CA GLU F 52 57.47 -42.42 -17.18
C GLU F 52 57.50 -41.98 -15.74
N ASP F 53 58.58 -41.35 -15.28
CA ASP F 53 58.67 -40.91 -13.90
C ASP F 53 57.77 -39.72 -13.61
N GLN F 54 57.38 -38.95 -14.63
CA GLN F 54 56.51 -37.78 -14.45
C GLN F 54 55.10 -38.28 -14.17
N THR F 55 54.79 -38.46 -12.89
CA THR F 55 53.48 -38.95 -12.48
C THR F 55 53.10 -38.29 -11.16
N LYS F 56 51.96 -37.62 -11.12
CA LYS F 56 51.48 -36.94 -9.92
C LYS F 56 50.07 -37.44 -9.61
N PHE F 57 49.82 -37.66 -8.32
CA PHE F 57 48.57 -38.24 -7.86
C PHE F 57 47.59 -37.15 -7.43
N LEU F 58 46.31 -37.50 -7.46
CA LEU F 58 45.22 -36.60 -7.03
C LEU F 58 44.26 -37.43 -6.19
N LYS F 59 44.52 -37.49 -4.89
CA LYS F 59 43.72 -38.32 -4.00
C LYS F 59 42.46 -37.59 -3.56
N ILE F 60 41.41 -38.36 -3.29
CA ILE F 60 40.14 -37.85 -2.80
C ILE F 60 39.71 -38.78 -1.66
N LYS F 61 39.98 -38.36 -0.42
CA LYS F 61 39.64 -39.19 0.74
C LYS F 61 38.16 -39.06 1.07
N THR F 62 37.55 -40.18 1.47
CA THR F 62 36.16 -40.23 1.88
C THR F 62 36.10 -40.65 3.34
N VAL F 63 35.54 -39.80 4.19
CA VAL F 63 35.47 -40.08 5.62
C VAL F 63 34.42 -41.17 5.86
N SER F 64 33.15 -40.79 5.78
CA SER F 64 32.07 -41.73 6.03
C SER F 64 30.78 -41.15 5.45
N SER F 65 29.69 -41.90 5.60
CA SER F 65 28.38 -41.48 5.13
C SER F 65 27.59 -40.88 6.29
N GLU F 66 27.29 -39.60 6.21
CA GLU F 66 26.57 -38.88 7.24
C GLU F 66 25.43 -38.09 6.63
N LEU F 67 24.50 -37.66 7.48
CA LEU F 67 23.35 -36.87 7.07
C LEU F 67 23.49 -35.45 7.59
N SER F 68 23.09 -34.48 6.77
CA SER F 68 23.17 -33.07 7.13
C SER F 68 21.77 -32.45 7.08
N CYS F 69 21.57 -31.43 7.92
CA CYS F 69 20.29 -30.74 8.03
C CYS F 69 20.35 -29.47 7.18
N ARG F 70 19.49 -29.39 6.17
CA ARG F 70 19.43 -28.22 5.29
C ARG F 70 18.72 -27.09 6.04
N GLU F 71 19.45 -26.01 6.31
CA GLU F 71 18.91 -24.89 7.04
C GLU F 71 18.09 -23.98 6.11
N GLY F 72 17.51 -22.95 6.69
CA GLY F 72 16.70 -22.00 5.94
C GLY F 72 16.59 -20.65 6.62
N GLN F 73 15.91 -20.62 7.76
CA GLN F 73 15.74 -19.40 8.54
C GLN F 73 16.35 -19.60 9.93
N SER F 74 17.03 -18.58 10.42
CA SER F 74 17.68 -18.63 11.72
C SER F 74 17.61 -17.26 12.38
N TYR F 75 17.83 -17.25 13.69
CA TYR F 75 17.79 -16.02 14.47
C TYR F 75 18.58 -16.21 15.75
N TRP F 76 19.22 -15.14 16.20
CA TRP F 76 20.00 -15.15 17.44
C TRP F 76 19.12 -14.77 18.61
N THR F 77 19.34 -15.42 19.75
CA THR F 77 18.57 -15.15 20.96
C THR F 77 19.40 -15.55 22.16
N GLY F 78 18.92 -15.17 23.34
CA GLY F 78 19.60 -15.48 24.58
C GLY F 78 18.80 -15.08 25.80
N SER F 79 19.45 -14.38 26.72
CA SER F 79 18.82 -13.91 27.95
C SER F 79 18.91 -12.39 28.05
N PHE F 80 17.89 -11.78 28.66
CA PHE F 80 17.83 -10.35 28.83
C PHE F 80 17.25 -10.02 30.19
N SER F 81 17.71 -8.90 30.75
CA SER F 81 17.26 -8.44 32.06
C SER F 81 16.64 -7.05 31.94
N PRO F 82 15.54 -6.79 32.63
CA PRO F 82 14.90 -5.47 32.57
C PRO F 82 15.43 -4.52 33.63
N LYS F 83 15.32 -3.23 33.32
CA LYS F 83 15.70 -2.15 34.24
C LYS F 83 14.66 -1.03 34.08
N CYS F 84 13.85 -0.85 35.11
CA CYS F 84 12.80 0.17 35.10
C CYS F 84 13.24 1.38 35.91
N LEU F 85 13.00 2.57 35.37
CA LEU F 85 13.34 3.82 36.01
C LEU F 85 12.07 4.60 36.31
N SER F 86 11.94 5.07 37.55
CA SER F 86 10.77 5.79 38.02
C SER F 86 11.02 7.30 38.00
N SER F 87 9.94 8.05 37.74
CA SER F 87 10.02 9.52 37.73
C SER F 87 8.60 10.04 37.91
N ARG F 88 8.18 10.17 39.18
CA ARG F 88 6.83 10.58 39.51
C ARG F 88 6.71 12.10 39.50
N ARG F 89 5.66 12.60 38.87
CA ARG F 89 5.37 14.03 38.82
C ARG F 89 3.90 14.26 39.11
N CYS F 90 3.62 15.36 39.80
CA CYS F 90 2.25 15.71 40.15
C CYS F 90 1.53 16.32 38.95
N HIS F 91 0.28 16.70 39.16
CA HIS F 91 -0.50 17.31 38.09
C HIS F 91 0.00 18.71 37.78
N LEU F 92 0.07 19.03 36.50
CA LEU F 92 0.60 20.31 36.01
C LEU F 92 2.03 20.55 36.50
N VAL F 93 2.80 19.47 36.62
CA VAL F 93 4.20 19.54 37.06
C VAL F 93 5.03 18.90 35.97
N GLY F 94 5.68 19.72 35.14
CA GLY F 94 6.49 19.22 34.05
C GLY F 94 5.67 18.67 32.91
N GLU F 95 5.58 17.34 32.81
CA GLU F 95 4.80 16.69 31.76
C GLU F 95 3.83 15.66 32.31
N CYS F 96 3.59 15.64 33.62
CA CYS F 96 2.66 14.68 34.23
C CYS F 96 1.26 15.27 34.18
N HIS F 97 0.66 15.20 32.99
CA HIS F 97 -0.68 15.70 32.75
C HIS F 97 -1.65 14.54 32.57
N VAL F 98 -2.93 14.88 32.45
CA VAL F 98 -3.96 13.86 32.27
C VAL F 98 -4.02 13.39 30.81
N ASN F 99 -3.55 14.21 29.87
CA ASN F 99 -3.56 13.85 28.46
C ASN F 99 -2.22 13.30 27.98
N ARG F 100 -1.11 13.94 28.36
CA ARG F 100 0.20 13.48 27.94
C ARG F 100 0.63 12.22 28.68
N CYS F 101 0.05 11.94 29.85
CA CYS F 101 0.42 10.76 30.62
C CYS F 101 -0.33 9.52 30.15
N LEU F 102 -1.58 9.67 29.70
CA LEU F 102 -2.35 8.52 29.24
C LEU F 102 -2.10 8.21 27.77
N SER F 103 -2.10 9.24 26.92
CA SER F 103 -1.85 9.06 25.49
C SER F 103 -0.35 9.16 25.19
N TRP F 104 0.41 8.25 25.79
CA TRP F 104 1.86 8.21 25.64
C TRP F 104 2.26 6.93 24.91
N ARG F 105 3.21 7.06 24.00
CA ARG F 105 3.70 5.94 23.20
C ARG F 105 5.09 5.54 23.66
N ASP F 106 5.53 4.37 23.22
CA ASP F 106 6.83 3.84 23.61
C ASP F 106 7.97 4.44 22.79
N ASN F 107 7.70 4.82 21.54
CA ASN F 107 8.76 5.38 20.70
C ASN F 107 9.12 6.80 21.10
N GLU F 108 8.24 7.52 21.78
CA GLU F 108 8.52 8.88 22.19
C GLU F 108 9.36 8.89 23.46
N THR F 109 10.31 9.82 23.53
CA THR F 109 11.19 9.97 24.68
C THR F 109 10.74 11.18 25.49
N SER F 110 10.41 10.94 26.76
CA SER F 110 9.96 12.03 27.62
C SER F 110 11.12 12.94 28.00
N ALA F 111 10.79 14.17 28.36
CA ALA F 111 11.82 15.13 28.75
C ALA F 111 12.40 14.80 30.12
N GLU F 112 11.62 14.13 30.98
CA GLU F 112 12.11 13.77 32.30
C GLU F 112 13.34 12.87 32.22
N PHE F 113 13.39 11.98 31.22
CA PHE F 113 14.55 11.14 30.98
C PHE F 113 15.42 11.69 29.85
N SER F 114 15.35 13.00 29.59
CA SER F 114 16.13 13.60 28.53
C SER F 114 17.64 13.46 28.76
N PHE F 115 18.06 13.16 29.99
CA PHE F 115 19.47 12.92 30.25
C PHE F 115 19.97 11.63 29.61
N VAL F 116 19.06 10.75 29.21
CA VAL F 116 19.48 9.50 28.56
C VAL F 116 20.01 9.78 27.15
N GLY F 117 19.26 10.56 26.37
CA GLY F 117 19.70 10.87 25.02
C GLY F 117 19.48 9.72 24.06
N GLU F 118 20.22 9.77 22.96
CA GLU F 118 20.14 8.73 21.94
C GLU F 118 20.85 7.47 22.41
N SER F 119 20.29 6.32 22.03
CA SER F 119 20.85 5.04 22.41
C SER F 119 20.27 3.95 21.51
N THR F 120 21.10 2.96 21.20
CA THR F 120 20.68 1.84 20.37
C THR F 120 20.35 0.63 21.22
N THR F 121 19.40 0.78 22.15
CA THR F 121 19.01 -0.28 23.05
C THR F 121 17.48 -0.36 23.11
N MET F 122 16.96 -1.58 23.10
CA MET F 122 15.52 -1.80 23.15
C MET F 122 14.93 -1.24 24.44
N ARG F 123 14.61 0.04 24.45
CA ARG F 123 14.05 0.73 25.61
C ARG F 123 12.60 1.09 25.36
N GLU F 124 11.90 1.43 26.44
CA GLU F 124 10.50 1.80 26.37
C GLU F 124 10.16 2.70 27.55
N ASN F 125 9.17 3.56 27.33
CA ASN F 125 8.72 4.52 28.34
C ASN F 125 7.23 4.37 28.56
N LYS F 126 6.82 4.34 29.82
CA LYS F 126 5.42 4.21 30.20
C LYS F 126 5.05 5.38 31.10
N CYS F 127 3.74 5.49 31.39
CA CYS F 127 3.21 6.56 32.23
C CYS F 127 2.06 5.97 33.05
N PHE F 128 2.38 5.51 34.26
CA PHE F 128 1.40 4.93 35.17
C PHE F 128 0.94 6.01 36.14
N GLU F 129 -0.33 6.34 36.10
CA GLU F 129 -0.88 7.37 36.98
C GLU F 129 -1.00 6.84 38.41
N GLN F 130 -0.90 7.76 39.37
CA GLN F 130 -1.00 7.43 40.78
C GLN F 130 -1.93 8.44 41.45
N CYS F 131 -2.14 8.25 42.76
CA CYS F 131 -3.01 9.13 43.51
C CYS F 131 -2.31 10.46 43.77
N GLY F 132 -3.11 11.53 43.86
CA GLY F 132 -2.58 12.85 44.11
C GLY F 132 -2.79 13.32 45.53
N GLY F 133 -2.93 14.63 45.71
CA GLY F 133 -3.14 15.19 47.03
C GLY F 133 -1.86 15.29 47.83
N TRP F 134 -2.02 15.56 49.12
CA TRP F 134 -0.89 15.68 50.03
C TRP F 134 -0.38 14.34 50.55
N GLY F 135 -1.08 13.25 50.23
CA GLY F 135 -0.63 11.94 50.69
C GLY F 135 0.53 11.35 49.91
N CYS F 136 0.79 11.88 48.72
CA CYS F 136 1.88 11.39 47.89
C CYS F 136 2.92 12.45 47.55
N GLY F 137 2.54 13.72 47.44
CA GLY F 137 3.49 14.77 47.13
C GLY F 137 3.05 15.63 45.97
N CYS F 138 1.96 16.38 46.15
CA CYS F 138 1.45 17.25 45.10
C CYS F 138 0.50 18.26 45.73
N PHE F 139 0.39 19.43 45.09
CA PHE F 139 -0.48 20.49 45.58
C PHE F 139 -1.88 20.44 44.99
N ASN F 140 -2.10 19.62 43.96
CA ASN F 140 -3.39 19.51 43.30
C ASN F 140 -4.03 18.16 43.64
N VAL F 141 -5.37 18.15 43.65
CA VAL F 141 -6.11 16.93 43.97
C VAL F 141 -6.22 15.98 42.79
N ASN F 142 -5.78 16.38 41.61
CA ASN F 142 -5.86 15.50 40.45
C ASN F 142 -4.82 14.38 40.57
N PRO F 143 -5.10 13.22 39.97
CA PRO F 143 -4.13 12.11 40.03
C PRO F 143 -2.82 12.48 39.35
N SER F 144 -1.72 12.02 39.95
CA SER F 144 -0.40 12.31 39.43
C SER F 144 -0.02 11.31 38.35
N CYS F 145 1.13 11.53 37.72
CA CYS F 145 1.64 10.67 36.65
C CYS F 145 2.99 10.10 37.05
N LEU F 146 3.31 8.94 36.48
CA LEU F 146 4.56 8.24 36.76
C LEU F 146 5.24 7.93 35.45
N PHE F 147 6.48 8.41 35.28
CA PHE F 147 7.26 8.15 34.08
C PHE F 147 8.17 6.95 34.31
N VAL F 148 8.08 5.96 33.42
CA VAL F 148 8.84 4.72 33.52
C VAL F 148 9.76 4.63 32.32
N HIS F 149 11.04 4.32 32.57
CA HIS F 149 12.05 4.15 31.53
C HIS F 149 12.69 2.78 31.74
N THR F 150 12.19 1.78 31.01
CA THR F 150 12.65 0.41 31.15
C THR F 150 13.46 0.00 29.92
N TYR F 151 14.68 -0.47 30.16
CA TYR F 151 15.56 -0.94 29.09
C TYR F 151 16.05 -2.34 29.43
N LEU F 152 16.32 -3.12 28.39
CA LEU F 152 16.77 -4.50 28.52
C LEU F 152 18.27 -4.57 28.28
N GLN F 153 18.95 -5.44 29.03
CA GLN F 153 20.36 -5.69 28.87
C GLN F 153 20.61 -7.20 28.79
N SER F 154 21.88 -7.58 28.70
CA SER F 154 22.28 -8.98 28.62
C SER F 154 23.24 -9.27 29.76
N VAL F 155 22.81 -10.15 30.68
CA VAL F 155 23.62 -10.53 31.83
C VAL F 155 24.46 -11.77 31.55
N ARG F 156 24.42 -12.29 30.32
CA ARG F 156 25.17 -13.47 29.93
C ARG F 156 26.42 -13.07 29.14
N LYS F 157 27.22 -14.08 28.81
CA LYS F 157 28.45 -13.87 28.05
C LYS F 157 28.41 -14.53 26.68
N GLU F 158 27.33 -15.22 26.33
CA GLU F 158 27.22 -15.88 25.04
C GLU F 158 25.77 -15.83 24.58
N ALA F 159 25.54 -16.28 23.35
CA ALA F 159 24.22 -16.30 22.75
C ALA F 159 24.02 -17.63 22.02
N LEU F 160 22.79 -17.86 21.57
CA LEU F 160 22.42 -19.07 20.86
C LEU F 160 21.81 -18.71 19.51
N ARG F 161 22.14 -19.49 18.49
CA ARG F 161 21.63 -19.27 17.14
C ARG F 161 20.61 -20.36 16.83
N VAL F 162 19.33 -20.03 17.01
CA VAL F 162 18.25 -20.99 16.79
C VAL F 162 17.92 -21.02 15.30
N PHE F 163 17.88 -22.22 14.73
CA PHE F 163 17.55 -22.42 13.33
C PHE F 163 16.61 -23.60 13.20
N ASN F 164 16.16 -23.86 11.97
CA ASN F 164 15.26 -24.96 11.67
C ASN F 164 15.83 -25.80 10.53
N CYS F 165 15.15 -26.91 10.25
CA CYS F 165 15.55 -27.82 9.18
C CYS F 165 14.31 -28.19 8.38
N ILE F 166 14.36 -27.94 7.08
CA ILE F 166 13.24 -28.25 6.19
C ILE F 166 13.57 -29.35 5.18
N ASP F 167 14.81 -29.83 5.15
CA ASP F 167 15.19 -30.88 4.22
C ASP F 167 16.47 -31.53 4.74
N TRP F 168 16.72 -32.75 4.25
CA TRP F 168 17.90 -33.52 4.63
C TRP F 168 18.76 -33.76 3.40
N VAL F 169 20.03 -33.39 3.49
CA VAL F 169 20.99 -33.55 2.40
C VAL F 169 22.08 -34.50 2.85
N HIS F 170 22.32 -35.55 2.06
CA HIS F 170 23.34 -36.54 2.37
C HIS F 170 24.71 -35.93 2.14
N LYS F 171 25.39 -35.56 3.23
CA LYS F 171 26.69 -34.90 3.14
C LYS F 171 27.82 -35.92 3.27
N LEU F 172 28.83 -35.76 2.43
CA LEU F 172 30.01 -36.62 2.44
C LEU F 172 31.24 -35.76 2.65
N THR F 173 32.00 -36.05 3.72
CA THR F 173 33.21 -35.32 4.01
C THR F 173 34.37 -35.94 3.23
N LEU F 174 35.01 -35.13 2.40
CA LEU F 174 36.09 -35.59 1.52
C LEU F 174 37.35 -34.81 1.84
N GLU F 175 38.40 -35.53 2.28
CA GLU F 175 39.71 -34.94 2.51
C GLU F 175 40.52 -35.13 1.24
N ILE F 176 40.50 -34.12 0.37
CA ILE F 176 41.12 -34.22 -0.95
C ILE F 176 42.60 -33.84 -0.83
N THR F 177 43.47 -34.71 -1.35
CA THR F 177 44.90 -34.42 -1.43
C THR F 177 45.23 -34.05 -2.87
N ASP F 178 45.74 -32.83 -3.05
CA ASP F 178 45.99 -32.29 -4.39
C ASP F 178 47.27 -32.89 -4.96
N PHE F 179 47.73 -32.34 -6.09
CA PHE F 179 48.93 -32.86 -6.74
C PHE F 179 50.19 -32.48 -5.96
N ASP F 180 50.30 -31.22 -5.55
CA ASP F 180 51.49 -30.78 -4.83
C ASP F 180 51.54 -31.36 -3.42
N GLY F 181 50.39 -31.61 -2.81
CA GLY F 181 50.35 -32.17 -1.47
C GLY F 181 49.56 -31.32 -0.50
N SER F 182 48.85 -30.32 -1.01
CA SER F 182 48.03 -29.44 -0.16
C SER F 182 46.82 -30.21 0.33
N VAL F 183 46.85 -30.63 1.60
CA VAL F 183 45.76 -31.40 2.18
C VAL F 183 44.57 -30.47 2.39
N SER F 184 43.44 -30.83 1.79
CA SER F 184 42.21 -30.06 1.91
C SER F 184 41.10 -30.93 2.50
N THR F 185 40.14 -30.27 3.13
CA THR F 185 39.02 -30.96 3.77
C THR F 185 37.74 -30.23 3.39
N ILE F 186 36.92 -30.85 2.54
CA ILE F 186 35.66 -30.26 2.11
C ILE F 186 34.53 -31.25 2.35
N ASP F 187 33.34 -30.92 1.87
CA ASP F 187 32.18 -31.79 2.04
C ASP F 187 31.17 -31.48 0.93
N LEU F 188 30.61 -32.54 0.35
CA LEU F 188 29.63 -32.42 -0.72
C LEU F 188 28.26 -32.90 -0.22
N GLY F 189 27.26 -32.70 -1.08
CA GLY F 189 25.91 -33.10 -0.75
C GLY F 189 24.92 -32.84 -1.88
N ALA F 190 24.04 -33.82 -2.13
CA ALA F 190 23.03 -33.73 -3.17
C ALA F 190 23.66 -33.42 -4.53
N SER F 191 23.81 -32.13 -4.84
CA SER F 191 24.39 -31.70 -6.10
C SER F 191 25.21 -30.43 -5.90
N SER F 192 25.87 -30.31 -4.75
CA SER F 192 26.68 -29.16 -4.46
C SER F 192 28.01 -29.23 -5.21
N SER F 193 28.81 -28.17 -5.06
CA SER F 193 30.11 -28.10 -5.73
C SER F 193 31.02 -27.20 -4.91
N ARG F 194 32.07 -27.80 -4.34
CA ARG F 194 33.03 -27.05 -3.55
C ARG F 194 34.15 -26.50 -4.44
N PHE F 195 34.64 -25.32 -4.06
CA PHE F 195 35.70 -24.66 -4.82
C PHE F 195 37.06 -25.08 -4.27
N THR F 196 37.90 -25.63 -5.14
CA THR F 196 39.23 -26.07 -4.77
C THR F 196 40.27 -25.30 -5.58
N ASN F 197 41.52 -25.36 -5.11
CA ASN F 197 42.60 -24.64 -5.78
C ASN F 197 42.81 -25.14 -7.21
N TRP F 198 42.48 -26.41 -7.47
CA TRP F 198 42.58 -26.97 -8.81
C TRP F 198 41.29 -26.83 -9.61
N GLY F 199 40.24 -26.27 -9.01
CA GLY F 199 38.99 -26.09 -9.72
C GLY F 199 37.77 -26.21 -8.82
N SER F 200 37.01 -27.30 -8.98
CA SER F 200 35.81 -27.52 -8.19
C SER F 200 35.48 -29.01 -8.20
N VAL F 201 34.72 -29.43 -7.18
CA VAL F 201 34.28 -30.80 -7.05
C VAL F 201 32.77 -30.82 -6.88
N SER F 202 32.14 -31.88 -7.38
CA SER F 202 30.69 -32.01 -7.31
C SER F 202 30.31 -33.48 -7.20
N LEU F 203 29.15 -33.73 -6.60
CA LEU F 203 28.62 -35.08 -6.44
C LEU F 203 27.73 -35.39 -7.63
N SER F 204 28.13 -36.37 -8.44
CA SER F 204 27.37 -36.72 -9.63
C SER F 204 26.18 -37.62 -9.28
N LEU F 205 26.46 -38.79 -8.72
CA LEU F 205 25.42 -39.77 -8.40
C LEU F 205 25.17 -39.78 -6.90
N ASP F 206 23.91 -39.98 -6.52
CA ASP F 206 23.52 -40.08 -5.12
C ASP F 206 22.23 -40.88 -5.02
N ALA F 207 22.07 -41.57 -3.88
CA ALA F 207 20.88 -42.40 -3.69
C ALA F 207 20.49 -42.54 -2.22
N GLU F 208 20.91 -41.64 -1.35
CA GLU F 208 20.58 -41.70 0.07
C GLU F 208 20.03 -40.35 0.52
N GLY F 209 19.02 -40.39 1.38
CA GLY F 209 18.41 -39.18 1.89
C GLY F 209 17.03 -39.41 2.48
N ILE F 210 16.72 -38.68 3.55
CA ILE F 210 15.43 -38.80 4.22
C ILE F 210 14.69 -37.48 4.13
N SER F 211 13.49 -37.42 4.72
CA SER F 211 12.69 -36.19 4.70
C SER F 211 11.73 -36.23 5.88
N GLY F 212 11.79 -35.21 6.73
CA GLY F 212 10.92 -35.15 7.89
C GLY F 212 11.54 -34.43 9.07
N SER F 213 11.51 -33.09 9.04
CA SER F 213 12.08 -32.32 10.14
C SER F 213 11.43 -30.95 10.31
N ASN F 214 10.28 -30.69 9.70
CA ASN F 214 9.65 -29.38 9.84
C ASN F 214 9.12 -29.15 11.25
N SER F 215 8.81 -30.22 11.98
CA SER F 215 8.30 -30.13 13.35
C SER F 215 9.42 -30.19 14.39
N PHE F 216 10.62 -29.73 14.05
CA PHE F 216 11.75 -29.76 14.96
C PHE F 216 12.53 -28.46 14.83
N SER F 217 12.84 -27.84 15.97
CA SER F 217 13.59 -26.59 16.02
C SER F 217 14.92 -26.86 16.69
N PHE F 218 16.01 -26.51 16.01
CA PHE F 218 17.36 -26.73 16.51
C PHE F 218 17.94 -25.46 17.11
N ILE F 219 18.83 -25.63 18.09
CA ILE F 219 19.50 -24.53 18.76
C ILE F 219 21.00 -24.75 18.62
N GLU F 220 21.70 -23.77 18.04
CA GLU F 220 23.14 -23.87 17.82
C GLU F 220 23.88 -23.10 18.92
N SER F 221 24.84 -23.77 19.54
CA SER F 221 25.68 -23.19 20.60
C SER F 221 27.13 -23.40 20.22
N PRO F 222 27.74 -22.46 19.49
CA PRO F 222 29.14 -22.62 19.09
C PRO F 222 30.07 -22.55 20.29
N GLY F 223 30.88 -23.58 20.46
CA GLY F 223 31.81 -23.67 21.57
C GLY F 223 31.35 -24.55 22.71
N LYS F 224 30.07 -24.93 22.73
CA LYS F 224 29.55 -25.78 23.80
C LYS F 224 28.82 -26.98 23.24
N GLY F 225 27.90 -26.76 22.31
CA GLY F 225 27.16 -27.85 21.72
C GLY F 225 25.86 -27.37 21.09
N TYR F 226 25.06 -28.34 20.68
CA TYR F 226 23.78 -28.08 20.01
C TYR F 226 22.63 -28.49 20.93
N ALA F 227 21.41 -28.33 20.44
CA ALA F 227 20.21 -28.69 21.18
C ALA F 227 19.08 -28.93 20.20
N ILE F 228 18.17 -29.83 20.59
CA ILE F 228 17.01 -30.19 19.77
C ILE F 228 15.76 -29.93 20.59
N VAL F 229 14.75 -29.33 19.94
CA VAL F 229 13.47 -29.03 20.57
C VAL F 229 12.37 -29.55 19.66
N ASP F 230 11.43 -30.31 20.24
CA ASP F 230 10.36 -30.93 19.47
C ASP F 230 9.20 -29.95 19.33
N GLU F 231 9.37 -29.01 18.41
CA GLU F 231 8.34 -28.01 18.12
C GLU F 231 8.63 -27.40 16.76
N PRO F 232 7.61 -26.94 16.04
CA PRO F 232 7.85 -26.29 14.75
C PRO F 232 8.57 -24.96 14.93
N PHE F 233 9.00 -24.41 13.80
CA PHE F 233 9.72 -23.15 13.81
C PHE F 233 8.75 -22.00 14.10
N SER F 234 9.18 -21.06 14.94
CA SER F 234 8.38 -19.91 15.31
C SER F 234 8.67 -18.77 14.35
N GLU F 235 7.66 -18.37 13.57
CA GLU F 235 7.84 -17.29 12.61
C GLU F 235 7.62 -15.93 13.28
N ILE F 236 6.51 -15.77 13.98
CA ILE F 236 6.18 -14.53 14.66
C ILE F 236 6.60 -14.66 16.12
N PRO F 237 7.45 -13.76 16.63
CA PRO F 237 7.87 -13.87 18.04
C PRO F 237 6.75 -13.56 19.02
N ARG F 238 6.24 -14.59 19.69
CA ARG F 238 5.17 -14.44 20.67
C ARG F 238 5.74 -14.42 22.07
N GLN F 239 5.09 -13.65 22.94
CA GLN F 239 5.54 -13.56 24.33
C GLN F 239 5.30 -14.86 25.07
N GLY F 240 6.17 -15.14 26.04
CA GLY F 240 6.06 -16.37 26.80
C GLY F 240 6.40 -17.62 26.03
N PHE F 241 7.14 -17.50 24.94
CA PHE F 241 7.52 -18.63 24.11
C PHE F 241 9.03 -18.61 23.88
N LEU F 242 9.58 -19.79 23.60
CA LEU F 242 11.00 -19.92 23.35
C LEU F 242 11.41 -19.18 22.08
N GLY F 243 11.99 -17.99 22.25
CA GLY F 243 12.39 -17.18 21.12
C GLY F 243 11.52 -15.96 20.91
N GLU F 244 11.18 -15.27 22.01
CA GLU F 244 10.35 -14.08 21.92
C GLU F 244 11.13 -12.84 21.53
N ILE F 245 12.44 -12.82 21.72
CA ILE F 245 13.29 -11.69 21.39
C ILE F 245 14.39 -12.20 20.47
N ARG F 246 14.31 -11.85 19.19
CA ARG F 246 15.28 -12.27 18.19
C ARG F 246 16.13 -11.09 17.75
N CYS F 247 17.19 -11.39 17.01
CA CYS F 247 18.10 -10.35 16.52
C CYS F 247 18.73 -10.77 15.19
N ASN F 248 19.97 -10.34 14.95
CA ASN F 248 20.67 -10.68 13.71
C ASN F 248 22.06 -11.27 13.92
N SER F 249 22.79 -10.88 14.97
CA SER F 249 24.12 -11.39 15.23
C SER F 249 24.28 -11.60 16.73
N GLU F 250 25.46 -12.09 17.12
CA GLU F 250 25.74 -12.30 18.54
C GLU F 250 25.89 -10.97 19.29
N SER F 251 26.45 -9.97 18.63
CA SER F 251 26.59 -8.66 19.26
C SER F 251 25.25 -7.99 19.49
N SER F 252 24.25 -8.31 18.66
CA SER F 252 22.91 -7.76 18.85
C SER F 252 22.22 -8.36 20.06
N VAL F 253 22.66 -9.53 20.52
CA VAL F 253 22.06 -10.15 21.70
C VAL F 253 22.87 -9.83 22.95
N LEU F 254 24.20 -9.86 22.86
CA LEU F 254 25.04 -9.55 24.01
C LEU F 254 24.98 -8.09 24.41
N SER F 255 24.55 -7.21 23.50
CA SER F 255 24.45 -5.78 23.79
C SER F 255 23.01 -5.27 23.70
N ALA F 256 22.06 -6.10 23.28
CA ALA F 256 20.65 -5.71 23.17
C ALA F 256 20.48 -4.49 22.27
N HIS F 257 20.59 -4.68 20.96
CA HIS F 257 20.46 -3.59 20.01
C HIS F 257 18.99 -3.38 19.66
N GLU F 258 18.65 -2.14 19.29
CA GLU F 258 17.27 -1.79 18.98
C GLU F 258 16.78 -2.37 17.67
N SER F 259 17.68 -2.88 16.82
CA SER F 259 17.28 -3.44 15.54
C SER F 259 16.68 -4.84 15.65
N CYS F 260 16.74 -5.46 16.82
CA CYS F 260 16.18 -6.79 17.00
C CYS F 260 14.69 -6.71 17.25
N LEU F 261 13.96 -7.69 16.71
CA LEU F 261 12.51 -7.74 16.86
C LEU F 261 12.15 -8.49 18.13
N ARG F 262 11.21 -7.93 18.89
CA ARG F 262 10.76 -8.53 20.14
C ARG F 262 9.25 -8.49 20.21
N ALA F 263 8.69 -9.22 21.18
CA ALA F 263 7.25 -9.28 21.35
C ALA F 263 6.75 -7.99 22.03
N PRO F 264 5.53 -7.56 21.70
CA PRO F 264 4.99 -6.35 22.33
C PRO F 264 4.74 -6.55 23.81
N ASN F 265 4.77 -5.42 24.53
CA ASN F 265 4.58 -5.30 25.98
C ASN F 265 4.69 -6.61 26.77
N LEU F 266 5.84 -7.27 26.67
CA LEU F 266 6.08 -8.52 27.40
C LEU F 266 6.56 -8.29 28.82
N ILE F 267 6.73 -7.04 29.24
CA ILE F 267 7.23 -6.71 30.57
C ILE F 267 6.06 -6.34 31.45
N SER F 268 5.95 -7.00 32.61
CA SER F 268 4.89 -6.72 33.56
C SER F 268 5.36 -5.67 34.56
N TYR F 269 4.50 -4.68 34.83
CA TYR F 269 4.82 -3.59 35.73
C TYR F 269 3.90 -3.62 36.94
N LYS F 270 4.45 -3.25 38.09
CA LYS F 270 3.69 -3.19 39.34
C LYS F 270 4.07 -1.92 40.09
N PRO F 271 3.42 -0.80 39.76
CA PRO F 271 3.72 0.45 40.46
C PRO F 271 3.05 0.51 41.82
N MET F 272 3.73 1.16 42.78
CA MET F 272 3.23 1.33 44.13
C MET F 272 3.52 2.76 44.59
N ILE F 273 2.87 3.72 43.94
CA ILE F 273 3.00 5.14 44.22
C ILE F 273 4.47 5.55 44.15
N ASP F 274 5.23 5.24 45.21
CA ASP F 274 6.65 5.55 45.23
C ASP F 274 7.49 4.40 44.69
N GLN F 275 7.16 3.16 45.04
CA GLN F 275 7.89 2.01 44.54
C GLN F 275 7.46 1.71 43.10
N LEU F 276 8.27 0.89 42.43
CA LEU F 276 8.00 0.52 41.04
C LEU F 276 8.64 -0.83 40.77
N GLU F 277 7.82 -1.84 40.52
CA GLU F 277 8.28 -3.19 40.20
C GLU F 277 8.07 -3.46 38.71
N CYS F 278 8.78 -4.47 38.21
CA CYS F 278 8.70 -4.83 36.80
C CYS F 278 9.37 -6.20 36.64
N THR F 279 8.55 -7.23 36.47
CA THR F 279 9.03 -8.59 36.26
C THR F 279 8.74 -9.05 34.85
N THR F 280 9.54 -10.00 34.37
CA THR F 280 9.42 -10.53 33.02
C THR F 280 9.33 -12.05 33.06
N ASN F 281 8.57 -12.60 32.13
CA ASN F 281 8.41 -14.05 31.99
C ASN F 281 9.22 -14.59 30.82
N LEU F 282 10.49 -14.18 30.71
CA LEU F 282 11.32 -14.61 29.60
C LEU F 282 11.74 -16.07 29.80
N ILE F 283 11.60 -16.87 28.74
CA ILE F 283 11.99 -18.27 28.79
C ILE F 283 13.50 -18.37 28.62
N ASP F 284 14.17 -18.87 29.65
CA ASP F 284 15.62 -19.00 29.62
C ASP F 284 16.02 -20.11 28.63
N PRO F 285 16.76 -19.79 27.57
CA PRO F 285 17.14 -20.84 26.61
C PRO F 285 18.18 -21.81 27.13
N PHE F 286 18.95 -21.43 28.16
CA PHE F 286 19.96 -22.35 28.70
C PHE F 286 19.31 -23.51 29.45
N VAL F 287 18.08 -23.32 29.95
CA VAL F 287 17.38 -24.40 30.62
C VAL F 287 17.01 -25.49 29.61
N VAL F 288 16.42 -25.09 28.49
CA VAL F 288 16.10 -26.04 27.44
C VAL F 288 17.38 -26.63 26.84
N PHE F 289 18.43 -25.83 26.73
CA PHE F 289 19.71 -26.34 26.26
C PHE F 289 20.27 -27.39 27.20
N GLU F 290 20.02 -27.26 28.50
CA GLU F 290 20.47 -28.26 29.45
C GLU F 290 19.57 -29.49 29.43
N ARG F 291 18.28 -29.32 29.19
CA ARG F 291 17.35 -30.43 29.11
C ARG F 291 17.60 -31.26 27.86
N GLY F 292 17.25 -30.70 26.69
CA GLY F 292 17.43 -31.39 25.43
C GLY F 292 18.72 -30.95 24.76
N SER F 293 19.56 -31.93 24.43
CA SER F 293 20.83 -31.65 23.79
C SER F 293 21.29 -32.90 23.04
N LEU F 294 22.00 -32.68 21.93
CA LEU F 294 22.52 -33.78 21.15
C LEU F 294 23.61 -34.52 21.92
N PRO F 295 23.77 -35.83 21.69
CA PRO F 295 23.01 -36.65 20.75
C PRO F 295 21.67 -37.13 21.31
N GLN F 296 20.69 -37.32 20.42
CA GLN F 296 19.38 -37.80 20.80
C GLN F 296 18.92 -38.85 19.80
N THR F 297 17.94 -39.65 20.21
CA THR F 297 17.37 -40.72 19.39
C THR F 297 15.89 -40.46 19.23
N ARG F 298 15.46 -40.15 18.00
CA ARG F 298 14.06 -39.86 17.70
C ARG F 298 13.61 -40.78 16.56
N ASN F 299 12.39 -41.30 16.71
CA ASN F 299 11.79 -42.20 15.72
C ASN F 299 12.70 -43.38 15.41
N ASP F 300 13.65 -43.19 14.49
CA ASP F 300 14.58 -44.26 14.15
C ASP F 300 15.94 -43.73 13.69
N LYS F 301 16.26 -42.47 13.97
CA LYS F 301 17.52 -41.87 13.55
C LYS F 301 18.36 -41.50 14.77
N THR F 302 19.67 -41.44 14.57
CA THR F 302 20.63 -41.12 15.62
C THR F 302 21.12 -39.69 15.37
N PHE F 303 20.41 -38.73 15.96
CA PHE F 303 20.78 -37.33 15.81
C PHE F 303 22.02 -37.01 16.64
N ALA F 304 23.07 -36.51 15.98
CA ALA F 304 24.32 -36.18 16.64
C ALA F 304 24.79 -34.81 16.16
N ALA F 305 25.85 -34.32 16.80
CA ALA F 305 26.43 -33.03 16.44
C ALA F 305 27.50 -33.24 15.37
N SER F 306 28.36 -32.23 15.20
CA SER F 306 29.42 -32.30 14.21
C SER F 306 30.68 -32.92 14.79
N LYS F 307 31.53 -33.43 13.92
CA LYS F 307 32.79 -34.06 14.29
C LYS F 307 33.93 -33.33 13.58
N GLY F 308 34.08 -32.04 13.89
CA GLY F 308 35.12 -31.24 13.29
C GLY F 308 34.65 -29.83 12.94
N ASN F 309 33.70 -29.74 12.01
CA ASN F 309 33.16 -28.44 11.60
C ASN F 309 31.93 -28.10 12.43
N ARG F 310 30.92 -27.49 11.80
CA ARG F 310 29.69 -27.12 12.47
C ARG F 310 28.50 -27.60 11.66
N GLY F 311 27.46 -28.05 12.36
CA GLY F 311 26.26 -28.54 11.71
C GLY F 311 25.71 -29.81 12.32
N VAL F 312 24.39 -29.93 12.35
CA VAL F 312 23.75 -31.13 12.91
C VAL F 312 23.96 -32.29 11.94
N GLN F 313 24.46 -33.41 12.46
CA GLN F 313 24.75 -34.59 11.67
C GLN F 313 23.86 -35.74 12.13
N ALA F 314 22.93 -36.15 11.26
CA ALA F 314 22.04 -37.26 11.55
C ALA F 314 22.65 -38.55 11.02
N PHE F 315 22.52 -39.61 11.82
CA PHE F 315 23.07 -40.91 11.50
C PHE F 315 21.95 -41.91 11.27
N SER F 316 22.12 -42.75 10.24
CA SER F 316 21.12 -43.77 9.91
C SER F 316 21.80 -45.05 9.44
N LYS F 317 21.22 -45.69 8.44
CA LYS F 317 21.76 -46.93 7.88
C LYS F 317 21.77 -46.85 6.36
N GLY F 318 22.64 -47.65 5.75
CA GLY F 318 22.78 -47.71 4.32
C GLY F 318 24.24 -47.83 3.91
N SER F 319 24.45 -48.32 2.69
CA SER F 319 25.81 -48.48 2.16
C SER F 319 26.27 -47.21 1.47
N VAL F 320 27.01 -47.36 0.37
CA VAL F 320 27.52 -46.22 -0.39
C VAL F 320 27.31 -46.52 -1.87
N GLN F 321 26.60 -45.62 -2.57
CA GLN F 321 26.33 -45.73 -4.00
C GLN F 321 26.34 -44.32 -4.59
N ALA F 322 27.54 -43.77 -4.77
CA ALA F 322 27.70 -42.41 -5.26
C ALA F 322 28.85 -42.36 -6.26
N ASP F 323 28.75 -41.44 -7.21
CA ASP F 323 29.78 -41.19 -8.20
C ASP F 323 30.16 -39.72 -8.19
N LEU F 324 31.44 -39.44 -8.37
CA LEU F 324 31.98 -38.09 -8.33
C LEU F 324 32.44 -37.67 -9.72
N THR F 325 32.80 -36.39 -9.83
CA THR F 325 33.30 -35.80 -11.07
C THR F 325 34.59 -35.05 -10.78
N LEU F 326 35.26 -34.61 -11.85
CA LEU F 326 36.49 -33.85 -11.75
C LEU F 326 36.42 -32.70 -12.76
N MET F 327 36.31 -31.47 -12.26
CA MET F 327 36.19 -30.28 -13.08
C MET F 327 37.50 -29.51 -13.00
N PHE F 328 38.28 -29.54 -14.09
CA PHE F 328 39.55 -28.85 -14.17
C PHE F 328 39.35 -27.58 -15.00
N ASP F 329 39.52 -26.42 -14.36
CA ASP F 329 39.34 -25.12 -15.03
C ASP F 329 40.70 -24.53 -15.42
N ASN F 330 41.40 -25.27 -16.28
CA ASN F 330 42.71 -24.87 -16.80
C ASN F 330 43.68 -24.60 -15.65
N PHE F 331 44.14 -25.66 -14.98
CA PHE F 331 45.07 -25.56 -13.87
C PHE F 331 46.45 -26.01 -14.31
N GLU F 332 47.47 -25.29 -13.88
CA GLU F 332 48.86 -25.58 -14.23
C GLU F 332 49.42 -26.59 -13.24
N VAL F 333 49.90 -27.72 -13.75
CA VAL F 333 50.48 -28.78 -12.93
C VAL F 333 51.92 -28.98 -13.39
N ASP F 334 52.87 -28.72 -12.49
CA ASP F 334 54.28 -28.87 -12.78
C ASP F 334 54.89 -29.97 -11.90
N PHE F 335 56.05 -30.46 -12.34
CA PHE F 335 56.74 -31.51 -11.62
C PHE F 335 58.24 -31.42 -11.94
N VAL F 336 59.06 -31.67 -10.93
CA VAL F 336 60.52 -31.64 -11.07
C VAL F 336 61.02 -33.07 -11.11
N GLY F 337 61.76 -33.41 -12.15
CA GLY F 337 62.30 -34.75 -12.31
C GLY F 337 63.40 -35.06 -11.32
N ALA F 338 63.03 -35.56 -10.14
CA ALA F 338 64.01 -35.90 -9.11
C ALA F 338 63.55 -37.06 -8.24
N ALA F 339 62.80 -38.00 -8.81
CA ALA F 339 62.31 -39.13 -8.03
C ALA F 339 63.42 -40.18 -7.85
N VAL F 340 63.38 -40.85 -6.71
CA VAL F 340 64.35 -41.87 -6.37
C VAL F 340 63.66 -43.23 -6.34
N SER F 341 64.46 -44.28 -6.24
CA SER F 341 63.95 -45.64 -6.20
C SER F 341 63.58 -46.03 -4.77
N CYS F 342 63.06 -47.24 -4.61
CA CYS F 342 62.67 -47.74 -3.30
C CYS F 342 62.26 -49.20 -3.44
N ASP F 343 62.64 -50.01 -2.47
CA ASP F 343 62.34 -51.43 -2.46
C ASP F 343 61.06 -51.69 -1.67
N ALA F 344 60.12 -52.42 -2.26
CA ALA F 344 58.86 -52.75 -1.63
C ALA F 344 58.92 -54.14 -1.00
N ALA F 345 57.92 -54.42 -0.17
CA ALA F 345 57.85 -55.71 0.51
C ALA F 345 56.38 -56.04 0.79
N PHE F 346 56.14 -57.31 1.10
CA PHE F 346 54.80 -57.80 1.39
C PHE F 346 54.66 -58.04 2.89
N LEU F 347 53.61 -57.47 3.49
CA LEU F 347 53.34 -57.62 4.91
C LEU F 347 52.17 -58.56 5.14
N ASN F 348 50.95 -58.16 4.77
CA ASN F 348 49.78 -59.00 4.99
C ASN F 348 48.70 -58.63 3.98
N LEU F 349 47.62 -59.42 4.00
CA LEU F 349 46.49 -59.21 3.09
C LEU F 349 45.24 -59.75 3.78
N THR F 350 44.35 -58.86 4.19
CA THR F 350 43.14 -59.25 4.88
C THR F 350 41.98 -58.40 4.38
N GLY F 351 40.92 -59.05 3.91
CA GLY F 351 39.76 -58.35 3.42
C GLY F 351 38.69 -59.26 2.85
N CYS F 352 38.22 -58.95 1.64
CA CYS F 352 37.20 -59.75 0.99
C CYS F 352 37.29 -59.53 -0.51
N TYR F 353 36.61 -60.39 -1.26
CA TYR F 353 36.59 -60.33 -2.71
C TYR F 353 35.14 -60.23 -3.20
N SER F 354 34.95 -59.51 -4.31
CA SER F 354 33.64 -59.30 -4.91
C SER F 354 32.64 -58.74 -3.90
N CYS F 355 32.77 -57.45 -3.59
CA CYS F 355 31.89 -56.79 -2.65
C CYS F 355 32.27 -55.30 -2.61
N ASN F 356 31.42 -54.51 -1.97
CA ASN F 356 31.66 -53.08 -1.85
C ASN F 356 32.75 -52.75 -0.84
N ALA F 357 33.01 -53.64 0.12
CA ALA F 357 34.04 -53.38 1.12
C ALA F 357 35.44 -53.57 0.55
N GLY F 358 35.64 -54.60 -0.27
CA GLY F 358 36.93 -54.85 -0.86
C GLY F 358 37.89 -55.51 0.11
N ALA F 359 39.14 -55.63 -0.35
CA ALA F 359 40.21 -56.22 0.43
C ALA F 359 41.15 -55.15 0.97
N ARG F 360 41.78 -55.47 2.09
CA ARG F 360 42.72 -54.56 2.76
C ARG F 360 44.12 -55.15 2.64
N VAL F 361 44.90 -54.62 1.70
CA VAL F 361 46.27 -55.06 1.48
C VAL F 361 47.21 -54.21 2.32
N CYS F 362 48.23 -54.85 2.89
CA CYS F 362 49.22 -54.19 3.72
C CYS F 362 50.60 -54.53 3.19
N LEU F 363 51.31 -53.51 2.70
CA LEU F 363 52.64 -53.66 2.12
C LEU F 363 53.63 -52.78 2.88
N SER F 364 54.91 -53.03 2.63
CA SER F 364 56.00 -52.27 3.25
C SER F 364 56.81 -51.58 2.17
N ILE F 365 57.18 -50.33 2.44
CA ILE F 365 57.96 -49.52 1.50
C ILE F 365 59.22 -49.04 2.23
N THR F 366 60.38 -49.35 1.64
CA THR F 366 61.67 -48.95 2.19
C THR F 366 62.40 -48.13 1.13
N SER F 367 62.46 -46.81 1.34
CA SER F 367 63.11 -45.89 0.41
C SER F 367 64.05 -44.98 1.19
N THR F 368 64.70 -44.08 0.47
CA THR F 368 65.64 -43.13 1.05
C THR F 368 65.15 -41.69 0.98
N GLY F 369 63.95 -41.46 0.46
CA GLY F 369 63.43 -40.12 0.36
C GLY F 369 61.95 -40.14 0.01
N THR F 370 61.40 -38.94 -0.12
CA THR F 370 59.99 -38.81 -0.44
C THR F 370 59.75 -39.09 -1.93
N GLY F 371 58.49 -39.28 -2.27
CA GLY F 371 58.10 -39.56 -3.65
C GLY F 371 56.81 -40.34 -3.68
N SER F 372 56.59 -41.00 -4.82
CA SER F 372 55.40 -41.81 -5.05
C SER F 372 55.82 -43.21 -5.47
N LEU F 373 54.83 -44.08 -5.68
CA LEU F 373 55.09 -45.46 -6.09
C LEU F 373 53.90 -45.94 -6.88
N SER F 374 54.13 -46.31 -8.13
CA SER F 374 53.09 -46.81 -9.03
C SER F 374 53.34 -48.28 -9.35
N ALA F 375 52.33 -49.12 -9.17
CA ALA F 375 52.43 -50.54 -9.41
C ALA F 375 51.27 -51.00 -10.29
N HIS F 376 51.57 -51.90 -11.22
CA HIS F 376 50.56 -52.44 -12.12
C HIS F 376 50.75 -53.94 -12.26
N ASN F 377 49.68 -54.62 -12.64
CA ASN F 377 49.71 -56.07 -12.81
C ASN F 377 50.15 -56.45 -14.22
N LYS F 378 49.53 -57.48 -14.79
CA LYS F 378 49.89 -57.97 -16.12
C LYS F 378 48.87 -57.55 -17.17
N ASP F 379 47.59 -57.82 -16.94
CA ASP F 379 46.57 -57.49 -17.93
C ASP F 379 46.28 -55.99 -17.97
N GLY F 380 46.33 -55.33 -16.81
CA GLY F 380 46.06 -53.91 -16.76
C GLY F 380 44.72 -53.57 -16.15
N SER F 381 44.45 -54.11 -14.96
CA SER F 381 43.19 -53.89 -14.27
C SER F 381 43.35 -53.36 -12.84
N LEU F 382 44.38 -53.80 -12.13
CA LEU F 382 44.63 -53.37 -10.76
C LEU F 382 45.93 -52.57 -10.70
N HIS F 383 45.94 -51.56 -9.84
CA HIS F 383 47.12 -50.70 -9.67
C HIS F 383 47.29 -50.39 -8.19
N ILE F 384 48.52 -50.49 -7.71
CA ILE F 384 48.86 -50.22 -6.32
C ILE F 384 49.73 -48.97 -6.31
N VAL F 385 49.14 -47.83 -5.94
CA VAL F 385 49.86 -46.56 -5.87
C VAL F 385 49.96 -46.17 -4.40
N LEU F 386 51.20 -45.96 -3.93
CA LEU F 386 51.46 -45.61 -2.54
C LEU F 386 52.63 -44.66 -2.47
N PRO F 387 52.55 -43.59 -1.69
CA PRO F 387 53.68 -42.68 -1.55
C PRO F 387 54.87 -43.35 -0.87
N SER F 388 56.05 -42.79 -1.11
CA SER F 388 57.29 -43.28 -0.54
C SER F 388 57.92 -42.21 0.34
N GLU F 389 58.43 -42.63 1.49
CA GLU F 389 59.07 -41.74 2.45
C GLU F 389 60.48 -42.24 2.75
N ASN F 390 61.21 -41.46 3.55
CA ASN F 390 62.58 -41.81 3.92
C ASN F 390 62.54 -42.81 5.07
N GLY F 391 62.92 -44.07 4.79
CA GLY F 391 62.93 -45.12 5.78
C GLY F 391 62.06 -46.28 5.38
N THR F 392 61.48 -46.95 6.38
CA THR F 392 60.61 -48.10 6.18
C THR F 392 59.25 -47.78 6.79
N LYS F 393 58.24 -47.64 5.93
CA LYS F 393 56.88 -47.33 6.37
C LYS F 393 55.92 -48.35 5.79
N ASP F 394 54.88 -48.68 6.58
CA ASP F 394 53.86 -49.63 6.18
C ASP F 394 52.66 -48.88 5.61
N GLN F 395 52.20 -49.31 4.43
CA GLN F 395 51.07 -48.68 3.76
C GLN F 395 50.17 -49.76 3.19
N CYS F 396 48.87 -49.64 3.45
CA CYS F 396 47.87 -50.57 2.94
C CYS F 396 46.71 -49.79 2.34
N GLN F 397 45.91 -50.47 1.54
CA GLN F 397 44.77 -49.85 0.88
C GLN F 397 43.70 -50.92 0.64
N ILE F 398 42.74 -50.61 -0.22
CA ILE F 398 41.63 -51.52 -0.54
C ILE F 398 41.70 -51.85 -2.02
N LEU F 399 41.73 -53.15 -2.32
CA LEU F 399 41.78 -53.63 -3.70
C LEU F 399 40.62 -54.59 -3.95
N HIS F 400 40.16 -54.62 -5.19
CA HIS F 400 39.06 -55.48 -5.60
C HIS F 400 39.61 -56.74 -6.27
N PHE F 401 39.11 -57.90 -5.84
CA PHE F 401 39.52 -59.18 -6.39
C PHE F 401 38.31 -60.02 -6.73
N THR F 402 38.49 -60.93 -7.67
CA THR F 402 37.43 -61.84 -8.11
C THR F 402 37.85 -63.30 -7.94
N VAL F 403 38.67 -63.57 -6.93
CA VAL F 403 39.15 -64.93 -6.67
C VAL F 403 39.43 -65.07 -5.18
N PRO F 404 38.98 -66.16 -4.54
CA PRO F 404 39.27 -66.32 -3.11
C PRO F 404 40.74 -66.62 -2.83
N GLU F 405 41.44 -67.28 -3.75
CA GLU F 405 42.85 -67.60 -3.59
C GLU F 405 43.65 -66.56 -4.38
N VAL F 406 44.01 -65.47 -3.71
CA VAL F 406 44.74 -64.39 -4.37
C VAL F 406 46.22 -64.76 -4.45
N GLU F 407 46.76 -64.75 -5.66
CA GLU F 407 48.17 -65.06 -5.88
C GLU F 407 48.54 -64.52 -7.28
N GLU F 408 49.09 -63.31 -7.29
CA GLU F 408 49.43 -62.64 -8.54
C GLU F 408 50.74 -61.89 -8.40
N GLU F 409 51.52 -61.86 -9.47
CA GLU F 409 52.80 -61.15 -9.49
C GLU F 409 52.59 -59.75 -10.04
N PHE F 410 52.94 -58.74 -9.24
CA PHE F 410 52.77 -57.35 -9.60
C PHE F 410 54.12 -56.75 -10.00
N MET F 411 54.07 -55.49 -10.45
CA MET F 411 55.27 -54.76 -10.87
C MET F 411 55.19 -53.37 -10.28
N TYR F 412 56.07 -53.07 -9.32
CA TYR F 412 56.10 -51.77 -8.66
C TYR F 412 57.29 -50.96 -9.14
N SER F 413 57.12 -49.65 -9.19
CA SER F 413 58.17 -48.74 -9.64
C SER F 413 58.03 -47.42 -8.90
N CYS F 414 59.17 -46.82 -8.56
CA CYS F 414 59.19 -45.55 -7.86
C CYS F 414 59.85 -44.42 -8.64
N ASP F 415 60.63 -44.72 -9.67
CA ASP F 415 61.28 -43.68 -10.45
C ASP F 415 61.47 -44.02 -11.91
N GLY F 416 61.03 -45.19 -12.37
CA GLY F 416 61.18 -45.57 -13.76
C GLY F 416 61.48 -47.04 -13.95
N ASP F 417 62.23 -47.62 -13.03
CA ASP F 417 62.59 -49.03 -13.10
C ASP F 417 61.56 -49.87 -12.35
N GLU F 418 61.06 -50.90 -13.00
CA GLU F 418 60.04 -51.76 -12.42
C GLU F 418 60.68 -52.99 -11.79
N ARG F 419 60.03 -53.50 -10.75
CA ARG F 419 60.49 -54.67 -10.01
C ARG F 419 59.29 -55.56 -9.68
N PRO F 420 59.48 -56.87 -9.68
CA PRO F 420 58.37 -57.78 -9.39
C PRO F 420 58.01 -57.78 -7.91
N LEU F 421 56.77 -58.18 -7.63
CA LEU F 421 56.28 -58.26 -6.25
C LEU F 421 55.12 -59.25 -6.23
N LEU F 422 55.40 -60.49 -5.89
CA LEU F 422 54.38 -61.53 -5.83
C LEU F 422 53.57 -61.39 -4.54
N VAL F 423 52.26 -61.28 -4.69
CA VAL F 423 51.36 -61.15 -3.55
C VAL F 423 50.40 -62.33 -3.53
N LYS F 424 49.98 -62.72 -2.33
CA LYS F 424 49.07 -63.83 -2.15
C LYS F 424 48.27 -63.61 -0.87
N GLY F 425 47.32 -64.49 -0.64
CA GLY F 425 46.45 -64.42 0.52
C GLY F 425 45.10 -65.02 0.24
N THR F 426 44.38 -65.34 1.31
CA THR F 426 43.06 -65.93 1.23
C THR F 426 42.03 -64.94 1.75
N LEU F 427 41.01 -64.67 0.93
CA LEU F 427 39.94 -63.73 1.28
C LEU F 427 38.66 -64.49 1.57
N ILE F 428 37.67 -63.75 2.06
CA ILE F 428 36.35 -64.31 2.39
C ILE F 428 35.30 -63.66 1.50
N ALA F 429 34.15 -64.31 1.43
CA ALA F 429 33.04 -63.85 0.59
C ALA F 429 32.18 -62.89 1.40
N ILE F 430 32.29 -61.59 1.09
CA ILE F 430 31.52 -60.56 1.74
C ILE F 430 30.80 -59.75 0.67
N ASP F 431 29.47 -59.69 0.75
CA ASP F 431 28.68 -58.96 -0.22
C ASP F 431 28.76 -57.45 0.04
N GLU G 1 -23.79 32.93 6.30
CA GLU G 1 -23.82 33.21 4.87
C GLU G 1 -23.84 34.71 4.60
N ASP G 2 -24.79 35.40 5.22
CA ASP G 2 -24.91 36.84 5.05
C ASP G 2 -24.01 37.57 6.05
N PRO G 3 -23.17 38.50 5.59
CA PRO G 3 -22.29 39.22 6.52
C PRO G 3 -23.04 40.24 7.36
N HIS G 4 -23.89 39.76 8.28
CA HIS G 4 -24.65 40.65 9.15
C HIS G 4 -24.30 40.41 10.61
N LEU G 5 -23.03 40.63 10.96
CA LEU G 5 -22.57 40.41 12.32
C LEU G 5 -22.74 41.65 13.20
N ARG G 6 -22.43 42.83 12.68
CA ARG G 6 -22.55 44.06 13.45
C ARG G 6 -23.98 44.59 13.52
N ASN G 7 -24.90 44.04 12.74
CA ASN G 7 -26.29 44.48 12.76
C ASN G 7 -26.95 43.95 14.03
N ARG G 8 -27.21 44.85 14.98
CA ARG G 8 -27.82 44.46 16.25
C ARG G 8 -29.24 44.98 16.31
N PRO G 9 -30.24 44.11 16.40
CA PRO G 9 -31.64 44.57 16.46
C PRO G 9 -31.95 45.19 17.81
N GLY G 10 -33.11 45.84 17.87
CA GLY G 10 -33.52 46.47 19.11
C GLY G 10 -32.80 47.79 19.34
N LYS G 11 -32.39 48.02 20.59
CA LYS G 11 -31.68 49.25 20.92
C LYS G 11 -30.23 49.18 20.48
N GLY G 12 -29.55 48.07 20.77
CA GLY G 12 -28.16 47.92 20.40
C GLY G 12 -27.23 48.79 21.21
N HIS G 13 -27.23 48.62 22.53
CA HIS G 13 -26.40 49.40 23.43
C HIS G 13 -25.44 48.48 24.17
N ASN G 14 -24.24 48.99 24.47
CA ASN G 14 -23.20 48.23 25.17
C ASN G 14 -22.49 49.17 26.15
N TYR G 15 -23.16 49.45 27.27
CA TYR G 15 -22.57 50.28 28.31
C TYR G 15 -23.25 49.94 29.63
N ILE G 16 -22.50 50.09 30.72
CA ILE G 16 -22.99 49.81 32.06
C ILE G 16 -22.66 50.99 32.96
N ASP G 17 -23.40 51.08 34.07
CA ASP G 17 -23.18 52.16 35.03
C ASP G 17 -21.80 52.05 35.65
N GLY G 18 -20.97 53.07 35.42
CA GLY G 18 -19.61 53.11 35.90
C GLY G 18 -18.57 53.12 34.80
N MET G 19 -18.90 52.59 33.62
CA MET G 19 -18.00 52.55 32.48
C MET G 19 -18.67 53.16 31.26
N THR G 20 -19.27 54.35 31.43
CA THR G 20 -19.96 55.05 30.35
C THR G 20 -19.02 55.92 29.52
N GLN G 21 -17.73 55.63 29.53
CA GLN G 21 -16.78 56.41 28.74
C GLN G 21 -16.93 56.16 27.24
N GLU G 22 -17.33 54.95 26.86
CA GLU G 22 -17.54 54.59 25.46
C GLU G 22 -18.97 54.85 24.99
N ASP G 23 -19.66 55.81 25.61
CA ASP G 23 -21.04 56.09 25.23
C ASP G 23 -21.13 56.76 23.85
N ALA G 24 -20.04 57.38 23.40
CA ALA G 24 -20.05 58.03 22.10
C ALA G 24 -20.10 57.01 20.97
N THR G 25 -19.35 55.92 21.11
CA THR G 25 -19.34 54.86 20.10
C THR G 25 -19.86 53.56 20.67
N CYS G 26 -20.94 53.64 21.46
CA CYS G 26 -21.53 52.45 22.06
C CYS G 26 -23.04 52.59 22.20
N LYS G 27 -23.56 53.79 21.92
CA LYS G 27 -24.99 54.06 22.01
C LYS G 27 -25.40 54.91 20.82
N PRO G 28 -25.90 54.27 19.75
CA PRO G 28 -26.04 52.83 19.63
C PRO G 28 -24.76 52.17 19.10
N VAL G 29 -24.87 50.92 18.65
CA VAL G 29 -23.76 50.18 18.08
C VAL G 29 -24.06 50.00 16.60
N THR G 30 -23.44 50.84 15.78
CA THR G 30 -23.64 50.84 14.34
C THR G 30 -22.48 50.09 13.67
N TYR G 31 -22.38 50.21 12.34
CA TYR G 31 -21.31 49.54 11.62
C TYR G 31 -19.95 50.19 11.85
N ALA G 32 -19.92 51.42 12.34
CA ALA G 32 -18.69 52.14 12.61
C ALA G 32 -18.40 52.13 14.11
N GLY G 33 -17.38 52.86 14.51
CA GLY G 33 -16.99 52.95 15.90
C GLY G 33 -16.09 51.79 16.34
N ALA G 34 -15.44 52.00 17.48
CA ALA G 34 -14.53 51.02 18.06
C ALA G 34 -14.98 50.74 19.49
N CYS G 35 -15.90 49.77 19.64
CA CYS G 35 -16.42 49.39 20.94
C CYS G 35 -15.61 48.20 21.46
N SER G 36 -15.00 48.37 22.63
CA SER G 36 -14.19 47.31 23.22
C SER G 36 -15.03 46.15 23.72
N SER G 37 -16.31 46.37 23.99
CA SER G 37 -17.21 45.32 24.48
C SER G 37 -18.04 44.71 23.35
N PHE G 38 -17.48 44.63 22.14
CA PHE G 38 -18.20 44.06 21.01
C PHE G 38 -17.23 43.49 19.98
N ASP G 39 -15.98 43.95 20.01
CA ASP G 39 -14.99 43.46 19.06
C ASP G 39 -14.55 42.05 19.40
N VAL G 40 -14.32 41.77 20.68
CA VAL G 40 -13.89 40.43 21.09
C VAL G 40 -14.96 39.38 20.81
N LEU G 41 -16.21 39.79 20.68
CA LEU G 41 -17.29 38.87 20.33
C LEU G 41 -17.30 38.52 18.85
N LEU G 42 -16.49 39.20 18.03
CA LEU G 42 -16.43 38.93 16.59
C LEU G 42 -15.12 38.30 16.16
N GLU G 43 -14.18 38.09 17.09
CA GLU G 43 -12.90 37.51 16.74
C GLU G 43 -13.05 36.00 16.51
N LYS G 44 -12.43 35.52 15.45
CA LYS G 44 -12.50 34.09 15.11
C LYS G 44 -11.61 33.30 16.08
N GLY G 45 -12.22 32.36 16.79
CA GLY G 45 -11.52 31.52 17.75
C GLY G 45 -11.79 31.84 19.19
N LYS G 46 -12.62 32.84 19.49
CA LYS G 46 -12.92 33.20 20.86
C LYS G 46 -14.28 32.65 21.28
N PHE G 47 -15.36 33.34 20.90
CA PHE G 47 -16.73 32.94 21.23
C PHE G 47 -17.48 32.65 19.94
N PRO G 48 -17.40 31.42 19.43
CA PRO G 48 -18.14 31.09 18.20
C PRO G 48 -19.65 31.00 18.39
N LEU G 49 -20.11 30.88 19.64
CA LEU G 49 -21.56 30.83 19.88
C LEU G 49 -22.23 32.13 19.46
N PHE G 50 -21.60 33.26 19.74
CA PHE G 50 -22.14 34.54 19.28
C PHE G 50 -21.97 34.71 17.78
N GLN G 51 -20.95 34.07 17.19
CA GLN G 51 -20.78 34.14 15.75
C GLN G 51 -21.89 33.38 15.02
N SER G 52 -22.26 32.21 15.53
CA SER G 52 -23.38 31.47 14.93
C SER G 52 -24.73 32.09 15.32
N TYR G 53 -24.79 32.75 16.47
CA TYR G 53 -26.02 33.38 16.92
C TYR G 53 -25.86 34.90 16.96
N ALA G 54 -25.63 35.51 15.80
CA ALA G 54 -25.40 36.96 15.75
C ALA G 54 -26.70 37.73 15.81
N HIS G 55 -27.80 37.16 15.30
CA HIS G 55 -29.10 37.83 15.29
C HIS G 55 -29.87 37.49 16.57
N HIS G 56 -29.30 37.93 17.69
CA HIS G 56 -29.89 37.73 19.00
C HIS G 56 -29.60 38.96 19.85
N ARG G 57 -29.66 38.80 21.17
CA ARG G 57 -29.40 39.88 22.11
C ARG G 57 -28.42 39.40 23.17
N THR G 58 -27.43 40.22 23.47
CA THR G 58 -26.42 39.88 24.47
C THR G 58 -26.96 40.19 25.86
N LEU G 59 -26.09 40.11 26.87
CA LEU G 59 -26.52 40.41 28.24
C LEU G 59 -26.77 41.90 28.42
N LEU G 60 -25.87 42.74 27.89
CA LEU G 60 -26.04 44.18 28.02
C LEU G 60 -27.28 44.66 27.26
N GLU G 61 -27.50 44.13 26.06
CA GLU G 61 -28.70 44.48 25.31
C GLU G 61 -29.97 44.00 26.02
N ALA G 62 -29.86 42.88 26.76
CA ALA G 62 -31.00 42.42 27.55
C ALA G 62 -31.26 43.34 28.73
N VAL G 63 -30.21 43.86 29.35
CA VAL G 63 -30.38 44.81 30.45
C VAL G 63 -30.99 46.10 29.94
N HIS G 64 -30.55 46.56 28.77
CA HIS G 64 -31.10 47.78 28.19
C HIS G 64 -32.55 47.61 27.72
N ASP G 65 -32.99 46.37 27.48
CA ASP G 65 -34.34 46.09 27.03
C ASP G 65 -35.25 45.64 28.18
N THR G 66 -34.86 45.91 29.42
CA THR G 66 -35.63 45.55 30.61
C THR G 66 -35.95 44.05 30.62
N ILE G 67 -34.89 43.25 30.58
CA ILE G 67 -34.99 41.79 30.62
C ILE G 67 -34.19 41.21 31.77
N ILE G 68 -32.92 41.59 31.89
CA ILE G 68 -32.03 41.13 32.95
C ILE G 68 -31.80 42.29 33.91
N ALA G 69 -32.01 42.05 35.20
CA ALA G 69 -31.83 43.07 36.20
C ALA G 69 -30.35 43.31 36.47
N LYS G 70 -30.07 44.38 37.22
CA LYS G 70 -28.71 44.75 37.57
C LYS G 70 -28.42 44.40 39.02
N ALA G 71 -27.21 43.93 39.29
CA ALA G 71 -26.82 43.55 40.64
C ALA G 71 -26.54 44.78 41.49
N ASP G 72 -26.32 44.55 42.78
CA ASP G 72 -26.04 45.62 43.73
C ASP G 72 -24.79 45.25 44.51
N PRO G 73 -23.66 45.95 44.30
CA PRO G 73 -23.53 47.05 43.33
C PRO G 73 -23.30 46.56 41.90
N PRO G 74 -23.73 47.36 40.92
CA PRO G 74 -23.53 46.96 39.53
C PRO G 74 -22.06 46.84 39.14
N SER G 75 -21.20 47.68 39.71
CA SER G 75 -19.76 47.66 39.42
C SER G 75 -19.02 47.40 40.73
N CYS G 76 -18.58 46.16 40.93
CA CYS G 76 -17.86 45.80 42.14
C CYS G 76 -16.43 46.32 42.07
N ASP G 77 -16.09 47.24 42.96
CA ASP G 77 -14.74 47.81 42.98
C ASP G 77 -13.75 46.81 43.56
N LEU G 78 -12.64 46.62 42.86
CA LEU G 78 -11.59 45.69 43.28
C LEU G 78 -10.54 46.36 44.16
N GLN G 79 -10.84 47.54 44.71
CA GLN G 79 -9.91 48.26 45.56
C GLN G 79 -10.23 48.16 47.05
N SER G 80 -11.51 48.11 47.40
CA SER G 80 -11.90 48.03 48.81
C SER G 80 -11.45 46.69 49.41
N ALA G 81 -10.95 46.76 50.64
CA ALA G 81 -10.45 45.58 51.32
C ALA G 81 -11.62 44.82 51.97
N HIS G 82 -11.28 43.78 52.74
CA HIS G 82 -12.23 42.94 53.45
C HIS G 82 -13.23 42.27 52.51
N GLY G 83 -12.88 42.13 51.24
CA GLY G 83 -13.76 41.48 50.28
C GLY G 83 -14.96 42.32 49.90
N ASN G 84 -15.71 41.86 48.91
CA ASN G 84 -16.92 42.54 48.44
C ASN G 84 -17.79 41.52 47.71
N PRO G 85 -19.11 41.75 47.66
CA PRO G 85 -19.99 40.81 46.95
C PRO G 85 -19.64 40.68 45.47
N CYS G 86 -18.69 39.81 45.16
CA CYS G 86 -18.27 39.60 43.78
C CYS G 86 -16.95 38.86 43.73
N MET G 87 -16.61 38.15 44.80
CA MET G 87 -15.37 37.38 44.88
C MET G 87 -15.60 35.89 45.04
N LYS G 88 -16.60 35.48 45.83
CA LYS G 88 -16.88 34.07 46.02
C LYS G 88 -17.27 33.36 44.72
N GLU G 89 -17.77 34.11 43.74
CA GLU G 89 -18.11 33.55 42.43
C GLU G 89 -17.03 33.80 41.38
N LYS G 90 -16.32 34.93 41.49
CA LYS G 90 -15.27 35.24 40.52
C LYS G 90 -14.03 34.37 40.74
N LEU G 91 -13.68 34.10 41.99
CA LEU G 91 -12.51 33.29 42.28
C LEU G 91 -12.67 31.84 41.83
N VAL G 92 -13.90 31.32 41.83
CA VAL G 92 -14.16 29.95 41.41
C VAL G 92 -14.49 29.86 39.92
N MET G 93 -14.25 30.92 39.17
CA MET G 93 -14.53 30.97 37.74
C MET G 93 -13.23 31.23 36.99
N LYS G 94 -12.75 30.22 36.27
CA LYS G 94 -11.50 30.32 35.52
C LYS G 94 -11.78 31.03 34.19
N THR G 95 -11.39 32.29 34.11
CA THR G 95 -11.55 33.10 32.91
C THR G 95 -10.19 33.52 32.38
N HIS G 96 -10.20 34.20 31.23
CA HIS G 96 -8.95 34.68 30.63
C HIS G 96 -9.28 35.94 29.84
N CYS G 97 -8.90 37.10 30.40
CA CYS G 97 -9.14 38.38 29.74
C CYS G 97 -7.86 38.90 29.13
N PRO G 98 -7.92 39.48 27.93
CA PRO G 98 -6.70 40.02 27.29
C PRO G 98 -6.14 41.23 28.03
N ASN G 99 -5.06 41.80 27.51
CA ASN G 99 -4.43 42.94 28.15
C ASN G 99 -5.24 44.22 27.87
N ASP G 100 -4.97 45.24 28.69
CA ASP G 100 -5.60 46.55 28.56
C ASP G 100 -7.13 46.45 28.70
N TYR G 101 -7.55 46.17 29.92
CA TYR G 101 -8.96 46.11 30.27
C TYR G 101 -9.15 46.52 31.73
N GLN G 102 -10.31 47.08 32.03
CA GLN G 102 -10.62 47.55 33.37
C GLN G 102 -11.79 46.78 33.99
N SER G 103 -12.98 46.89 33.41
CA SER G 103 -14.17 46.22 33.93
C SER G 103 -14.37 44.88 33.24
N ALA G 104 -15.15 44.01 33.90
CA ALA G 104 -15.47 42.70 33.36
C ALA G 104 -16.80 42.25 33.92
N HIS G 105 -17.78 42.06 33.04
CA HIS G 105 -19.14 41.69 33.43
C HIS G 105 -19.33 40.18 33.31
N TYR G 106 -20.21 39.66 34.16
CA TYR G 106 -20.54 38.23 34.17
C TYR G 106 -21.88 38.05 34.85
N LEU G 107 -22.43 36.85 34.70
CA LEU G 107 -23.71 36.50 35.30
C LEU G 107 -23.50 35.93 36.70
N ASN G 108 -24.33 36.38 37.63
CA ASN G 108 -24.24 35.94 39.02
C ASN G 108 -25.27 34.83 39.27
N ASN G 109 -25.36 34.39 40.53
CA ASN G 109 -26.30 33.33 40.88
C ASN G 109 -27.73 33.83 40.89
N ASP G 110 -27.94 35.09 41.25
CA ASP G 110 -29.29 35.67 41.30
C ASP G 110 -29.84 36.04 39.94
N GLY G 111 -29.08 35.79 38.87
CA GLY G 111 -29.55 36.11 37.53
C GLY G 111 -29.36 37.55 37.12
N LYS G 112 -28.75 38.38 37.96
CA LYS G 112 -28.52 39.78 37.64
C LYS G 112 -27.19 39.94 36.89
N MET G 113 -26.84 41.19 36.59
CA MET G 113 -25.62 41.49 35.85
C MET G 113 -24.56 41.99 36.82
N ALA G 114 -23.48 41.23 36.95
CA ALA G 114 -22.35 41.62 37.79
C ALA G 114 -21.20 42.14 36.92
N SER G 115 -20.30 42.87 37.56
CA SER G 115 -19.15 43.43 36.86
C SER G 115 -18.11 43.90 37.87
N VAL G 116 -16.85 43.67 37.56
CA VAL G 116 -15.74 44.13 38.39
C VAL G 116 -15.08 45.32 37.70
N LYS G 117 -14.59 46.27 38.50
CA LYS G 117 -14.00 47.49 37.99
C LYS G 117 -12.78 47.85 38.82
N CYS G 118 -11.71 48.28 38.15
CA CYS G 118 -10.49 48.71 38.82
C CYS G 118 -10.39 50.22 38.82
N PRO G 119 -9.90 50.81 39.91
CA PRO G 119 -9.80 52.27 39.96
C PRO G 119 -8.68 52.77 39.07
N PRO G 120 -8.82 53.97 38.50
CA PRO G 120 -7.75 54.49 37.64
C PRO G 120 -6.52 54.88 38.45
N LYS G 121 -5.34 54.61 37.90
CA LYS G 121 -5.23 53.98 36.58
C LYS G 121 -4.65 52.58 36.71
N TYR G 122 -5.53 51.59 36.90
CA TYR G 122 -5.15 50.20 37.03
C TYR G 122 -5.77 49.39 35.89
N GLU G 123 -5.32 48.14 35.78
CA GLU G 123 -5.84 47.23 34.76
C GLU G 123 -6.06 45.87 35.40
N LEU G 124 -6.43 44.89 34.58
CA LEU G 124 -6.69 43.53 35.04
C LEU G 124 -5.47 42.65 34.78
N THR G 125 -5.52 41.44 35.36
CA THR G 125 -4.43 40.48 35.20
C THR G 125 -4.64 39.60 33.97
N GLU G 126 -3.96 38.47 33.92
CA GLU G 126 -4.10 37.56 32.78
C GLU G 126 -5.40 36.78 32.83
N ASP G 127 -6.05 36.69 34.00
CA ASP G 127 -7.31 35.98 34.13
C ASP G 127 -8.49 36.88 34.45
N CYS G 128 -8.25 38.13 34.85
CA CYS G 128 -9.29 39.12 35.17
C CYS G 128 -9.81 39.00 36.59
N ASN G 129 -9.18 38.18 37.44
CA ASN G 129 -9.64 38.04 38.81
C ASN G 129 -9.19 39.21 39.68
N PHE G 130 -7.92 39.57 39.60
CA PHE G 130 -7.34 40.65 40.39
C PHE G 130 -6.97 41.82 39.47
N CYS G 131 -6.42 42.87 40.08
CA CYS G 131 -6.00 44.06 39.37
C CYS G 131 -4.50 44.24 39.53
N ARG G 132 -3.89 44.91 38.54
CA ARG G 132 -2.45 45.14 38.55
C ARG G 132 -2.15 46.40 37.76
N GLN G 133 -0.87 46.78 37.76
CA GLN G 133 -0.42 48.00 37.10
C GLN G 133 0.32 47.64 35.81
N MET G 134 0.29 48.59 34.87
CA MET G 134 0.96 48.41 33.59
C MET G 134 2.26 49.20 33.53
N ALA G 137 0.62 51.58 27.83
CA ALA G 137 -0.20 52.23 26.83
C ALA G 137 -1.56 52.61 27.40
N SER G 138 -2.53 52.84 26.52
CA SER G 138 -3.87 53.21 26.94
C SER G 138 -4.66 51.97 27.36
N LEU G 139 -5.86 52.20 27.89
CA LEU G 139 -6.74 51.15 28.34
C LEU G 139 -8.03 51.18 27.55
N LYS G 140 -8.62 50.00 27.32
CA LYS G 140 -9.87 49.89 26.60
C LYS G 140 -11.01 50.19 27.56
N LYS G 141 -11.59 51.39 27.45
CA LYS G 141 -12.66 51.81 28.33
C LYS G 141 -13.94 51.03 28.04
N GLY G 142 -14.10 49.88 28.68
CA GLY G 142 -15.28 49.06 28.49
C GLY G 142 -15.30 47.84 29.37
N SER G 143 -15.87 46.74 28.87
CA SER G 143 -15.95 45.50 29.61
C SER G 143 -15.66 44.33 28.67
N TYR G 144 -15.35 43.19 29.28
CA TYR G 144 -15.03 41.98 28.53
C TYR G 144 -15.96 40.85 28.94
N PRO G 145 -16.64 40.21 28.00
CA PRO G 145 -17.53 39.09 28.35
C PRO G 145 -16.74 37.92 28.92
N LEU G 146 -17.08 37.53 30.15
CA LEU G 146 -16.41 36.44 30.83
C LEU G 146 -17.07 35.09 30.57
N GLN G 147 -18.33 35.07 30.14
CA GLN G 147 -19.07 33.85 29.86
C GLN G 147 -19.45 33.81 28.39
N ASP G 148 -20.11 32.72 28.00
CA ASP G 148 -20.58 32.53 26.63
C ASP G 148 -22.09 32.32 26.66
N LEU G 149 -22.82 33.39 26.94
CA LEU G 149 -24.27 33.34 27.11
C LEU G 149 -24.95 34.28 26.12
N PHE G 150 -26.25 34.07 25.95
CA PHE G 150 -27.09 34.92 25.11
C PHE G 150 -28.53 34.79 25.58
N CYS G 151 -29.34 35.77 25.21
CA CYS G 151 -30.75 35.79 25.59
C CYS G 151 -31.55 36.42 24.45
N GLN G 152 -32.83 36.65 24.71
CA GLN G 152 -33.72 37.24 23.71
C GLN G 152 -34.88 37.89 24.44
N SER G 153 -35.83 38.43 23.67
CA SER G 153 -36.99 39.13 24.22
C SER G 153 -38.10 38.12 24.47
N SER G 154 -38.41 37.88 25.74
CA SER G 154 -39.47 36.94 26.12
C SER G 154 -39.87 37.22 27.55
N GLU G 155 -41.03 36.68 27.93
CA GLU G 155 -41.57 36.82 29.28
C GLU G 155 -42.02 35.48 29.84
N ASP G 156 -41.37 34.40 29.42
CA ASP G 156 -41.73 33.07 29.89
C ASP G 156 -41.24 32.86 31.32
N ASP G 157 -42.15 32.41 32.18
CA ASP G 157 -41.80 32.19 33.58
C ASP G 157 -41.16 30.82 33.75
N GLY G 158 -40.29 30.72 34.76
CA GLY G 158 -39.60 29.49 35.05
C GLY G 158 -38.88 29.50 36.38
N SER G 159 -39.62 29.76 37.46
CA SER G 159 -39.05 29.80 38.80
C SER G 159 -39.16 28.48 39.53
N LYS G 160 -39.95 27.54 39.03
CA LYS G 160 -40.12 26.24 39.66
C LYS G 160 -39.09 25.22 39.19
N LEU G 161 -38.08 25.64 38.45
CA LEU G 161 -37.03 24.76 37.94
C LEU G 161 -35.70 25.18 38.54
N LYS G 162 -34.98 24.22 39.12
CA LYS G 162 -33.70 24.46 39.75
C LYS G 162 -32.61 23.63 39.05
N THR G 163 -31.45 23.56 39.67
CA THR G 163 -30.32 22.83 39.10
C THR G 163 -30.41 21.35 39.48
N LYS G 164 -30.29 20.49 38.46
CA LYS G 164 -30.33 19.05 38.68
C LYS G 164 -28.91 18.51 38.85
N MET G 165 -28.28 18.12 37.74
CA MET G 165 -26.92 17.60 37.72
C MET G 165 -26.78 16.39 38.65
N LYS G 166 -27.14 15.21 38.15
CA LYS G 166 -27.04 14.00 38.95
C LYS G 166 -25.59 13.58 39.13
N GLY G 167 -25.20 13.32 40.38
CA GLY G 167 -23.84 12.90 40.67
C GLY G 167 -22.85 14.03 40.80
N VAL G 168 -23.30 15.24 41.09
CA VAL G 168 -22.43 16.40 41.25
C VAL G 168 -22.63 16.96 42.65
N CYS G 169 -21.51 17.14 43.36
CA CYS G 169 -21.57 17.66 44.72
C CYS G 169 -21.93 19.15 44.72
N GLU G 170 -20.93 20.01 44.55
CA GLU G 170 -21.13 21.46 44.53
C GLU G 170 -20.49 22.03 43.29
N VAL G 171 -21.22 22.87 42.56
CA VAL G 171 -20.75 23.52 41.35
C VAL G 171 -20.98 25.01 41.49
N GLY G 172 -19.98 25.81 41.10
CA GLY G 172 -20.07 27.25 41.19
C GLY G 172 -20.22 27.75 42.61
N VAL G 173 -21.37 28.35 42.91
CA VAL G 173 -21.67 28.85 44.25
C VAL G 173 -22.91 28.21 44.85
N GLN G 174 -23.61 27.35 44.13
CA GLN G 174 -24.81 26.71 44.63
C GLN G 174 -24.45 25.44 45.40
N ALA G 175 -25.32 25.06 46.33
CA ALA G 175 -25.15 23.88 47.16
C ALA G 175 -26.28 22.90 46.84
N LEU G 176 -26.00 21.92 45.99
CA LEU G 176 -27.02 20.95 45.62
C LEU G 176 -27.25 19.94 46.75
N LYS G 177 -26.17 19.35 47.27
CA LYS G 177 -26.28 18.38 48.34
C LYS G 177 -25.03 18.45 49.20
N LYS G 178 -25.15 17.92 50.42
CA LYS G 178 -24.04 17.91 51.37
C LYS G 178 -23.20 16.67 51.12
N CYS G 179 -22.05 16.84 50.48
CA CYS G 179 -21.16 15.73 50.18
C CYS G 179 -20.08 15.61 51.25
N ASP G 180 -19.56 14.39 51.40
CA ASP G 180 -18.52 14.13 52.39
C ASP G 180 -17.42 13.20 51.90
N GLY G 181 -17.57 12.54 50.77
CA GLY G 181 -16.57 11.64 50.24
C GLY G 181 -15.53 12.34 49.40
N GLN G 182 -14.96 11.59 48.46
CA GLN G 182 -13.94 12.12 47.56
C GLN G 182 -14.61 13.00 46.52
N LEU G 183 -14.49 14.32 46.69
CA LEU G 183 -15.09 15.29 45.78
C LEU G 183 -14.02 15.75 44.79
N SER G 184 -14.15 15.29 43.54
CA SER G 184 -13.20 15.68 42.50
C SER G 184 -13.43 17.11 42.08
N THR G 185 -12.39 17.93 42.17
CA THR G 185 -12.46 19.35 41.82
C THR G 185 -11.69 19.57 40.52
N ALA G 186 -12.37 20.15 39.53
CA ALA G 186 -11.75 20.42 38.24
C ALA G 186 -12.51 21.53 37.55
N HIS G 187 -11.79 22.58 37.14
CA HIS G 187 -12.41 23.70 36.45
C HIS G 187 -12.80 23.27 35.04
N GLU G 188 -14.09 23.21 34.77
CA GLU G 188 -14.60 22.78 33.47
C GLU G 188 -15.71 23.71 33.02
N VAL G 189 -16.08 23.60 31.75
CA VAL G 189 -17.15 24.41 31.18
C VAL G 189 -18.49 23.78 31.54
N VAL G 190 -19.46 24.63 31.89
CA VAL G 190 -20.79 24.17 32.31
C VAL G 190 -21.83 24.99 31.57
N PRO G 191 -22.85 24.36 30.99
CA PRO G 191 -23.94 25.12 30.35
C PRO G 191 -24.91 25.65 31.38
N PHE G 192 -25.71 26.63 30.96
CA PHE G 192 -26.72 27.23 31.80
C PHE G 192 -27.73 27.97 30.94
N ALA G 193 -28.98 28.04 31.43
CA ALA G 193 -30.07 28.70 30.72
C ALA G 193 -30.98 29.33 31.77
N VAL G 194 -30.65 30.57 32.15
CA VAL G 194 -31.45 31.29 33.13
C VAL G 194 -32.72 31.81 32.45
N PHE G 195 -33.86 31.63 33.11
CA PHE G 195 -35.13 32.05 32.58
C PHE G 195 -35.50 33.45 33.05
N LYS G 196 -36.67 33.60 33.64
CA LYS G 196 -37.14 34.88 34.17
C LYS G 196 -37.48 34.72 35.64
N ASN G 197 -36.96 35.61 36.48
CA ASN G 197 -37.20 35.60 37.92
C ASN G 197 -36.77 34.27 38.54
N SER G 198 -35.61 33.77 38.10
CA SER G 198 -35.07 32.51 38.59
C SER G 198 -33.58 32.68 38.88
N LYS G 199 -32.98 31.65 39.47
CA LYS G 199 -31.57 31.66 39.81
C LYS G 199 -30.76 31.04 38.66
N LYS G 200 -29.46 30.86 38.89
CA LYS G 200 -28.58 30.26 37.88
C LYS G 200 -28.86 28.77 37.81
N VAL G 201 -29.64 28.36 36.81
CA VAL G 201 -30.00 26.97 36.62
C VAL G 201 -28.98 26.35 35.66
N TYR G 202 -28.16 25.44 36.17
CA TYR G 202 -27.17 24.77 35.34
C TYR G 202 -27.85 23.72 34.46
N LEU G 203 -27.07 23.18 33.52
CA LEU G 203 -27.58 22.20 32.57
C LEU G 203 -26.58 21.06 32.43
N ASP G 204 -27.04 19.97 31.81
CA ASP G 204 -26.20 18.82 31.49
C ASP G 204 -26.12 18.56 30.00
N LYS G 205 -27.25 18.39 29.33
CA LYS G 205 -27.31 18.23 27.89
C LYS G 205 -28.10 19.37 27.28
N LEU G 206 -27.74 19.75 26.06
CA LEU G 206 -28.33 20.90 25.39
C LEU G 206 -29.19 20.44 24.23
N ASP G 207 -30.44 20.91 24.21
CA ASP G 207 -31.40 20.60 23.14
C ASP G 207 -32.08 21.91 22.75
N LEU G 208 -31.52 22.60 21.76
CA LEU G 208 -32.03 23.87 21.29
C LEU G 208 -32.73 23.69 19.95
N LYS G 209 -33.82 24.43 19.76
CA LYS G 209 -34.56 24.42 18.51
C LYS G 209 -34.76 25.85 18.02
N THR G 210 -34.86 26.01 16.70
CA THR G 210 -34.98 27.32 16.07
C THR G 210 -36.24 27.32 15.21
N GLU G 211 -37.10 28.31 15.42
CA GLU G 211 -38.32 28.48 14.65
C GLU G 211 -38.31 29.85 13.96
N GLU G 212 -39.16 29.98 12.95
CA GLU G 212 -39.26 31.24 12.21
C GLU G 212 -40.13 32.22 12.97
N ASN G 213 -39.59 33.39 13.26
CA ASN G 213 -40.29 34.44 13.98
C ASN G 213 -40.80 35.51 13.04
N LEU G 214 -41.91 36.14 13.40
CA LEU G 214 -42.54 37.17 12.60
C LEU G 214 -42.44 38.55 13.24
N LEU G 215 -41.63 38.70 14.28
CA LEU G 215 -41.47 39.98 14.93
C LEU G 215 -40.62 40.92 14.07
N PRO G 216 -40.84 42.23 14.16
CA PRO G 216 -40.05 43.18 13.36
C PRO G 216 -38.57 43.16 13.70
N ASP G 217 -38.18 42.66 14.87
CA ASP G 217 -36.78 42.60 15.27
C ASP G 217 -36.06 41.35 14.76
N SER G 218 -36.58 40.71 13.71
CA SER G 218 -35.97 39.52 13.14
C SER G 218 -35.85 39.59 11.63
N PHE G 219 -35.97 40.78 11.05
CA PHE G 219 -35.88 40.95 9.61
C PHE G 219 -34.99 42.16 9.32
N VAL G 220 -34.40 42.15 8.12
CA VAL G 220 -33.52 43.22 7.68
C VAL G 220 -34.08 43.84 6.41
N CYS G 221 -33.66 45.07 6.15
CA CYS G 221 -34.10 45.81 4.96
C CYS G 221 -33.05 46.85 4.63
N PHE G 222 -32.32 46.64 3.54
CA PHE G 222 -31.26 47.53 3.12
C PHE G 222 -31.64 48.21 1.80
N GLU G 223 -30.96 49.33 1.53
CA GLU G 223 -31.17 50.10 0.33
C GLU G 223 -29.93 50.00 -0.57
N HIS G 224 -30.10 50.43 -1.83
CA HIS G 224 -29.03 50.41 -2.82
C HIS G 224 -28.86 51.83 -3.35
N LYS G 225 -27.80 52.50 -2.91
CA LYS G 225 -27.49 53.86 -3.33
C LYS G 225 -26.49 53.85 -4.48
N GLY G 226 -26.26 55.04 -5.03
CA GLY G 226 -25.32 55.21 -6.13
C GLY G 226 -24.33 56.33 -5.90
N GLU G 240 -24.90 49.31 -3.97
CA GLU G 240 -24.37 49.16 -2.62
C GLU G 240 -25.46 48.81 -1.62
N LEU G 241 -25.21 49.09 -0.35
CA LEU G 241 -26.16 48.81 0.72
C LEU G 241 -26.31 50.04 1.60
N LYS G 242 -27.43 50.10 2.31
CA LYS G 242 -27.73 51.21 3.21
C LYS G 242 -28.66 50.72 4.30
N SER G 243 -28.36 51.11 5.54
CA SER G 243 -29.15 50.69 6.69
C SER G 243 -30.49 51.44 6.68
N PHE G 244 -31.58 50.70 6.52
CA PHE G 244 -32.92 51.28 6.49
C PHE G 244 -33.76 50.64 7.59
N ASP G 245 -34.48 51.47 8.34
CA ASP G 245 -35.31 50.96 9.43
C ASP G 245 -36.57 50.30 8.88
N ILE G 246 -36.87 49.10 9.39
CA ILE G 246 -38.04 48.36 8.94
C ILE G 246 -39.33 48.87 9.57
N SER G 247 -39.24 49.75 10.59
CA SER G 247 -40.43 50.25 11.25
C SER G 247 -41.27 51.13 10.34
N GLN G 248 -40.68 51.68 9.27
CA GLN G 248 -41.39 52.52 8.32
C GLN G 248 -42.00 51.72 7.17
N CYS G 249 -42.29 50.45 7.37
CA CYS G 249 -42.87 49.59 6.34
C CYS G 249 -44.35 49.43 6.55
N PRO G 250 -45.10 49.15 5.49
CA PRO G 250 -46.55 48.97 5.61
C PRO G 250 -46.89 47.63 6.25
N LYS G 251 -48.18 47.44 6.53
CA LYS G 251 -48.69 46.23 7.13
C LYS G 251 -49.77 45.64 6.23
N ILE G 252 -50.32 44.50 6.65
CA ILE G 252 -51.38 43.83 5.90
C ILE G 252 -52.68 44.57 6.15
N GLY G 253 -53.20 45.25 5.13
CA GLY G 253 -54.44 45.99 5.24
C GLY G 253 -54.33 47.31 5.98
N GLY G 254 -53.13 47.73 6.35
CA GLY G 254 -52.91 48.99 7.06
C GLY G 254 -52.38 50.07 6.16
N HIS G 255 -51.42 50.84 6.69
CA HIS G 255 -50.82 51.93 5.93
C HIS G 255 -49.41 52.16 6.46
N GLY G 256 -48.48 52.46 5.55
CA GLY G 256 -47.10 52.70 5.93
C GLY G 256 -46.57 53.93 5.21
N SER G 257 -45.53 54.51 5.80
CA SER G 257 -44.89 55.69 5.23
C SER G 257 -44.04 55.32 4.02
N LYS G 258 -43.03 54.48 4.22
CA LYS G 258 -42.15 54.05 3.15
C LYS G 258 -42.56 52.67 2.66
N LYS G 259 -41.86 52.19 1.64
CA LYS G 259 -42.13 50.88 1.05
C LYS G 259 -40.90 49.99 1.19
N CYS G 260 -41.11 48.69 1.02
CA CYS G 260 -40.04 47.71 1.14
C CYS G 260 -40.53 46.39 0.55
N THR G 261 -39.63 45.69 -0.15
CA THR G 261 -39.93 44.42 -0.77
C THR G 261 -39.23 43.29 0.01
N GLY G 262 -39.45 42.07 -0.45
CA GLY G 262 -38.84 40.92 0.20
C GLY G 262 -39.26 39.64 -0.47
N ASP G 263 -38.99 38.53 0.22
CA ASP G 263 -39.33 37.21 -0.31
C ASP G 263 -40.61 36.69 0.33
N ALA G 264 -40.69 35.37 0.53
CA ALA G 264 -41.89 34.79 1.14
C ALA G 264 -41.97 35.08 2.62
N ALA G 265 -40.82 35.12 3.31
CA ALA G 265 -40.84 35.39 4.75
C ALA G 265 -41.17 36.85 5.03
N PHE G 266 -40.84 37.76 4.11
CA PHE G 266 -41.13 39.18 4.33
C PHE G 266 -42.54 39.52 3.84
N CYS G 267 -42.92 39.01 2.67
CA CYS G 267 -44.24 39.29 2.13
C CYS G 267 -45.34 38.49 2.81
N SER G 268 -44.99 37.41 3.52
CA SER G 268 -46.00 36.61 4.19
C SER G 268 -46.54 37.29 5.44
N ALA G 269 -45.81 38.24 6.01
CA ALA G 269 -46.24 38.96 7.19
C ALA G 269 -46.53 40.44 6.96
N TYR G 270 -45.88 41.07 5.99
CA TYR G 270 -46.06 42.48 5.67
C TYR G 270 -46.76 42.59 4.30
N GLU G 271 -46.49 43.66 3.58
CA GLU G 271 -47.08 43.91 2.27
C GLU G 271 -45.99 44.20 1.26
N CYS G 272 -46.07 43.56 0.09
CA CYS G 272 -45.10 43.74 -0.98
C CYS G 272 -45.68 44.67 -2.03
N THR G 273 -44.86 45.60 -2.52
CA THR G 273 -45.26 46.56 -3.53
C THR G 273 -44.54 46.36 -4.86
N ALA G 274 -43.87 45.23 -5.04
CA ALA G 274 -43.15 44.90 -6.27
C ALA G 274 -42.13 45.98 -6.62
N GLN G 275 -42.34 46.67 -7.74
CA GLN G 275 -41.41 47.70 -8.18
C GLN G 275 -41.56 49.01 -7.43
N TYR G 276 -42.65 49.19 -6.68
CA TYR G 276 -42.87 50.43 -5.94
C TYR G 276 -42.06 50.50 -4.66
N ALA G 277 -41.28 49.48 -4.34
CA ALA G 277 -40.46 49.48 -3.13
C ALA G 277 -39.11 50.14 -3.40
N ASN G 278 -38.46 50.54 -2.30
CA ASN G 278 -37.15 51.19 -2.38
C ASN G 278 -36.11 50.52 -1.48
N ALA G 279 -36.43 49.39 -0.87
CA ALA G 279 -35.50 48.70 0.01
C ALA G 279 -35.81 47.22 0.00
N TYR G 280 -34.77 46.40 -0.16
CA TYR G 280 -34.90 44.96 -0.17
C TYR G 280 -34.74 44.41 1.24
N CYS G 281 -35.71 43.63 1.69
CA CYS G 281 -35.69 43.04 3.02
C CYS G 281 -35.62 41.52 2.92
N SER G 282 -35.12 40.90 3.98
CA SER G 282 -35.00 39.46 4.04
C SER G 282 -34.97 39.03 5.50
N HIS G 283 -35.03 37.71 5.71
CA HIS G 283 -35.01 37.17 7.06
C HIS G 283 -33.59 37.17 7.62
N ALA G 284 -33.50 37.35 8.94
CA ALA G 284 -32.21 37.37 9.60
C ALA G 284 -31.60 35.98 9.61
N ASN G 285 -30.42 35.83 9.00
CA ASN G 285 -29.75 34.55 8.92
C ASN G 285 -29.21 34.14 10.28
N GLY G 286 -30.06 33.51 11.10
CA GLY G 286 -29.65 33.05 12.42
C GLY G 286 -30.43 33.71 13.54
N SER G 287 -31.74 33.76 13.41
CA SER G 287 -32.59 34.37 14.43
C SER G 287 -33.74 33.44 14.80
N GLY G 288 -34.97 33.95 14.76
CA GLY G 288 -36.14 33.16 15.08
C GLY G 288 -36.28 32.90 16.57
N ILE G 289 -37.29 32.09 16.89
CA ILE G 289 -37.57 31.73 18.28
C ILE G 289 -36.78 30.47 18.61
N VAL G 290 -35.78 30.59 19.48
CA VAL G 290 -34.95 29.46 19.88
C VAL G 290 -35.41 29.00 21.25
N GLN G 291 -35.96 27.78 21.31
CA GLN G 291 -36.44 27.19 22.55
C GLN G 291 -35.49 26.10 23.02
N ILE G 292 -35.67 25.69 24.28
CA ILE G 292 -34.83 24.68 24.90
C ILE G 292 -35.73 23.63 25.54
N GLN G 293 -35.19 22.42 25.67
CA GLN G 293 -35.92 21.31 26.28
C GLN G 293 -35.39 21.11 27.70
N VAL G 294 -36.23 21.41 28.69
CA VAL G 294 -35.91 21.26 30.10
C VAL G 294 -36.93 20.34 30.74
N SER G 295 -36.46 19.22 31.27
CA SER G 295 -37.32 18.23 31.95
C SER G 295 -38.44 17.75 31.02
N GLY G 296 -38.13 17.60 29.74
CA GLY G 296 -39.10 17.18 28.76
C GLY G 296 -40.09 18.24 28.32
N VAL G 297 -39.95 19.47 28.81
CA VAL G 297 -40.85 20.57 28.46
C VAL G 297 -40.06 21.60 27.66
N TRP G 298 -40.57 21.94 26.48
CA TRP G 298 -39.90 22.90 25.60
C TRP G 298 -40.25 24.31 26.07
N LYS G 299 -39.40 24.86 26.93
CA LYS G 299 -39.57 26.22 27.44
C LYS G 299 -38.72 27.19 26.63
N LYS G 300 -39.03 28.48 26.77
CA LYS G 300 -38.31 29.52 26.08
C LYS G 300 -37.27 30.12 27.01
N PRO G 301 -35.99 29.84 26.83
CA PRO G 301 -34.97 30.30 27.78
C PRO G 301 -34.66 31.78 27.58
N LEU G 302 -33.81 32.30 28.48
CA LEU G 302 -33.40 33.70 28.43
C LEU G 302 -31.93 33.92 28.70
N CYS G 303 -31.14 32.87 28.92
CA CYS G 303 -29.70 33.03 29.14
C CYS G 303 -29.04 31.65 28.97
N VAL G 304 -28.73 31.31 27.73
CA VAL G 304 -28.09 30.04 27.40
C VAL G 304 -26.63 30.29 27.08
N GLY G 305 -25.74 29.49 27.67
CA GLY G 305 -24.33 29.65 27.38
C GLY G 305 -23.49 28.72 28.24
N TYR G 306 -22.18 28.88 28.08
CA TYR G 306 -21.19 28.13 28.83
C TYR G 306 -20.43 29.04 29.78
N GLU G 307 -19.96 28.46 30.89
CA GLU G 307 -19.13 29.18 31.85
C GLU G 307 -18.17 28.20 32.50
N ARG G 308 -16.89 28.54 32.49
CA ARG G 308 -15.85 27.68 33.07
C ARG G 308 -15.81 27.90 34.58
N VAL G 309 -16.42 26.97 35.33
CA VAL G 309 -16.48 27.09 36.79
C VAL G 309 -15.88 25.84 37.41
N VAL G 310 -16.03 25.71 38.73
CA VAL G 310 -15.51 24.57 39.46
C VAL G 310 -16.50 23.42 39.38
N VAL G 311 -16.02 22.25 38.97
CA VAL G 311 -16.84 21.05 38.86
C VAL G 311 -16.34 20.03 39.87
N LYS G 312 -17.16 19.72 40.87
CA LYS G 312 -16.83 18.76 41.91
C LYS G 312 -17.74 17.56 41.75
N ARG G 313 -17.22 16.49 41.13
CA ARG G 313 -17.99 15.28 40.89
C ARG G 313 -17.68 14.25 41.98
N GLU G 314 -18.72 13.53 42.41
CA GLU G 314 -18.56 12.52 43.44
C GLU G 314 -17.78 11.33 42.89
N LEU G 315 -16.58 11.10 43.43
CA LEU G 315 -15.74 10.00 42.98
C LEU G 315 -15.97 8.74 43.83
N SER G 316 -15.93 8.87 45.15
CA SER G 316 -16.14 7.73 46.03
C SER G 316 -17.61 7.55 46.38
N ASP H 1 5.55 -24.45 55.99
CA ASP H 1 5.69 -24.58 57.44
C ASP H 1 6.96 -25.33 57.88
N PRO H 2 7.25 -26.50 57.31
CA PRO H 2 8.47 -27.21 57.70
C PRO H 2 9.72 -26.54 57.12
N GLY H 3 10.88 -26.99 57.60
CA GLY H 3 12.15 -26.45 57.18
C GLY H 3 12.65 -27.07 55.88
N CYS H 4 13.97 -27.10 55.74
CA CYS H 4 14.57 -27.65 54.54
C CYS H 4 14.47 -29.17 54.52
N SER H 5 14.66 -29.74 53.34
CA SER H 5 14.60 -31.19 53.17
C SER H 5 15.73 -31.66 52.26
N GLU H 6 15.91 -31.00 51.12
CA GLU H 6 16.95 -31.33 50.16
C GLU H 6 18.07 -30.30 50.30
N LEU H 7 19.19 -30.72 50.89
CA LEU H 7 20.33 -29.85 51.12
C LEU H 7 21.52 -30.33 50.30
N ILE H 8 22.20 -29.39 49.65
CA ILE H 8 23.37 -29.68 48.84
C ILE H 8 24.55 -28.88 49.38
N GLN H 9 25.74 -29.21 48.87
CA GLN H 9 26.98 -28.55 49.27
C GLN H 9 27.52 -27.72 48.12
N ALA H 10 27.91 -26.49 48.41
CA ALA H 10 28.44 -25.59 47.40
C ALA H 10 29.90 -25.94 47.11
N SER H 11 30.23 -26.06 45.82
CA SER H 11 31.59 -26.38 45.41
C SER H 11 32.50 -25.18 45.57
N SER H 12 33.79 -25.46 45.66
CA SER H 12 34.79 -24.40 45.80
C SER H 12 35.16 -23.74 44.48
N ARG H 13 34.72 -24.30 43.35
CA ARG H 13 35.04 -23.73 42.05
C ARG H 13 34.18 -22.51 41.73
N ILE H 14 33.08 -22.29 42.45
CA ILE H 14 32.20 -21.16 42.23
C ILE H 14 32.15 -20.24 43.45
N THR H 15 33.04 -20.43 44.41
CA THR H 15 33.08 -19.61 45.62
C THR H 15 34.49 -19.08 45.81
N THR H 16 34.61 -17.75 45.89
CA THR H 16 35.91 -17.12 46.09
C THR H 16 35.72 -15.84 46.89
N CYS H 17 36.55 -15.67 47.92
CA CYS H 17 36.47 -14.49 48.79
C CYS H 17 37.80 -14.38 49.54
N SER H 18 37.83 -13.52 50.56
CA SER H 18 39.05 -13.32 51.33
C SER H 18 38.65 -12.83 52.73
N THR H 19 39.58 -12.14 53.40
CA THR H 19 39.34 -11.62 54.74
C THR H 19 40.11 -10.32 54.89
N GLU H 20 39.41 -9.24 55.21
CA GLU H 20 40.01 -7.92 55.39
C GLU H 20 39.55 -7.35 56.73
N GLY H 21 40.49 -7.17 57.64
CA GLY H 21 40.16 -6.63 58.96
C GLY H 21 39.32 -7.58 59.80
N VAL H 22 39.65 -8.86 59.80
CA VAL H 22 38.90 -9.89 60.51
C VAL H 22 37.45 -9.85 60.05
N ASN H 23 37.24 -10.01 58.74
CA ASN H 23 35.90 -10.01 58.14
C ASN H 23 35.93 -10.98 56.96
N THR H 24 35.53 -12.22 57.22
CA THR H 24 35.54 -13.25 56.19
C THR H 24 34.41 -12.98 55.20
N LYS H 25 34.77 -12.68 53.95
CA LYS H 25 33.81 -12.42 52.90
C LYS H 25 33.97 -13.45 51.79
N CYS H 26 32.84 -13.86 51.21
CA CYS H 26 32.82 -14.84 50.14
C CYS H 26 32.07 -14.28 48.95
N ARG H 27 32.24 -14.94 47.80
CA ARG H 27 31.60 -14.52 46.56
C ARG H 27 31.14 -15.75 45.79
N LEU H 28 29.91 -15.72 45.32
CA LEU H 28 29.31 -16.83 44.58
C LEU H 28 29.16 -16.43 43.11
N SER H 29 29.66 -17.28 42.22
CA SER H 29 29.57 -17.00 40.79
C SER H 29 29.61 -18.35 40.05
N GLY H 30 28.44 -18.82 39.64
CA GLY H 30 28.37 -20.09 38.93
C GLY H 30 26.94 -20.57 38.80
N THR H 31 26.79 -21.89 38.70
CA THR H 31 25.48 -22.51 38.58
C THR H 31 25.48 -23.83 39.34
N ALA H 32 24.52 -24.00 40.23
CA ALA H 32 24.40 -25.21 41.05
C ALA H 32 22.98 -25.74 40.94
N LEU H 33 22.85 -27.01 40.55
CA LEU H 33 21.55 -27.65 40.43
C LEU H 33 21.13 -28.23 41.78
N ILE H 34 19.84 -28.09 42.09
CA ILE H 34 19.29 -28.57 43.35
C ILE H 34 17.94 -29.22 43.09
N ARG H 35 17.59 -30.18 43.95
CA ARG H 35 16.32 -30.89 43.82
C ARG H 35 15.21 -30.10 44.50
N ALA H 36 14.09 -29.93 43.80
CA ALA H 36 12.96 -29.21 44.35
C ALA H 36 12.23 -30.05 45.38
N GLY H 37 11.72 -29.37 46.41
CA GLY H 37 11.00 -30.05 47.47
C GLY H 37 9.58 -30.41 47.08
N SER H 38 8.85 -30.98 48.04
CA SER H 38 7.47 -31.39 47.83
C SER H 38 6.55 -30.23 48.24
N VAL H 39 5.28 -30.53 48.52
CA VAL H 39 4.32 -29.51 48.93
C VAL H 39 4.63 -29.13 50.37
N GLY H 40 5.21 -27.93 50.55
CA GLY H 40 5.56 -27.43 51.86
C GLY H 40 7.02 -27.57 52.21
N ALA H 41 7.74 -28.51 51.58
CA ALA H 41 9.15 -28.70 51.85
C ALA H 41 9.97 -27.54 51.31
N GLU H 42 11.19 -27.42 51.81
CA GLU H 42 12.11 -26.35 51.42
C GLU H 42 13.41 -26.95 50.91
N ALA H 43 14.14 -26.14 50.14
CA ALA H 43 15.43 -26.52 49.60
C ALA H 43 16.41 -25.38 49.85
N CYS H 44 17.33 -25.58 50.78
CA CYS H 44 18.30 -24.57 51.17
C CYS H 44 19.67 -24.89 50.62
N LEU H 45 20.57 -23.91 50.71
CA LEU H 45 21.94 -24.04 50.27
C LEU H 45 22.87 -23.67 51.42
N MET H 46 23.88 -24.51 51.66
CA MET H 46 24.83 -24.29 52.73
C MET H 46 26.02 -23.50 52.18
N LEU H 47 26.33 -22.39 52.83
CA LEU H 47 27.45 -21.53 52.46
C LEU H 47 28.42 -21.48 53.62
N LYS H 48 29.53 -22.21 53.50
CA LYS H 48 30.52 -22.30 54.56
C LYS H 48 31.48 -21.11 54.50
N GLY H 49 32.76 -21.35 54.77
CA GLY H 49 33.77 -20.31 54.74
C GLY H 49 35.14 -20.80 55.14
N VAL H 50 35.82 -20.04 56.00
CA VAL H 50 37.15 -20.42 56.46
C VAL H 50 37.14 -21.09 57.83
N LYS H 51 35.99 -21.10 58.51
CA LYS H 51 35.89 -21.72 59.83
C LYS H 51 34.77 -22.75 59.86
N GLU H 52 34.00 -22.75 60.94
CA GLU H 52 32.88 -23.69 61.10
C GLU H 52 31.56 -22.98 61.32
N ASP H 53 31.51 -22.01 62.22
CA ASP H 53 30.26 -21.28 62.48
C ASP H 53 29.92 -20.31 61.36
N GLN H 54 30.91 -19.89 60.57
CA GLN H 54 30.68 -18.96 59.46
C GLN H 54 29.96 -19.70 58.34
N THR H 55 28.64 -19.76 58.44
CA THR H 55 27.83 -20.50 57.48
C THR H 55 26.47 -19.82 57.37
N LYS H 56 26.06 -19.51 56.14
CA LYS H 56 24.76 -18.91 55.87
C LYS H 56 24.00 -19.77 54.87
N PHE H 57 22.67 -19.80 55.02
CA PHE H 57 21.82 -20.67 54.23
C PHE H 57 21.04 -19.86 53.19
N LEU H 58 20.65 -20.54 52.11
CA LEU H 58 19.85 -19.96 51.04
C LEU H 58 18.64 -20.86 50.83
N LYS H 59 17.55 -20.57 51.54
CA LYS H 59 16.37 -21.43 51.52
C LYS H 59 15.42 -21.03 50.39
N ILE H 60 14.70 -22.01 49.89
CA ILE H 60 13.69 -21.82 48.84
C ILE H 60 12.50 -22.69 49.21
N LYS H 61 11.39 -22.05 49.57
CA LYS H 61 10.18 -22.76 49.99
C LYS H 61 9.24 -22.94 48.80
N THR H 62 8.64 -24.12 48.71
CA THR H 62 7.67 -24.45 47.66
C THR H 62 6.28 -24.44 48.27
N VAL H 63 5.39 -23.62 47.70
CA VAL H 63 4.03 -23.51 48.21
C VAL H 63 3.23 -24.75 47.81
N SER H 64 2.87 -24.84 46.53
CA SER H 64 2.10 -25.97 46.03
C SER H 64 2.23 -26.02 44.51
N SER H 65 1.60 -27.02 43.91
CA SER H 65 1.61 -27.18 42.47
C SER H 65 0.42 -26.45 41.86
N GLU H 66 0.70 -25.60 40.87
CA GLU H 66 -0.32 -24.79 40.23
C GLU H 66 -0.17 -24.88 38.72
N LEU H 67 -1.28 -24.67 38.01
CA LEU H 67 -1.32 -24.72 36.55
C LEU H 67 -1.79 -23.35 36.05
N SER H 68 -0.85 -22.42 35.92
CA SER H 68 -1.18 -21.09 35.44
C SER H 68 -1.51 -21.12 33.95
N CYS H 69 -2.15 -20.05 33.48
CA CYS H 69 -2.56 -19.91 32.10
C CYS H 69 -1.61 -18.95 31.39
N ARG H 70 -1.22 -19.30 30.16
CA ARG H 70 -0.32 -18.46 29.37
C ARG H 70 -1.15 -17.40 28.66
N GLU H 71 -1.03 -16.14 29.11
CA GLU H 71 -1.77 -15.05 28.53
C GLU H 71 -1.13 -14.61 27.21
N GLY H 72 -1.91 -13.86 26.43
CA GLY H 72 -1.44 -13.35 25.15
C GLY H 72 -2.08 -12.04 24.76
N GLN H 73 -3.30 -12.11 24.23
CA GLN H 73 -4.04 -10.94 23.81
C GLN H 73 -5.06 -10.56 24.89
N SER H 74 -5.19 -9.26 25.13
CA SER H 74 -6.12 -8.75 26.14
C SER H 74 -6.58 -7.36 25.74
N TYR H 75 -7.65 -6.92 26.37
CA TYR H 75 -8.22 -5.60 26.09
C TYR H 75 -9.07 -5.16 27.28
N TRP H 76 -9.07 -3.85 27.53
CA TRP H 76 -9.86 -3.27 28.60
C TRP H 76 -11.24 -2.89 28.08
N THR H 77 -12.26 -3.13 28.90
CA THR H 77 -13.64 -2.82 28.54
C THR H 77 -14.44 -2.53 29.80
N GLY H 78 -15.66 -2.05 29.60
CA GLY H 78 -16.54 -1.73 30.70
C GLY H 78 -17.91 -1.27 30.26
N SER H 79 -18.48 -0.31 30.97
CA SER H 79 -19.80 0.23 30.66
C SER H 79 -19.67 1.66 30.16
N PHE H 80 -20.56 2.04 29.25
CA PHE H 80 -20.55 3.37 28.66
C PHE H 80 -22.00 3.84 28.47
N SER H 81 -22.15 5.16 28.33
CA SER H 81 -23.45 5.78 28.15
C SER H 81 -23.32 6.92 27.16
N PRO H 82 -24.16 6.99 26.14
CA PRO H 82 -24.06 8.07 25.15
C PRO H 82 -24.74 9.34 25.63
N LYS H 83 -24.38 10.44 24.99
CA LYS H 83 -24.97 11.75 25.26
C LYS H 83 -25.22 12.43 23.93
N CYS H 84 -26.49 12.49 23.52
CA CYS H 84 -26.89 13.07 22.25
C CYS H 84 -27.37 14.50 22.45
N LEU H 85 -27.00 15.38 21.52
CA LEU H 85 -27.40 16.77 21.53
C LEU H 85 -28.07 17.11 20.21
N SER H 86 -29.33 17.53 20.27
CA SER H 86 -30.11 17.87 19.10
C SER H 86 -30.05 19.37 18.82
N SER H 87 -30.15 19.73 17.55
CA SER H 87 -30.12 21.13 17.14
C SER H 87 -30.79 21.23 15.76
N ARG H 88 -32.11 21.41 15.78
CA ARG H 88 -32.87 21.51 14.54
C ARG H 88 -32.74 22.91 13.96
N ARG H 89 -32.52 22.98 12.64
CA ARG H 89 -32.36 24.24 11.94
C ARG H 89 -33.03 24.15 10.58
N CYS H 90 -33.60 25.26 10.14
CA CYS H 90 -34.31 25.31 8.86
C CYS H 90 -33.31 25.26 7.71
N HIS H 91 -33.84 25.27 6.49
CA HIS H 91 -33.01 25.19 5.30
C HIS H 91 -32.53 26.59 4.90
N LEU H 92 -31.41 26.61 4.16
CA LEU H 92 -30.77 27.86 3.72
C LEU H 92 -30.42 28.75 4.90
N VAL H 93 -30.00 28.15 6.00
CA VAL H 93 -29.59 28.86 7.21
C VAL H 93 -28.22 28.32 7.60
N GLY H 94 -27.17 29.06 7.29
CA GLY H 94 -25.82 28.64 7.61
C GLY H 94 -25.36 27.42 6.83
N GLU H 95 -25.08 26.32 7.53
CA GLU H 95 -24.64 25.08 6.91
C GLU H 95 -25.72 24.01 6.96
N CYS H 96 -26.97 24.38 7.21
CA CYS H 96 -28.08 23.43 7.29
C CYS H 96 -28.80 23.46 5.95
N HIS H 97 -28.34 22.62 5.02
CA HIS H 97 -28.93 22.54 3.69
C HIS H 97 -28.84 21.09 3.21
N VAL H 98 -29.47 20.83 2.07
CA VAL H 98 -29.54 19.47 1.55
C VAL H 98 -28.20 19.00 1.00
N ASN H 99 -27.31 19.92 0.62
CA ASN H 99 -26.00 19.57 0.09
C ASN H 99 -24.93 19.51 1.18
N ARG H 100 -25.27 18.97 2.34
CA ARG H 100 -24.33 18.88 3.45
C ARG H 100 -24.71 17.75 4.39
N CYS H 101 -26.01 17.55 4.60
CA CYS H 101 -26.46 16.50 5.51
C CYS H 101 -26.29 15.11 4.89
N LEU H 102 -26.40 15.01 3.57
CA LEU H 102 -26.26 13.71 2.91
C LEU H 102 -24.80 13.25 2.93
N SER H 103 -23.87 14.13 2.58
CA SER H 103 -22.44 13.83 2.59
C SER H 103 -21.77 14.25 3.89
N TRP H 104 -22.46 14.08 5.02
CA TRP H 104 -21.91 14.47 6.30
C TRP H 104 -20.99 13.38 6.85
N ARG H 105 -19.86 13.80 7.41
CA ARG H 105 -18.88 12.89 7.96
C ARG H 105 -18.99 12.84 9.48
N ASP H 106 -18.55 11.72 10.05
CA ASP H 106 -18.62 11.55 11.50
C ASP H 106 -17.57 12.40 12.21
N ASN H 107 -16.36 12.46 11.68
CA ASN H 107 -15.28 13.24 12.27
C ASN H 107 -15.33 14.71 11.87
N GLU H 108 -16.29 15.13 11.06
CA GLU H 108 -16.41 16.52 10.64
C GLU H 108 -17.03 17.34 11.76
N THR H 109 -16.32 18.37 12.22
CA THR H 109 -16.82 19.22 13.29
C THR H 109 -17.90 20.15 12.75
N SER H 110 -19.08 20.09 13.36
CA SER H 110 -20.20 20.92 12.94
C SER H 110 -20.00 22.36 13.40
N ALA H 111 -20.46 23.29 12.57
CA ALA H 111 -20.35 24.71 12.92
C ALA H 111 -21.30 25.09 14.04
N GLU H 112 -22.52 24.54 14.02
CA GLU H 112 -23.49 24.85 15.06
C GLU H 112 -22.98 24.45 16.44
N PHE H 113 -22.23 23.35 16.54
CA PHE H 113 -21.62 22.93 17.79
C PHE H 113 -20.19 23.42 17.93
N SER H 114 -19.80 24.43 17.14
CA SER H 114 -18.43 24.95 17.20
C SER H 114 -18.09 25.53 18.57
N PHE H 115 -19.09 25.86 19.38
CA PHE H 115 -18.85 26.37 20.72
C PHE H 115 -18.64 25.28 21.74
N VAL H 116 -18.67 24.00 21.34
CA VAL H 116 -18.45 22.91 22.28
C VAL H 116 -16.97 22.85 22.66
N GLY H 117 -16.09 22.82 21.68
CA GLY H 117 -14.66 22.79 21.89
C GLY H 117 -14.06 21.46 21.51
N GLU H 118 -12.72 21.42 21.57
CA GLU H 118 -11.98 20.21 21.24
C GLU H 118 -11.92 19.28 22.45
N SER H 119 -12.21 18.00 22.21
CA SER H 119 -12.19 17.00 23.27
C SER H 119 -11.51 15.74 22.76
N THR H 120 -10.80 15.05 23.65
CA THR H 120 -10.10 13.82 23.32
C THR H 120 -10.95 12.58 23.56
N THR H 121 -12.27 12.74 23.65
CA THR H 121 -13.18 11.62 23.89
C THR H 121 -13.85 11.19 22.60
N MET H 122 -14.57 10.07 22.68
CA MET H 122 -15.28 9.53 21.52
C MET H 122 -16.53 10.37 21.25
N ARG H 123 -16.55 11.06 20.13
CA ARG H 123 -17.69 11.90 19.76
C ARG H 123 -18.01 11.69 18.29
N GLU H 124 -19.23 12.07 17.92
CA GLU H 124 -19.68 11.95 16.53
C GLU H 124 -20.79 12.95 16.28
N ASN H 125 -20.91 13.36 15.02
CA ASN H 125 -21.91 14.34 14.60
C ASN H 125 -22.70 13.79 13.43
N LYS H 126 -23.99 14.05 13.41
CA LYS H 126 -24.87 13.64 12.32
C LYS H 126 -25.78 14.80 11.94
N CYS H 127 -26.51 14.61 10.84
CA CYS H 127 -27.43 15.63 10.32
C CYS H 127 -28.67 14.90 9.79
N PHE H 128 -29.67 14.73 10.66
CA PHE H 128 -30.91 14.07 10.30
C PHE H 128 -31.90 15.09 9.76
N GLU H 129 -32.31 14.92 8.51
CA GLU H 129 -33.24 15.85 7.89
C GLU H 129 -34.64 15.66 8.45
N GLN H 130 -35.43 16.72 8.44
CA GLN H 130 -36.80 16.72 8.92
C GLN H 130 -37.69 17.47 7.93
N CYS H 131 -38.99 17.49 8.21
CA CYS H 131 -39.93 18.17 7.34
C CYS H 131 -39.81 19.69 7.50
N GLY H 132 -39.99 20.39 6.38
CA GLY H 132 -39.91 21.84 6.34
C GLY H 132 -41.27 22.49 6.38
N GLY H 133 -41.35 23.68 5.79
CA GLY H 133 -42.60 24.42 5.75
C GLY H 133 -42.88 25.15 7.05
N TRP H 134 -44.03 25.82 7.07
CA TRP H 134 -44.46 26.58 8.24
C TRP H 134 -45.12 25.71 9.30
N GLY H 135 -45.28 24.41 9.04
CA GLY H 135 -45.90 23.53 10.03
C GLY H 135 -44.98 23.14 11.16
N CYS H 136 -43.67 23.34 11.00
CA CYS H 136 -42.70 22.99 12.04
C CYS H 136 -41.68 24.09 12.32
N GLY H 137 -41.53 25.09 11.46
CA GLY H 137 -40.59 26.15 11.68
C GLY H 137 -39.57 26.30 10.55
N CYS H 138 -40.04 26.68 9.37
CA CYS H 138 -39.17 26.85 8.22
C CYS H 138 -39.84 27.81 7.24
N PHE H 139 -39.06 28.74 6.71
CA PHE H 139 -39.59 29.71 5.75
C PHE H 139 -39.64 29.15 4.33
N ASN H 140 -38.99 28.02 4.07
CA ASN H 140 -38.98 27.41 2.76
C ASN H 140 -39.51 25.97 2.87
N VAL H 141 -39.99 25.46 1.73
CA VAL H 141 -40.55 24.12 1.68
C VAL H 141 -39.48 23.04 1.63
N ASN H 142 -38.21 23.40 1.63
CA ASN H 142 -37.15 22.41 1.61
C ASN H 142 -37.04 21.73 2.97
N PRO H 143 -36.62 20.46 2.99
CA PRO H 143 -36.48 19.74 4.26
C PRO H 143 -35.44 20.39 5.15
N SER H 144 -35.72 20.44 6.44
CA SER H 144 -34.81 21.06 7.41
C SER H 144 -33.71 20.06 7.80
N CYS H 145 -32.73 20.57 8.54
CA CYS H 145 -31.60 19.78 9.00
C CYS H 145 -31.64 19.64 10.52
N LEU H 146 -31.00 18.59 11.01
CA LEU H 146 -30.94 18.29 12.44
C LEU H 146 -29.50 17.97 12.80
N PHE H 147 -28.82 18.91 13.44
CA PHE H 147 -27.44 18.72 13.87
C PHE H 147 -27.41 17.95 15.18
N VAL H 148 -26.77 16.78 15.18
CA VAL H 148 -26.69 15.91 16.34
C VAL H 148 -25.23 15.78 16.74
N HIS H 149 -24.96 16.02 18.03
CA HIS H 149 -23.62 15.89 18.59
C HIS H 149 -23.69 14.91 19.76
N THR H 150 -23.23 13.69 19.54
CA THR H 150 -23.31 12.63 20.54
C THR H 150 -21.90 12.22 20.97
N TYR H 151 -21.64 12.27 22.27
CA TYR H 151 -20.36 11.88 22.83
C TYR H 151 -20.57 10.82 23.91
N LEU H 152 -19.68 9.85 23.96
CA LEU H 152 -19.76 8.77 24.94
C LEU H 152 -19.09 9.18 26.23
N GLN H 153 -19.67 8.73 27.35
CA GLN H 153 -19.11 9.01 28.67
C GLN H 153 -19.34 7.82 29.57
N SER H 154 -18.38 7.54 30.44
CA SER H 154 -18.45 6.39 31.33
C SER H 154 -19.24 6.74 32.59
N VAL H 155 -19.93 5.74 33.13
CA VAL H 155 -20.72 5.90 34.34
C VAL H 155 -20.20 5.08 35.52
N ARG H 156 -19.29 4.13 35.28
CA ARG H 156 -18.75 3.29 36.34
C ARG H 156 -17.41 3.85 36.82
N LYS H 157 -16.90 3.25 37.90
CA LYS H 157 -15.64 3.66 38.51
C LYS H 157 -14.56 2.59 38.37
N GLU H 158 -14.83 1.53 37.60
CA GLU H 158 -13.85 0.47 37.42
C GLU H 158 -13.99 -0.10 36.00
N ALA H 159 -12.98 -0.85 35.59
CA ALA H 159 -12.95 -1.48 34.27
C ALA H 159 -12.56 -2.94 34.43
N LEU H 160 -12.62 -3.68 33.31
CA LEU H 160 -12.30 -5.09 33.28
C LEU H 160 -11.26 -5.35 32.20
N ARG H 161 -10.30 -6.23 32.49
CA ARG H 161 -9.25 -6.58 31.54
C ARG H 161 -9.52 -7.99 31.04
N VAL H 162 -10.18 -8.09 29.89
CA VAL H 162 -10.51 -9.38 29.30
C VAL H 162 -9.29 -9.92 28.57
N PHE H 163 -8.90 -11.15 28.93
CA PHE H 163 -7.76 -11.81 28.31
C PHE H 163 -8.16 -13.24 27.96
N ASN H 164 -7.25 -13.95 27.30
CA ASN H 164 -7.50 -15.33 26.89
C ASN H 164 -6.32 -16.19 27.35
N CYS H 165 -6.17 -17.35 26.71
CA CYS H 165 -5.09 -18.28 27.05
C CYS H 165 -5.06 -19.38 26.01
N ILE H 166 -3.85 -19.75 25.58
CA ILE H 166 -3.68 -20.79 24.58
C ILE H 166 -2.96 -22.02 25.12
N ASP H 167 -2.35 -21.95 26.30
CA ASP H 167 -1.63 -23.08 26.87
C ASP H 167 -1.60 -22.92 28.38
N TRP H 168 -1.51 -24.05 29.08
CA TRP H 168 -1.45 -24.09 30.53
C TRP H 168 -0.02 -24.41 30.96
N VAL H 169 0.62 -23.47 31.65
CA VAL H 169 1.99 -23.61 32.11
C VAL H 169 1.98 -23.94 33.59
N HIS H 170 2.70 -24.99 33.97
CA HIS H 170 2.79 -25.39 35.38
C HIS H 170 3.59 -24.36 36.15
N LYS H 171 2.95 -23.65 37.07
CA LYS H 171 3.58 -22.60 37.85
C LYS H 171 3.80 -23.07 39.28
N LEU H 172 4.97 -22.75 39.83
CA LEU H 172 5.33 -23.08 41.20
C LEU H 172 5.67 -21.80 41.95
N THR H 173 4.98 -21.57 43.06
CA THR H 173 5.22 -20.39 43.89
C THR H 173 6.32 -20.71 44.90
N LEU H 174 7.42 -19.96 44.84
CA LEU H 174 8.58 -20.20 45.68
C LEU H 174 8.83 -18.96 46.53
N GLU H 175 8.86 -19.14 47.85
CA GLU H 175 9.22 -18.07 48.79
C GLU H 175 10.67 -18.30 49.18
N ILE H 176 11.56 -17.47 48.64
CA ILE H 176 13.00 -17.65 48.80
C ILE H 176 13.48 -16.77 49.95
N THR H 177 14.18 -17.39 50.91
CA THR H 177 14.81 -16.68 52.01
C THR H 177 16.32 -16.66 51.75
N ASP H 178 16.88 -15.46 51.71
CA ASP H 178 18.29 -15.29 51.36
C ASP H 178 19.20 -15.60 52.54
N PHE H 179 20.45 -15.13 52.48
CA PHE H 179 21.42 -15.41 53.53
C PHE H 179 21.21 -14.51 54.74
N ASP H 180 21.03 -13.21 54.51
CA ASP H 180 20.86 -12.28 55.62
C ASP H 180 19.46 -12.42 56.24
N GLY H 181 18.45 -12.67 55.42
CA GLY H 181 17.10 -12.82 55.91
C GLY H 181 16.07 -12.09 55.07
N SER H 182 16.50 -11.57 53.93
CA SER H 182 15.59 -10.86 53.02
C SER H 182 14.67 -11.88 52.33
N VAL H 183 13.43 -11.97 52.80
CA VAL H 183 12.47 -12.92 52.26
C VAL H 183 11.85 -12.33 51.00
N SER H 184 11.54 -13.20 50.04
CA SER H 184 10.93 -12.79 48.79
C SER H 184 9.93 -13.86 48.34
N THR H 185 8.99 -13.45 47.49
CA THR H 185 7.96 -14.33 46.98
C THR H 185 7.95 -14.23 45.46
N ILE H 186 8.35 -15.31 44.78
CA ILE H 186 8.39 -15.34 43.33
C ILE H 186 7.69 -16.60 42.84
N ASP H 187 7.73 -16.83 41.53
CA ASP H 187 7.10 -18.01 40.93
C ASP H 187 7.82 -18.37 39.64
N LEU H 188 7.73 -19.63 39.26
CA LEU H 188 8.38 -20.14 38.05
C LEU H 188 7.36 -20.88 37.20
N GLY H 189 7.68 -21.03 35.93
CA GLY H 189 6.81 -21.71 34.99
C GLY H 189 7.55 -22.27 33.79
N ALA H 190 7.41 -23.58 33.55
CA ALA H 190 8.06 -24.27 32.45
C ALA H 190 9.57 -24.03 32.46
N SER H 191 10.01 -22.93 31.85
CA SER H 191 11.44 -22.60 31.80
C SER H 191 11.67 -21.12 32.06
N SER H 192 10.78 -20.48 32.81
CA SER H 192 10.93 -19.07 33.12
C SER H 192 12.06 -18.87 34.14
N SER H 193 12.56 -17.64 34.21
CA SER H 193 13.65 -17.29 35.11
C SER H 193 13.37 -15.94 35.74
N ARG H 194 13.42 -15.89 37.07
CA ARG H 194 13.21 -14.66 37.83
C ARG H 194 14.55 -14.09 38.25
N PHE H 195 14.71 -12.78 38.11
CA PHE H 195 15.94 -12.08 38.46
C PHE H 195 15.83 -11.56 39.89
N THR H 196 16.71 -12.03 40.75
CA THR H 196 16.77 -11.62 42.15
C THR H 196 18.05 -10.84 42.42
N ASN H 197 18.08 -10.17 43.59
CA ASN H 197 19.23 -9.37 43.94
C ASN H 197 20.50 -10.21 44.08
N TRP H 198 20.35 -11.49 44.39
CA TRP H 198 21.48 -12.41 44.49
C TRP H 198 21.76 -13.14 43.19
N GLY H 199 20.95 -12.94 42.16
CA GLY H 199 21.17 -13.61 40.89
C GLY H 199 19.90 -13.87 40.12
N SER H 200 19.54 -15.14 39.97
CA SER H 200 18.34 -15.53 39.24
C SER H 200 17.96 -16.96 39.62
N VAL H 201 16.76 -17.36 39.21
CA VAL H 201 16.26 -18.70 39.47
C VAL H 201 15.46 -19.16 38.26
N SER H 202 15.45 -20.47 38.02
CA SER H 202 14.75 -21.03 36.89
C SER H 202 14.36 -22.47 37.18
N LEU H 203 13.24 -22.90 36.62
CA LEU H 203 12.77 -24.28 36.76
C LEU H 203 13.54 -25.16 35.79
N SER H 204 14.36 -26.06 36.34
CA SER H 204 15.18 -26.93 35.48
C SER H 204 14.32 -28.00 34.82
N LEU H 205 13.74 -28.89 35.61
CA LEU H 205 12.97 -30.01 35.09
C LEU H 205 11.58 -30.02 35.71
N ASP H 206 10.57 -30.29 34.89
CA ASP H 206 9.19 -30.40 35.32
C ASP H 206 8.60 -31.68 34.75
N ALA H 207 7.38 -32.01 35.21
CA ALA H 207 6.71 -33.22 34.77
C ALA H 207 5.19 -33.02 34.83
N GLU H 208 4.72 -31.88 34.34
CA GLU H 208 3.30 -31.59 34.33
C GLU H 208 3.02 -30.51 33.29
N GLY H 209 1.99 -30.72 32.49
CA GLY H 209 1.62 -29.77 31.46
C GLY H 209 0.43 -30.21 30.63
N ILE H 210 -0.69 -29.48 30.74
CA ILE H 210 -1.89 -29.81 30.00
C ILE H 210 -2.18 -28.71 28.98
N SER H 211 -3.23 -28.89 28.19
CA SER H 211 -3.61 -27.92 27.19
C SER H 211 -5.11 -28.05 26.90
N GLY H 212 -5.73 -26.91 26.59
CA GLY H 212 -7.15 -26.90 26.29
C GLY H 212 -7.86 -25.67 26.80
N SER H 213 -7.61 -24.52 26.14
CA SER H 213 -8.28 -23.29 26.59
C SER H 213 -8.51 -22.31 25.45
N ASN H 214 -8.47 -22.72 24.19
CA ASN H 214 -8.69 -21.81 23.08
C ASN H 214 -10.13 -21.33 22.99
N SER H 215 -11.08 -22.11 23.48
CA SER H 215 -12.49 -21.76 23.46
C SER H 215 -12.97 -21.18 24.79
N PHE H 216 -12.10 -20.44 25.48
CA PHE H 216 -12.44 -19.84 26.77
C PHE H 216 -11.87 -18.44 26.83
N SER H 217 -12.67 -17.50 27.34
CA SER H 217 -12.26 -16.11 27.48
C SER H 217 -12.44 -15.70 28.94
N PHE H 218 -11.35 -15.26 29.55
CA PHE H 218 -11.34 -14.86 30.96
C PHE H 218 -11.48 -13.35 31.09
N ILE H 219 -12.03 -12.91 32.21
CA ILE H 219 -12.24 -11.50 32.51
C ILE H 219 -11.54 -11.19 33.83
N GLU H 220 -10.68 -10.19 33.83
CA GLU H 220 -9.93 -9.79 35.01
C GLU H 220 -10.60 -8.59 35.67
N SER H 221 -10.85 -8.70 36.97
CA SER H 221 -11.46 -7.64 37.76
C SER H 221 -10.59 -7.37 38.97
N PRO H 222 -9.64 -6.44 38.86
CA PRO H 222 -8.75 -6.14 39.99
C PRO H 222 -9.52 -5.47 41.13
N GLY H 223 -9.45 -6.08 42.31
CA GLY H 223 -10.14 -5.59 43.48
C GLY H 223 -11.39 -6.36 43.85
N LYS H 224 -11.93 -7.15 42.92
CA LYS H 224 -13.13 -7.94 43.16
C LYS H 224 -12.95 -9.41 42.85
N GLY H 225 -12.42 -9.73 41.67
CA GLY H 225 -12.21 -11.11 41.30
C GLY H 225 -12.14 -11.27 39.80
N TYR H 226 -12.14 -12.53 39.37
CA TYR H 226 -12.05 -12.90 37.97
C TYR H 226 -13.39 -13.43 37.49
N ALA H 227 -13.44 -13.83 36.22
CA ALA H 227 -14.64 -14.37 35.62
C ALA H 227 -14.25 -15.26 34.44
N ILE H 228 -15.07 -16.28 34.19
CA ILE H 228 -14.85 -17.22 33.10
C ILE H 228 -16.03 -17.13 32.15
N VAL H 229 -15.74 -17.07 30.85
CA VAL H 229 -16.76 -16.99 29.81
C VAL H 229 -16.46 -18.06 28.78
N ASP H 230 -17.48 -18.85 28.41
CA ASP H 230 -17.33 -19.95 27.47
C ASP H 230 -17.56 -19.45 26.06
N GLU H 231 -16.55 -18.77 25.52
CA GLU H 231 -16.60 -18.26 24.16
C GLU H 231 -15.18 -17.97 23.71
N PRO H 232 -14.90 -18.01 22.40
CA PRO H 232 -13.56 -17.66 21.92
C PRO H 232 -13.24 -16.19 22.16
N PHE H 233 -11.96 -15.86 21.96
CA PHE H 233 -11.51 -14.50 22.17
C PHE H 233 -12.06 -13.57 21.10
N SER H 234 -12.48 -12.37 21.50
CA SER H 234 -13.03 -11.39 20.57
C SER H 234 -11.89 -10.64 19.92
N GLU H 235 -11.71 -10.84 18.60
CA GLU H 235 -10.67 -10.18 17.84
C GLU H 235 -11.18 -8.94 17.11
N ILE H 236 -12.38 -9.00 16.57
CA ILE H 236 -12.99 -7.89 15.84
C ILE H 236 -14.18 -7.40 16.65
N PRO H 237 -14.18 -6.15 17.10
CA PRO H 237 -15.33 -5.65 17.88
C PRO H 237 -16.55 -5.43 16.99
N ARG H 238 -17.71 -5.78 17.53
CA ARG H 238 -18.97 -5.62 16.80
C ARG H 238 -20.10 -5.44 17.79
N GLN H 239 -21.18 -4.82 17.32
CA GLN H 239 -22.33 -4.56 18.18
C GLN H 239 -23.08 -5.86 18.46
N GLY H 240 -23.43 -6.06 19.73
CA GLY H 240 -24.15 -7.23 20.16
C GLY H 240 -23.31 -8.36 20.70
N PHE H 241 -22.02 -8.16 20.90
CA PHE H 241 -21.12 -9.18 21.41
C PHE H 241 -20.31 -8.62 22.57
N LEU H 242 -19.90 -9.50 23.47
CA LEU H 242 -19.11 -9.11 24.64
C LEU H 242 -17.74 -8.65 24.18
N GLY H 243 -17.49 -7.34 24.25
CA GLY H 243 -16.22 -6.78 23.84
C GLY H 243 -16.31 -5.94 22.60
N GLU H 244 -17.24 -4.99 22.58
CA GLU H 244 -17.44 -4.12 21.42
C GLU H 244 -16.63 -2.83 21.51
N ILE H 245 -16.22 -2.42 22.70
CA ILE H 245 -15.42 -1.21 22.90
C ILE H 245 -14.20 -1.60 23.71
N ARG H 246 -13.04 -1.63 23.06
CA ARG H 246 -11.79 -1.99 23.69
C ARG H 246 -10.86 -0.78 23.78
N CYS H 247 -9.94 -0.83 24.75
CA CYS H 247 -8.99 0.25 24.95
C CYS H 247 -7.61 -0.31 25.29
N ASN H 248 -6.86 0.41 26.13
CA ASN H 248 -5.52 -0.02 26.52
C ASN H 248 -5.24 0.13 28.01
N SER H 249 -6.08 0.83 28.77
CA SER H 249 -5.87 1.01 30.20
C SER H 249 -7.21 1.23 30.87
N GLU H 250 -7.17 1.25 32.21
CA GLU H 250 -8.40 1.48 32.98
C GLU H 250 -8.85 2.93 32.90
N SER H 251 -7.90 3.86 32.96
CA SER H 251 -8.24 5.28 32.86
C SER H 251 -8.81 5.62 31.49
N SER H 252 -8.39 4.90 30.45
CA SER H 252 -8.97 5.12 29.13
C SER H 252 -10.42 4.65 29.06
N VAL H 253 -10.79 3.69 29.91
CA VAL H 253 -12.17 3.22 29.94
C VAL H 253 -13.02 4.13 30.81
N LEU H 254 -12.50 4.56 31.96
CA LEU H 254 -13.24 5.46 32.84
C LEU H 254 -13.40 6.85 32.24
N SER H 255 -12.55 7.24 31.30
CA SER H 255 -12.64 8.54 30.65
C SER H 255 -13.21 8.47 29.25
N ALA H 256 -13.25 7.28 28.64
CA ALA H 256 -13.81 7.07 27.30
C ALA H 256 -13.11 7.96 26.26
N HIS H 257 -11.80 7.75 26.13
CA HIS H 257 -11.01 8.50 25.17
C HIS H 257 -11.19 7.92 23.76
N GLU H 258 -10.80 8.71 22.77
CA GLU H 258 -10.90 8.31 21.37
C GLU H 258 -9.75 7.43 20.92
N SER H 259 -8.80 7.12 21.79
CA SER H 259 -7.67 6.28 21.42
C SER H 259 -8.03 4.81 21.34
N CYS H 260 -9.18 4.42 21.87
CA CYS H 260 -9.61 3.02 21.83
C CYS H 260 -10.31 2.72 20.51
N LEU H 261 -10.74 1.46 20.36
CA LEU H 261 -11.42 1.02 19.16
C LEU H 261 -12.91 0.82 19.44
N ARG H 262 -13.72 0.97 18.39
CA ARG H 262 -15.16 0.81 18.51
C ARG H 262 -15.71 0.36 17.16
N ALA H 263 -16.97 -0.08 17.19
CA ALA H 263 -17.63 -0.55 15.98
C ALA H 263 -18.52 0.54 15.38
N PRO H 264 -18.57 0.66 14.06
CA PRO H 264 -19.43 1.68 13.45
C PRO H 264 -20.90 1.35 13.61
N ASN H 265 -21.72 2.40 13.50
CA ASN H 265 -23.18 2.28 13.64
C ASN H 265 -23.56 1.65 14.98
N LEU H 266 -22.87 2.08 16.05
CA LEU H 266 -23.11 1.55 17.38
C LEU H 266 -24.22 2.30 18.11
N ILE H 267 -24.25 3.63 17.97
CA ILE H 267 -25.23 4.46 18.67
C ILE H 267 -26.47 4.57 17.78
N SER H 268 -27.61 4.12 18.31
CA SER H 268 -28.87 4.18 17.59
C SER H 268 -29.55 5.52 17.83
N TYR H 269 -30.15 6.07 16.78
CA TYR H 269 -30.82 7.36 16.83
C TYR H 269 -32.28 7.21 16.42
N LYS H 270 -33.16 7.89 17.15
CA LYS H 270 -34.60 7.89 16.88
C LYS H 270 -35.10 9.33 16.95
N PRO H 271 -34.94 10.09 15.87
CA PRO H 271 -35.41 11.48 15.87
C PRO H 271 -36.92 11.57 15.67
N MET H 272 -37.50 12.59 16.30
CA MET H 272 -38.93 12.86 16.22
C MET H 272 -39.12 14.38 16.04
N ILE H 273 -38.73 14.87 14.86
CA ILE H 273 -38.82 16.29 14.52
C ILE H 273 -38.04 17.11 15.52
N ASP H 274 -38.62 17.34 16.70
CA ASP H 274 -37.97 18.09 17.76
C ASP H 274 -37.30 17.21 18.80
N GLN H 275 -37.82 16.00 19.02
CA GLN H 275 -37.25 15.07 19.98
C GLN H 275 -36.12 14.27 19.35
N LEU H 276 -35.35 13.60 20.20
CA LEU H 276 -34.23 12.78 19.74
C LEU H 276 -33.97 11.71 20.79
N GLU H 277 -34.37 10.47 20.50
CA GLU H 277 -34.20 9.35 21.42
C GLU H 277 -33.19 8.39 20.79
N CYS H 278 -31.92 8.57 21.15
CA CYS H 278 -30.82 7.74 20.65
C CYS H 278 -30.27 6.92 21.80
N THR H 279 -30.36 5.60 21.68
CA THR H 279 -29.89 4.68 22.71
C THR H 279 -28.94 3.67 22.08
N THR H 280 -28.22 2.95 22.94
CA THR H 280 -27.25 1.95 22.51
C THR H 280 -27.61 0.60 23.12
N ASN H 281 -27.23 -0.46 22.42
CA ASN H 281 -27.45 -1.83 22.89
C ASN H 281 -26.15 -2.42 23.44
N LEU H 282 -25.59 -1.71 24.42
CA LEU H 282 -24.33 -2.11 25.02
C LEU H 282 -24.54 -3.32 25.93
N ILE H 283 -23.62 -4.27 25.86
CA ILE H 283 -23.67 -5.47 26.70
C ILE H 283 -22.92 -5.19 27.99
N ASP H 284 -23.62 -5.23 29.10
CA ASP H 284 -23.01 -4.96 30.40
C ASP H 284 -22.16 -6.14 30.84
N PRO H 285 -20.84 -5.99 30.97
CA PRO H 285 -20.01 -7.12 31.39
C PRO H 285 -20.17 -7.48 32.86
N PHE H 286 -20.75 -6.60 33.68
CA PHE H 286 -20.95 -6.91 35.08
C PHE H 286 -21.99 -7.99 35.28
N VAL H 287 -22.90 -8.16 34.32
CA VAL H 287 -23.89 -9.23 34.41
C VAL H 287 -23.22 -10.59 34.25
N VAL H 288 -22.37 -10.72 33.23
CA VAL H 288 -21.64 -11.97 33.04
C VAL H 288 -20.64 -12.17 34.18
N PHE H 289 -20.05 -11.09 34.69
CA PHE H 289 -19.17 -11.21 35.85
C PHE H 289 -19.91 -11.69 37.09
N GLU H 290 -21.19 -11.34 37.21
CA GLU H 290 -21.98 -11.81 38.34
C GLU H 290 -22.44 -13.25 38.13
N ARG H 291 -22.74 -13.63 36.89
CA ARG H 291 -23.15 -15.00 36.59
C ARG H 291 -21.99 -15.96 36.74
N GLY H 292 -21.02 -15.88 35.84
CA GLY H 292 -19.86 -16.75 35.89
C GLY H 292 -18.69 -16.14 36.63
N SER H 293 -18.28 -16.77 37.72
CA SER H 293 -17.18 -16.26 38.54
C SER H 293 -16.40 -17.45 39.09
N LEU H 294 -15.06 -17.30 39.11
CA LEU H 294 -14.21 -18.35 39.64
C LEU H 294 -14.43 -18.50 41.14
N PRO H 295 -14.22 -19.72 41.69
CA PRO H 295 -13.79 -20.93 40.99
C PRO H 295 -14.91 -21.66 40.26
N GLN H 296 -14.58 -22.28 39.12
CA GLN H 296 -15.53 -23.04 38.33
C GLN H 296 -14.86 -24.32 37.84
N THR H 297 -15.59 -25.43 37.89
CA THR H 297 -15.10 -26.72 37.45
C THR H 297 -15.57 -26.97 36.02
N ARG H 298 -14.63 -27.05 35.09
CA ARG H 298 -14.92 -27.28 33.68
C ARG H 298 -14.39 -28.64 33.27
N ASN H 299 -15.26 -29.46 32.67
CA ASN H 299 -14.89 -30.80 32.22
C ASN H 299 -14.35 -31.64 33.37
N ASP H 300 -13.05 -31.53 33.63
CA ASP H 300 -12.42 -32.29 34.71
C ASP H 300 -11.34 -31.50 35.44
N LYS H 301 -11.33 -30.18 35.31
CA LYS H 301 -10.34 -29.33 35.95
C LYS H 301 -11.03 -28.23 36.74
N THR H 302 -10.37 -27.76 37.78
CA THR H 302 -10.89 -26.70 38.65
C THR H 302 -10.12 -25.42 38.36
N PHE H 303 -10.84 -24.38 37.95
CA PHE H 303 -10.26 -23.08 37.63
C PHE H 303 -10.56 -22.09 38.73
N ALA H 304 -9.55 -21.32 39.13
CA ALA H 304 -9.70 -20.33 40.19
C ALA H 304 -8.68 -19.22 39.97
N ALA H 305 -8.58 -18.32 40.93
CA ALA H 305 -7.66 -17.20 40.87
C ALA H 305 -6.41 -17.53 41.68
N SER H 306 -5.68 -16.50 42.12
CA SER H 306 -4.46 -16.67 42.90
C SER H 306 -4.66 -16.08 44.29
N LYS H 307 -3.74 -16.46 45.19
CA LYS H 307 -3.77 -15.98 46.58
C LYS H 307 -2.82 -14.80 46.70
N GLY H 308 -3.38 -13.60 46.79
CA GLY H 308 -2.58 -12.40 46.92
C GLY H 308 -2.18 -11.81 45.59
N ASN H 309 -1.42 -12.56 44.80
CA ASN H 309 -0.98 -12.10 43.50
C ASN H 309 -2.14 -12.15 42.49
N ARG H 310 -1.98 -11.42 41.39
CA ARG H 310 -2.97 -11.35 40.34
C ARG H 310 -2.61 -12.35 39.25
N GLY H 311 -3.53 -13.25 38.96
CA GLY H 311 -3.31 -14.27 37.93
C GLY H 311 -4.23 -15.44 38.12
N VAL H 312 -4.54 -16.09 37.00
CA VAL H 312 -5.42 -17.26 36.98
C VAL H 312 -4.61 -18.49 37.35
N GLN H 313 -5.23 -19.41 38.08
CA GLN H 313 -4.58 -20.64 38.51
C GLN H 313 -5.54 -21.81 38.35
N ALA H 314 -5.01 -22.93 37.84
CA ALA H 314 -5.78 -24.14 37.65
C ALA H 314 -5.24 -25.23 38.56
N PHE H 315 -6.14 -25.92 39.26
CA PHE H 315 -5.77 -26.97 40.20
C PHE H 315 -6.20 -28.33 39.66
N SER H 316 -5.35 -29.33 39.88
CA SER H 316 -5.65 -30.69 39.43
C SER H 316 -4.88 -31.70 40.27
N LYS H 317 -4.44 -32.79 39.63
CA LYS H 317 -3.69 -33.85 40.30
C LYS H 317 -2.39 -34.08 39.52
N GLY H 318 -1.42 -33.19 39.73
CA GLY H 318 -0.14 -33.27 39.05
C GLY H 318 0.85 -34.14 39.79
N SER H 319 2.11 -34.03 39.39
CA SER H 319 3.19 -34.79 39.98
C SER H 319 3.83 -33.97 41.11
N VAL H 320 5.10 -34.23 41.42
CA VAL H 320 5.80 -33.51 42.49
C VAL H 320 7.28 -33.51 42.18
N GLN H 321 7.71 -34.41 41.30
CA GLN H 321 9.13 -34.51 40.94
C GLN H 321 9.51 -33.34 40.03
N ALA H 322 10.50 -32.56 40.46
CA ALA H 322 10.97 -31.41 39.69
C ALA H 322 12.39 -31.08 40.10
N ASP H 323 13.13 -30.48 39.16
CA ASP H 323 14.51 -30.08 39.40
C ASP H 323 14.62 -28.57 39.20
N LEU H 324 15.53 -27.97 39.97
CA LEU H 324 15.75 -26.52 39.94
C LEU H 324 17.24 -26.24 39.75
N THR H 325 17.52 -25.02 39.29
CA THR H 325 18.90 -24.54 39.12
C THR H 325 19.07 -23.23 39.87
N LEU H 326 20.32 -22.91 40.18
CA LEU H 326 20.66 -21.69 40.90
C LEU H 326 21.82 -21.01 40.18
N MET H 327 21.60 -19.77 39.75
CA MET H 327 22.60 -18.98 39.04
C MET H 327 23.08 -17.87 39.96
N PHE H 328 24.39 -17.82 40.21
CA PHE H 328 25.02 -16.82 41.05
C PHE H 328 25.88 -15.92 40.17
N ASP H 329 25.49 -14.65 40.07
CA ASP H 329 26.20 -13.69 39.24
C ASP H 329 27.12 -12.81 40.10
N ASN H 330 28.10 -13.47 40.72
CA ASN H 330 29.11 -12.81 41.55
C ASN H 330 28.46 -12.01 42.67
N PHE H 331 27.96 -12.68 43.70
CA PHE H 331 27.33 -12.05 44.84
C PHE H 331 28.26 -12.14 46.05
N GLU H 332 28.32 -11.05 46.82
CA GLU H 332 29.19 -10.96 47.98
C GLU H 332 28.40 -11.23 49.24
N VAL H 333 28.93 -12.10 50.11
CA VAL H 333 28.32 -12.46 51.38
C VAL H 333 29.34 -12.23 52.48
N ASP H 334 28.99 -11.39 53.45
CA ASP H 334 29.86 -11.06 54.56
C ASP H 334 29.31 -11.64 55.86
N PHE H 335 30.18 -11.73 56.87
CA PHE H 335 29.81 -12.27 58.17
C PHE H 335 30.79 -11.69 59.20
N VAL H 336 30.40 -10.56 59.80
CA VAL H 336 31.26 -9.85 60.73
C VAL H 336 31.27 -10.54 62.08
N GLY H 337 30.09 -10.72 62.67
CA GLY H 337 29.96 -11.31 63.98
C GLY H 337 30.18 -12.81 64.00
N ALA H 338 29.52 -13.48 64.93
CA ALA H 338 29.63 -14.92 65.07
C ALA H 338 28.38 -15.45 65.76
N ALA H 339 28.08 -16.72 65.51
CA ALA H 339 26.92 -17.36 66.10
C ALA H 339 27.20 -17.80 67.53
N VAL H 340 26.15 -17.97 68.30
CA VAL H 340 26.26 -18.39 69.70
C VAL H 340 25.90 -19.87 69.81
N SER H 341 25.92 -20.40 71.03
CA SER H 341 25.59 -21.80 71.26
C SER H 341 24.08 -21.98 71.38
N CYS H 342 23.66 -23.23 71.55
CA CYS H 342 22.24 -23.54 71.68
C CYS H 342 22.04 -25.04 71.87
N ASP H 343 21.09 -25.41 72.73
CA ASP H 343 20.80 -26.81 73.02
C ASP H 343 19.56 -27.25 72.24
N ALA H 344 19.58 -28.50 71.80
CA ALA H 344 18.48 -29.08 71.04
C ALA H 344 17.84 -30.22 71.84
N ALA H 345 16.61 -30.55 71.47
CA ALA H 345 15.86 -31.61 72.11
C ALA H 345 14.98 -32.31 71.08
N PHE H 346 14.44 -33.45 71.48
CA PHE H 346 13.57 -34.26 70.63
C PHE H 346 12.14 -34.18 71.14
N LEU H 347 11.21 -33.84 70.24
CA LEU H 347 9.80 -33.74 70.59
C LEU H 347 9.02 -34.91 69.99
N ASN H 348 8.90 -34.99 68.68
CA ASN H 348 8.13 -36.07 68.05
C ASN H 348 8.64 -36.30 66.64
N LEU H 349 8.14 -37.37 66.01
CA LEU H 349 8.53 -37.73 64.66
C LEU H 349 7.34 -38.48 64.04
N THR H 350 6.55 -37.78 63.24
CA THR H 350 5.38 -38.34 62.59
C THR H 350 5.47 -38.10 61.09
N GLY H 351 5.41 -39.17 60.31
CA GLY H 351 5.48 -39.05 58.87
C GLY H 351 5.46 -40.39 58.16
N CYS H 352 6.32 -40.55 57.15
CA CYS H 352 6.40 -41.78 56.39
C CYS H 352 7.81 -41.90 55.81
N TYR H 353 8.06 -43.03 55.16
CA TYR H 353 9.36 -43.31 54.55
C TYR H 353 9.16 -43.83 53.13
N SER H 354 10.21 -43.67 52.32
CA SER H 354 10.21 -44.11 50.93
C SER H 354 9.07 -43.47 50.14
N CYS H 355 8.95 -42.15 50.26
CA CYS H 355 7.89 -41.42 49.57
C CYS H 355 8.32 -39.97 49.42
N ASN H 356 7.60 -39.25 48.55
CA ASN H 356 7.91 -37.84 48.32
C ASN H 356 7.43 -36.95 49.46
N ALA H 357 6.49 -37.42 50.27
CA ALA H 357 6.00 -36.61 51.38
C ALA H 357 7.01 -36.54 52.51
N GLY H 358 7.83 -37.57 52.68
CA GLY H 358 8.83 -37.58 53.73
C GLY H 358 8.23 -37.81 55.10
N ALA H 359 9.04 -37.51 56.12
CA ALA H 359 8.66 -37.65 57.51
C ALA H 359 8.73 -36.30 58.19
N ARG H 360 7.69 -35.95 58.93
CA ARG H 360 7.63 -34.67 59.64
C ARG H 360 8.28 -34.84 61.01
N VAL H 361 9.46 -34.26 61.17
CA VAL H 361 10.20 -34.32 62.42
C VAL H 361 9.96 -33.03 63.19
N CYS H 362 9.75 -33.15 64.50
CA CYS H 362 9.50 -32.02 65.38
C CYS H 362 10.52 -32.06 66.51
N LEU H 363 11.35 -31.02 66.60
CA LEU H 363 12.39 -30.91 67.60
C LEU H 363 12.18 -29.66 68.44
N SER H 364 12.95 -29.56 69.52
CA SER H 364 12.91 -28.42 70.42
C SER H 364 14.30 -27.82 70.52
N ILE H 365 14.42 -26.53 70.17
CA ILE H 365 15.69 -25.83 70.18
C ILE H 365 15.64 -24.75 71.26
N THR H 366 16.62 -24.78 72.16
CA THR H 366 16.73 -23.80 73.25
C THR H 366 18.07 -23.09 73.12
N SER H 367 18.03 -21.83 72.70
CA SER H 367 19.22 -21.02 72.52
C SER H 367 19.03 -19.66 73.17
N THR H 368 20.04 -18.81 73.06
CA THR H 368 20.00 -17.46 73.63
C THR H 368 20.12 -16.36 72.59
N GLY H 369 20.40 -16.69 71.32
CA GLY H 369 20.52 -15.68 70.29
C GLY H 369 20.08 -16.23 68.95
N THR H 370 20.00 -15.33 67.97
CA THR H 370 19.59 -15.69 66.62
C THR H 370 20.73 -16.42 65.91
N GLY H 371 20.57 -17.72 65.69
CA GLY H 371 21.58 -18.51 65.03
C GLY H 371 21.01 -19.50 64.04
N SER H 372 21.84 -20.43 63.58
CA SER H 372 21.44 -21.46 62.61
C SER H 372 21.96 -22.81 63.10
N LEU H 373 21.08 -23.59 63.73
CA LEU H 373 21.46 -24.90 64.23
C LEU H 373 21.40 -25.93 63.10
N SER H 374 22.42 -26.78 63.03
CA SER H 374 22.52 -27.79 61.99
C SER H 374 23.06 -29.08 62.59
N ALA H 375 22.46 -30.21 62.21
CA ALA H 375 22.85 -31.52 62.67
C ALA H 375 23.27 -32.39 61.49
N HIS H 376 24.07 -33.41 61.78
CA HIS H 376 24.55 -34.32 60.76
C HIS H 376 24.87 -35.66 61.40
N ASN H 377 24.69 -36.73 60.62
CA ASN H 377 24.96 -38.08 61.10
C ASN H 377 26.44 -38.42 61.03
N LYS H 378 26.76 -39.71 61.09
CA LYS H 378 28.16 -40.15 61.09
C LYS H 378 28.65 -40.47 59.68
N ASP H 379 27.89 -41.26 58.93
CA ASP H 379 28.29 -41.66 57.58
C ASP H 379 28.15 -40.53 56.56
N GLY H 380 27.52 -39.42 56.92
CA GLY H 380 27.37 -38.31 56.00
C GLY H 380 26.31 -38.57 54.94
N SER H 381 25.07 -38.77 55.37
CA SER H 381 23.96 -39.03 54.46
C SER H 381 22.77 -38.11 54.67
N LEU H 382 22.52 -37.65 55.89
CA LEU H 382 21.40 -36.77 56.18
C LEU H 382 21.91 -35.52 56.91
N HIS H 383 21.16 -34.43 56.76
CA HIS H 383 21.50 -33.17 57.39
C HIS H 383 20.23 -32.50 57.90
N ILE H 384 20.38 -31.74 58.97
CA ILE H 384 19.27 -31.02 59.60
C ILE H 384 19.63 -29.54 59.63
N VAL H 385 18.76 -28.71 59.05
CA VAL H 385 18.94 -27.26 59.01
C VAL H 385 17.74 -26.62 59.68
N LEU H 386 17.96 -25.99 60.83
CA LEU H 386 16.88 -25.35 61.57
C LEU H 386 17.36 -24.04 62.18
N PRO H 387 16.72 -22.92 61.85
CA PRO H 387 17.14 -21.65 62.45
C PRO H 387 16.73 -21.56 63.92
N SER H 388 17.62 -21.00 64.72
CA SER H 388 17.39 -20.85 66.15
C SER H 388 17.20 -19.39 66.51
N GLU H 389 16.39 -19.14 67.54
CA GLU H 389 16.11 -17.79 68.01
C GLU H 389 16.50 -17.64 69.47
N ASN H 390 15.91 -16.64 70.14
CA ASN H 390 16.19 -16.38 71.55
C ASN H 390 15.10 -17.02 72.39
N GLY H 391 15.48 -17.99 73.22
CA GLY H 391 14.56 -18.68 74.09
C GLY H 391 14.43 -20.15 73.72
N THR H 392 13.22 -20.67 73.92
CA THR H 392 12.90 -22.06 73.63
C THR H 392 11.82 -22.09 72.55
N LYS H 393 12.20 -22.49 71.34
CA LYS H 393 11.29 -22.56 70.21
C LYS H 393 11.38 -23.93 69.57
N ASP H 394 10.24 -24.47 69.14
CA ASP H 394 10.18 -25.77 68.50
C ASP H 394 10.34 -25.61 66.99
N GLN H 395 11.13 -26.48 66.38
CA GLN H 395 11.39 -26.44 64.95
C GLN H 395 11.32 -27.85 64.39
N CYS H 396 10.53 -28.03 63.33
CA CYS H 396 10.38 -29.31 62.67
C CYS H 396 10.52 -29.11 61.16
N GLN H 397 10.89 -30.19 60.48
CA GLN H 397 11.08 -30.15 59.03
C GLN H 397 10.67 -31.49 58.45
N ILE H 398 11.07 -31.75 57.21
CA ILE H 398 10.75 -33.00 56.51
C ILE H 398 12.06 -33.70 56.20
N LEU H 399 12.19 -34.95 56.64
CA LEU H 399 13.38 -35.75 56.41
C LEU H 399 13.02 -36.96 55.55
N HIS H 400 14.04 -37.60 55.02
CA HIS H 400 13.88 -38.78 54.16
C HIS H 400 14.47 -39.99 54.85
N PHE H 401 13.74 -41.11 54.82
CA PHE H 401 14.19 -42.35 55.42
C PHE H 401 13.76 -43.52 54.55
N THR H 402 14.41 -44.67 54.75
CA THR H 402 14.11 -45.87 54.00
C THR H 402 13.69 -47.05 54.87
N VAL H 403 13.78 -46.94 56.20
CA VAL H 403 13.41 -48.03 57.09
C VAL H 403 12.24 -47.57 57.97
N PRO H 404 11.35 -48.48 58.38
CA PRO H 404 10.23 -48.05 59.24
C PRO H 404 10.67 -47.70 60.65
N GLU H 405 11.61 -48.45 61.21
CA GLU H 405 12.11 -48.19 62.56
C GLU H 405 13.28 -47.23 62.47
N VAL H 406 13.01 -45.94 62.69
CA VAL H 406 14.02 -44.91 62.61
C VAL H 406 14.68 -44.77 63.98
N GLU H 407 16.01 -44.94 64.01
CA GLU H 407 16.76 -44.79 65.26
C GLU H 407 18.21 -44.52 64.89
N GLU H 408 18.59 -43.24 64.90
CA GLU H 408 19.93 -42.83 64.50
C GLU H 408 20.41 -41.71 65.41
N GLU H 409 21.71 -41.74 65.71
CA GLU H 409 22.35 -40.73 66.55
C GLU H 409 22.88 -39.62 65.66
N PHE H 410 22.45 -38.38 65.93
CA PHE H 410 22.84 -37.21 65.15
C PHE H 410 23.82 -36.36 65.95
N MET H 411 24.33 -35.31 65.29
CA MET H 411 25.29 -34.38 65.88
C MET H 411 24.84 -32.97 65.51
N TYR H 412 24.25 -32.26 66.48
CA TYR H 412 23.77 -30.90 66.26
C TYR H 412 24.78 -29.90 66.80
N SER H 413 24.84 -28.75 66.14
CA SER H 413 25.75 -27.68 66.53
C SER H 413 25.24 -26.36 66.02
N CYS H 414 25.70 -25.28 66.65
CA CYS H 414 25.29 -23.94 66.25
C CYS H 414 26.43 -22.94 66.16
N ASP H 415 27.60 -23.22 66.76
CA ASP H 415 28.72 -22.29 66.70
C ASP H 415 30.07 -22.98 66.60
N GLY H 416 30.12 -24.31 66.55
CA GLY H 416 31.36 -25.03 66.45
C GLY H 416 31.51 -26.15 67.45
N ASP H 417 30.51 -26.31 68.32
CA ASP H 417 30.50 -27.34 69.35
C ASP H 417 29.39 -28.33 69.02
N GLU H 418 29.77 -29.54 68.61
CA GLU H 418 28.82 -30.56 68.25
C GLU H 418 28.41 -31.38 69.48
N ARG H 419 27.15 -31.80 69.50
CA ARG H 419 26.59 -32.59 70.58
C ARG H 419 25.72 -33.69 70.01
N PRO H 420 25.69 -34.86 70.65
CA PRO H 420 24.88 -35.96 70.14
C PRO H 420 23.39 -35.74 70.39
N LEU H 421 22.58 -36.42 69.57
CA LEU H 421 21.13 -36.32 69.67
C LEU H 421 20.53 -37.57 69.01
N LEU H 422 20.22 -38.57 69.83
CA LEU H 422 19.65 -39.81 69.33
C LEU H 422 18.17 -39.61 69.05
N VAL H 423 17.74 -39.89 67.82
CA VAL H 423 16.36 -39.75 67.43
C VAL H 423 15.82 -41.13 67.03
N LYS H 424 14.51 -41.30 67.23
CA LYS H 424 13.85 -42.56 66.93
C LYS H 424 12.40 -42.27 66.56
N GLY H 425 11.67 -43.31 66.22
CA GLY H 425 10.27 -43.20 65.84
C GLY H 425 9.90 -44.25 64.81
N THR H 426 8.60 -44.52 64.73
CA THR H 426 8.06 -45.49 63.79
C THR H 426 7.27 -44.78 62.71
N LEU H 427 7.60 -45.06 61.45
CA LEU H 427 6.95 -44.46 60.31
C LEU H 427 6.04 -45.47 59.62
N ILE H 428 5.29 -44.99 58.64
CA ILE H 428 4.38 -45.83 57.87
C ILE H 428 4.85 -45.87 56.42
N ALA H 429 4.44 -46.93 55.72
CA ALA H 429 4.84 -47.14 54.34
C ALA H 429 3.93 -46.34 53.42
N ILE H 430 4.45 -45.25 52.86
CA ILE H 430 3.71 -44.40 51.95
C ILE H 430 4.52 -44.26 50.67
N ASP H 431 3.95 -44.70 49.55
CA ASP H 431 4.63 -44.62 48.27
C ASP H 431 4.59 -43.21 47.71
N GLU I 1 -10.52 20.84 -34.58
CA GLU I 1 -10.64 22.06 -33.79
C GLU I 1 -10.35 23.29 -34.63
N ASP I 2 -11.05 24.38 -34.33
CA ASP I 2 -10.89 25.64 -35.06
C ASP I 2 -11.19 26.82 -34.14
N PRO I 3 -10.19 27.63 -33.80
CA PRO I 3 -10.45 28.79 -32.93
C PRO I 3 -11.20 29.91 -33.64
N HIS I 4 -11.32 29.87 -34.97
CA HIS I 4 -12.03 30.91 -35.70
C HIS I 4 -13.53 30.78 -35.48
N LEU I 5 -14.04 31.46 -34.45
CA LEU I 5 -15.47 31.43 -34.14
C LEU I 5 -16.09 32.80 -33.93
N ARG I 6 -15.31 33.87 -34.00
CA ARG I 6 -15.88 35.21 -33.80
C ARG I 6 -16.66 35.69 -35.02
N ASN I 7 -16.43 35.11 -36.19
CA ASN I 7 -17.14 35.48 -37.40
C ASN I 7 -18.54 34.91 -37.34
N ARG I 8 -19.51 35.73 -36.94
CA ARG I 8 -20.89 35.27 -36.84
C ARG I 8 -21.53 35.19 -38.22
N PRO I 9 -22.16 34.08 -38.56
CA PRO I 9 -22.79 33.96 -39.88
C PRO I 9 -24.05 34.82 -39.98
N GLY I 10 -24.38 35.19 -41.21
CA GLY I 10 -25.55 36.02 -41.46
C GLY I 10 -25.30 37.50 -41.25
N LYS I 11 -26.22 38.16 -40.54
CA LYS I 11 -26.06 39.59 -40.29
C LYS I 11 -25.02 39.85 -39.21
N GLY I 12 -25.16 39.18 -38.07
CA GLY I 12 -24.22 39.36 -36.97
C GLY I 12 -24.54 40.57 -36.11
N HIS I 13 -25.76 40.64 -35.61
CA HIS I 13 -26.22 41.74 -34.76
C HIS I 13 -26.52 41.21 -33.37
N ASN I 14 -25.97 41.87 -32.35
CA ASN I 14 -26.15 41.47 -30.96
C ASN I 14 -26.49 42.71 -30.12
N TYR I 15 -27.56 43.41 -30.52
CA TYR I 15 -28.04 44.57 -29.78
C TYR I 15 -29.53 44.41 -29.54
N ILE I 16 -29.98 44.90 -28.39
CA ILE I 16 -31.38 44.76 -28.01
C ILE I 16 -32.24 45.69 -28.86
N ASP I 17 -33.50 45.30 -29.07
CA ASP I 17 -34.43 46.10 -29.86
C ASP I 17 -35.23 47.02 -28.94
N GLY I 18 -34.50 47.99 -28.37
CA GLY I 18 -35.09 48.95 -27.46
C GLY I 18 -34.08 49.94 -26.94
N MET I 19 -32.80 49.52 -26.89
CA MET I 19 -31.70 50.38 -26.45
C MET I 19 -30.51 50.06 -27.35
N THR I 20 -30.49 50.66 -28.53
CA THR I 20 -29.46 50.43 -29.53
C THR I 20 -28.28 51.38 -29.36
N GLN I 21 -27.87 51.61 -28.12
CA GLN I 21 -26.75 52.50 -27.83
C GLN I 21 -25.42 51.89 -28.25
N GLU I 22 -25.36 50.59 -28.47
CA GLU I 22 -24.13 49.90 -28.87
C GLU I 22 -24.12 49.59 -30.37
N ASP I 23 -24.87 50.37 -31.16
CA ASP I 23 -24.92 50.13 -32.60
C ASP I 23 -23.62 50.48 -33.30
N ALA I 24 -22.73 51.26 -32.68
CA ALA I 24 -21.47 51.61 -33.32
C ALA I 24 -20.54 50.41 -33.38
N THR I 25 -20.39 49.69 -32.27
CA THR I 25 -19.52 48.52 -32.19
C THR I 25 -20.34 47.26 -31.96
N CYS I 26 -21.17 46.89 -32.93
CA CYS I 26 -22.01 45.69 -32.81
C CYS I 26 -22.80 45.46 -34.09
N LYS I 27 -22.54 46.28 -35.12
CA LYS I 27 -23.23 46.17 -36.40
C LYS I 27 -22.21 46.29 -37.52
N PRO I 28 -21.60 45.17 -37.94
CA PRO I 28 -21.82 43.84 -37.35
C PRO I 28 -20.91 43.57 -36.17
N VAL I 29 -20.84 42.31 -35.74
CA VAL I 29 -19.99 41.89 -34.63
C VAL I 29 -18.73 41.26 -35.24
N THR I 30 -17.60 41.98 -35.14
CA THR I 30 -16.35 41.50 -35.70
C THR I 30 -15.22 41.60 -34.67
N TYR I 31 -13.97 41.51 -35.15
CA TYR I 31 -12.84 41.59 -34.24
C TYR I 31 -12.70 42.98 -33.64
N ALA I 32 -13.06 44.02 -34.40
CA ALA I 32 -12.97 45.39 -33.92
C ALA I 32 -14.27 45.75 -33.19
N GLY I 33 -14.17 46.01 -31.90
CA GLY I 33 -15.33 46.36 -31.12
C GLY I 33 -15.57 45.42 -29.95
N ALA I 34 -16.10 45.95 -28.85
CA ALA I 34 -16.39 45.17 -27.65
C ALA I 34 -17.89 45.19 -27.41
N CYS I 35 -18.55 44.07 -27.67
CA CYS I 35 -19.99 43.93 -27.47
C CYS I 35 -20.25 43.33 -26.09
N SER I 36 -21.07 44.02 -25.30
CA SER I 36 -21.38 43.54 -23.95
C SER I 36 -22.31 42.33 -23.99
N SER I 37 -23.08 42.16 -25.05
CA SER I 37 -24.00 41.03 -25.19
C SER I 37 -23.40 39.89 -26.00
N PHE I 38 -22.07 39.77 -26.04
CA PHE I 38 -21.43 38.70 -26.79
C PHE I 38 -20.19 38.19 -26.05
N ASP I 39 -19.59 39.06 -25.24
CA ASP I 39 -18.40 38.64 -24.49
C ASP I 39 -18.76 37.67 -23.38
N VAL I 40 -19.85 37.94 -22.65
CA VAL I 40 -20.27 37.07 -21.56
C VAL I 40 -20.65 35.69 -22.06
N LEU I 41 -21.01 35.57 -23.34
CA LEU I 41 -21.30 34.27 -23.93
C LEU I 41 -20.05 33.45 -24.20
N LEU I 42 -18.87 34.07 -24.19
CA LEU I 42 -17.61 33.36 -24.43
C LEU I 42 -16.84 33.11 -23.14
N GLU I 43 -17.43 33.39 -21.98
CA GLU I 43 -16.75 33.18 -20.71
C GLU I 43 -16.73 31.70 -20.38
N LYS I 44 -15.57 31.22 -19.91
CA LYS I 44 -15.43 29.81 -19.55
C LYS I 44 -16.09 29.55 -18.21
N GLY I 45 -17.15 28.74 -18.21
CA GLY I 45 -17.88 28.41 -17.00
C GLY I 45 -19.26 29.03 -16.88
N LYS I 46 -19.76 29.69 -17.92
CA LYS I 46 -21.08 30.31 -17.86
C LYS I 46 -22.06 29.55 -18.74
N PHE I 47 -21.97 29.75 -20.06
CA PHE I 47 -22.83 29.11 -21.05
C PHE I 47 -21.97 28.25 -21.96
N PRO I 48 -21.64 27.03 -21.56
CA PRO I 48 -20.81 26.17 -22.41
C PRO I 48 -21.51 25.71 -23.68
N LEU I 49 -22.85 25.73 -23.72
CA LEU I 49 -23.57 25.30 -24.91
C LEU I 49 -23.28 26.23 -26.09
N PHE I 50 -23.15 27.53 -25.82
CA PHE I 50 -22.75 28.46 -26.87
C PHE I 50 -21.32 28.23 -27.31
N GLN I 51 -20.45 27.80 -26.39
CA GLN I 51 -19.07 27.48 -26.76
C GLN I 51 -19.01 26.23 -27.63
N SER I 52 -19.90 25.27 -27.40
CA SER I 52 -19.94 24.07 -28.24
C SER I 52 -20.59 24.34 -29.58
N TYR I 53 -21.62 25.19 -29.61
CA TYR I 53 -22.32 25.55 -30.84
C TYR I 53 -22.09 27.03 -31.14
N ALA I 54 -20.84 27.35 -31.50
CA ALA I 54 -20.47 28.74 -31.79
C ALA I 54 -20.80 29.15 -33.21
N HIS I 55 -21.06 28.22 -34.11
CA HIS I 55 -21.39 28.51 -35.50
C HIS I 55 -22.89 28.39 -35.75
N HIS I 56 -23.69 29.04 -34.93
CA HIS I 56 -25.14 29.02 -35.06
C HIS I 56 -25.66 30.43 -34.80
N ARG I 57 -26.94 30.54 -34.46
CA ARG I 57 -27.57 31.82 -34.18
C ARG I 57 -28.07 31.84 -32.74
N THR I 58 -28.04 33.03 -32.14
CA THR I 58 -28.52 33.21 -30.77
C THR I 58 -29.97 33.67 -30.77
N LEU I 59 -30.29 34.62 -29.89
CA LEU I 59 -31.64 35.16 -29.81
C LEU I 59 -31.78 36.42 -30.68
N LEU I 60 -30.93 37.42 -30.42
CA LEU I 60 -30.99 38.65 -31.21
C LEU I 60 -30.64 38.39 -32.67
N GLU I 61 -29.68 37.51 -32.92
CA GLU I 61 -29.34 37.15 -34.29
C GLU I 61 -30.51 36.48 -34.98
N ALA I 62 -31.29 35.67 -34.24
CA ALA I 62 -32.49 35.08 -34.81
C ALA I 62 -33.57 36.11 -35.05
N VAL I 63 -33.63 37.16 -34.21
CA VAL I 63 -34.61 38.22 -34.41
C VAL I 63 -34.27 39.02 -35.67
N HIS I 64 -32.99 39.32 -35.87
CA HIS I 64 -32.55 40.08 -37.04
C HIS I 64 -32.42 39.22 -38.30
N ASP I 65 -32.90 37.97 -38.26
CA ASP I 65 -32.87 37.09 -39.43
C ASP I 65 -34.25 36.54 -39.77
N THR I 66 -35.32 37.22 -39.33
CA THR I 66 -36.70 36.82 -39.59
C THR I 66 -36.95 35.38 -39.13
N ILE I 67 -36.67 35.14 -37.85
CA ILE I 67 -36.89 33.82 -37.25
C ILE I 67 -37.73 33.98 -35.99
N ILE I 68 -37.34 34.90 -35.12
CA ILE I 68 -38.04 35.18 -33.87
C ILE I 68 -38.65 36.57 -33.97
N ALA I 69 -39.95 36.67 -33.71
CA ALA I 69 -40.65 37.95 -33.78
C ALA I 69 -40.39 38.76 -32.52
N LYS I 70 -40.92 39.97 -32.50
CA LYS I 70 -40.77 40.88 -31.37
C LYS I 70 -41.98 40.79 -30.46
N ALA I 71 -41.73 40.82 -29.15
CA ALA I 71 -42.79 40.72 -28.17
C ALA I 71 -43.53 42.06 -28.06
N ASP I 72 -44.57 42.08 -27.23
CA ASP I 72 -45.38 43.29 -27.01
C ASP I 72 -45.66 43.42 -25.53
N PRO I 73 -44.98 44.35 -24.84
CA PRO I 73 -43.96 45.23 -25.40
C PRO I 73 -42.59 44.56 -25.49
N PRO I 74 -41.78 44.97 -26.48
CA PRO I 74 -40.45 44.37 -26.61
C PRO I 74 -39.49 44.79 -25.50
N SER I 75 -39.66 45.98 -24.94
CA SER I 75 -38.82 46.50 -23.85
C SER I 75 -39.74 46.87 -22.68
N CYS I 76 -40.11 45.87 -21.89
CA CYS I 76 -41.00 46.10 -20.75
C CYS I 76 -40.22 46.80 -19.64
N ASP I 77 -40.62 48.03 -19.32
CA ASP I 77 -39.96 48.79 -18.26
C ASP I 77 -40.32 48.21 -16.90
N LEU I 78 -39.34 48.19 -16.00
CA LEU I 78 -39.58 47.66 -14.66
C LEU I 78 -40.45 48.59 -13.83
N GLN I 79 -40.36 49.90 -14.08
CA GLN I 79 -41.16 50.88 -13.33
C GLN I 79 -42.49 51.14 -14.05
N SER I 80 -43.28 50.08 -14.18
CA SER I 80 -44.57 50.14 -14.84
C SER I 80 -45.66 50.41 -13.80
N ALA I 81 -46.91 50.12 -14.17
CA ALA I 81 -48.05 50.34 -13.29
C ALA I 81 -48.61 48.99 -12.87
N HIS I 82 -48.59 48.73 -11.56
CA HIS I 82 -49.08 47.47 -11.00
C HIS I 82 -48.38 46.25 -11.61
N GLY I 83 -47.08 46.40 -11.87
CA GLY I 83 -46.30 45.31 -12.42
C GLY I 83 -46.35 45.25 -13.94
N ASN I 84 -45.18 45.16 -14.57
CA ASN I 84 -45.11 45.05 -16.01
C ASN I 84 -45.59 43.66 -16.46
N PRO I 85 -46.00 43.54 -17.72
CA PRO I 85 -46.43 42.21 -18.22
C PRO I 85 -45.35 41.15 -18.14
N CYS I 86 -44.08 41.54 -18.07
CA CYS I 86 -42.97 40.58 -17.95
C CYS I 86 -42.50 40.47 -16.51
N MET I 87 -43.44 40.26 -15.59
CA MET I 87 -43.14 40.15 -14.16
C MET I 87 -43.15 38.71 -13.67
N LYS I 88 -44.24 37.97 -13.94
CA LYS I 88 -44.32 36.58 -13.51
C LYS I 88 -43.29 35.71 -14.24
N GLU I 89 -42.96 36.05 -15.49
CA GLU I 89 -41.96 35.29 -16.22
C GLU I 89 -40.55 35.56 -15.70
N LYS I 90 -40.34 36.67 -15.00
CA LYS I 90 -39.03 37.00 -14.45
C LYS I 90 -38.86 36.57 -13.00
N LEU I 91 -39.93 36.63 -12.19
CA LEU I 91 -39.83 36.23 -10.80
C LEU I 91 -39.56 34.74 -10.65
N VAL I 92 -40.09 33.92 -11.57
CA VAL I 92 -39.89 32.48 -11.49
C VAL I 92 -38.53 32.05 -12.03
N MET I 93 -37.82 32.93 -12.72
CA MET I 93 -36.51 32.62 -13.29
C MET I 93 -35.43 33.08 -12.31
N LYS I 94 -34.56 32.17 -11.91
CA LYS I 94 -33.47 32.46 -10.97
C LYS I 94 -32.16 32.49 -11.75
N THR I 95 -31.65 33.69 -11.98
CA THR I 95 -30.39 33.89 -12.70
C THR I 95 -29.39 34.59 -11.78
N HIS I 96 -28.28 35.06 -12.37
CA HIS I 96 -27.23 35.77 -11.65
C HIS I 96 -26.71 36.88 -12.55
N CYS I 97 -27.43 37.99 -12.58
CA CYS I 97 -27.05 39.12 -13.41
C CYS I 97 -25.95 39.90 -12.72
N PRO I 98 -24.78 40.07 -13.33
CA PRO I 98 -23.70 40.82 -12.69
C PRO I 98 -23.95 42.32 -12.69
N ASN I 99 -23.04 43.08 -12.11
CA ASN I 99 -23.18 44.53 -12.05
C ASN I 99 -22.83 45.14 -13.41
N ASP I 100 -22.99 46.47 -13.49
CA ASP I 100 -22.71 47.23 -14.71
C ASP I 100 -23.56 46.75 -15.88
N TYR I 101 -24.86 46.60 -15.63
CA TYR I 101 -25.81 46.23 -16.66
C TYR I 101 -27.16 46.85 -16.34
N GLN I 102 -27.92 47.18 -17.39
CA GLN I 102 -29.22 47.80 -17.24
C GLN I 102 -30.35 46.99 -17.87
N SER I 103 -30.11 46.39 -19.04
CA SER I 103 -31.12 45.61 -19.72
C SER I 103 -30.87 44.12 -19.54
N ALA I 104 -31.93 43.33 -19.70
CA ALA I 104 -31.84 41.88 -19.55
C ALA I 104 -32.90 41.26 -20.45
N HIS I 105 -32.46 40.59 -21.51
CA HIS I 105 -33.35 39.94 -22.47
C HIS I 105 -33.53 38.47 -22.12
N TYR I 106 -34.72 37.96 -22.39
CA TYR I 106 -35.05 36.56 -22.12
C TYR I 106 -36.13 36.12 -23.11
N LEU I 107 -36.65 34.92 -22.91
CA LEU I 107 -37.67 34.34 -23.77
C LEU I 107 -38.98 34.25 -23.00
N ASN I 108 -40.07 34.67 -23.63
CA ASN I 108 -41.39 34.66 -23.01
C ASN I 108 -42.06 33.32 -23.26
N ASN I 109 -43.34 33.22 -22.88
CA ASN I 109 -44.07 31.97 -23.09
C ASN I 109 -44.50 31.82 -24.55
N ASP I 110 -44.78 32.93 -25.24
CA ASP I 110 -45.21 32.88 -26.63
C ASP I 110 -44.07 32.56 -27.58
N GLY I 111 -42.82 32.54 -27.11
CA GLY I 111 -41.69 32.26 -27.97
C GLY I 111 -41.10 33.47 -28.66
N LYS I 112 -41.33 34.66 -28.13
CA LYS I 112 -40.82 35.90 -28.70
C LYS I 112 -39.70 36.46 -27.84
N MET I 113 -38.96 37.40 -28.41
CA MET I 113 -37.82 38.02 -27.73
C MET I 113 -38.33 39.06 -26.73
N ALA I 114 -38.12 38.81 -25.44
CA ALA I 114 -38.50 39.72 -24.38
C ALA I 114 -37.27 40.39 -23.80
N SER I 115 -37.49 41.50 -23.09
CA SER I 115 -36.40 42.25 -22.49
C SER I 115 -36.97 43.17 -21.42
N VAL I 116 -36.19 43.38 -20.36
CA VAL I 116 -36.56 44.28 -19.27
C VAL I 116 -35.45 45.29 -19.08
N LYS I 117 -35.82 46.48 -18.64
CA LYS I 117 -34.87 47.57 -18.42
C LYS I 117 -35.50 48.58 -17.47
N CYS I 118 -34.74 49.63 -17.18
CA CYS I 118 -35.17 50.70 -16.29
C CYS I 118 -34.79 52.04 -16.91
N PRO I 119 -35.48 53.12 -16.53
CA PRO I 119 -35.14 54.43 -17.09
C PRO I 119 -33.75 54.86 -16.63
N PRO I 120 -33.05 55.64 -17.44
CA PRO I 120 -31.72 56.12 -17.04
C PRO I 120 -31.81 57.14 -15.92
N LYS I 121 -30.87 57.07 -14.98
CA LYS I 121 -29.80 56.07 -15.02
C LYS I 121 -29.95 55.06 -13.89
N TYR I 122 -30.48 53.88 -14.22
CA TYR I 122 -30.70 52.81 -13.25
C TYR I 122 -29.81 51.62 -13.60
N GLU I 123 -29.67 50.72 -12.63
CA GLU I 123 -28.87 49.52 -12.78
C GLU I 123 -29.59 48.33 -12.18
N LEU I 124 -29.44 47.17 -12.81
CA LEU I 124 -30.08 45.96 -12.31
C LEU I 124 -29.42 45.51 -11.00
N THR I 125 -30.13 44.65 -10.28
CA THR I 125 -29.65 44.12 -9.01
C THR I 125 -28.79 42.89 -9.26
N GLU I 126 -28.53 42.10 -8.22
CA GLU I 126 -27.71 40.90 -8.38
C GLU I 126 -28.45 39.78 -9.10
N ASP I 127 -29.78 39.81 -9.13
CA ASP I 127 -30.57 38.80 -9.81
C ASP I 127 -31.27 39.32 -11.06
N CYS I 128 -31.36 40.62 -11.25
CA CYS I 128 -31.99 41.27 -12.41
C CYS I 128 -33.50 41.40 -12.27
N ASN I 129 -34.08 41.02 -11.12
CA ASN I 129 -35.52 41.13 -10.96
C ASN I 129 -35.95 42.58 -10.80
N PHE I 130 -35.25 43.33 -9.94
CA PHE I 130 -35.55 44.73 -9.69
C PHE I 130 -34.42 45.60 -10.23
N CYS I 131 -34.59 46.91 -10.08
CA CYS I 131 -33.61 47.88 -10.53
C CYS I 131 -33.48 48.99 -9.49
N ARG I 132 -32.24 49.43 -9.26
CA ARG I 132 -31.94 50.48 -8.30
C ARG I 132 -31.30 51.66 -9.01
N GLN I 133 -31.12 52.74 -8.25
CA GLN I 133 -30.52 53.96 -8.77
C GLN I 133 -29.01 53.92 -8.58
N MET I 134 -28.28 54.30 -9.62
CA MET I 134 -26.81 54.32 -9.57
C MET I 134 -26.26 55.60 -10.17
N ALA I 137 -19.84 52.25 -11.74
CA ALA I 137 -19.63 53.56 -12.35
C ALA I 137 -20.26 53.62 -13.74
N SER I 138 -19.53 53.12 -14.74
CA SER I 138 -20.00 53.11 -16.11
C SER I 138 -20.85 51.88 -16.37
N LEU I 139 -21.95 52.06 -17.10
CA LEU I 139 -22.86 50.99 -17.44
C LEU I 139 -22.67 50.58 -18.90
N LYS I 140 -22.92 49.31 -19.18
CA LYS I 140 -22.81 48.80 -20.54
C LYS I 140 -23.99 49.26 -21.38
N LYS I 141 -23.73 49.45 -22.68
CA LYS I 141 -24.74 49.90 -23.62
C LYS I 141 -25.50 48.75 -24.27
N GLY I 142 -25.56 47.59 -23.61
CA GLY I 142 -26.26 46.45 -24.16
C GLY I 142 -27.12 45.73 -23.14
N SER I 143 -27.29 44.43 -23.32
CA SER I 143 -28.10 43.59 -22.45
C SER I 143 -27.24 42.46 -21.89
N TYR I 144 -27.90 41.47 -21.29
CA TYR I 144 -27.22 40.33 -20.71
C TYR I 144 -28.12 39.11 -20.81
N PRO I 145 -27.66 38.02 -21.43
CA PRO I 145 -28.49 36.81 -21.53
C PRO I 145 -28.75 36.21 -20.15
N LEU I 146 -30.03 36.02 -19.82
CA LEU I 146 -30.38 35.47 -18.52
C LEU I 146 -30.23 33.95 -18.51
N GLN I 147 -30.84 33.27 -19.47
CA GLN I 147 -30.78 31.82 -19.59
C GLN I 147 -29.94 31.43 -20.80
N ASP I 148 -29.88 30.13 -21.06
CA ASP I 148 -29.11 29.59 -22.17
C ASP I 148 -30.05 29.14 -23.28
N LEU I 149 -29.71 29.49 -24.51
CA LEU I 149 -30.54 29.14 -25.66
C LEU I 149 -29.74 29.39 -26.94
N PHE I 150 -30.17 28.71 -28.01
CA PHE I 150 -29.60 28.92 -29.33
C PHE I 150 -30.63 28.50 -30.36
N CYS I 151 -30.45 28.97 -31.59
CA CYS I 151 -31.36 28.67 -32.69
C CYS I 151 -30.56 28.61 -33.98
N GLN I 152 -31.28 28.46 -35.09
CA GLN I 152 -30.66 28.37 -36.41
C GLN I 152 -31.73 28.72 -37.45
N SER I 153 -31.32 28.70 -38.72
CA SER I 153 -32.20 29.03 -39.83
C SER I 153 -32.99 27.79 -40.23
N SER I 154 -34.30 27.82 -40.01
CA SER I 154 -35.16 26.69 -40.36
C SER I 154 -36.60 27.18 -40.45
N GLU I 155 -37.43 26.36 -41.10
CA GLU I 155 -38.85 26.66 -41.26
C GLU I 155 -39.71 25.43 -40.97
N ASP I 156 -39.25 24.56 -40.07
CA ASP I 156 -40.01 23.35 -39.76
C ASP I 156 -41.17 23.68 -38.84
N ASP I 157 -42.35 23.20 -39.18
CA ASP I 157 -43.54 23.45 -38.39
C ASP I 157 -43.57 22.53 -37.16
N GLY I 158 -44.17 23.03 -36.08
CA GLY I 158 -44.27 22.28 -34.86
C GLY I 158 -45.18 22.93 -33.83
N SER I 159 -46.34 23.41 -34.27
CA SER I 159 -47.29 24.05 -33.36
C SER I 159 -48.22 23.07 -32.67
N LYS I 160 -48.23 21.80 -33.09
CA LYS I 160 -49.08 20.79 -32.48
C LYS I 160 -48.40 20.06 -31.32
N LEU I 161 -47.20 20.48 -30.94
CA LEU I 161 -46.46 19.86 -29.84
C LEU I 161 -46.37 20.83 -28.68
N LYS I 162 -46.73 20.36 -27.49
CA LYS I 162 -46.69 21.19 -26.30
C LYS I 162 -45.87 20.53 -25.19
N THR I 163 -45.99 21.03 -23.97
CA THR I 163 -45.23 20.48 -22.85
C THR I 163 -45.75 19.10 -22.49
N LYS I 164 -44.86 18.12 -22.49
CA LYS I 164 -45.18 16.73 -22.17
C LYS I 164 -44.31 16.28 -21.01
N MET I 165 -44.61 16.78 -19.81
CA MET I 165 -43.87 16.44 -18.60
C MET I 165 -44.77 15.65 -17.66
N LYS I 166 -44.19 14.66 -16.99
CA LYS I 166 -44.90 13.82 -16.05
C LYS I 166 -44.47 14.13 -14.62
N GLY I 167 -45.41 13.97 -13.69
CA GLY I 167 -45.11 14.23 -12.29
C GLY I 167 -44.87 15.68 -11.95
N VAL I 168 -45.26 16.61 -12.81
CA VAL I 168 -45.06 18.04 -12.59
C VAL I 168 -46.42 18.71 -12.68
N CYS I 169 -46.78 19.46 -11.65
CA CYS I 169 -48.06 20.16 -11.63
C CYS I 169 -47.96 21.50 -12.37
N GLU I 170 -46.92 22.28 -12.09
CA GLU I 170 -46.74 23.56 -12.75
C GLU I 170 -45.26 23.90 -12.77
N VAL I 171 -44.70 24.10 -13.96
CA VAL I 171 -43.31 24.45 -14.14
C VAL I 171 -43.22 25.76 -14.91
N GLY I 172 -42.32 26.64 -14.48
CA GLY I 172 -42.15 27.93 -15.12
C GLY I 172 -43.37 28.83 -14.98
N VAL I 173 -44.02 29.11 -16.10
CA VAL I 173 -45.23 29.94 -16.12
C VAL I 173 -46.41 29.23 -16.75
N GLN I 174 -46.23 28.00 -17.24
CA GLN I 174 -47.31 27.26 -17.86
C GLN I 174 -48.00 26.36 -16.83
N ALA I 175 -49.33 26.35 -16.88
CA ALA I 175 -50.15 25.55 -15.96
C ALA I 175 -50.68 24.34 -16.73
N LEU I 176 -50.05 23.19 -16.52
CA LEU I 176 -50.45 21.96 -17.20
C LEU I 176 -51.75 21.42 -16.62
N LYS I 177 -51.66 20.67 -15.52
CA LYS I 177 -52.81 20.10 -14.85
C LYS I 177 -52.91 20.65 -13.43
N LYS I 178 -54.12 20.57 -12.88
CA LYS I 178 -54.37 21.05 -11.54
C LYS I 178 -53.91 20.04 -10.50
N CYS I 179 -53.26 20.53 -9.45
CA CYS I 179 -52.75 19.68 -8.37
C CYS I 179 -53.14 20.32 -7.05
N ASP I 180 -54.02 19.67 -6.30
CA ASP I 180 -54.49 20.16 -5.01
C ASP I 180 -53.77 19.50 -3.84
N GLY I 181 -52.74 18.72 -4.10
CA GLY I 181 -51.98 18.05 -3.06
C GLY I 181 -50.71 18.79 -2.69
N GLN I 182 -49.78 18.05 -2.11
CA GLN I 182 -48.49 18.61 -1.71
C GLN I 182 -47.62 18.80 -2.93
N LEU I 183 -47.47 20.05 -3.37
CA LEU I 183 -46.67 20.39 -4.55
C LEU I 183 -45.29 20.86 -4.09
N SER I 184 -44.25 20.15 -4.50
CA SER I 184 -42.89 20.51 -4.15
C SER I 184 -42.40 21.66 -5.02
N THR I 185 -41.91 22.72 -4.38
CA THR I 185 -41.41 23.90 -5.06
C THR I 185 -39.90 23.95 -4.94
N ALA I 186 -39.21 23.95 -6.08
CA ALA I 186 -37.75 23.98 -6.10
C ALA I 186 -37.29 24.55 -7.43
N HIS I 187 -36.33 25.47 -7.39
CA HIS I 187 -35.75 26.05 -8.59
C HIS I 187 -34.84 25.02 -9.24
N GLU I 188 -35.18 24.58 -10.45
CA GLU I 188 -34.41 23.58 -11.17
C GLU I 188 -34.06 24.09 -12.56
N VAL I 189 -33.10 23.41 -13.19
CA VAL I 189 -32.64 23.73 -14.53
C VAL I 189 -33.44 22.89 -15.51
N VAL I 190 -34.37 23.51 -16.21
CA VAL I 190 -35.27 22.85 -17.16
C VAL I 190 -34.94 23.35 -18.56
N PRO I 191 -34.79 22.47 -19.54
CA PRO I 191 -34.54 22.91 -20.92
C PRO I 191 -35.83 23.40 -21.57
N PHE I 192 -35.67 23.89 -22.80
CA PHE I 192 -36.80 24.38 -23.58
C PHE I 192 -36.38 24.43 -25.04
N ALA I 193 -37.33 24.13 -25.94
CA ALA I 193 -37.08 24.11 -27.37
C ALA I 193 -38.31 24.67 -28.08
N VAL I 194 -38.24 25.94 -28.47
CA VAL I 194 -39.32 26.60 -29.19
C VAL I 194 -39.13 26.36 -30.68
N PHE I 195 -40.20 25.93 -31.34
CA PHE I 195 -40.16 25.65 -32.78
C PHE I 195 -40.55 26.89 -33.58
N LYS I 196 -41.40 26.72 -34.58
CA LYS I 196 -41.86 27.81 -35.43
C LYS I 196 -43.34 28.07 -35.13
N ASN I 197 -43.63 29.27 -34.64
CA ASN I 197 -45.00 29.68 -34.32
C ASN I 197 -45.65 28.73 -33.32
N SER I 198 -44.93 28.46 -32.23
CA SER I 198 -45.42 27.56 -31.19
C SER I 198 -45.09 28.14 -29.83
N LYS I 199 -45.69 27.56 -28.80
CA LYS I 199 -45.47 28.02 -27.43
C LYS I 199 -44.12 27.51 -26.91
N LYS I 200 -43.72 28.05 -25.76
CA LYS I 200 -42.48 27.64 -25.12
C LYS I 200 -42.68 26.25 -24.52
N VAL I 201 -42.20 25.23 -25.22
CA VAL I 201 -42.39 23.85 -24.82
C VAL I 201 -41.30 23.44 -23.84
N TYR I 202 -41.71 22.91 -22.69
CA TYR I 202 -40.78 22.38 -21.70
C TYR I 202 -40.56 20.90 -21.93
N LEU I 203 -39.32 20.46 -21.73
CA LEU I 203 -38.95 19.07 -21.92
C LEU I 203 -38.09 18.60 -20.75
N ASP I 204 -37.92 17.29 -20.65
CA ASP I 204 -37.11 16.69 -19.61
C ASP I 204 -35.70 16.38 -20.09
N LYS I 205 -35.58 15.74 -21.26
CA LYS I 205 -34.29 15.41 -21.84
C LYS I 205 -34.32 15.74 -23.33
N LEU I 206 -33.14 16.04 -23.88
CA LEU I 206 -33.01 16.39 -25.28
C LEU I 206 -31.86 15.60 -25.91
N ASP I 207 -32.02 15.28 -27.18
CA ASP I 207 -31.02 14.54 -27.94
C ASP I 207 -30.57 15.40 -29.11
N LEU I 208 -29.36 15.93 -29.02
CA LEU I 208 -28.84 16.79 -30.08
C LEU I 208 -28.47 15.97 -31.31
N LYS I 209 -28.79 16.52 -32.49
CA LYS I 209 -28.51 15.89 -33.77
C LYS I 209 -27.73 16.89 -34.62
N THR I 210 -26.41 16.82 -34.55
CA THR I 210 -25.53 17.73 -35.29
C THR I 210 -25.10 17.01 -36.58
N GLU I 211 -25.69 17.42 -37.70
CA GLU I 211 -25.40 16.85 -39.01
C GLU I 211 -24.72 17.91 -39.86
N GLU I 212 -23.40 17.78 -40.02
CA GLU I 212 -22.63 18.74 -40.81
C GLU I 212 -22.91 18.57 -42.29
N ASN I 213 -23.93 19.23 -42.80
CA ASN I 213 -24.32 19.16 -44.20
C ASN I 213 -23.83 20.39 -44.95
N LEU I 214 -23.79 20.27 -46.28
CA LEU I 214 -23.34 21.36 -47.14
C LEU I 214 -24.33 22.52 -47.06
N LEU I 215 -23.94 23.58 -46.36
CA LEU I 215 -24.77 24.77 -46.19
C LEU I 215 -23.95 26.01 -46.49
N PRO I 216 -24.57 27.06 -47.02
CA PRO I 216 -23.82 28.30 -47.29
C PRO I 216 -23.27 28.95 -46.03
N ASP I 217 -23.93 28.78 -44.90
CA ASP I 217 -23.49 29.36 -43.63
C ASP I 217 -22.83 28.32 -42.73
N SER I 218 -22.03 27.42 -43.32
CA SER I 218 -21.36 26.37 -42.56
C SER I 218 -19.91 26.21 -43.00
N PHE I 219 -19.30 27.28 -43.51
CA PHE I 219 -17.92 27.24 -43.96
C PHE I 219 -17.24 28.55 -43.61
N VAL I 220 -15.97 28.46 -43.21
CA VAL I 220 -15.18 29.63 -42.86
C VAL I 220 -14.32 30.02 -44.04
N CYS I 221 -13.90 31.28 -44.06
CA CYS I 221 -13.07 31.82 -45.14
C CYS I 221 -11.76 32.35 -44.55
N PHE I 222 -10.72 32.36 -45.38
CA PHE I 222 -9.39 32.84 -44.98
C PHE I 222 -8.82 33.63 -46.16
N GLU I 223 -9.09 34.93 -46.18
CA GLU I 223 -8.61 35.79 -47.25
C GLU I 223 -7.13 36.09 -47.07
N HIS I 224 -6.36 35.98 -48.16
CA HIS I 224 -4.93 36.23 -48.11
C HIS I 224 -4.65 37.71 -47.93
N LYS I 225 -4.44 38.14 -46.68
CA LYS I 225 -4.17 39.55 -46.40
C LYS I 225 -2.73 39.90 -46.76
N GLY I 226 -1.77 39.43 -45.96
CA GLY I 226 -0.36 39.70 -46.21
C GLY I 226 0.09 41.03 -45.67
N GLU I 240 -2.18 37.74 -42.29
CA GLU I 240 -2.63 37.15 -41.04
C GLU I 240 -4.03 36.54 -41.18
N LEU I 241 -4.72 36.43 -40.06
CA LEU I 241 -6.08 35.86 -40.05
C LEU I 241 -7.06 36.93 -40.52
N LYS I 242 -7.67 36.70 -41.68
CA LYS I 242 -8.63 37.64 -42.25
C LYS I 242 -9.82 36.85 -42.78
N SER I 243 -11.03 37.31 -42.43
CA SER I 243 -12.23 36.63 -42.87
C SER I 243 -12.50 36.92 -44.34
N PHE I 244 -13.35 36.08 -44.95
CA PHE I 244 -13.71 36.23 -46.35
C PHE I 244 -15.15 35.80 -46.53
N ASP I 245 -15.91 36.60 -47.28
CA ASP I 245 -17.32 36.30 -47.52
C ASP I 245 -17.46 35.11 -48.45
N ILE I 246 -18.29 34.14 -48.05
CA ILE I 246 -18.49 32.95 -48.88
C ILE I 246 -19.36 33.24 -50.10
N SER I 247 -20.09 34.35 -50.12
CA SER I 247 -20.94 34.67 -51.25
C SER I 247 -20.14 35.03 -52.49
N GLN I 248 -18.87 35.40 -52.34
CA GLN I 248 -18.02 35.76 -53.47
C GLN I 248 -17.28 34.56 -54.04
N CYS I 249 -17.70 33.33 -53.70
CA CYS I 249 -17.05 32.13 -54.21
C CYS I 249 -17.74 31.64 -55.47
N PRO I 250 -16.99 31.05 -56.40
CA PRO I 250 -17.59 30.55 -57.63
C PRO I 250 -18.41 29.30 -57.39
N LYS I 251 -19.34 29.04 -58.31
CA LYS I 251 -20.21 27.88 -58.25
C LYS I 251 -19.85 26.90 -59.36
N ILE I 252 -20.42 25.70 -59.27
CA ILE I 252 -20.19 24.66 -60.26
C ILE I 252 -20.97 25.02 -61.51
N GLY I 253 -20.26 25.36 -62.58
CA GLY I 253 -20.87 25.74 -63.84
C GLY I 253 -21.27 27.19 -63.95
N GLY I 254 -21.17 27.96 -62.87
CA GLY I 254 -21.53 29.37 -62.91
C GLY I 254 -20.34 30.29 -62.85
N HIS I 255 -20.54 31.51 -62.35
CA HIS I 255 -19.48 32.49 -62.24
C HIS I 255 -19.58 33.15 -60.87
N GLY I 256 -18.91 34.29 -60.71
CA GLY I 256 -18.92 35.01 -59.46
C GLY I 256 -18.08 36.27 -59.48
N SER I 257 -17.09 36.35 -58.59
CA SER I 257 -16.22 37.51 -58.53
C SER I 257 -14.80 37.10 -58.16
N LYS I 258 -14.56 36.82 -56.89
CA LYS I 258 -13.25 36.41 -56.41
C LYS I 258 -13.07 34.90 -56.56
N LYS I 259 -11.87 34.43 -56.27
CA LYS I 259 -11.51 33.01 -56.36
C LYS I 259 -11.20 32.48 -54.97
N CYS I 260 -11.77 31.32 -54.64
CA CYS I 260 -11.56 30.70 -53.34
C CYS I 260 -11.41 29.20 -53.53
N THR I 261 -10.78 28.55 -52.54
CA THR I 261 -10.56 27.12 -52.57
C THR I 261 -10.72 26.57 -51.16
N GLY I 262 -10.67 25.24 -51.05
CA GLY I 262 -10.81 24.61 -49.77
C GLY I 262 -10.46 23.13 -49.84
N ASP I 263 -11.02 22.38 -48.90
CA ASP I 263 -10.78 20.94 -48.83
C ASP I 263 -11.81 20.18 -49.66
N ALA I 264 -12.10 18.93 -49.27
CA ALA I 264 -13.07 18.14 -50.01
C ALA I 264 -14.49 18.60 -49.72
N ALA I 265 -14.73 19.13 -48.52
CA ALA I 265 -16.08 19.59 -48.17
C ALA I 265 -16.40 20.91 -48.88
N PHE I 266 -15.41 21.79 -49.03
CA PHE I 266 -15.64 23.06 -49.69
C PHE I 266 -15.60 22.91 -51.21
N CYS I 267 -14.67 22.11 -51.72
CA CYS I 267 -14.56 21.89 -53.17
C CYS I 267 -15.57 20.90 -53.70
N SER I 268 -16.21 20.10 -52.83
CA SER I 268 -17.19 19.13 -53.28
C SER I 268 -18.51 19.77 -53.70
N ALA I 269 -18.77 21.01 -53.27
CA ALA I 269 -20.00 21.71 -53.60
C ALA I 269 -19.78 22.97 -54.41
N TYR I 270 -18.63 23.63 -54.27
CA TYR I 270 -18.31 24.85 -54.99
C TYR I 270 -17.24 24.55 -56.05
N GLU I 271 -16.51 25.60 -56.46
CA GLU I 271 -15.45 25.48 -57.45
C GLU I 271 -14.15 26.01 -56.86
N CYS I 272 -13.07 25.26 -57.04
CA CYS I 272 -11.75 25.63 -56.54
C CYS I 272 -10.79 25.73 -57.72
N THR I 273 -10.09 26.86 -57.81
CA THR I 273 -9.13 27.10 -58.88
C THR I 273 -7.71 26.70 -58.49
N ALA I 274 -7.57 25.79 -57.52
CA ALA I 274 -6.28 25.29 -57.07
C ALA I 274 -5.36 26.42 -56.63
N GLN I 275 -4.40 26.80 -57.48
CA GLN I 275 -3.44 27.83 -57.13
C GLN I 275 -3.89 29.23 -57.48
N TYR I 276 -4.93 29.38 -58.30
CA TYR I 276 -5.43 30.70 -58.69
C TYR I 276 -6.43 31.27 -57.68
N ALA I 277 -6.53 30.69 -56.49
CA ALA I 277 -7.45 31.17 -55.46
C ALA I 277 -6.71 32.06 -54.48
N ASN I 278 -7.39 33.12 -54.03
CA ASN I 278 -6.81 34.07 -53.08
C ASN I 278 -7.43 33.95 -51.70
N ALA I 279 -8.25 32.93 -51.46
CA ALA I 279 -8.89 32.73 -50.16
C ALA I 279 -9.09 31.25 -49.92
N TYR I 280 -8.71 30.79 -48.74
CA TYR I 280 -8.83 29.39 -48.35
C TYR I 280 -9.91 29.28 -47.28
N CYS I 281 -11.04 28.67 -47.63
CA CYS I 281 -12.16 28.49 -46.73
C CYS I 281 -12.24 27.03 -46.30
N SER I 282 -12.42 26.80 -45.01
CA SER I 282 -12.50 25.46 -44.44
C SER I 282 -13.93 25.21 -43.94
N HIS I 283 -14.09 24.11 -43.20
CA HIS I 283 -15.38 23.74 -42.65
C HIS I 283 -15.57 24.35 -41.26
N ALA I 284 -16.82 24.64 -40.92
CA ALA I 284 -17.14 25.22 -39.63
C ALA I 284 -16.91 24.22 -38.50
N ASN I 285 -16.57 24.75 -37.33
CA ASN I 285 -16.31 23.92 -36.15
C ASN I 285 -17.64 23.60 -35.48
N GLY I 286 -18.33 22.60 -36.04
CA GLY I 286 -19.61 22.17 -35.51
C GLY I 286 -20.76 23.01 -36.00
N SER I 287 -21.45 22.55 -37.05
CA SER I 287 -22.57 23.27 -37.61
C SER I 287 -23.52 22.32 -38.33
N GLY I 288 -24.16 22.80 -39.39
CA GLY I 288 -25.08 21.98 -40.15
C GLY I 288 -26.47 21.94 -39.53
N ILE I 289 -27.27 21.00 -40.04
CA ILE I 289 -28.64 20.85 -39.56
C ILE I 289 -28.60 20.14 -38.20
N VAL I 290 -29.13 20.81 -37.18
CA VAL I 290 -29.19 20.27 -35.83
C VAL I 290 -30.65 20.03 -35.49
N GLN I 291 -31.03 18.76 -35.38
CA GLN I 291 -32.40 18.37 -35.08
C GLN I 291 -32.49 17.81 -33.66
N ILE I 292 -33.68 17.90 -33.09
CA ILE I 292 -33.96 17.40 -31.76
C ILE I 292 -35.01 16.29 -31.85
N GLN I 293 -34.95 15.35 -30.91
CA GLN I 293 -35.87 14.22 -30.85
C GLN I 293 -36.94 14.54 -29.82
N VAL I 294 -38.13 14.92 -30.29
CA VAL I 294 -39.26 15.25 -29.44
C VAL I 294 -40.41 14.31 -29.78
N SER I 295 -40.99 13.68 -28.74
CA SER I 295 -42.09 12.74 -28.90
C SER I 295 -41.74 11.61 -29.85
N GLY I 296 -40.47 11.19 -29.81
CA GLY I 296 -40.01 10.14 -30.69
C GLY I 296 -39.88 10.52 -32.15
N VAL I 297 -39.99 11.80 -32.47
CA VAL I 297 -39.90 12.30 -33.85
C VAL I 297 -38.76 13.30 -33.92
N TRP I 298 -37.93 13.17 -34.96
CA TRP I 298 -36.80 14.07 -35.17
C TRP I 298 -37.29 15.31 -35.88
N LYS I 299 -37.54 16.38 -35.11
CA LYS I 299 -37.97 17.65 -35.65
C LYS I 299 -36.85 18.68 -35.48
N LYS I 300 -36.74 19.59 -36.46
CA LYS I 300 -35.71 20.62 -36.41
C LYS I 300 -36.18 21.79 -35.56
N PRO I 301 -35.57 22.02 -34.41
CA PRO I 301 -36.04 23.04 -33.48
C PRO I 301 -35.56 24.43 -33.91
N LEU I 302 -35.91 25.42 -33.08
CA LEU I 302 -35.50 26.80 -33.32
C LEU I 302 -35.06 27.55 -32.07
N CYS I 303 -35.16 26.96 -30.87
CA CYS I 303 -34.72 27.64 -29.66
C CYS I 303 -34.53 26.58 -28.57
N VAL I 304 -33.32 26.01 -28.50
CA VAL I 304 -32.98 24.98 -27.54
C VAL I 304 -32.08 25.58 -26.48
N GLY I 305 -32.39 25.35 -25.21
CA GLY I 305 -31.55 25.86 -24.15
C GLY I 305 -32.00 25.36 -22.79
N TYR I 306 -31.39 25.93 -21.76
CA TYR I 306 -31.72 25.61 -20.38
C TYR I 306 -32.01 26.89 -19.62
N GLU I 307 -32.93 26.79 -18.65
CA GLU I 307 -33.29 27.93 -17.82
C GLU I 307 -33.67 27.42 -16.44
N ARG I 308 -33.21 28.14 -15.41
CA ARG I 308 -33.49 27.80 -14.02
C ARG I 308 -34.82 28.43 -13.63
N VAL I 309 -35.88 27.62 -13.63
CA VAL I 309 -37.22 28.10 -13.31
C VAL I 309 -37.76 27.38 -12.09
N VAL I 310 -38.97 27.72 -11.68
CA VAL I 310 -39.61 27.11 -10.52
C VAL I 310 -40.30 25.82 -10.96
N VAL I 311 -40.01 24.72 -10.27
CA VAL I 311 -40.59 23.42 -10.56
C VAL I 311 -41.41 22.99 -9.35
N LYS I 312 -42.68 22.66 -9.59
CA LYS I 312 -43.59 22.22 -8.54
C LYS I 312 -44.07 20.80 -8.90
N ARG I 313 -43.39 19.80 -8.34
CA ARG I 313 -43.73 18.41 -8.58
C ARG I 313 -44.75 17.94 -7.55
N GLU I 314 -45.00 16.63 -7.52
CA GLU I 314 -45.95 16.02 -6.59
C GLU I 314 -45.15 15.28 -5.51
N LEU I 315 -45.15 15.84 -4.29
CA LEU I 315 -44.42 15.22 -3.20
C LEU I 315 -45.23 14.09 -2.56
N SER I 316 -46.52 14.32 -2.33
CA SER I 316 -47.38 13.32 -1.72
C SER I 316 -47.83 12.28 -2.75
N ASP J 1 -54.37 -5.96 33.72
CA ASP J 1 -55.08 -6.62 34.81
C ASP J 1 -54.15 -7.26 35.86
N PRO J 2 -53.11 -7.99 35.46
CA PRO J 2 -52.18 -8.53 36.45
C PRO J 2 -51.39 -7.43 37.14
N GLY J 3 -50.84 -7.76 38.29
CA GLY J 3 -50.08 -6.85 39.10
C GLY J 3 -48.73 -7.45 39.51
N CYS J 4 -48.23 -6.98 40.65
CA CYS J 4 -46.93 -7.43 41.13
C CYS J 4 -47.02 -8.87 41.63
N SER J 5 -45.92 -9.60 41.45
CA SER J 5 -45.83 -11.00 41.89
C SER J 5 -44.61 -11.25 42.76
N GLU J 6 -43.44 -10.79 42.35
CA GLU J 6 -42.21 -10.95 43.11
C GLU J 6 -41.80 -9.63 43.78
N LEU J 7 -42.79 -8.91 44.31
CA LEU J 7 -42.52 -7.63 44.96
C LEU J 7 -41.84 -7.85 46.30
N ILE J 8 -40.66 -7.24 46.46
CA ILE J 8 -39.89 -7.37 47.70
C ILE J 8 -39.74 -5.99 48.34
N GLN J 9 -38.96 -5.92 49.41
CA GLN J 9 -38.71 -4.68 50.13
C GLN J 9 -37.33 -4.15 49.78
N ALA J 10 -37.17 -2.83 49.94
CA ALA J 10 -35.89 -2.19 49.64
C ALA J 10 -34.96 -2.28 50.84
N SER J 11 -33.65 -2.21 50.56
CA SER J 11 -32.63 -2.28 51.59
C SER J 11 -32.33 -0.89 52.14
N SER J 12 -31.63 -0.86 53.27
CA SER J 12 -31.25 0.38 53.92
C SER J 12 -29.79 0.75 53.71
N ARG J 13 -28.98 -0.14 53.13
CA ARG J 13 -27.57 0.16 52.89
C ARG J 13 -27.34 0.97 51.62
N ILE J 14 -28.31 0.97 50.70
CA ILE J 14 -28.19 1.72 49.45
C ILE J 14 -29.30 2.77 49.33
N THR J 15 -29.96 3.11 50.43
CA THR J 15 -31.04 4.08 50.42
C THR J 15 -30.91 4.95 51.67
N THR J 16 -30.88 6.26 51.47
CA THR J 16 -30.80 7.23 52.56
C THR J 16 -32.06 8.09 52.59
N CYS J 17 -32.21 8.82 53.70
CA CYS J 17 -33.36 9.70 53.89
C CYS J 17 -32.91 10.94 54.64
N SER J 18 -33.59 12.05 54.36
CA SER J 18 -33.29 13.32 55.01
C SER J 18 -34.54 14.18 55.05
N THR J 19 -34.55 15.15 55.96
CA THR J 19 -35.67 16.05 56.14
C THR J 19 -35.25 17.47 55.74
N GLU J 20 -36.00 18.07 54.82
CA GLU J 20 -35.73 19.42 54.34
C GLU J 20 -37.06 20.12 54.13
N GLY J 21 -37.45 20.94 55.11
CA GLY J 21 -38.70 21.66 55.03
C GLY J 21 -39.92 20.77 55.18
N VAL J 22 -40.17 20.30 56.41
CA VAL J 22 -41.25 19.39 56.79
C VAL J 22 -41.56 18.37 55.69
N ASN J 23 -40.52 17.85 55.04
CA ASN J 23 -40.67 16.88 53.98
C ASN J 23 -39.55 15.86 54.08
N THR J 24 -39.90 14.58 54.05
CA THR J 24 -38.93 13.49 54.16
C THR J 24 -38.66 12.92 52.76
N LYS J 25 -37.41 13.03 52.32
CA LYS J 25 -36.99 12.52 51.03
C LYS J 25 -36.04 11.34 51.22
N CYS J 26 -35.95 10.51 50.19
CA CYS J 26 -35.10 9.31 50.23
C CYS J 26 -34.36 9.20 48.91
N ARG J 27 -33.03 9.18 48.97
CA ARG J 27 -32.20 9.03 47.78
C ARG J 27 -31.70 7.59 47.69
N LEU J 28 -31.73 7.05 46.48
CA LEU J 28 -31.32 5.67 46.23
C LEU J 28 -30.08 5.65 45.33
N SER J 29 -29.10 4.84 45.72
CA SER J 29 -27.86 4.73 44.94
C SER J 29 -27.26 3.35 45.22
N GLY J 30 -27.39 2.44 44.27
CA GLY J 30 -26.86 1.10 44.43
C GLY J 30 -27.67 0.10 43.64
N THR J 31 -27.10 -1.08 43.48
CA THR J 31 -27.73 -2.17 42.74
C THR J 31 -28.42 -3.13 43.70
N ALA J 32 -29.42 -3.84 43.17
CA ALA J 32 -30.19 -4.80 43.96
C ALA J 32 -30.77 -5.83 43.03
N LEU J 33 -30.47 -7.11 43.26
CA LEU J 33 -31.00 -8.17 42.43
C LEU J 33 -32.48 -8.40 42.75
N ILE J 34 -33.26 -8.69 41.70
CA ILE J 34 -34.69 -8.93 41.84
C ILE J 34 -35.10 -10.05 40.91
N ARG J 35 -36.08 -10.84 41.34
CA ARG J 35 -36.58 -11.95 40.53
C ARG J 35 -37.55 -11.44 39.48
N ALA J 36 -37.32 -11.83 38.23
CA ALA J 36 -38.18 -11.42 37.14
C ALA J 36 -39.51 -12.17 37.18
N GLY J 37 -40.56 -11.50 36.72
CA GLY J 37 -41.88 -12.09 36.71
C GLY J 37 -42.10 -13.00 35.52
N SER J 38 -43.33 -13.51 35.43
CA SER J 38 -43.72 -14.40 34.34
C SER J 38 -44.33 -13.59 33.21
N VAL J 39 -45.09 -14.23 32.33
CA VAL J 39 -45.74 -13.55 31.22
C VAL J 39 -46.97 -12.81 31.76
N GLY J 40 -46.90 -11.48 31.78
CA GLY J 40 -47.97 -10.65 32.27
C GLY J 40 -47.77 -10.17 33.70
N ALA J 41 -46.98 -10.88 34.49
CA ALA J 41 -46.74 -10.48 35.86
C ALA J 41 -45.81 -9.27 35.91
N GLU J 42 -45.80 -8.60 37.06
CA GLU J 42 -44.99 -7.42 37.28
C GLU J 42 -43.85 -7.74 38.25
N ALA J 43 -42.92 -6.79 38.35
CA ALA J 43 -41.78 -6.92 39.25
C ALA J 43 -41.24 -5.52 39.52
N CYS J 44 -41.40 -5.04 40.74
CA CYS J 44 -40.96 -3.71 41.12
C CYS J 44 -40.36 -3.77 42.53
N LEU J 45 -40.09 -2.60 43.10
CA LEU J 45 -39.52 -2.49 44.44
C LEU J 45 -40.32 -1.49 45.25
N MET J 46 -40.59 -1.83 46.50
CA MET J 46 -41.33 -0.98 47.42
C MET J 46 -40.36 -0.20 48.29
N LEU J 47 -40.55 1.12 48.36
CA LEU J 47 -39.70 1.99 49.15
C LEU J 47 -40.45 2.44 50.40
N LYS J 48 -39.76 2.40 51.54
CA LYS J 48 -40.33 2.80 52.82
C LYS J 48 -39.45 3.87 53.44
N GLY J 49 -40.08 4.94 53.92
CA GLY J 49 -39.40 6.04 54.56
C GLY J 49 -39.18 5.83 56.04
N VAL J 50 -39.12 6.95 56.77
CA VAL J 50 -38.93 6.90 58.22
C VAL J 50 -40.23 6.70 58.98
N LYS J 51 -41.37 6.78 58.31
CA LYS J 51 -42.67 6.60 58.94
C LYS J 51 -43.36 5.39 58.34
N GLU J 52 -44.64 5.20 58.70
CA GLU J 52 -45.44 4.09 58.20
C GLU J 52 -46.38 4.48 57.07
N ASP J 53 -46.64 5.77 56.87
CA ASP J 53 -47.53 6.22 55.81
C ASP J 53 -46.79 6.59 54.53
N GLN J 54 -45.47 6.42 54.49
CA GLN J 54 -44.66 6.74 53.32
C GLN J 54 -44.35 5.43 52.60
N THR J 55 -45.10 5.13 51.55
CA THR J 55 -44.93 3.91 50.77
C THR J 55 -44.84 4.27 49.30
N LYS J 56 -43.72 3.94 48.68
CA LYS J 56 -43.49 4.20 47.26
C LYS J 56 -43.32 2.89 46.52
N PHE J 57 -43.46 2.94 45.19
CA PHE J 57 -43.39 1.75 44.36
C PHE J 57 -42.65 2.06 43.07
N LEU J 58 -41.91 1.07 42.57
CA LEU J 58 -41.16 1.15 41.32
C LEU J 58 -41.46 -0.13 40.55
N LYS J 59 -42.52 -0.10 39.74
CA LYS J 59 -43.00 -1.32 39.08
C LYS J 59 -42.36 -1.47 37.70
N ILE J 60 -42.13 -2.73 37.32
CA ILE J 60 -41.61 -3.07 36.00
C ILE J 60 -42.42 -4.24 35.46
N LYS J 61 -43.30 -3.96 34.49
CA LYS J 61 -44.19 -4.98 33.96
C LYS J 61 -43.56 -5.69 32.76
N THR J 62 -43.77 -7.00 32.68
CA THR J 62 -43.28 -7.82 31.59
C THR J 62 -44.43 -8.08 30.61
N VAL J 63 -44.16 -7.85 29.32
CA VAL J 63 -45.17 -8.06 28.28
C VAL J 63 -45.31 -9.55 28.02
N SER J 64 -44.32 -10.13 27.34
CA SER J 64 -44.35 -11.54 27.00
C SER J 64 -42.93 -11.98 26.63
N SER J 65 -42.80 -13.20 26.14
CA SER J 65 -41.50 -13.76 25.74
C SER J 65 -41.34 -13.57 24.23
N GLU J 66 -40.25 -12.91 23.84
CA GLU J 66 -39.98 -12.62 22.44
C GLU J 66 -38.51 -12.90 22.15
N LEU J 67 -38.21 -13.04 20.86
CA LEU J 67 -36.84 -13.27 20.39
C LEU J 67 -36.42 -12.09 19.52
N SER J 68 -35.30 -11.46 19.87
CA SER J 68 -34.80 -10.32 19.13
C SER J 68 -33.80 -10.77 18.07
N CYS J 69 -33.69 -9.97 17.01
CA CYS J 69 -32.79 -10.24 15.90
C CYS J 69 -31.57 -9.34 16.05
N ARG J 70 -30.42 -9.94 16.38
CA ARG J 70 -29.18 -9.19 16.56
C ARG J 70 -28.70 -8.69 15.19
N GLU J 71 -28.79 -7.39 14.98
CA GLU J 71 -28.39 -6.79 13.71
C GLU J 71 -26.90 -6.48 13.71
N GLY J 72 -26.38 -6.15 12.53
CA GLY J 72 -24.98 -5.83 12.37
C GLY J 72 -24.72 -4.92 11.18
N GLN J 73 -24.80 -5.48 9.98
CA GLN J 73 -24.61 -4.73 8.74
C GLN J 73 -25.95 -4.47 8.08
N SER J 74 -26.13 -3.25 7.57
CA SER J 74 -27.37 -2.86 6.93
C SER J 74 -27.08 -1.77 5.91
N TYR J 75 -28.05 -1.55 5.02
CA TYR J 75 -27.93 -0.52 3.99
C TYR J 75 -29.31 -0.14 3.52
N TRP J 76 -29.36 0.84 2.61
CA TRP J 76 -30.60 1.33 2.04
C TRP J 76 -30.62 1.05 0.54
N THR J 77 -31.81 0.77 0.02
CA THR J 77 -31.99 0.49 -1.39
C THR J 77 -33.41 0.85 -1.80
N GLY J 78 -33.64 0.90 -3.10
CA GLY J 78 -34.94 1.24 -3.64
C GLY J 78 -35.05 1.06 -5.14
N SER J 79 -35.57 2.06 -5.82
CA SER J 79 -35.74 2.02 -7.27
C SER J 79 -35.02 3.20 -7.90
N PHE J 80 -34.40 2.97 -9.05
CA PHE J 80 -33.67 4.00 -9.77
C PHE J 80 -33.90 3.83 -11.27
N SER J 81 -34.03 4.96 -11.97
CA SER J 81 -34.26 4.95 -13.39
C SER J 81 -33.13 5.67 -14.12
N PRO J 82 -32.65 5.11 -15.23
CA PRO J 82 -31.58 5.77 -16.00
C PRO J 82 -32.14 6.73 -17.05
N LYS J 83 -31.29 7.70 -17.41
CA LYS J 83 -31.62 8.67 -18.45
C LYS J 83 -30.38 8.88 -19.31
N CYS J 84 -30.42 8.37 -20.55
CA CYS J 84 -29.30 8.47 -21.47
C CYS J 84 -29.47 9.69 -22.37
N LEU J 85 -28.34 10.31 -22.71
CA LEU J 85 -28.32 11.49 -23.58
C LEU J 85 -27.30 11.24 -24.68
N SER J 86 -27.77 11.15 -25.92
CA SER J 86 -26.91 10.91 -27.08
C SER J 86 -26.64 12.21 -27.82
N SER J 87 -25.40 12.36 -28.28
CA SER J 87 -25.01 13.55 -29.04
C SER J 87 -23.93 13.13 -30.03
N ARG J 88 -24.31 12.98 -31.29
CA ARG J 88 -23.38 12.57 -32.34
C ARG J 88 -22.52 13.75 -32.75
N ARG J 89 -21.20 13.57 -32.67
CA ARG J 89 -20.25 14.62 -33.02
C ARG J 89 -19.36 14.12 -34.14
N CYS J 90 -19.16 14.95 -35.16
CA CYS J 90 -18.31 14.59 -36.28
C CYS J 90 -16.85 14.55 -35.85
N HIS J 91 -16.03 13.89 -36.67
CA HIS J 91 -14.61 13.75 -36.38
C HIS J 91 -13.88 15.05 -36.67
N LEU J 92 -12.77 15.26 -35.95
CA LEU J 92 -11.96 16.47 -36.06
C LEU J 92 -12.77 17.72 -35.73
N VAL J 93 -13.78 17.58 -34.87
CA VAL J 93 -14.62 18.69 -34.44
C VAL J 93 -14.68 18.66 -32.92
N GLY J 94 -13.99 19.59 -32.28
CA GLY J 94 -13.96 19.64 -30.83
C GLY J 94 -13.17 18.52 -30.21
N GLU J 95 -13.86 17.54 -29.64
CA GLU J 95 -13.23 16.37 -29.02
C GLU J 95 -13.63 15.06 -29.69
N CYS J 96 -14.35 15.12 -30.80
CA CYS J 96 -14.76 13.92 -31.51
C CYS J 96 -13.57 13.36 -32.26
N HIS J 97 -12.90 12.39 -31.65
CA HIS J 97 -11.73 11.76 -32.24
C HIS J 97 -11.77 10.26 -31.98
N VAL J 98 -10.85 9.53 -32.62
CA VAL J 98 -10.78 8.08 -32.43
C VAL J 98 -10.04 7.69 -31.16
N ASN J 99 -9.41 8.64 -30.47
CA ASN J 99 -8.69 8.36 -29.24
C ASN J 99 -9.45 8.75 -27.99
N ARG J 100 -10.27 9.81 -28.06
CA ARG J 100 -11.03 10.23 -26.88
C ARG J 100 -12.24 9.33 -26.66
N CYS J 101 -12.88 8.89 -27.74
CA CYS J 101 -14.05 8.02 -27.61
C CYS J 101 -13.68 6.57 -27.30
N LEU J 102 -12.41 6.20 -27.50
CA LEU J 102 -11.98 4.84 -27.23
C LEU J 102 -11.78 4.63 -25.74
N SER J 103 -10.71 5.18 -25.18
CA SER J 103 -10.41 5.06 -23.76
C SER J 103 -11.01 6.24 -23.00
N TRP J 104 -12.34 6.25 -22.95
CA TRP J 104 -13.10 7.30 -22.29
C TRP J 104 -13.37 6.91 -20.84
N ARG J 105 -13.24 7.87 -19.94
CA ARG J 105 -13.45 7.65 -18.51
C ARG J 105 -14.88 8.00 -18.13
N ASP J 106 -15.42 7.26 -17.16
CA ASP J 106 -16.78 7.50 -16.71
C ASP J 106 -16.87 8.77 -15.87
N ASN J 107 -15.87 9.01 -15.02
CA ASN J 107 -15.86 10.19 -14.17
C ASN J 107 -15.38 11.45 -14.89
N GLU J 108 -14.89 11.32 -16.12
CA GLU J 108 -14.41 12.48 -16.87
C GLU J 108 -15.60 13.29 -17.38
N THR J 109 -15.60 14.59 -17.09
CA THR J 109 -16.67 15.47 -17.53
C THR J 109 -16.55 15.71 -19.03
N SER J 110 -17.56 15.26 -19.79
CA SER J 110 -17.55 15.42 -21.23
C SER J 110 -17.78 16.88 -21.61
N ALA J 111 -16.94 17.39 -22.52
CA ALA J 111 -17.10 18.77 -22.97
C ALA J 111 -18.37 18.95 -23.80
N GLU J 112 -18.78 17.92 -24.54
CA GLU J 112 -20.00 18.00 -25.34
C GLU J 112 -21.20 18.28 -24.45
N PHE J 113 -21.25 17.68 -23.26
CA PHE J 113 -22.28 17.96 -22.27
C PHE J 113 -21.79 18.89 -21.17
N SER J 114 -20.76 19.70 -21.46
CA SER J 114 -20.22 20.60 -20.44
C SER J 114 -21.22 21.64 -19.99
N PHE J 115 -22.31 21.85 -20.75
CA PHE J 115 -23.35 22.78 -20.34
C PHE J 115 -24.31 22.18 -19.31
N VAL J 116 -24.14 20.91 -18.96
CA VAL J 116 -25.01 20.30 -17.95
C VAL J 116 -24.70 20.86 -16.57
N GLY J 117 -23.44 20.83 -16.18
CA GLY J 117 -23.01 21.35 -14.90
C GLY J 117 -22.72 20.26 -13.89
N GLU J 118 -22.40 20.70 -12.67
CA GLU J 118 -22.08 19.77 -11.59
C GLU J 118 -23.35 19.34 -10.87
N SER J 119 -23.33 18.09 -10.40
CA SER J 119 -24.48 17.54 -9.68
C SER J 119 -24.00 16.43 -8.77
N THR J 120 -24.67 16.27 -7.64
CA THR J 120 -24.34 15.24 -6.65
C THR J 120 -25.22 14.01 -6.83
N THR J 121 -25.23 13.45 -8.04
CA THR J 121 -26.03 12.27 -8.35
C THR J 121 -25.16 11.26 -9.08
N MET J 122 -25.69 10.04 -9.22
CA MET J 122 -24.99 8.96 -9.89
C MET J 122 -25.16 9.13 -11.40
N ARG J 123 -24.11 9.57 -12.07
CA ARG J 123 -24.13 9.78 -13.51
C ARG J 123 -22.86 9.20 -14.13
N GLU J 124 -22.91 9.00 -15.44
CA GLU J 124 -21.77 8.45 -16.17
C GLU J 124 -21.84 8.93 -17.61
N ASN J 125 -20.66 9.00 -18.25
CA ASN J 125 -20.53 9.45 -19.61
C ASN J 125 -19.83 8.38 -20.44
N LYS J 126 -20.29 8.18 -21.67
CA LYS J 126 -19.71 7.21 -22.59
C LYS J 126 -19.41 7.90 -23.91
N CYS J 127 -18.73 7.17 -24.80
CA CYS J 127 -18.34 7.68 -26.12
C CYS J 127 -18.41 6.51 -27.11
N PHE J 128 -19.61 6.27 -27.64
CA PHE J 128 -19.82 5.21 -28.62
C PHE J 128 -19.61 5.78 -30.01
N GLU J 129 -18.53 5.37 -30.67
CA GLU J 129 -18.22 5.87 -32.00
C GLU J 129 -19.17 5.26 -33.02
N GLN J 130 -19.35 5.98 -34.13
CA GLN J 130 -20.22 5.56 -35.22
C GLN J 130 -19.50 5.74 -36.54
N CYS J 131 -20.11 5.23 -37.60
CA CYS J 131 -19.51 5.32 -38.93
C CYS J 131 -19.64 6.74 -39.46
N GLY J 132 -18.61 7.18 -40.18
CA GLY J 132 -18.55 8.50 -40.77
C GLY J 132 -18.97 8.52 -42.22
N GLY J 133 -18.40 9.44 -42.98
CA GLY J 133 -18.71 9.57 -44.38
C GLY J 133 -19.99 10.34 -44.61
N TRP J 134 -20.32 10.50 -45.91
CA TRP J 134 -21.52 11.22 -46.30
C TRP J 134 -22.78 10.37 -46.19
N GLY J 135 -22.65 9.06 -45.99
CA GLY J 135 -23.83 8.21 -45.86
C GLY J 135 -24.52 8.31 -44.52
N CYS J 136 -23.82 8.77 -43.49
CA CYS J 136 -24.39 8.91 -42.16
C CYS J 136 -24.69 10.35 -41.76
N GLY J 137 -24.06 11.32 -42.40
CA GLY J 137 -24.30 12.72 -42.06
C GLY J 137 -23.06 13.43 -41.55
N CYS J 138 -21.92 13.18 -42.19
CA CYS J 138 -20.67 13.80 -41.80
C CYS J 138 -19.91 14.24 -43.04
N PHE J 139 -19.04 15.24 -42.87
CA PHE J 139 -18.25 15.77 -43.97
C PHE J 139 -16.92 15.04 -44.15
N ASN J 140 -16.40 14.41 -43.11
CA ASN J 140 -15.13 13.70 -43.16
C ASN J 140 -15.38 12.19 -43.20
N VAL J 141 -14.45 11.48 -43.82
CA VAL J 141 -14.56 10.02 -43.94
C VAL J 141 -14.20 9.29 -42.66
N ASN J 142 -13.62 9.98 -41.69
CA ASN J 142 -13.26 9.34 -40.44
C ASN J 142 -14.50 9.00 -39.61
N PRO J 143 -14.46 7.93 -38.83
CA PRO J 143 -15.63 7.58 -38.01
C PRO J 143 -15.93 8.65 -36.98
N SER J 144 -17.22 8.96 -36.83
CA SER J 144 -17.66 9.98 -35.90
C SER J 144 -17.77 9.39 -34.49
N CYS J 145 -18.17 10.22 -33.53
CA CYS J 145 -18.32 9.83 -32.15
C CYS J 145 -19.75 10.08 -31.69
N LEU J 146 -20.09 9.47 -30.55
CA LEU J 146 -21.43 9.60 -29.97
C LEU J 146 -21.27 9.77 -28.46
N PHE J 147 -21.40 11.00 -27.99
CA PHE J 147 -21.27 11.29 -26.56
C PHE J 147 -22.56 10.89 -25.84
N VAL J 148 -22.39 10.18 -24.71
CA VAL J 148 -23.51 9.68 -23.93
C VAL J 148 -23.41 10.25 -22.52
N HIS J 149 -24.53 10.74 -22.00
CA HIS J 149 -24.61 11.27 -20.64
C HIS J 149 -25.84 10.66 -19.99
N THR J 150 -25.62 9.68 -19.10
CA THR J 150 -26.71 8.96 -18.44
C THR J 150 -26.69 9.29 -16.95
N TYR J 151 -27.82 9.75 -16.43
CA TYR J 151 -27.97 10.05 -15.02
C TYR J 151 -29.15 9.28 -14.44
N LEU J 152 -29.00 8.86 -13.19
CA LEU J 152 -30.01 8.07 -12.50
C LEU J 152 -30.90 8.97 -11.64
N GLN J 153 -32.14 8.53 -11.45
CA GLN J 153 -33.09 9.22 -10.58
C GLN J 153 -33.89 8.18 -9.81
N SER J 154 -34.86 8.66 -9.03
CA SER J 154 -35.71 7.80 -8.22
C SER J 154 -37.11 7.74 -8.83
N VAL J 155 -37.80 6.64 -8.56
CA VAL J 155 -39.16 6.41 -9.04
C VAL J 155 -40.15 6.27 -7.90
N ARG J 156 -39.86 5.39 -6.94
CA ARG J 156 -40.75 5.18 -5.81
C ARG J 156 -40.63 6.35 -4.82
N LYS J 157 -41.55 6.37 -3.87
CA LYS J 157 -41.60 7.42 -2.85
C LYS J 157 -41.10 6.94 -1.49
N GLU J 158 -40.50 5.76 -1.43
CA GLU J 158 -39.99 5.23 -0.17
C GLU J 158 -38.85 4.27 -0.47
N ALA J 159 -38.00 4.08 0.54
CA ALA J 159 -36.85 3.20 0.44
C ALA J 159 -36.95 2.07 1.46
N LEU J 160 -36.06 1.10 1.34
CA LEU J 160 -36.02 -0.06 2.22
C LEU J 160 -34.64 -0.19 2.83
N ARG J 161 -34.59 -0.61 4.09
CA ARG J 161 -33.34 -0.78 4.83
C ARG J 161 -33.09 -2.27 5.02
N VAL J 162 -32.25 -2.84 4.17
CA VAL J 162 -31.95 -4.27 4.22
C VAL J 162 -30.88 -4.51 5.28
N PHE J 163 -31.12 -5.49 6.15
CA PHE J 163 -30.19 -5.85 7.21
C PHE J 163 -30.12 -7.37 7.31
N ASN J 164 -29.27 -7.86 8.20
CA ASN J 164 -29.10 -9.29 8.42
C ASN J 164 -29.21 -9.57 9.91
N CYS J 165 -28.98 -10.83 10.29
CA CYS J 165 -29.05 -11.24 11.68
C CYS J 165 -28.20 -12.48 11.85
N ILE J 166 -27.20 -12.41 12.73
CA ILE J 166 -26.29 -13.53 12.99
C ILE J 166 -26.47 -14.10 14.39
N ASP J 167 -27.38 -13.57 15.19
CA ASP J 167 -27.61 -14.07 16.53
C ASP J 167 -29.04 -13.78 16.94
N TRP J 168 -29.54 -14.56 17.89
CA TRP J 168 -30.90 -14.40 18.41
C TRP J 168 -30.82 -14.23 19.92
N VAL J 169 -31.40 -13.14 20.42
CA VAL J 169 -31.38 -12.82 21.85
C VAL J 169 -32.83 -12.83 22.34
N HIS J 170 -33.07 -13.53 23.45
CA HIS J 170 -34.40 -13.60 24.06
C HIS J 170 -34.76 -12.22 24.61
N LYS J 171 -35.55 -11.47 23.85
CA LYS J 171 -35.91 -10.12 24.25
C LYS J 171 -37.09 -10.13 25.21
N LEU J 172 -37.01 -9.28 26.24
CA LEU J 172 -38.07 -9.14 27.23
C LEU J 172 -38.52 -7.68 27.23
N THR J 173 -39.72 -7.43 26.70
CA THR J 173 -40.27 -6.09 26.67
C THR J 173 -40.83 -5.74 28.05
N LEU J 174 -40.26 -4.72 28.68
CA LEU J 174 -40.62 -4.33 30.03
C LEU J 174 -41.03 -2.86 30.03
N GLU J 175 -42.20 -2.57 30.61
CA GLU J 175 -42.62 -1.19 30.79
C GLU J 175 -42.30 -0.74 32.21
N ILE J 176 -41.95 0.53 32.34
CA ILE J 176 -41.44 1.09 33.59
C ILE J 176 -42.48 2.02 34.19
N THR J 177 -42.76 1.85 35.48
CA THR J 177 -43.63 2.73 36.24
C THR J 177 -42.83 3.24 37.43
N ASP J 178 -42.43 4.50 37.38
CA ASP J 178 -41.54 5.09 38.38
C ASP J 178 -42.33 5.46 39.64
N PHE J 179 -41.71 6.24 40.52
CA PHE J 179 -42.35 6.63 41.77
C PHE J 179 -43.38 7.74 41.57
N ASP J 180 -43.07 8.71 40.70
CA ASP J 180 -43.98 9.82 40.46
C ASP J 180 -45.16 9.40 39.60
N GLY J 181 -44.93 8.58 38.59
CA GLY J 181 -46.00 8.12 37.71
C GLY J 181 -45.59 8.04 36.26
N SER J 182 -44.31 8.32 35.97
CA SER J 182 -43.82 8.26 34.60
C SER J 182 -43.72 6.80 34.16
N VAL J 183 -44.44 6.45 33.09
CA VAL J 183 -44.48 5.10 32.57
C VAL J 183 -43.88 5.11 31.17
N SER J 184 -42.82 4.32 30.98
CA SER J 184 -42.14 4.18 29.70
C SER J 184 -42.25 2.73 29.23
N THR J 185 -41.69 2.46 28.05
CA THR J 185 -41.72 1.12 27.46
C THR J 185 -40.35 0.84 26.87
N ILE J 186 -39.60 -0.05 27.51
CA ILE J 186 -38.27 -0.44 27.03
C ILE J 186 -38.21 -1.95 26.87
N ASP J 187 -37.01 -2.47 26.64
CA ASP J 187 -36.82 -3.90 26.47
C ASP J 187 -35.40 -4.28 26.89
N LEU J 188 -35.21 -5.56 27.22
CA LEU J 188 -33.92 -6.08 27.64
C LEU J 188 -33.66 -7.40 26.92
N GLY J 189 -32.51 -7.99 27.21
CA GLY J 189 -32.13 -9.26 26.60
C GLY J 189 -30.69 -9.65 26.89
N ALA J 190 -30.48 -10.92 27.22
CA ALA J 190 -29.16 -11.45 27.53
C ALA J 190 -28.48 -10.66 28.64
N SER J 191 -27.60 -9.73 28.27
CA SER J 191 -26.90 -8.90 29.25
C SER J 191 -26.97 -7.42 28.90
N SER J 192 -27.95 -7.02 28.09
CA SER J 192 -28.09 -5.62 27.72
C SER J 192 -28.61 -4.81 28.90
N SER J 193 -28.26 -3.52 28.90
CA SER J 193 -28.65 -2.61 29.97
C SER J 193 -29.16 -1.31 29.37
N ARG J 194 -30.35 -0.89 29.80
CA ARG J 194 -30.96 0.36 29.35
C ARG J 194 -30.83 1.41 30.44
N PHE J 195 -30.55 2.64 30.03
CA PHE J 195 -30.39 3.76 30.95
C PHE J 195 -31.72 4.49 31.10
N THR J 196 -32.21 4.57 32.33
CA THR J 196 -33.47 5.24 32.64
C THR J 196 -33.20 6.43 33.56
N ASN J 197 -34.24 7.25 33.75
CA ASN J 197 -34.11 8.44 34.59
C ASN J 197 -33.76 8.08 36.02
N TRP J 198 -34.19 6.92 36.50
CA TRP J 198 -33.86 6.46 37.84
C TRP J 198 -32.55 5.67 37.90
N GLY J 199 -31.86 5.51 36.77
CA GLY J 199 -30.61 4.78 36.76
C GLY J 199 -30.43 3.91 35.53
N SER J 200 -30.51 2.59 35.72
CA SER J 200 -30.36 1.66 34.61
C SER J 200 -30.95 0.32 35.02
N VAL J 201 -31.22 -0.52 34.02
CA VAL J 201 -31.77 -1.85 34.24
C VAL J 201 -31.07 -2.82 33.30
N SER J 202 -30.96 -4.07 33.75
CA SER J 202 -30.29 -5.10 32.96
C SER J 202 -30.82 -6.47 33.36
N LEU J 203 -30.84 -7.37 32.39
CA LEU J 203 -31.28 -8.75 32.62
C LEU J 203 -30.14 -9.51 33.29
N SER J 204 -30.33 -9.88 34.56
CA SER J 204 -29.27 -10.57 35.28
C SER J 204 -29.11 -12.01 34.81
N LEU J 205 -30.21 -12.70 34.54
CA LEU J 205 -30.15 -14.09 34.11
C LEU J 205 -31.13 -14.31 32.96
N ASP J 206 -30.69 -15.09 31.97
CA ASP J 206 -31.51 -15.45 30.82
C ASP J 206 -31.74 -16.96 30.82
N ALA J 207 -32.42 -17.43 29.78
CA ALA J 207 -32.71 -18.86 29.67
C ALA J 207 -32.87 -19.36 28.24
N GLU J 208 -32.81 -18.48 27.24
CA GLU J 208 -32.96 -18.89 25.85
C GLU J 208 -31.81 -18.32 25.03
N GLY J 209 -31.77 -18.72 23.76
CA GLY J 209 -30.72 -18.27 22.86
C GLY J 209 -30.42 -19.27 21.76
N ILE J 210 -31.13 -19.15 20.64
CA ILE J 210 -30.93 -20.06 19.51
C ILE J 210 -30.11 -19.37 18.44
N SER J 211 -29.81 -20.09 17.36
CA SER J 211 -29.02 -19.55 16.26
C SER J 211 -29.43 -20.26 14.97
N GLY J 212 -28.86 -19.79 13.86
CA GLY J 212 -29.15 -20.37 12.56
C GLY J 212 -29.84 -19.41 11.63
N SER J 213 -29.21 -18.25 11.37
CA SER J 213 -29.79 -17.25 10.48
C SER J 213 -28.72 -16.57 9.61
N ASN J 214 -27.58 -17.21 9.39
CA ASN J 214 -26.53 -16.60 8.59
C ASN J 214 -26.90 -16.55 7.11
N SER J 215 -27.77 -17.46 6.67
CA SER J 215 -28.21 -17.52 5.27
C SER J 215 -29.60 -16.94 5.08
N PHE J 216 -29.92 -15.85 5.81
CA PHE J 216 -31.22 -15.22 5.72
C PHE J 216 -31.04 -13.71 5.79
N SER J 217 -31.53 -13.00 4.78
CA SER J 217 -31.44 -11.55 4.71
C SER J 217 -32.81 -10.94 4.91
N PHE J 218 -32.90 -9.96 5.80
CA PHE J 218 -34.16 -9.31 6.13
C PHE J 218 -34.23 -7.94 5.48
N ILE J 219 -35.46 -7.50 5.19
CA ILE J 219 -35.72 -6.21 4.56
C ILE J 219 -36.65 -5.42 5.47
N GLU J 220 -36.24 -4.22 5.85
CA GLU J 220 -37.01 -3.35 6.73
C GLU J 220 -37.75 -2.30 5.92
N SER J 221 -39.06 -2.17 6.16
CA SER J 221 -39.91 -1.19 5.49
C SER J 221 -40.66 -0.41 6.55
N PRO J 222 -40.19 0.78 6.90
CA PRO J 222 -40.87 1.56 7.94
C PRO J 222 -42.23 2.07 7.46
N GLY J 223 -43.24 1.84 8.29
CA GLY J 223 -44.60 2.25 7.98
C GLY J 223 -45.38 1.26 7.15
N LYS J 224 -44.75 0.22 6.62
CA LYS J 224 -45.43 -0.78 5.80
C LYS J 224 -45.23 -2.18 6.36
N GLY J 225 -43.99 -2.59 6.63
CA GLY J 225 -43.76 -3.92 7.16
C GLY J 225 -42.36 -4.39 6.82
N TYR J 226 -42.11 -5.65 7.17
CA TYR J 226 -40.81 -6.28 6.95
C TYR J 226 -40.91 -7.30 5.82
N ALA J 227 -39.78 -7.95 5.53
CA ALA J 227 -39.72 -8.98 4.51
C ALA J 227 -38.58 -9.92 4.82
N ILE J 228 -38.77 -11.20 4.51
CA ILE J 228 -37.77 -12.23 4.73
C ILE J 228 -37.31 -12.77 3.38
N VAL J 229 -36.00 -12.91 3.22
CA VAL J 229 -35.41 -13.41 1.98
C VAL J 229 -34.44 -14.52 2.34
N ASP J 230 -34.55 -15.65 1.64
CA ASP J 230 -33.72 -16.83 1.94
C ASP J 230 -32.43 -16.75 1.12
N GLU J 231 -31.53 -15.89 1.58
CA GLU J 231 -30.23 -15.72 0.94
C GLU J 231 -29.30 -15.02 1.93
N PRO J 232 -27.99 -15.22 1.81
CA PRO J 232 -27.05 -14.52 2.70
C PRO J 232 -27.07 -13.03 2.45
N PHE J 233 -26.41 -12.31 3.36
CA PHE J 233 -26.36 -10.85 3.26
C PHE J 233 -25.48 -10.42 2.09
N SER J 234 -25.92 -9.39 1.38
CA SER J 234 -25.19 -8.88 0.23
C SER J 234 -24.04 -8.00 0.71
N GLU J 235 -22.82 -8.48 0.53
CA GLU J 235 -21.63 -7.75 0.94
C GLU J 235 -20.89 -7.11 -0.21
N ILE J 236 -21.09 -7.58 -1.44
CA ILE J 236 -20.43 -7.03 -2.62
C ILE J 236 -21.48 -6.50 -3.58
N PRO J 237 -21.57 -5.18 -3.79
CA PRO J 237 -22.56 -4.64 -4.72
C PRO J 237 -22.31 -5.07 -6.16
N ARG J 238 -23.18 -5.92 -6.70
CA ARG J 238 -23.05 -6.41 -8.06
C ARG J 238 -24.43 -6.51 -8.69
N GLN J 239 -24.46 -6.44 -10.02
CA GLN J 239 -25.71 -6.50 -10.75
C GLN J 239 -26.30 -7.91 -10.72
N GLY J 240 -27.60 -8.00 -11.00
CA GLY J 240 -28.28 -9.27 -11.01
C GLY J 240 -28.55 -9.86 -9.65
N PHE J 241 -28.35 -9.10 -8.58
CA PHE J 241 -28.57 -9.58 -7.22
C PHE J 241 -29.28 -8.52 -6.42
N LEU J 242 -29.98 -8.95 -5.37
CA LEU J 242 -30.72 -8.04 -4.52
C LEU J 242 -29.78 -7.10 -3.77
N GLY J 243 -29.64 -5.88 -4.27
CA GLY J 243 -28.75 -4.90 -3.65
C GLY J 243 -27.66 -4.43 -4.58
N GLU J 244 -27.99 -4.23 -5.86
CA GLU J 244 -27.01 -3.79 -6.83
C GLU J 244 -26.65 -2.31 -6.67
N ILE J 245 -27.57 -1.52 -6.13
CA ILE J 245 -27.36 -0.09 -5.91
C ILE J 245 -27.79 0.22 -4.48
N ARG J 246 -26.82 0.54 -3.62
CA ARG J 246 -27.07 0.85 -2.22
C ARG J 246 -26.67 2.29 -1.94
N CYS J 247 -27.08 2.78 -0.77
CA CYS J 247 -26.78 4.14 -0.36
C CYS J 247 -26.30 4.18 1.09
N ASN J 248 -26.86 5.08 1.89
CA ASN J 248 -26.49 5.20 3.28
C ASN J 248 -27.68 5.63 4.13
N SER J 249 -28.56 6.45 3.56
CA SER J 249 -29.75 6.94 4.25
C SER J 249 -30.92 6.90 3.28
N GLU J 250 -32.08 7.34 3.77
CA GLU J 250 -33.27 7.36 2.92
C GLU J 250 -33.20 8.49 1.91
N SER J 251 -32.63 9.64 2.29
CA SER J 251 -32.51 10.76 1.37
C SER J 251 -31.53 10.44 0.24
N SER J 252 -30.53 9.58 0.51
CA SER J 252 -29.60 9.20 -0.54
C SER J 252 -30.24 8.30 -1.58
N VAL J 253 -31.33 7.62 -1.24
CA VAL J 253 -32.04 6.77 -2.19
C VAL J 253 -33.18 7.51 -2.88
N LEU J 254 -33.93 8.32 -2.13
CA LEU J 254 -35.03 9.07 -2.71
C LEU J 254 -34.54 10.18 -3.63
N SER J 255 -33.30 10.63 -3.48
CA SER J 255 -32.74 11.68 -4.32
C SER J 255 -31.56 11.21 -5.18
N ALA J 256 -31.21 9.92 -5.10
CA ALA J 256 -30.11 9.35 -5.88
C ALA J 256 -28.81 10.10 -5.61
N HIS J 257 -28.19 9.86 -4.47
CA HIS J 257 -26.93 10.50 -4.10
C HIS J 257 -25.76 9.70 -4.65
N GLU J 258 -24.74 10.42 -5.11
CA GLU J 258 -23.55 9.78 -5.67
C GLU J 258 -22.66 9.15 -4.60
N SER J 259 -22.91 9.42 -3.33
CA SER J 259 -22.09 8.86 -2.26
C SER J 259 -22.36 7.38 -2.04
N CYS J 260 -23.49 6.86 -2.52
CA CYS J 260 -23.81 5.45 -2.33
C CYS J 260 -23.01 4.59 -3.29
N LEU J 261 -22.92 3.30 -2.96
CA LEU J 261 -22.18 2.34 -3.77
C LEU J 261 -23.11 1.68 -4.77
N ARG J 262 -22.63 1.50 -5.99
CA ARG J 262 -23.39 0.88 -7.07
C ARG J 262 -22.53 -0.17 -7.76
N ALA J 263 -23.18 -0.99 -8.58
CA ALA J 263 -22.47 -2.04 -9.30
C ALA J 263 -21.70 -1.45 -10.48
N PRO J 264 -20.50 -1.96 -10.77
CA PRO J 264 -19.72 -1.44 -11.90
C PRO J 264 -20.35 -1.86 -13.23
N ASN J 265 -20.73 -0.86 -14.04
CA ASN J 265 -21.33 -1.08 -15.34
C ASN J 265 -22.58 -1.94 -15.24
N LEU J 266 -23.70 -1.34 -14.84
CA LEU J 266 -24.96 -2.04 -14.71
C LEU J 266 -25.99 -1.60 -15.75
N ILE J 267 -25.67 -0.61 -16.57
CA ILE J 267 -26.59 -0.09 -17.57
C ILE J 267 -26.22 -0.67 -18.93
N SER J 268 -27.20 -1.29 -19.58
CA SER J 268 -26.98 -1.89 -20.90
C SER J 268 -27.28 -0.85 -21.98
N TYR J 269 -26.26 -0.50 -22.75
CA TYR J 269 -26.38 0.50 -23.80
C TYR J 269 -26.49 -0.18 -25.16
N LYS J 270 -27.40 0.33 -26.00
CA LYS J 270 -27.60 -0.18 -27.35
C LYS J 270 -27.66 1.01 -28.31
N PRO J 271 -26.51 1.49 -28.77
CA PRO J 271 -26.50 2.60 -29.71
C PRO J 271 -27.00 2.17 -31.09
N MET J 272 -27.70 3.09 -31.75
CA MET J 272 -28.23 2.87 -33.09
C MET J 272 -28.00 4.11 -33.95
N ILE J 273 -26.72 4.43 -34.15
CA ILE J 273 -26.28 5.60 -34.93
C ILE J 273 -26.88 6.87 -34.33
N ASP J 274 -28.16 7.12 -34.62
CA ASP J 274 -28.85 8.29 -34.07
C ASP J 274 -29.64 7.98 -32.81
N GLN J 275 -30.10 6.75 -32.64
CA GLN J 275 -30.83 6.36 -31.45
C GLN J 275 -29.88 5.82 -30.37
N LEU J 276 -30.41 5.64 -29.17
CA LEU J 276 -29.63 5.14 -28.05
C LEU J 276 -30.59 4.46 -27.08
N GLU J 277 -30.58 3.14 -27.05
CA GLU J 277 -31.44 2.38 -26.16
C GLU J 277 -30.75 2.14 -24.83
N CYS J 278 -31.50 2.28 -23.74
CA CYS J 278 -30.97 2.10 -22.39
C CYS J 278 -31.82 1.04 -21.69
N THR J 279 -31.26 -0.16 -21.54
CA THR J 279 -31.95 -1.27 -20.89
C THR J 279 -31.14 -1.71 -19.69
N THR J 280 -31.75 -1.66 -18.51
CA THR J 280 -31.11 -2.04 -17.26
C THR J 280 -31.87 -3.18 -16.61
N ASN J 281 -31.14 -4.07 -15.93
CA ASN J 281 -31.75 -5.20 -15.23
C ASN J 281 -31.98 -4.81 -13.76
N LEU J 282 -32.90 -3.88 -13.57
CA LEU J 282 -33.21 -3.40 -12.23
C LEU J 282 -33.98 -4.45 -11.45
N ILE J 283 -33.51 -4.74 -10.24
CA ILE J 283 -34.16 -5.71 -9.36
C ILE J 283 -35.08 -4.93 -8.42
N ASP J 284 -36.38 -5.03 -8.67
CA ASP J 284 -37.35 -4.30 -7.85
C ASP J 284 -37.50 -4.98 -6.50
N PRO J 285 -37.18 -4.29 -5.39
CA PRO J 285 -37.30 -4.94 -4.07
C PRO J 285 -38.74 -5.11 -3.62
N PHE J 286 -39.68 -4.32 -4.13
CA PHE J 286 -41.08 -4.45 -3.74
C PHE J 286 -41.69 -5.76 -4.23
N VAL J 287 -41.11 -6.37 -5.27
CA VAL J 287 -41.61 -7.67 -5.74
C VAL J 287 -41.38 -8.72 -4.66
N VAL J 288 -40.13 -8.82 -4.17
CA VAL J 288 -39.84 -9.76 -3.10
C VAL J 288 -40.53 -9.33 -1.80
N PHE J 289 -40.72 -8.02 -1.62
CA PHE J 289 -41.42 -7.54 -0.43
C PHE J 289 -42.87 -7.99 -0.43
N GLU J 290 -43.48 -8.10 -1.60
CA GLU J 290 -44.86 -8.56 -1.69
C GLU J 290 -44.95 -10.08 -1.73
N ARG J 291 -43.94 -10.76 -2.27
CA ARG J 291 -43.96 -12.21 -2.30
C ARG J 291 -43.72 -12.80 -0.91
N GLY J 292 -42.72 -12.30 -0.20
CA GLY J 292 -42.42 -12.78 1.13
C GLY J 292 -42.50 -11.71 2.19
N SER J 293 -43.51 -11.79 3.05
CA SER J 293 -43.72 -10.81 4.11
C SER J 293 -44.07 -11.52 5.41
N LEU J 294 -43.57 -10.96 6.51
CA LEU J 294 -43.83 -11.53 7.82
C LEU J 294 -45.32 -11.46 8.15
N PRO J 295 -45.84 -12.40 8.95
CA PRO J 295 -45.11 -13.50 9.60
C PRO J 295 -44.83 -14.68 8.67
N GLN J 296 -43.64 -15.26 8.78
CA GLN J 296 -43.24 -16.42 8.01
C GLN J 296 -42.48 -17.38 8.91
N THR J 297 -42.78 -18.66 8.80
CA THR J 297 -42.15 -19.70 9.59
C THR J 297 -41.10 -20.44 8.77
N ARG J 298 -40.07 -20.92 9.44
CA ARG J 298 -38.98 -21.66 8.81
C ARG J 298 -38.59 -22.82 9.70
N ASN J 299 -38.45 -24.01 9.11
CA ASN J 299 -38.07 -25.23 9.83
C ASN J 299 -39.03 -25.50 10.99
N ASP J 300 -38.79 -24.86 12.14
CA ASP J 300 -39.66 -25.06 13.30
C ASP J 300 -39.85 -23.80 14.13
N LYS J 301 -39.55 -22.62 13.58
CA LYS J 301 -39.69 -21.36 14.31
C LYS J 301 -40.55 -20.41 13.49
N THR J 302 -41.28 -19.55 14.21
CA THR J 302 -42.16 -18.56 13.59
C THR J 302 -41.53 -17.18 13.71
N PHE J 303 -41.37 -16.52 12.56
CA PHE J 303 -40.77 -15.19 12.50
C PHE J 303 -41.86 -14.16 12.26
N ALA J 304 -41.83 -13.08 13.05
CA ALA J 304 -42.81 -12.02 12.95
C ALA J 304 -42.12 -10.68 13.16
N ALA J 305 -42.91 -9.61 13.18
CA ALA J 305 -42.40 -8.26 13.38
C ALA J 305 -42.65 -7.83 14.82
N SER J 306 -42.53 -6.54 15.08
CA SER J 306 -42.73 -5.97 16.40
C SER J 306 -44.01 -5.14 16.44
N LYS J 307 -44.60 -5.03 17.63
CA LYS J 307 -45.82 -4.27 17.84
C LYS J 307 -45.45 -2.89 18.34
N GLY J 308 -45.50 -1.90 17.44
CA GLY J 308 -45.16 -0.53 17.79
C GLY J 308 -43.69 -0.23 17.58
N ASN J 309 -42.82 -1.02 18.18
CA ASN J 309 -41.38 -0.82 18.04
C ASN J 309 -40.91 -1.37 16.68
N ARG J 310 -39.64 -1.13 16.38
CA ARG J 310 -39.02 -1.58 15.15
C ARG J 310 -38.02 -2.70 15.45
N GLY J 311 -38.15 -3.81 14.76
CA GLY J 311 -37.27 -4.95 14.95
C GLY J 311 -38.01 -6.25 14.67
N VAL J 312 -37.25 -7.24 14.23
CA VAL J 312 -37.82 -8.56 13.94
C VAL J 312 -37.94 -9.35 15.24
N GLN J 313 -39.13 -9.89 15.49
CA GLN J 313 -39.41 -10.64 16.71
C GLN J 313 -39.82 -12.06 16.33
N ALA J 314 -39.05 -13.03 16.81
CA ALA J 314 -39.34 -14.44 16.58
C ALA J 314 -40.00 -15.04 17.81
N PHE J 315 -40.92 -15.96 17.59
CA PHE J 315 -41.67 -16.60 18.66
C PHE J 315 -41.34 -18.09 18.71
N SER J 316 -41.40 -18.65 19.92
CA SER J 316 -41.11 -20.07 20.13
C SER J 316 -41.81 -20.59 21.37
N LYS J 317 -41.13 -20.54 22.52
CA LYS J 317 -41.67 -21.00 23.78
C LYS J 317 -41.47 -19.92 24.83
N GLY J 318 -42.29 -19.99 25.89
CA GLY J 318 -42.19 -19.02 26.96
C GLY J 318 -41.14 -19.41 27.99
N SER J 319 -40.62 -18.41 28.69
CA SER J 319 -39.60 -18.61 29.72
C SER J 319 -39.98 -17.81 30.96
N VAL J 320 -39.61 -18.34 32.12
CA VAL J 320 -39.91 -17.68 33.39
C VAL J 320 -38.63 -17.61 34.22
N GLN J 321 -37.66 -18.46 33.90
CA GLN J 321 -36.39 -18.49 34.62
C GLN J 321 -35.54 -17.31 34.17
N ALA J 322 -35.66 -16.19 34.87
CA ALA J 322 -34.90 -14.99 34.54
C ALA J 322 -34.73 -14.15 35.79
N ASP J 323 -33.64 -13.37 35.81
CA ASP J 323 -33.34 -12.48 36.92
C ASP J 323 -33.02 -11.10 36.39
N LEU J 324 -33.44 -10.08 37.14
CA LEU J 324 -33.24 -8.68 36.78
C LEU J 324 -32.44 -7.98 37.88
N THR J 325 -31.94 -6.79 37.54
CA THR J 325 -31.19 -5.97 38.46
C THR J 325 -31.85 -4.60 38.61
N LEU J 326 -31.46 -3.89 39.67
CA LEU J 326 -31.98 -2.55 39.96
C LEU J 326 -30.81 -1.66 40.33
N MET J 327 -30.31 -0.90 39.37
CA MET J 327 -29.18 0.00 39.59
C MET J 327 -29.71 1.43 39.75
N PHE J 328 -29.38 2.05 40.88
CA PHE J 328 -29.80 3.41 41.20
C PHE J 328 -28.59 4.32 41.18
N ASP J 329 -28.66 5.37 40.37
CA ASP J 329 -27.57 6.33 40.22
C ASP J 329 -27.96 7.63 40.93
N ASN J 330 -28.20 7.51 42.24
CA ASN J 330 -28.57 8.64 43.10
C ASN J 330 -29.84 9.33 42.59
N PHE J 331 -30.97 8.73 42.95
CA PHE J 331 -32.28 9.24 42.57
C PHE J 331 -33.00 9.75 43.81
N GLU J 332 -33.63 10.91 43.68
CA GLU J 332 -34.35 11.55 44.78
C GLU J 332 -35.82 11.17 44.73
N VAL J 333 -36.36 10.75 45.87
CA VAL J 333 -37.76 10.36 46.00
C VAL J 333 -38.39 11.24 47.07
N ASP J 334 -39.49 11.91 46.71
CA ASP J 334 -40.22 12.78 47.61
C ASP J 334 -41.60 12.21 47.91
N PHE J 335 -42.25 12.78 48.93
CA PHE J 335 -43.58 12.34 49.34
C PHE J 335 -44.24 13.51 50.07
N VAL J 336 -44.96 14.33 49.31
CA VAL J 336 -45.62 15.52 49.83
C VAL J 336 -47.10 15.38 49.55
N GLY J 337 -47.86 14.93 50.56
CA GLY J 337 -49.30 14.81 50.42
C GLY J 337 -49.74 13.79 49.40
N ALA J 338 -49.71 12.50 49.78
CA ALA J 338 -50.13 11.44 48.88
C ALA J 338 -50.53 10.20 49.67
N ALA J 339 -51.40 10.37 50.66
CA ALA J 339 -51.87 9.26 51.48
C ALA J 339 -53.28 9.57 51.97
N VAL J 340 -54.27 8.93 51.34
CA VAL J 340 -55.66 9.13 51.70
C VAL J 340 -56.27 7.78 52.10
N SER J 341 -57.42 7.85 52.75
CA SER J 341 -58.11 6.65 53.21
C SER J 341 -58.91 6.03 52.06
N CYS J 342 -59.45 4.85 52.32
CA CYS J 342 -60.24 4.14 51.32
C CYS J 342 -60.65 2.76 51.84
N ASP J 343 -61.75 2.23 51.32
CA ASP J 343 -62.26 0.92 51.70
C ASP J 343 -62.06 -0.07 50.57
N ALA J 344 -61.63 -1.28 50.92
CA ALA J 344 -61.40 -2.34 49.96
C ALA J 344 -62.50 -3.39 50.04
N ALA J 345 -62.61 -4.19 48.98
CA ALA J 345 -63.61 -5.24 48.89
C ALA J 345 -63.00 -6.45 48.20
N PHE J 346 -63.79 -7.52 48.11
CA PHE J 346 -63.37 -8.77 47.49
C PHE J 346 -64.25 -9.05 46.29
N LEU J 347 -63.62 -9.18 45.11
CA LEU J 347 -64.36 -9.47 43.89
C LEU J 347 -64.27 -10.96 43.55
N ASN J 348 -63.08 -11.42 43.18
CA ASN J 348 -62.91 -12.82 42.79
C ASN J 348 -61.46 -13.23 43.03
N LEU J 349 -61.23 -14.54 43.00
CA LEU J 349 -59.90 -15.10 43.21
C LEU J 349 -59.76 -16.33 42.35
N THR J 350 -58.90 -16.27 41.34
CA THR J 350 -58.68 -17.39 40.42
C THR J 350 -57.17 -17.62 40.30
N GLY J 351 -56.80 -18.55 39.42
CA GLY J 351 -55.40 -18.88 39.20
C GLY J 351 -55.04 -20.28 39.64
N CYS J 352 -53.86 -20.43 40.24
CA CYS J 352 -53.40 -21.73 40.71
C CYS J 352 -52.38 -21.51 41.81
N TYR J 353 -51.97 -22.61 42.44
CA TYR J 353 -51.00 -22.58 43.52
C TYR J 353 -49.77 -23.39 43.13
N SER J 354 -48.61 -22.98 43.66
CA SER J 354 -47.33 -23.64 43.40
C SER J 354 -47.03 -23.69 41.90
N CYS J 355 -47.15 -22.54 41.25
CA CYS J 355 -46.90 -22.43 39.83
C CYS J 355 -46.17 -21.13 39.54
N ASN J 356 -45.58 -21.05 38.34
CA ASN J 356 -44.85 -19.84 37.95
C ASN J 356 -45.78 -18.70 37.58
N ALA J 357 -47.02 -19.00 37.17
CA ALA J 357 -47.96 -17.94 36.81
C ALA J 357 -48.62 -17.32 38.03
N GLY J 358 -48.69 -18.03 39.15
CA GLY J 358 -49.30 -17.50 40.36
C GLY J 358 -50.81 -17.62 40.38
N ALA J 359 -51.47 -16.75 41.13
CA ALA J 359 -52.92 -16.75 41.25
C ALA J 359 -53.43 -15.34 40.97
N ARG J 360 -54.31 -15.21 39.98
CA ARG J 360 -54.88 -13.91 39.62
C ARG J 360 -55.95 -13.55 40.63
N VAL J 361 -55.67 -12.54 41.46
CA VAL J 361 -56.62 -12.05 42.46
C VAL J 361 -57.24 -10.76 41.96
N CYS J 362 -58.54 -10.61 42.17
CA CYS J 362 -59.30 -9.43 41.74
C CYS J 362 -60.03 -8.86 42.94
N LEU J 363 -59.68 -7.64 43.32
CA LEU J 363 -60.28 -6.93 44.45
C LEU J 363 -60.89 -5.63 43.98
N SER J 364 -61.73 -5.05 44.84
CA SER J 364 -62.39 -3.78 44.56
C SER J 364 -61.89 -2.73 45.55
N ILE J 365 -61.22 -1.71 45.04
CA ILE J 365 -60.64 -0.64 45.86
C ILE J 365 -61.49 0.60 45.67
N THR J 366 -62.12 1.07 46.74
CA THR J 366 -62.95 2.27 46.73
C THR J 366 -62.30 3.31 47.63
N SER J 367 -61.73 4.34 47.04
CA SER J 367 -61.05 5.41 47.76
C SER J 367 -61.62 6.76 47.35
N THR J 368 -61.01 7.83 47.87
CA THR J 368 -61.44 9.19 47.56
C THR J 368 -60.35 10.00 46.85
N GLY J 369 -59.16 9.44 46.66
CA GLY J 369 -58.11 10.16 45.98
C GLY J 369 -57.01 9.22 45.55
N THR J 370 -55.97 9.80 44.95
CA THR J 370 -54.84 9.03 44.45
C THR J 370 -53.93 8.69 45.63
N GLY J 371 -53.82 7.40 45.94
CA GLY J 371 -52.99 6.95 47.04
C GLY J 371 -52.36 5.59 46.79
N SER J 372 -51.86 4.97 47.86
CA SER J 372 -51.22 3.66 47.78
C SER J 372 -51.83 2.75 48.83
N LEU J 373 -52.32 1.59 48.40
CA LEU J 373 -52.92 0.61 49.30
C LEU J 373 -51.92 -0.51 49.58
N SER J 374 -51.74 -0.83 50.85
CA SER J 374 -50.81 -1.86 51.28
C SER J 374 -51.48 -2.74 52.32
N ALA J 375 -51.48 -4.05 52.08
CA ALA J 375 -52.09 -5.03 52.97
C ALA J 375 -51.03 -5.99 53.47
N HIS J 376 -51.22 -6.47 54.71
CA HIS J 376 -50.31 -7.41 55.33
C HIS J 376 -51.11 -8.51 56.02
N ASN J 377 -50.58 -9.73 55.99
CA ASN J 377 -51.25 -10.86 56.61
C ASN J 377 -50.90 -10.98 58.08
N LYS J 378 -50.72 -12.22 58.57
CA LYS J 378 -50.42 -12.45 59.98
C LYS J 378 -48.97 -12.79 60.24
N ASP J 379 -48.23 -13.24 59.22
CA ASP J 379 -46.82 -13.62 59.40
C ASP J 379 -45.88 -12.76 58.54
N GLY J 380 -46.39 -11.71 57.91
CA GLY J 380 -45.54 -10.85 57.10
C GLY J 380 -45.07 -11.47 55.81
N SER J 381 -45.69 -12.55 55.35
CA SER J 381 -45.31 -13.21 54.12
C SER J 381 -46.08 -12.71 52.90
N LEU J 382 -47.16 -11.96 53.11
CA LEU J 382 -47.98 -11.44 52.02
C LEU J 382 -48.21 -9.95 52.22
N HIS J 383 -48.10 -9.19 51.14
CA HIS J 383 -48.32 -7.75 51.18
C HIS J 383 -48.87 -7.29 49.84
N ILE J 384 -49.84 -6.39 49.88
CA ILE J 384 -50.51 -5.89 48.69
C ILE J 384 -50.15 -4.41 48.52
N VAL J 385 -49.68 -4.04 47.34
CA VAL J 385 -49.35 -2.66 47.01
C VAL J 385 -50.07 -2.34 45.70
N LEU J 386 -51.19 -1.62 45.79
CA LEU J 386 -51.97 -1.27 44.62
C LEU J 386 -52.39 0.19 44.73
N PRO J 387 -52.11 1.00 43.70
CA PRO J 387 -52.51 2.41 43.74
C PRO J 387 -54.02 2.56 43.75
N SER J 388 -54.49 3.55 44.50
CA SER J 388 -55.91 3.84 44.63
C SER J 388 -56.24 5.17 43.96
N GLU J 389 -57.46 5.28 43.46
CA GLU J 389 -57.95 6.47 42.78
C GLU J 389 -59.27 6.91 43.42
N ASN J 390 -59.81 8.02 42.91
CA ASN J 390 -61.06 8.57 43.42
C ASN J 390 -62.23 7.78 42.84
N GLY J 391 -62.94 7.04 43.70
CA GLY J 391 -64.08 6.25 43.29
C GLY J 391 -63.87 4.77 43.57
N THR J 392 -64.51 3.94 42.76
CA THR J 392 -64.42 2.49 42.86
C THR J 392 -63.72 1.94 41.63
N LYS J 393 -62.57 1.32 41.83
CA LYS J 393 -61.78 0.75 40.74
C LYS J 393 -61.48 -0.71 41.05
N ASP J 394 -61.42 -1.52 40.00
CA ASP J 394 -61.13 -2.94 40.12
C ASP J 394 -59.63 -3.15 39.98
N GLN J 395 -58.99 -3.61 41.06
CA GLN J 395 -57.53 -3.81 41.08
C GLN J 395 -57.24 -5.24 41.51
N CYS J 396 -56.50 -5.96 40.68
CA CYS J 396 -56.08 -7.32 40.97
C CYS J 396 -54.60 -7.46 40.68
N GLN J 397 -54.00 -8.53 41.22
CA GLN J 397 -52.57 -8.75 41.04
C GLN J 397 -52.32 -10.26 41.06
N ILE J 398 -51.06 -10.65 41.25
CA ILE J 398 -50.65 -12.05 41.27
C ILE J 398 -50.22 -12.40 42.69
N LEU J 399 -50.75 -13.49 43.21
CA LEU J 399 -50.42 -13.97 44.55
C LEU J 399 -50.12 -15.46 44.50
N HIS J 400 -49.01 -15.85 45.11
CA HIS J 400 -48.58 -17.24 45.16
C HIS J 400 -49.04 -17.90 46.45
N PHE J 401 -49.40 -19.17 46.36
CA PHE J 401 -49.86 -19.93 47.53
C PHE J 401 -49.39 -21.37 47.40
N THR J 402 -49.45 -22.09 48.53
CA THR J 402 -49.07 -23.50 48.58
C THR J 402 -50.23 -24.36 49.07
N VAL J 403 -51.46 -23.90 48.93
CA VAL J 403 -52.64 -24.62 49.38
C VAL J 403 -53.82 -24.28 48.46
N PRO J 404 -54.60 -25.27 48.03
CA PRO J 404 -55.75 -24.95 47.17
C PRO J 404 -56.82 -24.16 47.90
N GLU J 405 -57.09 -24.50 49.16
CA GLU J 405 -58.09 -23.79 49.95
C GLU J 405 -57.43 -22.55 50.56
N VAL J 406 -57.55 -21.42 49.88
CA VAL J 406 -56.94 -20.17 50.30
C VAL J 406 -57.95 -19.40 51.15
N GLU J 407 -57.69 -19.32 52.46
CA GLU J 407 -58.54 -18.58 53.39
C GLU J 407 -57.60 -17.78 54.30
N GLU J 408 -57.26 -16.56 53.88
CA GLU J 408 -56.30 -15.73 54.58
C GLU J 408 -56.92 -14.39 54.94
N GLU J 409 -56.53 -13.87 56.09
CA GLU J 409 -56.99 -12.57 56.58
C GLU J 409 -55.95 -11.51 56.23
N PHE J 410 -56.37 -10.49 55.49
CA PHE J 410 -55.49 -9.41 55.09
C PHE J 410 -55.74 -8.17 55.93
N MET J 411 -54.80 -7.22 55.84
CA MET J 411 -54.89 -5.95 56.57
C MET J 411 -54.49 -4.85 55.58
N TYR J 412 -55.48 -4.22 54.96
CA TYR J 412 -55.23 -3.18 53.97
C TYR J 412 -55.27 -1.81 54.62
N SER J 413 -54.44 -0.90 54.11
CA SER J 413 -54.36 0.45 54.62
C SER J 413 -53.90 1.38 53.51
N CYS J 414 -54.43 2.60 53.51
CA CYS J 414 -54.08 3.60 52.52
C CYS J 414 -53.44 4.86 53.10
N ASP J 415 -53.52 5.07 54.41
CA ASP J 415 -52.93 6.25 55.04
C ASP J 415 -52.32 5.99 56.41
N GLY J 416 -52.57 4.84 57.03
CA GLY J 416 -52.01 4.57 58.34
C GLY J 416 -52.90 3.69 59.20
N ASP J 417 -54.19 3.64 58.87
CA ASP J 417 -55.16 2.85 59.61
C ASP J 417 -55.44 1.56 58.84
N GLU J 418 -55.16 0.42 59.47
CA GLU J 418 -55.35 -0.87 58.84
C GLU J 418 -56.77 -1.39 59.07
N ARG J 419 -57.25 -2.20 58.12
CA ARG J 419 -58.57 -2.78 58.17
C ARG J 419 -58.50 -4.22 57.70
N PRO J 420 -59.29 -5.12 58.28
CA PRO J 420 -59.25 -6.52 57.87
C PRO J 420 -59.93 -6.74 56.52
N LEU J 421 -59.53 -7.83 55.86
CA LEU J 421 -60.08 -8.18 54.56
C LEU J 421 -59.87 -9.68 54.36
N LEU J 422 -60.89 -10.48 54.68
CA LEU J 422 -60.80 -11.92 54.53
C LEU J 422 -60.96 -12.32 53.07
N VAL J 423 -60.02 -13.11 52.57
CA VAL J 423 -60.06 -13.61 51.20
C VAL J 423 -60.04 -15.12 51.22
N LYS J 424 -60.74 -15.72 50.26
CA LYS J 424 -60.84 -17.17 50.15
C LYS J 424 -61.01 -17.55 48.69
N GLY J 425 -60.80 -18.81 48.40
CA GLY J 425 -60.94 -19.31 47.04
C GLY J 425 -60.27 -20.65 46.89
N THR J 426 -60.62 -21.33 45.80
CA THR J 426 -60.09 -22.64 45.47
C THR J 426 -59.23 -22.54 44.22
N LEU J 427 -57.97 -22.97 44.33
CA LEU J 427 -57.02 -22.93 43.25
C LEU J 427 -56.82 -24.33 42.66
N ILE J 428 -56.20 -24.37 41.50
CA ILE J 428 -55.93 -25.63 40.80
C ILE J 428 -54.44 -25.93 40.88
N ALA J 429 -54.11 -27.20 40.72
CA ALA J 429 -52.73 -27.68 40.79
C ALA J 429 -52.09 -27.56 39.41
N ILE J 430 -51.15 -26.62 39.28
CA ILE J 430 -50.44 -26.40 38.03
C ILE J 430 -48.94 -26.55 38.29
N ASP J 431 -48.33 -27.51 37.62
CA ASP J 431 -46.90 -27.75 37.78
C ASP J 431 -46.07 -26.92 36.81
#